data_9K80
#
_entry.id   9K80
#
_cell.length_a   1.00
_cell.length_b   1.00
_cell.length_c   1.00
_cell.angle_alpha   90.00
_cell.angle_beta   90.00
_cell.angle_gamma   90.00
#
_symmetry.space_group_name_H-M   'P 1'
#
loop_
_entity.id
_entity.type
_entity.pdbx_description
1 polymer Fiber-n6-Zn1-HEHE-5
2 non-polymer 'ZINC ION'
#
_entity_poly.entity_id   1
_entity_poly.type   'polypeptide(L)'
_entity_poly.pdbx_seq_one_letter_code
;MGHHHHHHHHSSGLEVLFQGPGGTMAAEEMEKIFRDKLFHLHQKLDEAGKSAEEIAKAVELFVGLAMRAFDYALHIAERG
KEMGIPTLVEMGKILFKYGAKLAAELALAGKSEEEARAAMDRFLSLSDYLLERLLPYIELAERMKSPALQELVLYAFKEG
MKLLAELILAGKSDEEIQAKLDAFLAGFDVAFEFTLDIDVIGRELDIPELVEFALEKGKELVKLALELARAGKSPEEVKA
AVKARGEELHKEFEKLALKEYFKRRLGL
;
_entity_poly.pdbx_strand_id   A,B,C,D,E,F,G,H,I,J,K,L,M,N,O,P
#
loop_
_chem_comp.id
_chem_comp.type
_chem_comp.name
_chem_comp.formula
ZN non-polymer 'ZINC ION' 'Zn 2'
#
# COMPACT_ATOMS: atom_id res chain seq x y z
N GLY A 20 -6.32 -22.31 -6.42
CA GLY A 20 -5.61 -22.94 -7.52
C GLY A 20 -4.66 -22.00 -8.23
N PRO A 21 -3.80 -22.55 -9.09
CA PRO A 21 -2.84 -21.70 -9.82
C PRO A 21 -3.51 -20.68 -10.73
N GLY A 22 -4.39 -21.15 -11.60
CA GLY A 22 -5.04 -20.26 -12.55
C GLY A 22 -6.54 -20.17 -12.37
N GLY A 23 -7.02 -19.00 -11.95
CA GLY A 23 -8.43 -18.78 -11.78
C GLY A 23 -8.83 -17.33 -11.87
N THR A 24 -10.00 -16.99 -11.33
CA THR A 24 -10.52 -15.63 -11.32
C THR A 24 -10.38 -15.05 -9.92
N MET A 25 -10.33 -13.71 -9.86
CA MET A 25 -10.23 -13.03 -8.58
C MET A 25 -11.39 -13.34 -7.66
N ALA A 26 -12.57 -13.62 -8.23
CA ALA A 26 -13.73 -14.01 -7.42
C ALA A 26 -13.79 -15.51 -7.16
N ALA A 27 -13.17 -16.32 -8.02
CA ALA A 27 -13.18 -17.76 -7.81
C ALA A 27 -12.21 -18.21 -6.73
N GLU A 28 -11.10 -17.48 -6.54
CA GLU A 28 -10.14 -17.84 -5.50
C GLU A 28 -10.75 -17.66 -4.10
N GLU A 29 -11.49 -16.57 -3.89
CA GLU A 29 -12.13 -16.34 -2.60
C GLU A 29 -13.14 -17.43 -2.32
N MET A 30 -13.92 -17.82 -3.33
CA MET A 30 -14.90 -18.89 -3.15
C MET A 30 -14.21 -20.23 -2.88
N GLU A 31 -13.07 -20.47 -3.53
CA GLU A 31 -12.32 -21.70 -3.25
C GLU A 31 -11.82 -21.72 -1.82
N LYS A 32 -11.34 -20.58 -1.32
CA LYS A 32 -10.92 -20.50 0.08
C LYS A 32 -12.09 -20.77 1.02
N ILE A 33 -13.25 -20.20 0.71
CA ILE A 33 -14.45 -20.44 1.53
C ILE A 33 -14.80 -21.92 1.53
N PHE A 34 -14.74 -22.56 0.36
CA PHE A 34 -15.06 -23.98 0.25
C PHE A 34 -14.11 -24.83 1.09
N ARG A 35 -12.81 -24.55 0.99
CA ARG A 35 -11.84 -25.32 1.77
C ARG A 35 -12.06 -25.13 3.27
N ASP A 36 -12.32 -23.89 3.70
CA ASP A 36 -12.55 -23.61 5.10
C ASP A 36 -13.78 -24.36 5.62
N LYS A 37 -14.87 -24.31 4.85
CA LYS A 37 -16.09 -24.98 5.25
C LYS A 37 -15.90 -26.48 5.30
N LEU A 38 -15.17 -27.05 4.35
CA LEU A 38 -14.92 -28.49 4.36
C LEU A 38 -14.10 -28.90 5.59
N PHE A 39 -13.05 -28.14 5.89
CA PHE A 39 -12.22 -28.45 7.05
C PHE A 39 -13.03 -28.40 8.34
N HIS A 40 -13.84 -27.35 8.51
CA HIS A 40 -14.60 -27.23 9.75
C HIS A 40 -15.77 -28.21 9.80
N LEU A 41 -16.32 -28.61 8.65
CA LEU A 41 -17.32 -29.66 8.63
C LEU A 41 -16.72 -30.99 9.09
N HIS A 42 -15.50 -31.29 8.63
CA HIS A 42 -14.84 -32.51 9.12
C HIS A 42 -14.58 -32.42 10.62
N GLN A 43 -14.18 -31.25 11.10
CA GLN A 43 -13.97 -31.07 12.54
C GLN A 43 -15.27 -31.32 13.31
N LYS A 44 -16.38 -30.76 12.85
CA LYS A 44 -17.66 -30.95 13.54
C LYS A 44 -18.10 -32.40 13.50
N LEU A 45 -17.91 -33.08 12.35
CA LEU A 45 -18.27 -34.49 12.25
C LEU A 45 -17.44 -35.33 13.22
N ASP A 46 -16.15 -35.02 13.33
CA ASP A 46 -15.29 -35.72 14.28
C ASP A 46 -15.73 -35.47 15.72
N GLU A 47 -16.11 -34.23 16.03
CA GLU A 47 -16.59 -33.91 17.38
C GLU A 47 -17.87 -34.67 17.70
N ALA A 48 -18.78 -34.77 16.73
CA ALA A 48 -20.05 -35.44 16.95
C ALA A 48 -19.91 -36.94 17.16
N GLY A 49 -18.75 -37.52 16.87
CA GLY A 49 -18.53 -38.93 17.09
C GLY A 49 -19.35 -39.81 16.15
N LYS A 50 -19.04 -39.75 14.86
CA LYS A 50 -19.73 -40.55 13.85
C LYS A 50 -18.79 -41.60 13.28
N SER A 51 -19.38 -42.62 12.66
CA SER A 51 -18.60 -43.67 12.03
C SER A 51 -17.92 -43.14 10.77
N ALA A 52 -16.94 -43.91 10.28
CA ALA A 52 -16.18 -43.47 9.12
C ALA A 52 -17.05 -43.38 7.88
N GLU A 53 -17.96 -44.35 7.68
CA GLU A 53 -18.81 -44.31 6.50
C GLU A 53 -19.79 -43.14 6.55
N GLU A 54 -20.29 -42.81 7.74
CA GLU A 54 -21.15 -41.64 7.87
C GLU A 54 -20.39 -40.36 7.56
N ILE A 55 -19.13 -40.27 8.00
CA ILE A 55 -18.31 -39.10 7.70
C ILE A 55 -18.07 -38.99 6.20
N ALA A 56 -17.79 -40.11 5.54
CA ALA A 56 -17.59 -40.10 4.09
C ALA A 56 -18.86 -39.66 3.37
N LYS A 57 -20.02 -40.18 3.80
CA LYS A 57 -21.28 -39.78 3.19
C LYS A 57 -21.54 -38.28 3.36
N ALA A 58 -21.30 -37.76 4.56
CA ALA A 58 -21.52 -36.34 4.80
C ALA A 58 -20.57 -35.50 3.97
N VAL A 59 -19.31 -35.91 3.84
CA VAL A 59 -18.35 -35.15 3.06
C VAL A 59 -18.74 -35.13 1.59
N GLU A 60 -19.14 -36.30 1.05
CA GLU A 60 -19.52 -36.33 -0.36
C GLU A 60 -20.79 -35.53 -0.62
N LEU A 61 -21.75 -35.57 0.31
CA LEU A 61 -22.95 -34.75 0.17
C LEU A 61 -22.62 -33.27 0.20
N PHE A 62 -21.73 -32.85 1.11
CA PHE A 62 -21.34 -31.46 1.18
C PHE A 62 -20.65 -31.00 -0.09
N VAL A 63 -19.76 -31.84 -0.63
CA VAL A 63 -19.09 -31.47 -1.88
C VAL A 63 -20.10 -31.36 -3.01
N GLY A 64 -21.05 -32.30 -3.08
CA GLY A 64 -22.05 -32.26 -4.13
C GLY A 64 -22.89 -30.99 -4.09
N LEU A 65 -23.31 -30.57 -2.89
CA LEU A 65 -24.14 -29.37 -2.80
C LEU A 65 -23.31 -28.10 -3.00
N ALA A 66 -22.09 -28.07 -2.46
CA ALA A 66 -21.26 -26.88 -2.58
C ALA A 66 -20.81 -26.66 -4.02
N MET A 67 -20.70 -27.73 -4.82
CA MET A 67 -20.36 -27.52 -6.23
C MET A 67 -21.46 -26.75 -6.96
N ARG A 68 -22.72 -27.11 -6.72
CA ARG A 68 -23.83 -26.39 -7.32
C ARG A 68 -23.88 -24.95 -6.83
N ALA A 69 -23.69 -24.74 -5.52
CA ALA A 69 -23.67 -23.38 -4.99
C ALA A 69 -22.54 -22.56 -5.63
N PHE A 70 -21.37 -23.17 -5.79
CA PHE A 70 -20.24 -22.50 -6.41
C PHE A 70 -20.54 -22.12 -7.86
N ASP A 71 -21.16 -23.04 -8.61
CA ASP A 71 -21.52 -22.74 -10.00
C ASP A 71 -22.48 -21.57 -10.08
N TYR A 72 -23.50 -21.57 -9.22
CA TYR A 72 -24.50 -20.52 -9.28
C TYR A 72 -23.91 -19.16 -8.90
N ALA A 73 -23.10 -19.14 -7.84
CA ALA A 73 -22.47 -17.89 -7.42
C ALA A 73 -21.48 -17.39 -8.45
N LEU A 74 -20.72 -18.29 -9.08
CA LEU A 74 -19.80 -17.87 -10.12
C LEU A 74 -20.55 -17.30 -11.32
N HIS A 75 -21.70 -17.89 -11.67
CA HIS A 75 -22.51 -17.31 -12.74
C HIS A 75 -22.95 -15.89 -12.39
N ILE A 76 -23.39 -15.69 -11.14
CA ILE A 76 -23.81 -14.34 -10.72
C ILE A 76 -22.64 -13.36 -10.80
N ALA A 77 -21.47 -13.77 -10.30
CA ALA A 77 -20.31 -12.88 -10.31
C ALA A 77 -19.88 -12.55 -11.74
N GLU A 78 -19.91 -13.54 -12.64
CA GLU A 78 -19.56 -13.29 -14.03
C GLU A 78 -20.56 -12.36 -14.69
N ARG A 79 -21.85 -12.53 -14.40
CA ARG A 79 -22.85 -11.63 -14.94
C ARG A 79 -22.61 -10.21 -14.45
N GLY A 80 -22.24 -10.06 -13.18
CA GLY A 80 -21.92 -8.74 -12.66
C GLY A 80 -20.70 -8.14 -13.32
N LYS A 81 -19.70 -8.97 -13.61
CA LYS A 81 -18.47 -8.48 -14.24
C LYS A 81 -18.71 -8.07 -15.68
N GLU A 82 -19.60 -8.78 -16.39
CA GLU A 82 -19.88 -8.45 -17.78
C GLU A 82 -20.47 -7.05 -17.90
N MET A 83 -21.49 -6.75 -17.10
CA MET A 83 -22.06 -5.42 -17.05
C MET A 83 -21.26 -4.56 -16.06
N GLY A 84 -21.75 -3.37 -15.74
CA GLY A 84 -20.98 -2.43 -14.97
C GLY A 84 -21.35 -2.33 -13.51
N ILE A 85 -21.60 -3.47 -12.87
CA ILE A 85 -22.00 -3.51 -11.47
C ILE A 85 -20.98 -4.32 -10.68
N PRO A 86 -20.00 -3.67 -10.06
CA PRO A 86 -19.09 -4.38 -9.16
C PRO A 86 -19.76 -4.94 -7.91
N THR A 87 -20.97 -4.47 -7.59
CA THR A 87 -21.67 -4.96 -6.41
C THR A 87 -22.11 -6.41 -6.58
N LEU A 88 -22.44 -6.81 -7.81
CA LEU A 88 -22.93 -8.17 -8.04
C LEU A 88 -21.84 -9.21 -7.75
N VAL A 89 -20.57 -8.85 -7.90
CA VAL A 89 -19.49 -9.78 -7.57
C VAL A 89 -19.49 -10.07 -6.08
N GLU A 90 -19.53 -9.01 -5.25
CA GLU A 90 -19.57 -9.19 -3.81
C GLU A 90 -20.83 -9.94 -3.39
N MET A 91 -21.94 -9.68 -4.07
CA MET A 91 -23.19 -10.34 -3.69
C MET A 91 -23.19 -11.81 -4.09
N GLY A 92 -22.52 -12.16 -5.19
CA GLY A 92 -22.31 -13.57 -5.51
C GLY A 92 -21.42 -14.25 -4.49
N LYS A 93 -20.38 -13.56 -4.02
CA LYS A 93 -19.54 -14.12 -2.96
C LYS A 93 -20.35 -14.37 -1.69
N ILE A 94 -21.22 -13.43 -1.31
CA ILE A 94 -22.09 -13.62 -0.16
C ILE A 94 -23.00 -14.83 -0.37
N LEU A 95 -23.57 -14.94 -1.58
CA LEU A 95 -24.44 -16.06 -1.88
C LEU A 95 -23.71 -17.39 -1.73
N PHE A 96 -22.48 -17.48 -2.25
CA PHE A 96 -21.74 -18.72 -2.11
C PHE A 96 -21.40 -19.02 -0.66
N LYS A 97 -21.02 -17.99 0.11
CA LYS A 97 -20.73 -18.21 1.52
C LYS A 97 -21.92 -18.85 2.23
N TYR A 98 -23.11 -18.28 2.02
CA TYR A 98 -24.27 -18.80 2.75
C TYR A 98 -24.77 -20.12 2.16
N GLY A 99 -24.56 -20.35 0.86
CA GLY A 99 -24.89 -21.65 0.30
C GLY A 99 -23.99 -22.76 0.82
N ALA A 100 -22.69 -22.47 0.95
CA ALA A 100 -21.79 -23.43 1.56
C ALA A 100 -22.16 -23.67 3.02
N LYS A 101 -22.56 -22.61 3.73
CA LYS A 101 -23.01 -22.79 5.10
C LYS A 101 -24.23 -23.73 5.17
N LEU A 102 -25.23 -23.47 4.33
CA LEU A 102 -26.42 -24.32 4.29
C LEU A 102 -26.06 -25.76 3.93
N ALA A 103 -25.15 -25.94 2.98
CA ALA A 103 -24.73 -27.28 2.61
C ALA A 103 -24.04 -27.98 3.77
N ALA A 104 -23.23 -27.25 4.54
CA ALA A 104 -22.57 -27.84 5.70
C ALA A 104 -23.60 -28.30 6.73
N GLU A 105 -24.61 -27.48 7.02
CA GLU A 105 -25.64 -27.94 7.95
C GLU A 105 -26.46 -29.09 7.38
N LEU A 106 -26.72 -29.09 6.08
CA LEU A 106 -27.46 -30.20 5.48
C LEU A 106 -26.69 -31.51 5.60
N ALA A 107 -25.38 -31.45 5.36
CA ALA A 107 -24.55 -32.65 5.53
C ALA A 107 -24.47 -33.08 6.99
N LEU A 108 -24.36 -32.12 7.91
CA LEU A 108 -24.25 -32.44 9.32
C LEU A 108 -25.54 -33.02 9.88
N ALA A 109 -26.69 -32.60 9.35
CA ALA A 109 -27.97 -33.06 9.87
C ALA A 109 -28.30 -34.49 9.45
N GLY A 110 -27.55 -35.08 8.53
CA GLY A 110 -27.82 -36.43 8.08
C GLY A 110 -28.92 -36.56 7.07
N LYS A 111 -29.31 -35.47 6.41
CA LYS A 111 -30.34 -35.53 5.39
C LYS A 111 -29.87 -36.36 4.21
N SER A 112 -30.81 -37.06 3.58
CA SER A 112 -30.49 -37.85 2.41
C SER A 112 -30.19 -36.95 1.21
N GLU A 113 -29.70 -37.57 0.14
CA GLU A 113 -29.26 -36.80 -1.02
C GLU A 113 -30.42 -36.08 -1.69
N GLU A 114 -31.59 -36.73 -1.79
CA GLU A 114 -32.70 -36.13 -2.50
C GLU A 114 -33.21 -34.87 -1.79
N GLU A 115 -33.42 -34.95 -0.48
CA GLU A 115 -33.88 -33.78 0.27
C GLU A 115 -32.85 -32.67 0.25
N ALA A 116 -31.57 -33.01 0.36
CA ALA A 116 -30.53 -31.99 0.31
C ALA A 116 -30.52 -31.28 -1.03
N ARG A 117 -30.64 -32.04 -2.13
CA ARG A 117 -30.67 -31.43 -3.46
C ARG A 117 -31.88 -30.53 -3.62
N ALA A 118 -33.06 -30.99 -3.15
CA ALA A 118 -34.26 -30.17 -3.25
C ALA A 118 -34.13 -28.89 -2.44
N ALA A 119 -33.58 -28.99 -1.23
CA ALA A 119 -33.39 -27.81 -0.40
C ALA A 119 -32.42 -26.83 -1.04
N MET A 120 -31.34 -27.33 -1.64
CA MET A 120 -30.41 -26.45 -2.32
C MET A 120 -31.07 -25.76 -3.52
N ASP A 121 -31.91 -26.50 -4.26
CA ASP A 121 -32.62 -25.88 -5.38
C ASP A 121 -33.54 -24.77 -4.91
N ARG A 122 -34.29 -25.01 -3.83
CA ARG A 122 -35.18 -23.97 -3.31
C ARG A 122 -34.39 -22.77 -2.81
N PHE A 123 -33.25 -23.01 -2.15
CA PHE A 123 -32.40 -21.93 -1.69
C PHE A 123 -31.92 -21.07 -2.85
N LEU A 124 -31.47 -21.71 -3.93
CA LEU A 124 -30.99 -20.96 -5.08
C LEU A 124 -32.11 -20.16 -5.74
N SER A 125 -33.30 -20.76 -5.85
CA SER A 125 -34.43 -20.04 -6.45
C SER A 125 -34.81 -18.82 -5.63
N LEU A 126 -34.89 -18.96 -4.31
CA LEU A 126 -35.28 -17.84 -3.48
C LEU A 126 -34.19 -16.78 -3.41
N SER A 127 -32.92 -17.19 -3.50
CA SER A 127 -31.84 -16.21 -3.62
C SER A 127 -31.97 -15.41 -4.91
N ASP A 128 -32.35 -16.08 -6.00
CA ASP A 128 -32.60 -15.37 -7.25
C ASP A 128 -33.75 -14.39 -7.10
N TYR A 129 -34.79 -14.78 -6.36
CA TYR A 129 -35.91 -13.88 -6.08
C TYR A 129 -35.43 -12.62 -5.37
N LEU A 130 -34.64 -12.80 -4.31
CA LEU A 130 -34.11 -11.64 -3.59
C LEU A 130 -33.19 -10.79 -4.47
N LEU A 131 -32.41 -11.45 -5.33
CA LEU A 131 -31.57 -10.73 -6.30
C LEU A 131 -32.41 -9.83 -7.19
N GLU A 132 -33.48 -10.38 -7.75
CA GLU A 132 -34.35 -9.60 -8.64
C GLU A 132 -34.96 -8.42 -7.90
N ARG A 133 -35.36 -8.64 -6.64
CA ARG A 133 -35.97 -7.53 -5.90
C ARG A 133 -34.95 -6.48 -5.49
N LEU A 134 -33.67 -6.86 -5.35
CA LEU A 134 -32.67 -5.92 -4.88
C LEU A 134 -31.90 -5.20 -6.00
N LEU A 135 -31.99 -5.68 -7.24
CA LEU A 135 -31.25 -5.05 -8.32
C LEU A 135 -31.57 -3.56 -8.53
N PRO A 136 -32.83 -3.10 -8.54
CA PRO A 136 -33.08 -1.66 -8.75
C PRO A 136 -32.39 -0.77 -7.73
N TYR A 137 -32.31 -1.22 -6.46
CA TYR A 137 -31.61 -0.44 -5.46
C TYR A 137 -30.13 -0.33 -5.77
N ILE A 138 -29.54 -1.41 -6.31
CA ILE A 138 -28.14 -1.34 -6.72
C ILE A 138 -27.96 -0.34 -7.84
N GLU A 139 -28.87 -0.35 -8.81
CA GLU A 139 -28.77 0.63 -9.91
C GLU A 139 -28.89 2.05 -9.40
N LEU A 140 -29.85 2.31 -8.50
CA LEU A 140 -30.02 3.66 -7.97
C LEU A 140 -28.82 4.08 -7.14
N ALA A 141 -28.26 3.17 -6.34
CA ALA A 141 -27.09 3.49 -5.53
C ALA A 141 -25.88 3.80 -6.40
N GLU A 142 -25.67 3.03 -7.47
CA GLU A 142 -24.52 3.27 -8.33
C GLU A 142 -24.71 4.48 -9.24
N ARG A 143 -25.95 4.90 -9.48
CA ARG A 143 -26.18 6.13 -10.23
C ARG A 143 -25.68 7.35 -9.46
N MET A 144 -25.90 7.37 -8.14
CA MET A 144 -25.55 8.51 -7.31
C MET A 144 -24.14 8.44 -6.74
N LYS A 145 -23.36 7.40 -7.08
CA LYS A 145 -21.98 7.26 -6.63
C LYS A 145 -21.88 7.31 -5.10
N SER A 146 -22.77 6.58 -4.44
CA SER A 146 -22.81 6.56 -2.98
C SER A 146 -22.28 5.23 -2.47
N PRO A 147 -21.07 5.18 -1.91
CA PRO A 147 -20.60 3.93 -1.30
C PRO A 147 -21.45 3.48 -0.12
N ALA A 148 -22.03 4.41 0.64
CA ALA A 148 -22.85 4.03 1.78
C ALA A 148 -24.08 3.26 1.35
N LEU A 149 -24.72 3.67 0.26
CA LEU A 149 -25.90 2.96 -0.22
C LEU A 149 -25.54 1.57 -0.74
N GLN A 150 -24.39 1.44 -1.40
CA GLN A 150 -23.94 0.13 -1.85
C GLN A 150 -23.65 -0.79 -0.67
N GLU A 151 -23.03 -0.26 0.37
CA GLU A 151 -22.80 -1.05 1.59
C GLU A 151 -24.11 -1.45 2.23
N LEU A 152 -25.09 -0.56 2.22
CA LEU A 152 -26.41 -0.89 2.77
C LEU A 152 -27.07 -2.02 1.99
N VAL A 153 -26.97 -1.98 0.65
CA VAL A 153 -27.54 -3.04 -0.16
C VAL A 153 -26.83 -4.36 0.10
N LEU A 154 -25.50 -4.31 0.24
CA LEU A 154 -24.74 -5.52 0.58
C LEU A 154 -25.20 -6.10 1.92
N TYR A 155 -25.38 -5.24 2.92
CA TYR A 155 -25.82 -5.69 4.23
C TYR A 155 -27.21 -6.29 4.17
N ALA A 156 -28.11 -5.66 3.41
CA ALA A 156 -29.47 -6.20 3.26
C ALA A 156 -29.44 -7.57 2.60
N PHE A 157 -28.61 -7.74 1.58
CA PHE A 157 -28.50 -9.05 0.94
C PHE A 157 -27.95 -10.08 1.91
N LYS A 158 -26.96 -9.70 2.73
CA LYS A 158 -26.40 -10.63 3.71
C LYS A 158 -27.46 -11.07 4.72
N GLU A 159 -28.26 -10.12 5.23
CA GLU A 159 -29.30 -10.46 6.18
C GLU A 159 -30.38 -11.33 5.54
N GLY A 160 -30.75 -11.01 4.30
CA GLY A 160 -31.72 -11.84 3.60
C GLY A 160 -31.21 -13.25 3.38
N MET A 161 -29.92 -13.39 3.07
CA MET A 161 -29.34 -14.72 2.92
C MET A 161 -29.36 -15.49 4.23
N LYS A 162 -29.03 -14.81 5.34
CA LYS A 162 -29.11 -15.46 6.65
C LYS A 162 -30.52 -15.98 6.91
N LEU A 163 -31.52 -15.11 6.73
CA LEU A 163 -32.90 -15.50 7.00
C LEU A 163 -33.33 -16.64 6.09
N LEU A 164 -32.98 -16.57 4.80
CA LEU A 164 -33.37 -17.60 3.85
C LEU A 164 -32.74 -18.94 4.20
N ALA A 165 -31.45 -18.95 4.55
CA ALA A 165 -30.80 -20.19 4.91
C ALA A 165 -31.43 -20.80 6.17
N GLU A 166 -31.72 -19.96 7.16
CA GLU A 166 -32.34 -20.48 8.38
C GLU A 166 -33.72 -21.05 8.08
N LEU A 167 -34.51 -20.36 7.26
CA LEU A 167 -35.85 -20.84 6.94
C LEU A 167 -35.81 -22.14 6.15
N ILE A 168 -34.88 -22.25 5.19
CA ILE A 168 -34.76 -23.48 4.42
C ILE A 168 -34.33 -24.63 5.32
N LEU A 169 -33.41 -24.36 6.26
CA LEU A 169 -33.02 -25.39 7.23
C LEU A 169 -34.21 -25.83 8.07
N ALA A 170 -35.03 -24.87 8.52
CA ALA A 170 -36.18 -25.20 9.37
C ALA A 170 -37.25 -26.00 8.65
N GLY A 171 -37.18 -26.10 7.32
CA GLY A 171 -38.17 -26.86 6.58
C GLY A 171 -39.48 -26.14 6.42
N LYS A 172 -39.46 -24.99 5.75
CA LYS A 172 -40.64 -24.17 5.54
C LYS A 172 -41.01 -24.15 4.07
N SER A 173 -42.29 -23.88 3.80
CA SER A 173 -42.79 -23.87 2.44
C SER A 173 -42.24 -22.66 1.68
N ASP A 174 -42.34 -22.73 0.35
CA ASP A 174 -41.84 -21.66 -0.50
C ASP A 174 -42.69 -20.40 -0.45
N GLU A 175 -43.91 -20.48 0.09
CA GLU A 175 -44.77 -19.32 0.19
C GLU A 175 -44.50 -18.49 1.44
N GLU A 176 -44.29 -19.16 2.58
CA GLU A 176 -43.97 -18.45 3.81
C GLU A 176 -42.65 -17.71 3.68
N ILE A 177 -41.66 -18.34 3.05
CA ILE A 177 -40.37 -17.69 2.86
C ILE A 177 -40.52 -16.47 1.98
N GLN A 178 -41.31 -16.56 0.92
CA GLN A 178 -41.53 -15.42 0.04
C GLN A 178 -42.24 -14.29 0.76
N ALA A 179 -43.21 -14.63 1.61
CA ALA A 179 -43.89 -13.60 2.40
C ALA A 179 -42.93 -12.90 3.36
N LYS A 180 -42.07 -13.66 4.03
CA LYS A 180 -41.09 -13.08 4.92
C LYS A 180 -40.11 -12.18 4.16
N LEU A 181 -39.69 -12.62 2.98
CA LEU A 181 -38.81 -11.80 2.15
C LEU A 181 -39.51 -10.52 1.72
N ASP A 182 -40.80 -10.59 1.40
CA ASP A 182 -41.54 -9.39 1.04
C ASP A 182 -41.60 -8.40 2.19
N ALA A 183 -41.86 -8.89 3.41
CA ALA A 183 -41.87 -8.00 4.57
C ALA A 183 -40.48 -7.38 4.80
N PHE A 184 -39.43 -8.18 4.65
CA PHE A 184 -38.07 -7.66 4.84
C PHE A 184 -37.76 -6.58 3.81
N LEU A 185 -38.18 -6.77 2.56
CA LEU A 185 -37.94 -5.76 1.54
C LEU A 185 -38.78 -4.51 1.78
N ALA A 186 -39.99 -4.67 2.31
CA ALA A 186 -40.79 -3.52 2.69
C ALA A 186 -40.08 -2.67 3.74
N GLY A 187 -39.47 -3.32 4.73
CA GLY A 187 -38.67 -2.58 5.69
C GLY A 187 -37.42 -1.96 5.07
N PHE A 188 -36.77 -2.69 4.17
CA PHE A 188 -35.53 -2.20 3.57
C PHE A 188 -35.78 -0.98 2.68
N ASP A 189 -36.99 -0.85 2.11
CA ASP A 189 -37.29 0.34 1.33
C ASP A 189 -37.18 1.60 2.20
N VAL A 190 -37.78 1.56 3.39
CA VAL A 190 -37.72 2.69 4.31
C VAL A 190 -36.28 2.92 4.79
N ALA A 191 -35.57 1.83 5.09
CA ALA A 191 -34.18 1.98 5.53
C ALA A 191 -33.33 2.65 4.45
N PHE A 192 -33.51 2.23 3.19
CA PHE A 192 -32.77 2.82 2.07
C PHE A 192 -33.11 4.29 1.90
N GLU A 193 -34.40 4.64 2.02
CA GLU A 193 -34.78 6.04 1.90
C GLU A 193 -34.13 6.90 2.98
N PHE A 194 -34.15 6.41 4.22
CA PHE A 194 -33.52 7.13 5.33
C PHE A 194 -32.02 7.34 5.06
N THR A 195 -31.32 6.26 4.69
CA THR A 195 -29.89 6.37 4.45
C THR A 195 -29.57 7.31 3.30
N LEU A 196 -30.34 7.23 2.22
CA LEU A 196 -30.11 8.11 1.08
C LEU A 196 -30.33 9.57 1.44
N ASP A 197 -31.42 9.85 2.17
CA ASP A 197 -31.72 11.22 2.57
C ASP A 197 -30.57 11.80 3.39
N ILE A 198 -30.06 11.03 4.35
CA ILE A 198 -28.98 11.55 5.18
C ILE A 198 -27.68 11.68 4.36
N ASP A 199 -27.41 10.69 3.52
CA ASP A 199 -26.11 10.61 2.84
C ASP A 199 -25.95 11.71 1.78
N VAL A 200 -27.04 12.11 1.12
CA VAL A 200 -26.93 13.18 0.12
C VAL A 200 -26.43 14.46 0.77
N ILE A 201 -27.08 14.88 1.86
CA ILE A 201 -26.66 16.12 2.51
C ILE A 201 -25.33 15.94 3.23
N GLY A 202 -25.00 14.72 3.67
CA GLY A 202 -23.70 14.49 4.25
C GLY A 202 -22.58 14.66 3.25
N ARG A 203 -22.79 14.20 2.02
CA ARG A 203 -21.76 14.33 0.99
C ARG A 203 -21.68 15.75 0.47
N GLU A 204 -22.82 16.43 0.35
CA GLU A 204 -22.79 17.79 -0.20
C GLU A 204 -22.17 18.79 0.76
N LEU A 205 -22.41 18.62 2.07
CA LEU A 205 -21.85 19.52 3.05
C LEU A 205 -20.42 19.19 3.44
N ASP A 206 -19.88 18.08 2.93
CA ASP A 206 -18.51 17.64 3.20
C ASP A 206 -18.31 17.41 4.70
N ILE A 207 -19.11 16.49 5.24
CA ILE A 207 -19.01 16.09 6.65
C ILE A 207 -19.07 14.57 6.72
N PRO A 208 -17.92 13.89 6.84
CA PRO A 208 -17.94 12.42 6.86
C PRO A 208 -18.70 11.82 8.02
N GLU A 209 -18.82 12.55 9.14
CA GLU A 209 -19.56 12.03 10.29
C GLU A 209 -21.02 11.79 9.93
N LEU A 210 -21.60 12.65 9.09
CA LEU A 210 -22.98 12.46 8.66
C LEU A 210 -23.12 11.19 7.83
N VAL A 211 -22.16 10.91 6.96
CA VAL A 211 -22.21 9.69 6.16
C VAL A 211 -22.07 8.46 7.04
N GLU A 212 -21.16 8.52 8.03
CA GLU A 212 -21.02 7.39 8.95
C GLU A 212 -22.30 7.15 9.74
N PHE A 213 -22.93 8.23 10.21
CA PHE A 213 -24.21 8.11 10.90
C PHE A 213 -25.27 7.50 9.99
N ALA A 214 -25.31 7.94 8.73
CA ALA A 214 -26.26 7.40 7.77
C ALA A 214 -26.09 5.90 7.63
N LEU A 215 -24.85 5.45 7.41
CA LEU A 215 -24.59 4.03 7.22
C LEU A 215 -24.96 3.22 8.46
N GLU A 216 -24.54 3.70 9.64
CA GLU A 216 -24.80 2.95 10.87
C GLU A 216 -26.28 2.85 11.17
N LYS A 217 -27.02 3.96 11.03
CA LYS A 217 -28.44 3.93 11.35
C LYS A 217 -29.24 3.19 10.28
N GLY A 218 -28.78 3.21 9.03
CA GLY A 218 -29.40 2.39 8.01
C GLY A 218 -29.22 0.91 8.28
N LYS A 219 -28.03 0.52 8.73
CA LYS A 219 -27.80 -0.87 9.13
C LYS A 219 -28.71 -1.24 10.30
N GLU A 220 -28.87 -0.34 11.27
CA GLU A 220 -29.76 -0.60 12.39
C GLU A 220 -31.21 -0.77 11.91
N LEU A 221 -31.65 0.06 10.97
CA LEU A 221 -33.01 -0.07 10.44
C LEU A 221 -33.18 -1.37 9.68
N VAL A 222 -32.16 -1.80 8.93
CA VAL A 222 -32.24 -3.07 8.21
C VAL A 222 -32.32 -4.22 9.20
N LYS A 223 -31.54 -4.16 10.28
CA LYS A 223 -31.62 -5.19 11.31
C LYS A 223 -33.01 -5.25 11.93
N LEU A 224 -33.60 -4.09 12.23
CA LEU A 224 -34.95 -4.07 12.79
C LEU A 224 -35.96 -4.66 11.81
N ALA A 225 -35.83 -4.31 10.52
CA ALA A 225 -36.74 -4.85 9.51
C ALA A 225 -36.63 -6.36 9.41
N LEU A 226 -35.40 -6.88 9.43
CA LEU A 226 -35.21 -8.33 9.38
C LEU A 226 -35.78 -9.02 10.61
N GLU A 227 -35.57 -8.42 11.79
CA GLU A 227 -36.12 -9.00 13.02
C GLU A 227 -37.64 -9.03 12.98
N LEU A 228 -38.26 -7.96 12.45
CA LEU A 228 -39.71 -7.96 12.32
C LEU A 228 -40.19 -8.99 11.31
N ALA A 229 -39.47 -9.12 10.19
CA ALA A 229 -39.87 -10.08 9.17
C ALA A 229 -39.79 -11.51 9.69
N ARG A 230 -38.75 -11.81 10.48
CA ARG A 230 -38.62 -13.15 11.05
C ARG A 230 -39.77 -13.47 12.00
N ALA A 231 -40.29 -12.47 12.71
CA ALA A 231 -41.37 -12.70 13.67
C ALA A 231 -42.70 -12.99 12.99
N GLY A 232 -42.81 -12.79 11.68
CA GLY A 232 -44.04 -13.10 10.96
C GLY A 232 -44.97 -11.94 10.70
N LYS A 233 -44.52 -10.70 10.93
CA LYS A 233 -45.38 -9.55 10.70
C LYS A 233 -45.59 -9.31 9.22
N SER A 234 -46.73 -8.68 8.90
CA SER A 234 -47.04 -8.31 7.52
C SER A 234 -46.14 -7.16 7.07
N PRO A 235 -46.01 -6.96 5.76
CA PRO A 235 -45.17 -5.84 5.29
C PRO A 235 -45.61 -4.48 5.81
N GLU A 236 -46.91 -4.27 6.01
CA GLU A 236 -47.38 -2.98 6.51
C GLU A 236 -46.87 -2.71 7.92
N GLU A 237 -46.91 -3.71 8.79
CA GLU A 237 -46.41 -3.54 10.16
C GLU A 237 -44.92 -3.24 10.15
N VAL A 238 -44.16 -3.95 9.33
CA VAL A 238 -42.72 -3.70 9.22
C VAL A 238 -42.47 -2.28 8.73
N LYS A 239 -43.23 -1.84 7.72
CA LYS A 239 -43.06 -0.48 7.22
C LYS A 239 -43.34 0.55 8.30
N ALA A 240 -44.42 0.35 9.06
CA ALA A 240 -44.78 1.31 10.10
C ALA A 240 -43.72 1.39 11.18
N ALA A 241 -43.25 0.23 11.67
CA ALA A 241 -42.28 0.25 12.75
C ALA A 241 -40.94 0.80 12.30
N VAL A 242 -40.50 0.44 11.08
CA VAL A 242 -39.25 0.97 10.57
C VAL A 242 -39.37 2.48 10.35
N LYS A 243 -40.54 2.96 9.95
CA LYS A 243 -40.75 4.39 9.79
C LYS A 243 -40.64 5.12 11.14
N ALA A 244 -41.23 4.55 12.19
CA ALA A 244 -41.13 5.17 13.50
C ALA A 244 -39.69 5.22 13.99
N ARG A 245 -38.96 4.11 13.85
CA ARG A 245 -37.56 4.09 14.26
C ARG A 245 -36.75 5.07 13.44
N GLY A 246 -37.04 5.19 12.14
CA GLY A 246 -36.37 6.16 11.30
C GLY A 246 -36.65 7.59 11.70
N GLU A 247 -37.87 7.87 12.17
CA GLU A 247 -38.16 9.21 12.68
C GLU A 247 -37.33 9.54 13.90
N GLU A 248 -37.21 8.59 14.83
CA GLU A 248 -36.36 8.83 16.00
C GLU A 248 -34.90 9.03 15.59
N LEU A 249 -34.40 8.19 14.68
CA LEU A 249 -33.03 8.33 14.23
C LEU A 249 -32.84 9.62 13.44
N HIS A 250 -33.89 10.13 12.81
CA HIS A 250 -33.80 11.41 12.11
C HIS A 250 -33.69 12.57 13.07
N LYS A 251 -34.39 12.48 14.21
CA LYS A 251 -34.18 13.49 15.25
C LYS A 251 -32.74 13.46 15.75
N GLU A 252 -32.19 12.27 15.97
CA GLU A 252 -30.79 12.16 16.36
C GLU A 252 -29.88 12.75 15.28
N PHE A 253 -30.21 12.51 14.01
CA PHE A 253 -29.42 13.07 12.92
C PHE A 253 -29.48 14.58 12.91
N GLU A 254 -30.65 15.16 13.19
CA GLU A 254 -30.75 16.61 13.25
C GLU A 254 -29.83 17.17 14.32
N LYS A 255 -29.82 16.55 15.50
CA LYS A 255 -28.91 17.00 16.55
C LYS A 255 -27.46 16.91 16.11
N LEU A 256 -27.06 15.77 15.55
CA LEU A 256 -25.66 15.58 15.15
C LEU A 256 -25.28 16.54 14.03
N ALA A 257 -26.18 16.77 13.07
CA ALA A 257 -25.90 17.67 11.97
C ALA A 257 -25.73 19.10 12.46
N LEU A 258 -26.58 19.55 13.39
CA LEU A 258 -26.39 20.87 13.97
C LEU A 258 -25.05 20.99 14.67
N LYS A 259 -24.69 19.97 15.46
CA LYS A 259 -23.42 20.03 16.18
C LYS A 259 -22.23 20.09 15.22
N GLU A 260 -22.24 19.26 14.19
CA GLU A 260 -21.11 19.24 13.24
C GLU A 260 -21.06 20.52 12.42
N TYR A 261 -22.22 21.05 12.02
CA TYR A 261 -22.23 22.28 11.25
C TYR A 261 -21.67 23.44 12.06
N PHE A 262 -22.03 23.52 13.34
CA PHE A 262 -21.49 24.60 14.16
C PHE A 262 -20.05 24.36 14.60
N LYS A 263 -19.60 23.11 14.58
CA LYS A 263 -18.17 22.86 14.71
C LYS A 263 -17.41 23.41 13.51
N ARG A 264 -17.92 23.16 12.31
CA ARG A 264 -17.25 23.63 11.10
C ARG A 264 -17.31 25.15 10.98
N ARG A 265 -18.47 25.74 11.29
CA ARG A 265 -18.70 27.16 11.05
C ARG A 265 -17.78 28.03 11.91
N LEU A 266 -17.57 27.64 13.16
CA LEU A 266 -16.76 28.42 14.08
C LEU A 266 -15.27 28.17 13.94
N GLY A 267 -14.86 27.36 12.96
CA GLY A 267 -13.46 27.02 12.81
C GLY A 267 -12.97 25.96 13.76
N LEU A 268 -13.87 25.34 14.52
CA LEU A 268 -13.47 24.31 15.48
C LEU A 268 -13.02 23.04 14.78
N GLY B 20 1.95 -14.95 4.79
CA GLY B 20 2.55 -15.54 3.59
C GLY B 20 2.25 -14.74 2.34
N PRO B 21 2.37 -15.40 1.18
CA PRO B 21 2.08 -14.71 -0.09
C PRO B 21 0.67 -14.16 -0.16
N GLY B 22 -0.32 -15.03 0.02
CA GLY B 22 -1.71 -14.59 0.01
C GLY B 22 -2.47 -15.01 1.25
N GLY B 23 -2.91 -14.04 2.03
CA GLY B 23 -3.63 -14.34 3.25
C GLY B 23 -4.60 -13.24 3.68
N THR B 24 -4.61 -12.94 4.97
CA THR B 24 -5.49 -11.93 5.55
C THR B 24 -4.65 -10.94 6.34
N MET B 25 -5.08 -9.68 6.33
CA MET B 25 -4.34 -8.63 7.03
C MET B 25 -4.13 -8.98 8.50
N ALA B 26 -5.07 -9.70 9.11
CA ALA B 26 -4.92 -10.13 10.49
C ALA B 26 -4.12 -11.43 10.62
N ALA B 27 -4.08 -12.26 9.57
CA ALA B 27 -3.33 -13.49 9.63
C ALA B 27 -1.83 -13.26 9.47
N GLU B 28 -1.43 -12.22 8.74
CA GLU B 28 -0.02 -11.96 8.53
C GLU B 28 0.68 -11.56 9.83
N GLU B 29 0.03 -10.74 10.65
CA GLU B 29 0.60 -10.37 11.94
C GLU B 29 0.76 -11.58 12.84
N MET B 30 -0.24 -12.46 12.86
CA MET B 30 -0.16 -13.68 13.66
C MET B 30 0.95 -14.59 13.15
N GLU B 31 1.13 -14.67 11.83
CA GLU B 31 2.23 -15.47 11.28
C GLU B 31 3.57 -14.90 11.70
N LYS B 32 3.71 -13.58 11.68
CA LYS B 32 4.95 -12.96 12.13
C LYS B 32 5.21 -13.26 13.60
N ILE B 33 4.17 -13.18 14.43
CA ILE B 33 4.31 -13.50 15.86
C ILE B 33 4.77 -14.95 16.02
N PHE B 34 4.16 -15.86 15.25
CA PHE B 34 4.50 -17.27 15.34
C PHE B 34 5.96 -17.52 14.97
N ARG B 35 6.42 -16.90 13.88
CA ARG B 35 7.81 -17.07 13.47
C ARG B 35 8.77 -16.51 14.52
N ASP B 36 8.47 -15.34 15.06
CA ASP B 36 9.32 -14.74 16.07
C ASP B 36 9.41 -15.63 17.31
N LYS B 37 8.26 -16.14 17.76
CA LYS B 37 8.25 -16.99 18.95
C LYS B 37 9.01 -18.28 18.70
N LEU B 38 8.86 -18.87 17.52
CA LEU B 38 9.60 -20.10 17.20
C LEU B 38 11.11 -19.85 17.21
N PHE B 39 11.54 -18.76 16.59
CA PHE B 39 12.97 -18.45 16.54
C PHE B 39 13.53 -18.23 17.94
N HIS B 40 12.83 -17.47 18.77
CA HIS B 40 13.36 -17.20 20.09
C HIS B 40 13.25 -18.40 21.02
N LEU B 41 12.26 -19.29 20.78
CA LEU B 41 12.22 -20.54 21.51
C LEU B 41 13.40 -21.43 21.15
N HIS B 42 13.78 -21.46 19.88
CA HIS B 42 14.98 -22.20 19.51
C HIS B 42 16.22 -21.62 20.19
N GLN B 43 16.32 -20.29 20.22
CA GLN B 43 17.44 -19.66 20.93
C GLN B 43 17.46 -20.07 22.41
N LYS B 44 16.30 -20.03 23.07
CA LYS B 44 16.23 -20.39 24.48
C LYS B 44 16.60 -21.85 24.70
N LEU B 45 16.13 -22.74 23.83
CA LEU B 45 16.47 -24.15 23.95
C LEU B 45 17.96 -24.38 23.77
N ASP B 46 18.59 -23.66 22.84
CA ASP B 46 20.04 -23.76 22.67
C ASP B 46 20.76 -23.24 23.90
N GLU B 47 20.30 -22.14 24.47
CA GLU B 47 20.93 -21.59 25.66
C GLU B 47 20.82 -22.55 26.84
N ALA B 48 19.67 -23.21 26.99
CA ALA B 48 19.46 -24.13 28.09
C ALA B 48 20.31 -25.39 27.98
N GLY B 49 20.94 -25.64 26.84
CA GLY B 49 21.79 -26.79 26.67
C GLY B 49 21.05 -28.11 26.72
N LYS B 50 20.16 -28.33 25.75
CA LYS B 50 19.39 -29.56 25.64
C LYS B 50 19.89 -30.40 24.48
N SER B 51 19.54 -31.68 24.51
CA SER B 51 19.91 -32.59 23.44
C SER B 51 19.09 -32.29 22.18
N ALA B 52 19.54 -32.83 21.05
CA ALA B 52 18.88 -32.56 19.78
C ALA B 52 17.46 -33.12 19.77
N GLU B 53 17.27 -34.32 20.29
CA GLU B 53 15.93 -34.92 20.31
C GLU B 53 15.00 -34.14 21.23
N GLU B 54 15.50 -33.63 22.35
CA GLU B 54 14.68 -32.81 23.23
C GLU B 54 14.28 -31.52 22.54
N ILE B 55 15.20 -30.91 21.80
CA ILE B 55 14.90 -29.68 21.07
C ILE B 55 13.83 -29.95 20.01
N ALA B 56 13.96 -31.07 19.29
CA ALA B 56 12.96 -31.42 18.30
C ALA B 56 11.60 -31.65 18.93
N LYS B 57 11.56 -32.34 20.08
CA LYS B 57 10.30 -32.57 20.77
C LYS B 57 9.67 -31.25 21.21
N ALA B 58 10.47 -30.34 21.76
CA ALA B 58 9.95 -29.05 22.19
C ALA B 58 9.42 -28.24 21.02
N VAL B 59 10.13 -28.27 19.88
CA VAL B 59 9.68 -27.52 18.72
C VAL B 59 8.38 -28.09 18.19
N GLU B 60 8.26 -29.41 18.12
CA GLU B 60 7.01 -30.03 17.67
C GLU B 60 5.86 -29.69 18.60
N LEU B 61 6.09 -29.75 19.92
CA LEU B 61 5.03 -29.41 20.87
C LEU B 61 4.60 -27.95 20.72
N PHE B 62 5.56 -27.05 20.56
CA PHE B 62 5.23 -25.64 20.41
C PHE B 62 4.42 -25.41 19.14
N VAL B 63 4.81 -26.03 18.03
CA VAL B 63 4.06 -25.87 16.79
C VAL B 63 2.64 -26.40 16.95
N GLY B 64 2.50 -27.56 17.60
CA GLY B 64 1.18 -28.13 17.79
C GLY B 64 0.27 -27.26 18.62
N LEU B 65 0.79 -26.66 19.69
CA LEU B 65 -0.05 -25.80 20.53
C LEU B 65 -0.34 -24.46 19.85
N ALA B 66 0.67 -23.89 19.16
CA ALA B 66 0.48 -22.61 18.52
C ALA B 66 -0.47 -22.70 17.35
N MET B 67 -0.59 -23.87 16.72
CA MET B 67 -1.58 -24.02 15.66
C MET B 67 -3.00 -23.89 16.20
N ARG B 68 -3.28 -24.51 17.35
CA ARG B 68 -4.59 -24.37 17.98
C ARG B 68 -4.85 -22.93 18.40
N ALA B 69 -3.84 -22.28 19.01
CA ALA B 69 -4.01 -20.89 19.39
C ALA B 69 -4.27 -20.00 18.18
N PHE B 70 -3.56 -20.25 17.08
CA PHE B 70 -3.76 -19.51 15.85
C PHE B 70 -5.18 -19.69 15.32
N ASP B 71 -5.68 -20.93 15.33
CA ASP B 71 -7.03 -21.18 14.86
C ASP B 71 -8.06 -20.42 15.69
N TYR B 72 -7.92 -20.49 17.02
CA TYR B 72 -8.87 -19.82 17.89
C TYR B 72 -8.85 -18.30 17.68
N ALA B 73 -7.65 -17.72 17.63
CA ALA B 73 -7.53 -16.28 17.46
C ALA B 73 -8.05 -15.83 16.09
N LEU B 74 -7.79 -16.62 15.05
CA LEU B 74 -8.29 -16.28 13.72
C LEU B 74 -9.82 -16.34 13.69
N HIS B 75 -10.41 -17.32 14.38
CA HIS B 75 -11.86 -17.37 14.46
C HIS B 75 -12.41 -16.13 15.15
N ILE B 76 -11.78 -15.70 16.25
CA ILE B 76 -12.25 -14.51 16.95
C ILE B 76 -12.13 -13.27 16.07
N ALA B 77 -10.99 -13.13 15.38
CA ALA B 77 -10.79 -11.98 14.51
C ALA B 77 -11.80 -11.97 13.36
N GLU B 78 -12.07 -13.13 12.76
CA GLU B 78 -13.06 -13.20 11.70
C GLU B 78 -14.45 -12.87 12.20
N ARG B 79 -14.81 -13.35 13.39
CA ARG B 79 -16.10 -13.00 13.97
C ARG B 79 -16.21 -11.50 14.18
N GLY B 80 -15.15 -10.87 14.66
CA GLY B 80 -15.16 -9.43 14.83
C GLY B 80 -15.28 -8.68 13.51
N LYS B 81 -14.57 -9.15 12.48
CA LYS B 81 -14.62 -8.48 11.19
C LYS B 81 -15.98 -8.62 10.53
N GLU B 82 -16.62 -9.78 10.66
CA GLU B 82 -17.90 -9.99 9.97
C GLU B 82 -19.02 -9.20 10.64
N MET B 83 -18.97 -9.05 11.96
CA MET B 83 -19.80 -8.07 12.64
C MET B 83 -19.13 -6.70 12.54
N GLY B 84 -19.62 -5.72 13.28
CA GLY B 84 -19.13 -4.36 13.13
C GLY B 84 -18.25 -3.85 14.26
N ILE B 85 -17.37 -4.69 14.78
CA ILE B 85 -16.48 -4.34 15.86
C ILE B 85 -15.04 -4.53 15.41
N PRO B 86 -14.34 -3.46 15.03
CA PRO B 86 -12.91 -3.56 14.73
C PRO B 86 -12.06 -3.90 15.94
N THR B 87 -12.60 -3.77 17.16
CA THR B 87 -11.81 -4.06 18.36
C THR B 87 -11.53 -5.55 18.51
N LEU B 88 -12.45 -6.40 18.05
CA LEU B 88 -12.28 -7.84 18.22
C LEU B 88 -11.09 -8.37 17.42
N VAL B 89 -10.71 -7.69 16.33
CA VAL B 89 -9.52 -8.10 15.59
C VAL B 89 -8.28 -7.93 16.45
N GLU B 90 -8.15 -6.76 17.09
CA GLU B 90 -7.02 -6.53 17.98
C GLU B 90 -7.06 -7.48 19.17
N MET B 91 -8.27 -7.78 19.67
CA MET B 91 -8.38 -8.72 20.77
C MET B 91 -7.91 -10.10 20.35
N GLY B 92 -8.24 -10.53 19.13
CA GLY B 92 -7.75 -11.81 18.64
C GLY B 92 -6.23 -11.83 18.48
N LYS B 93 -5.65 -10.71 18.01
CA LYS B 93 -4.20 -10.64 17.90
C LYS B 93 -3.54 -10.74 19.27
N ILE B 94 -4.09 -10.05 20.28
CA ILE B 94 -3.55 -10.14 21.64
C ILE B 94 -3.67 -11.58 22.15
N LEU B 95 -4.82 -12.20 21.91
CA LEU B 95 -5.02 -13.57 22.35
C LEU B 95 -4.01 -14.51 21.73
N PHE B 96 -3.74 -14.37 20.43
CA PHE B 96 -2.75 -15.25 19.82
C PHE B 96 -1.36 -14.98 20.36
N LYS B 97 -1.02 -13.71 20.58
CA LYS B 97 0.31 -13.41 21.12
C LYS B 97 0.52 -14.09 22.45
N TYR B 98 -0.47 -14.00 23.34
CA TYR B 98 -0.27 -14.61 24.66
C TYR B 98 -0.44 -16.12 24.62
N GLY B 99 -1.23 -16.65 23.70
CA GLY B 99 -1.27 -18.10 23.53
C GLY B 99 0.05 -18.66 23.03
N ALA B 100 0.69 -17.96 22.10
CA ALA B 100 2.01 -18.36 21.64
C ALA B 100 3.04 -18.26 22.75
N LYS B 101 2.94 -17.22 23.59
CA LYS B 101 3.82 -17.11 24.74
C LYS B 101 3.64 -18.30 25.69
N LEU B 102 2.39 -18.64 25.99
CA LEU B 102 2.12 -19.78 26.87
C LEU B 102 2.61 -21.09 26.25
N ALA B 103 2.41 -21.27 24.94
CA ALA B 103 2.87 -22.48 24.28
C ALA B 103 4.39 -22.59 24.33
N ALA B 104 5.09 -21.48 24.09
CA ALA B 104 6.55 -21.50 24.17
C ALA B 104 7.02 -21.84 25.59
N GLU B 105 6.36 -21.26 26.60
CA GLU B 105 6.74 -21.57 27.97
C GLU B 105 6.47 -23.03 28.32
N LEU B 106 5.35 -23.57 27.84
CA LEU B 106 5.05 -24.99 28.08
C LEU B 106 6.07 -25.89 27.41
N ALA B 107 6.46 -25.56 26.18
CA ALA B 107 7.47 -26.37 25.48
C ALA B 107 8.81 -26.29 26.19
N LEU B 108 9.19 -25.09 26.66
CA LEU B 108 10.46 -24.93 27.36
C LEU B 108 10.45 -25.64 28.71
N ALA B 109 9.29 -25.73 29.36
CA ALA B 109 9.21 -26.35 30.67
C ALA B 109 9.36 -27.87 30.62
N GLY B 110 9.24 -28.48 29.44
CA GLY B 110 9.35 -29.92 29.33
C GLY B 110 8.09 -30.68 29.61
N LYS B 111 6.94 -30.02 29.58
CA LYS B 111 5.67 -30.70 29.82
C LYS B 111 5.37 -31.71 28.71
N SER B 112 4.67 -32.77 29.07
CA SER B 112 4.29 -33.77 28.09
C SER B 112 3.17 -33.22 27.20
N GLU B 113 2.84 -34.00 26.17
CA GLU B 113 1.85 -33.56 25.19
C GLU B 113 0.47 -33.41 25.81
N GLU B 114 0.07 -34.37 26.66
CA GLU B 114 -1.28 -34.38 27.20
C GLU B 114 -1.51 -33.19 28.13
N GLU B 115 -0.58 -32.95 29.06
CA GLU B 115 -0.72 -31.82 29.98
C GLU B 115 -0.68 -30.50 29.22
N ALA B 116 0.18 -30.38 28.21
CA ALA B 116 0.24 -29.15 27.44
C ALA B 116 -1.06 -28.90 26.70
N ARG B 117 -1.64 -29.95 26.10
CA ARG B 117 -2.91 -29.78 25.40
C ARG B 117 -4.03 -29.40 26.36
N ALA B 118 -4.06 -30.04 27.54
CA ALA B 118 -5.08 -29.69 28.53
C ALA B 118 -4.94 -28.24 28.99
N ALA B 119 -3.70 -27.80 29.23
CA ALA B 119 -3.47 -26.42 29.64
C ALA B 119 -3.90 -25.44 28.54
N MET B 120 -3.62 -25.79 27.29
CA MET B 120 -4.03 -24.92 26.18
C MET B 120 -5.56 -24.83 26.10
N ASP B 121 -6.25 -25.95 26.29
CA ASP B 121 -7.72 -25.91 26.28
C ASP B 121 -8.27 -25.06 27.42
N ARG B 122 -7.71 -25.21 28.62
CA ARG B 122 -8.16 -24.39 29.74
C ARG B 122 -7.91 -22.90 29.48
N PHE B 123 -6.74 -22.58 28.92
CA PHE B 123 -6.43 -21.20 28.59
C PHE B 123 -7.42 -20.62 27.60
N LEU B 124 -7.75 -21.39 26.54
CA LEU B 124 -8.69 -20.90 25.55
C LEU B 124 -10.09 -20.70 26.15
N SER B 125 -10.52 -21.64 27.00
CA SER B 125 -11.84 -21.51 27.63
C SER B 125 -11.90 -20.27 28.52
N LEU B 126 -10.88 -20.04 29.33
CA LEU B 126 -10.91 -18.89 30.22
C LEU B 126 -10.76 -17.58 29.46
N SER B 127 -10.02 -17.59 28.35
CA SER B 127 -9.96 -16.40 27.50
C SER B 127 -11.32 -16.10 26.89
N ASP B 128 -12.06 -17.14 26.50
CA ASP B 128 -13.43 -16.93 26.02
C ASP B 128 -14.30 -16.34 27.13
N TYR B 129 -14.13 -16.82 28.36
CA TYR B 129 -14.84 -16.27 29.50
C TYR B 129 -14.58 -14.77 29.64
N LEU B 130 -13.31 -14.37 29.59
CA LEU B 130 -12.95 -12.96 29.72
C LEU B 130 -13.51 -12.13 28.56
N LEU B 131 -13.46 -12.68 27.34
CA LEU B 131 -14.00 -11.97 26.19
C LEU B 131 -15.51 -11.76 26.33
N GLU B 132 -16.23 -12.78 26.81
CA GLU B 132 -17.66 -12.64 27.03
C GLU B 132 -17.95 -11.57 28.07
N ARG B 133 -17.15 -11.51 29.12
CA ARG B 133 -17.37 -10.47 30.13
C ARG B 133 -17.01 -9.08 29.61
N LEU B 134 -16.08 -8.99 28.66
CA LEU B 134 -15.63 -7.69 28.17
C LEU B 134 -16.44 -7.15 27.00
N LEU B 135 -17.21 -7.99 26.32
CA LEU B 135 -17.95 -7.53 25.14
C LEU B 135 -18.90 -6.36 25.40
N PRO B 136 -19.72 -6.34 26.48
CA PRO B 136 -20.60 -5.18 26.68
C PRO B 136 -19.85 -3.86 26.79
N TYR B 137 -18.66 -3.86 27.40
CA TYR B 137 -17.86 -2.65 27.47
C TYR B 137 -17.40 -2.21 26.10
N ILE B 138 -17.08 -3.17 25.22
CA ILE B 138 -16.72 -2.81 23.85
C ILE B 138 -17.89 -2.17 23.13
N GLU B 139 -19.10 -2.73 23.31
CA GLU B 139 -20.28 -2.14 22.69
C GLU B 139 -20.52 -0.73 23.19
N LEU B 140 -20.40 -0.53 24.51
CA LEU B 140 -20.60 0.80 25.08
C LEU B 140 -19.55 1.79 24.58
N ALA B 141 -18.30 1.36 24.48
CA ALA B 141 -17.24 2.23 24.01
C ALA B 141 -17.45 2.63 22.55
N GLU B 142 -17.86 1.67 21.72
CA GLU B 142 -18.08 1.98 20.31
C GLU B 142 -19.38 2.74 20.07
N ARG B 143 -20.33 2.71 21.02
CA ARG B 143 -21.53 3.51 20.87
C ARG B 143 -21.23 5.00 21.03
N MET B 144 -20.35 5.36 21.96
CA MET B 144 -19.99 6.75 22.20
C MET B 144 -18.86 7.24 21.31
N LYS B 145 -18.31 6.38 20.44
CA LYS B 145 -17.23 6.75 19.52
C LYS B 145 -16.04 7.33 20.29
N SER B 146 -15.62 6.63 21.34
CA SER B 146 -14.50 7.08 22.12
C SER B 146 -13.30 6.18 21.91
N PRO B 147 -12.27 6.68 21.24
CA PRO B 147 -11.04 5.88 21.09
C PRO B 147 -10.36 5.56 22.41
N ALA B 148 -10.42 6.46 23.39
CA ALA B 148 -9.79 6.21 24.68
C ALA B 148 -10.42 5.03 25.38
N LEU B 149 -11.75 4.91 25.32
CA LEU B 149 -12.43 3.78 25.95
C LEU B 149 -12.05 2.47 25.27
N GLN B 150 -11.94 2.48 23.94
CA GLN B 150 -11.53 1.27 23.22
C GLN B 150 -10.11 0.87 23.59
N GLU B 151 -9.20 1.84 23.70
CA GLU B 151 -7.85 1.54 24.13
C GLU B 151 -7.83 1.00 25.56
N LEU B 152 -8.69 1.53 26.42
CA LEU B 152 -8.78 1.02 27.79
C LEU B 152 -9.25 -0.43 27.81
N VAL B 153 -10.25 -0.76 26.98
CA VAL B 153 -10.74 -2.13 26.92
C VAL B 153 -9.66 -3.07 26.40
N LEU B 154 -8.91 -2.64 25.38
CA LEU B 154 -7.81 -3.44 24.86
C LEU B 154 -6.73 -3.66 25.92
N TYR B 155 -6.42 -2.61 26.69
CA TYR B 155 -5.44 -2.73 27.75
C TYR B 155 -5.90 -3.70 28.83
N ALA B 156 -7.19 -3.63 29.18
CA ALA B 156 -7.73 -4.57 30.17
C ALA B 156 -7.65 -6.00 29.67
N PHE B 157 -7.95 -6.22 28.39
CA PHE B 157 -7.83 -7.56 27.83
C PHE B 157 -6.39 -8.04 27.86
N LYS B 158 -5.44 -7.16 27.56
CA LYS B 158 -4.03 -7.54 27.59
C LYS B 158 -3.60 -7.94 29.00
N GLU B 159 -3.99 -7.16 30.00
CA GLU B 159 -3.63 -7.48 31.37
C GLU B 159 -4.30 -8.78 31.83
N GLY B 160 -5.56 -8.99 31.45
CA GLY B 160 -6.23 -10.24 31.78
C GLY B 160 -5.57 -11.43 31.13
N MET B 161 -5.12 -11.30 29.89
CA MET B 161 -4.39 -12.38 29.23
C MET B 161 -3.08 -12.65 29.93
N LYS B 162 -2.36 -11.60 30.36
CA LYS B 162 -1.14 -11.80 31.13
C LYS B 162 -1.41 -12.63 32.39
N LEU B 163 -2.40 -12.19 33.18
CA LEU B 163 -2.69 -12.89 34.42
C LEU B 163 -3.14 -14.32 34.16
N LEU B 164 -3.98 -14.52 33.14
CA LEU B 164 -4.47 -15.85 32.83
C LEU B 164 -3.36 -16.79 32.41
N ALA B 165 -2.46 -16.32 31.55
CA ALA B 165 -1.34 -17.16 31.13
C ALA B 165 -0.44 -17.50 32.31
N GLU B 166 -0.16 -16.53 33.18
CA GLU B 166 0.67 -16.80 34.34
C GLU B 166 0.01 -17.82 35.27
N LEU B 167 -1.30 -17.68 35.50
CA LEU B 167 -1.99 -18.61 36.39
C LEU B 167 -2.06 -20.01 35.79
N ILE B 168 -2.30 -20.12 34.47
CA ILE B 168 -2.36 -21.42 33.83
C ILE B 168 -0.99 -22.10 33.89
N LEU B 169 0.08 -21.34 33.63
CA LEU B 169 1.42 -21.92 33.73
C LEU B 169 1.72 -22.35 35.16
N ALA B 170 1.29 -21.57 36.14
CA ALA B 170 1.54 -21.91 37.54
C ALA B 170 0.80 -23.15 38.00
N GLY B 171 -0.16 -23.65 37.22
CA GLY B 171 -0.87 -24.85 37.59
C GLY B 171 -1.95 -24.62 38.62
N LYS B 172 -2.93 -23.79 38.29
CA LYS B 172 -4.04 -23.47 39.17
C LYS B 172 -5.35 -24.02 38.61
N SER B 173 -6.30 -24.27 39.50
CA SER B 173 -7.59 -24.82 39.10
C SER B 173 -8.39 -23.77 38.35
N ASP B 174 -9.50 -24.22 37.76
CA ASP B 174 -10.34 -23.34 36.96
C ASP B 174 -11.27 -22.47 37.81
N GLU B 175 -11.34 -22.71 39.12
CA GLU B 175 -12.17 -21.90 40.00
C GLU B 175 -11.42 -20.68 40.55
N GLU B 176 -10.17 -20.88 40.97
CA GLU B 176 -9.36 -19.77 41.44
C GLU B 176 -9.13 -18.75 40.34
N ILE B 177 -8.86 -19.22 39.12
CA ILE B 177 -8.65 -18.33 37.99
C ILE B 177 -9.91 -17.52 37.71
N GLN B 178 -11.07 -18.17 37.75
CA GLN B 178 -12.32 -17.46 37.51
C GLN B 178 -12.60 -16.43 38.60
N ALA B 179 -12.28 -16.76 39.86
CA ALA B 179 -12.46 -15.78 40.94
C ALA B 179 -11.54 -14.58 40.75
N LYS B 180 -10.29 -14.82 40.38
CA LYS B 180 -9.36 -13.72 40.14
C LYS B 180 -9.83 -12.86 38.96
N LEU B 181 -10.35 -13.49 37.91
CA LEU B 181 -10.89 -12.73 36.78
C LEU B 181 -12.10 -11.91 37.20
N ASP B 182 -12.94 -12.47 38.07
CA ASP B 182 -14.08 -11.72 38.58
C ASP B 182 -13.65 -10.48 39.35
N ALA B 183 -12.64 -10.63 40.22
CA ALA B 183 -12.12 -9.46 40.94
C ALA B 183 -11.53 -8.43 39.99
N PHE B 184 -10.78 -8.89 38.99
CA PHE B 184 -10.19 -7.96 38.03
C PHE B 184 -11.26 -7.20 37.26
N LEU B 185 -12.34 -7.89 36.87
CA LEU B 185 -13.42 -7.21 36.16
C LEU B 185 -14.18 -6.25 37.07
N ALA B 186 -14.30 -6.59 38.37
CA ALA B 186 -14.89 -5.66 39.31
C ALA B 186 -14.09 -4.36 39.39
N GLY B 187 -12.77 -4.48 39.40
CA GLY B 187 -11.94 -3.27 39.35
C GLY B 187 -12.04 -2.53 38.04
N PHE B 188 -12.10 -3.28 36.92
CA PHE B 188 -12.15 -2.65 35.62
C PHE B 188 -13.45 -1.89 35.40
N ASP B 189 -14.53 -2.31 36.04
CA ASP B 189 -15.78 -1.56 35.94
C ASP B 189 -15.59 -0.13 36.46
N VAL B 190 -14.97 0.01 37.63
CA VAL B 190 -14.72 1.32 38.19
C VAL B 190 -13.75 2.11 37.31
N ALA B 191 -12.71 1.44 36.81
CA ALA B 191 -11.76 2.14 35.94
C ALA B 191 -12.45 2.66 34.68
N PHE B 192 -13.31 1.85 34.07
CA PHE B 192 -14.04 2.27 32.87
C PHE B 192 -14.97 3.43 33.17
N GLU B 193 -15.67 3.39 34.31
CA GLU B 193 -16.55 4.50 34.66
C GLU B 193 -15.77 5.79 34.84
N PHE B 194 -14.63 5.72 35.52
CA PHE B 194 -13.78 6.89 35.69
C PHE B 194 -13.33 7.47 34.34
N THR B 195 -12.82 6.59 33.47
CA THR B 195 -12.33 7.05 32.18
C THR B 195 -13.44 7.66 31.34
N LEU B 196 -14.62 7.02 31.32
CA LEU B 196 -15.74 7.55 30.56
C LEU B 196 -16.19 8.90 31.08
N ASP B 197 -16.28 9.04 32.40
CA ASP B 197 -16.70 10.31 32.99
C ASP B 197 -15.75 11.44 32.60
N ILE B 198 -14.45 11.19 32.67
CA ILE B 198 -13.51 12.23 32.28
C ILE B 198 -13.54 12.50 30.78
N ASP B 199 -13.65 11.43 29.98
CA ASP B 199 -13.51 11.55 28.54
C ASP B 199 -14.69 12.27 27.90
N VAL B 200 -15.89 12.11 28.44
CA VAL B 200 -17.04 12.80 27.87
C VAL B 200 -16.83 14.30 27.91
N ILE B 201 -16.46 14.84 29.07
CA ILE B 201 -16.26 16.27 29.20
C ILE B 201 -14.97 16.70 28.50
N GLY B 202 -13.97 15.82 28.41
CA GLY B 202 -12.78 16.16 27.66
C GLY B 202 -13.04 16.34 26.18
N ARG B 203 -13.89 15.48 25.61
CA ARG B 203 -14.22 15.61 24.20
C ARG B 203 -15.18 16.77 23.96
N GLU B 204 -16.13 16.98 24.87
CA GLU B 204 -17.11 18.05 24.67
C GLU B 204 -16.47 19.43 24.74
N LEU B 205 -15.52 19.63 25.65
CA LEU B 205 -14.86 20.92 25.79
C LEU B 205 -13.71 21.12 24.82
N ASP B 206 -13.36 20.11 24.03
CA ASP B 206 -12.29 20.18 23.05
C ASP B 206 -10.95 20.51 23.73
N ILE B 207 -10.55 19.63 24.64
CA ILE B 207 -9.26 19.73 25.32
C ILE B 207 -8.60 18.36 25.28
N PRO B 208 -7.64 18.13 24.38
CA PRO B 208 -7.01 16.80 24.30
C PRO B 208 -6.24 16.41 25.54
N GLU B 209 -5.79 17.37 26.35
CA GLU B 209 -5.07 17.04 27.57
C GLU B 209 -5.96 16.26 28.53
N LEU B 210 -7.24 16.61 28.60
CA LEU B 210 -8.17 15.87 29.47
C LEU B 210 -8.34 14.44 28.98
N VAL B 211 -8.40 14.23 27.67
CA VAL B 211 -8.53 12.88 27.13
C VAL B 211 -7.28 12.06 27.44
N GLU B 212 -6.11 12.66 27.27
CA GLU B 212 -4.87 11.96 27.59
C GLU B 212 -4.80 11.60 29.07
N PHE B 213 -5.20 12.53 29.94
CA PHE B 213 -5.25 12.27 31.36
C PHE B 213 -6.20 11.13 31.68
N ALA B 214 -7.38 11.13 31.03
CA ALA B 214 -8.35 10.07 31.24
C ALA B 214 -7.77 8.71 30.88
N LEU B 215 -7.13 8.62 29.71
CA LEU B 215 -6.56 7.35 29.28
C LEU B 215 -5.46 6.88 30.23
N GLU B 216 -4.55 7.78 30.61
CA GLU B 216 -3.44 7.38 31.46
C GLU B 216 -3.92 6.95 32.84
N LYS B 217 -4.85 7.69 33.43
CA LYS B 217 -5.31 7.34 34.78
C LYS B 217 -6.22 6.12 34.76
N GLY B 218 -6.96 5.90 33.68
CA GLY B 218 -7.68 4.64 33.53
C GLY B 218 -6.75 3.46 33.44
N LYS B 219 -5.64 3.61 32.71
CA LYS B 219 -4.64 2.56 32.67
C LYS B 219 -4.04 2.30 34.05
N GLU B 220 -3.78 3.37 34.81
CA GLU B 220 -3.29 3.20 36.17
C GLU B 220 -4.29 2.45 37.04
N LEU B 221 -5.57 2.78 36.92
CA LEU B 221 -6.59 2.08 37.70
C LEU B 221 -6.69 0.63 37.30
N VAL B 222 -6.58 0.33 35.99
CA VAL B 222 -6.62 -1.04 35.53
C VAL B 222 -5.43 -1.83 36.08
N LYS B 223 -4.25 -1.21 36.08
CA LYS B 223 -3.07 -1.87 36.65
C LYS B 223 -3.26 -2.14 38.14
N LEU B 224 -3.81 -1.18 38.87
CA LEU B 224 -4.06 -1.40 40.30
C LEU B 224 -5.06 -2.52 40.52
N ALA B 225 -6.12 -2.57 39.71
CA ALA B 225 -7.11 -3.63 39.84
C ALA B 225 -6.50 -4.99 39.55
N LEU B 226 -5.66 -5.08 38.52
CA LEU B 226 -5.01 -6.35 38.22
C LEU B 226 -4.06 -6.77 39.33
N GLU B 227 -3.30 -5.82 39.89
CA GLU B 227 -2.41 -6.14 40.98
C GLU B 227 -3.17 -6.64 42.20
N LEU B 228 -4.31 -6.03 42.51
CA LEU B 228 -5.14 -6.49 43.62
C LEU B 228 -5.71 -7.87 43.33
N ALA B 229 -6.16 -8.11 42.10
CA ALA B 229 -6.71 -9.42 41.75
C ALA B 229 -5.66 -10.51 41.87
N ARG B 230 -4.43 -10.22 41.47
CA ARG B 230 -3.36 -11.21 41.59
C ARG B 230 -3.09 -11.55 43.05
N ALA B 231 -3.23 -10.59 43.95
CA ALA B 231 -2.97 -10.81 45.37
C ALA B 231 -4.02 -11.69 46.04
N GLY B 232 -5.14 -11.95 45.38
CA GLY B 232 -6.17 -12.81 45.93
C GLY B 232 -7.32 -12.11 46.63
N LYS B 233 -7.43 -10.80 46.50
CA LYS B 233 -8.51 -10.07 47.14
C LYS B 233 -9.85 -10.38 46.48
N SER B 234 -10.92 -10.31 47.29
CA SER B 234 -12.26 -10.49 46.77
C SER B 234 -12.66 -9.28 45.93
N PRO B 235 -13.67 -9.43 45.07
CA PRO B 235 -14.06 -8.29 44.22
C PRO B 235 -14.45 -7.04 44.99
N GLU B 236 -14.98 -7.18 46.19
CA GLU B 236 -15.40 -6.00 46.95
C GLU B 236 -14.20 -5.15 47.39
N GLU B 237 -13.14 -5.79 47.86
CA GLU B 237 -11.95 -5.05 48.26
C GLU B 237 -11.30 -4.36 47.06
N VAL B 238 -11.26 -5.05 45.92
CA VAL B 238 -10.74 -4.45 44.70
C VAL B 238 -11.57 -3.24 44.31
N LYS B 239 -12.90 -3.38 44.37
CA LYS B 239 -13.78 -2.26 44.04
C LYS B 239 -13.52 -1.06 44.95
N ALA B 240 -13.38 -1.33 46.26
CA ALA B 240 -13.18 -0.23 47.21
C ALA B 240 -11.86 0.48 46.98
N ALA B 241 -10.78 -0.28 46.80
CA ALA B 241 -9.47 0.33 46.61
C ALA B 241 -9.40 1.10 45.29
N VAL B 242 -9.95 0.52 44.22
CA VAL B 242 -9.95 1.23 42.95
C VAL B 242 -10.81 2.48 43.04
N LYS B 243 -11.90 2.44 43.80
CA LYS B 243 -12.72 3.64 43.98
C LYS B 243 -11.95 4.74 44.71
N ALA B 244 -11.20 4.37 45.75
CA ALA B 244 -10.42 5.38 46.47
C ALA B 244 -9.35 5.99 45.56
N ARG B 245 -8.65 5.15 44.81
CA ARG B 245 -7.64 5.67 43.89
C ARG B 245 -8.28 6.55 42.82
N GLY B 246 -9.46 6.17 42.35
CA GLY B 246 -10.18 7.00 41.41
C GLY B 246 -10.61 8.33 41.97
N GLU B 247 -10.96 8.38 43.26
CA GLU B 247 -11.26 9.65 43.90
C GLU B 247 -10.05 10.57 43.92
N GLU B 248 -8.89 10.02 44.29
CA GLU B 248 -7.68 10.84 44.26
C GLU B 248 -7.37 11.34 42.85
N LEU B 249 -7.45 10.45 41.87
CA LEU B 249 -7.18 10.84 40.49
C LEU B 249 -8.23 11.83 39.99
N HIS B 250 -9.45 11.79 40.53
CA HIS B 250 -10.47 12.75 40.14
C HIS B 250 -10.16 14.13 40.70
N LYS B 251 -9.60 14.19 41.91
CA LYS B 251 -9.12 15.48 42.42
C LYS B 251 -8.02 16.04 41.52
N GLU B 252 -7.09 15.18 41.11
CA GLU B 252 -6.04 15.62 40.19
C GLU B 252 -6.65 16.10 38.86
N PHE B 253 -7.68 15.41 38.38
CA PHE B 253 -8.37 15.82 37.17
C PHE B 253 -9.02 17.17 37.33
N GLU B 254 -9.63 17.42 38.48
CA GLU B 254 -10.24 18.73 38.73
C GLU B 254 -9.20 19.83 38.62
N LYS B 255 -8.03 19.62 39.24
CA LYS B 255 -6.96 20.61 39.14
C LYS B 255 -6.54 20.83 37.68
N LEU B 256 -6.30 19.75 36.95
CA LEU B 256 -5.83 19.88 35.57
C LEU B 256 -6.88 20.54 34.68
N ALA B 257 -8.15 20.18 34.88
CA ALA B 257 -9.23 20.76 34.09
C ALA B 257 -9.37 22.25 34.35
N LEU B 258 -9.27 22.67 35.62
CA LEU B 258 -9.30 24.09 35.92
C LEU B 258 -8.15 24.82 35.23
N LYS B 259 -6.95 24.25 35.31
CA LYS B 259 -5.79 24.90 34.69
C LYS B 259 -5.97 25.03 33.19
N GLU B 260 -6.40 23.95 32.52
CA GLU B 260 -6.56 23.99 31.07
C GLU B 260 -7.68 24.93 30.65
N TYR B 261 -8.79 24.91 31.37
CA TYR B 261 -9.90 25.80 31.03
C TYR B 261 -9.50 27.26 31.17
N PHE B 262 -8.72 27.59 32.21
CA PHE B 262 -8.29 28.98 32.36
C PHE B 262 -7.18 29.35 31.38
N LYS B 263 -6.40 28.36 30.91
CA LYS B 263 -5.48 28.62 29.82
C LYS B 263 -6.24 28.99 28.54
N ARG B 264 -7.30 28.24 28.23
CA ARG B 264 -8.03 28.50 26.99
C ARG B 264 -8.91 29.74 27.09
N ARG B 265 -9.44 30.02 28.29
CA ARG B 265 -10.36 31.14 28.45
C ARG B 265 -9.68 32.48 28.27
N LEU B 266 -8.42 32.59 28.71
CA LEU B 266 -7.68 33.84 28.61
C LEU B 266 -6.96 34.00 27.29
N GLY B 267 -7.11 33.07 26.35
CA GLY B 267 -6.39 33.11 25.11
C GLY B 267 -4.96 32.61 25.17
N LEU B 268 -4.55 32.08 26.31
CA LEU B 268 -3.18 31.59 26.48
C LEU B 268 -2.93 30.36 25.62
N GLY C 20 -4.26 -25.99 -22.44
CA GLY C 20 -3.21 -26.93 -22.12
C GLY C 20 -1.85 -26.28 -21.95
N PRO C 21 -0.84 -27.08 -21.65
CA PRO C 21 0.51 -26.54 -21.45
C PRO C 21 1.10 -26.02 -22.75
N GLY C 22 2.02 -25.08 -22.62
CA GLY C 22 2.74 -24.53 -23.75
C GLY C 22 1.85 -23.86 -24.79
N GLY C 23 1.21 -22.77 -24.41
CA GLY C 23 0.37 -22.03 -25.34
C GLY C 23 0.57 -20.54 -25.28
N THR C 24 -0.28 -19.79 -25.97
CA THR C 24 -0.24 -18.34 -25.98
C THR C 24 -1.15 -17.78 -24.89
N MET C 25 -0.76 -16.63 -24.34
CA MET C 25 -1.57 -15.99 -23.31
C MET C 25 -2.99 -15.70 -23.80
N ALA C 26 -3.14 -15.33 -25.07
CA ALA C 26 -4.46 -15.12 -25.64
C ALA C 26 -5.17 -16.42 -25.97
N ALA C 27 -4.42 -17.48 -26.27
CA ALA C 27 -5.04 -18.77 -26.60
C ALA C 27 -5.57 -19.50 -25.38
N GLU C 28 -4.96 -19.30 -24.21
CA GLU C 28 -5.44 -19.97 -23.00
C GLU C 28 -6.82 -19.46 -22.61
N GLU C 29 -7.04 -18.14 -22.69
CA GLU C 29 -8.35 -17.59 -22.38
C GLU C 29 -9.41 -18.12 -23.33
N MET C 30 -9.08 -18.20 -24.62
CA MET C 30 -10.02 -18.75 -25.59
C MET C 30 -10.31 -20.22 -25.32
N GLU C 31 -9.28 -20.98 -24.91
CA GLU C 31 -9.50 -22.38 -24.55
C GLU C 31 -10.44 -22.50 -23.36
N LYS C 32 -10.26 -21.64 -22.37
CA LYS C 32 -11.16 -21.64 -21.21
C LYS C 32 -12.59 -21.31 -21.64
N ILE C 33 -12.75 -20.33 -22.52
CA ILE C 33 -14.09 -19.99 -23.01
C ILE C 33 -14.71 -21.17 -23.73
N PHE C 34 -13.92 -21.85 -24.57
CA PHE C 34 -14.42 -23.00 -25.31
C PHE C 34 -14.87 -24.12 -24.37
N ARG C 35 -14.06 -24.42 -23.36
CA ARG C 35 -14.44 -25.47 -22.41
C ARG C 35 -15.71 -25.10 -21.65
N ASP C 36 -15.82 -23.84 -21.22
CA ASP C 36 -17.01 -23.40 -20.51
C ASP C 36 -18.25 -23.53 -21.39
N LYS C 37 -18.14 -23.08 -22.64
CA LYS C 37 -19.28 -23.15 -23.55
C LYS C 37 -19.67 -24.59 -23.85
N LEU C 38 -18.70 -25.48 -24.01
CA LEU C 38 -19.01 -26.88 -24.24
C LEU C 38 -19.72 -27.50 -23.05
N PHE C 39 -19.22 -27.23 -21.84
CA PHE C 39 -19.86 -27.77 -20.63
C PHE C 39 -21.29 -27.28 -20.50
N HIS C 40 -21.51 -25.98 -20.70
CA HIS C 40 -22.86 -25.45 -20.53
C HIS C 40 -23.78 -25.85 -21.68
N LEU C 41 -23.24 -26.09 -22.88
CA LEU C 41 -24.05 -26.62 -23.97
C LEU C 41 -24.50 -28.03 -23.66
N HIS C 42 -23.62 -28.86 -23.11
CA HIS C 42 -24.05 -30.20 -22.70
C HIS C 42 -25.11 -30.12 -21.61
N GLN C 43 -24.93 -29.20 -20.66
CA GLN C 43 -25.94 -29.02 -19.62
C GLN C 43 -27.29 -28.64 -20.20
N LYS C 44 -27.30 -27.69 -21.15
CA LYS C 44 -28.55 -27.26 -21.76
C LYS C 44 -29.19 -28.37 -22.58
N LEU C 45 -28.38 -29.16 -23.29
CA LEU C 45 -28.91 -30.29 -24.03
C LEU C 45 -29.54 -31.32 -23.10
N ASP C 46 -28.89 -31.57 -21.97
CA ASP C 46 -29.46 -32.50 -20.98
C ASP C 46 -30.77 -31.96 -20.43
N GLU C 47 -30.83 -30.65 -20.16
CA GLU C 47 -32.06 -30.05 -19.68
C GLU C 47 -33.19 -30.17 -20.70
N ALA C 48 -32.87 -29.97 -21.98
CA ALA C 48 -33.88 -30.02 -23.02
C ALA C 48 -34.43 -31.42 -23.25
N GLY C 49 -33.76 -32.45 -22.74
CA GLY C 49 -34.25 -33.81 -22.88
C GLY C 49 -34.19 -34.33 -24.29
N LYS C 50 -32.98 -34.52 -24.82
CA LYS C 50 -32.78 -35.05 -26.16
C LYS C 50 -32.17 -36.44 -26.09
N SER C 51 -32.23 -37.15 -27.21
CA SER C 51 -31.65 -38.48 -27.30
C SER C 51 -30.12 -38.39 -27.30
N ALA C 52 -29.48 -39.53 -27.04
CA ALA C 52 -28.03 -39.57 -26.98
C ALA C 52 -27.40 -39.22 -28.32
N GLU C 53 -27.94 -39.75 -29.42
CA GLU C 53 -27.39 -39.45 -30.73
C GLU C 53 -27.58 -37.98 -31.09
N GLU C 54 -28.70 -37.39 -30.69
CA GLU C 54 -28.91 -35.96 -30.93
C GLU C 54 -27.90 -35.13 -30.14
N ILE C 55 -27.63 -35.52 -28.91
CA ILE C 55 -26.64 -34.81 -28.10
C ILE C 55 -25.26 -34.92 -28.73
N ALA C 56 -24.90 -36.11 -29.20
CA ALA C 56 -23.60 -36.29 -29.85
C ALA C 56 -23.50 -35.45 -31.12
N LYS C 57 -24.57 -35.40 -31.92
CA LYS C 57 -24.57 -34.58 -33.12
C LYS C 57 -24.42 -33.11 -32.79
N ALA C 58 -25.13 -32.63 -31.77
CA ALA C 58 -25.01 -31.23 -31.37
C ALA C 58 -23.60 -30.93 -30.89
N VAL C 59 -23.00 -31.84 -30.12
CA VAL C 59 -21.66 -31.62 -29.60
C VAL C 59 -20.65 -31.53 -30.73
N GLU C 60 -20.73 -32.46 -31.69
CA GLU C 60 -19.74 -32.43 -32.78
C GLU C 60 -19.94 -31.20 -33.66
N LEU C 61 -21.19 -30.80 -33.89
CA LEU C 61 -21.44 -29.59 -34.67
C LEU C 61 -20.87 -28.36 -33.97
N PHE C 62 -21.09 -28.26 -32.65
CA PHE C 62 -20.56 -27.13 -31.90
C PHE C 62 -19.04 -27.10 -31.92
N VAL C 63 -18.41 -28.26 -31.77
CA VAL C 63 -16.94 -28.30 -31.82
C VAL C 63 -16.44 -27.87 -33.20
N GLY C 64 -17.10 -28.35 -34.25
CA GLY C 64 -16.69 -27.97 -35.59
C GLY C 64 -16.78 -26.49 -35.85
N LEU C 65 -17.87 -25.85 -35.40
CA LEU C 65 -17.99 -24.41 -35.61
C LEU C 65 -17.06 -23.62 -34.72
N ALA C 66 -16.88 -24.06 -33.47
CA ALA C 66 -16.04 -23.33 -32.53
C ALA C 66 -14.57 -23.40 -32.93
N MET C 67 -14.14 -24.47 -33.60
CA MET C 67 -12.77 -24.51 -34.08
C MET C 67 -12.51 -23.44 -35.13
N ARG C 68 -13.45 -23.24 -36.05
CA ARG C 68 -13.30 -22.18 -37.05
C ARG C 68 -13.31 -20.81 -36.39
N ALA C 69 -14.22 -20.58 -35.44
CA ALA C 69 -14.23 -19.31 -34.73
C ALA C 69 -12.92 -19.09 -33.99
N PHE C 70 -12.38 -20.14 -33.37
CA PHE C 70 -11.11 -20.06 -32.65
C PHE C 70 -9.97 -19.70 -33.59
N ASP C 71 -9.94 -20.32 -34.78
CA ASP C 71 -8.90 -20.00 -35.75
C ASP C 71 -8.97 -18.55 -36.17
N TYR C 72 -10.17 -18.05 -36.47
CA TYR C 72 -10.31 -16.67 -36.90
C TYR C 72 -9.88 -15.70 -35.80
N ALA C 73 -10.35 -15.93 -34.58
CA ALA C 73 -10.00 -15.04 -33.47
C ALA C 73 -8.52 -15.10 -33.15
N LEU C 74 -7.91 -16.27 -33.23
CA LEU C 74 -6.47 -16.37 -32.99
C LEU C 74 -5.67 -15.63 -34.06
N HIS C 75 -6.11 -15.71 -35.32
CA HIS C 75 -5.45 -14.93 -36.36
C HIS C 75 -5.55 -13.44 -36.08
N ILE C 76 -6.72 -12.97 -35.65
CA ILE C 76 -6.88 -11.54 -35.36
C ILE C 76 -6.00 -11.13 -34.19
N ALA C 77 -5.96 -11.95 -33.13
CA ALA C 77 -5.14 -11.62 -31.96
C ALA C 77 -3.65 -11.61 -32.31
N GLU C 78 -3.20 -12.57 -33.13
CA GLU C 78 -1.82 -12.60 -33.55
C GLU C 78 -1.47 -11.40 -34.41
N ARG C 79 -2.38 -11.01 -35.30
CA ARG C 79 -2.16 -9.80 -36.10
C ARG C 79 -2.03 -8.58 -35.22
N GLY C 80 -2.87 -8.48 -34.19
CA GLY C 80 -2.75 -7.36 -33.27
C GLY C 80 -1.45 -7.39 -32.49
N LYS C 81 -0.99 -8.58 -32.09
CA LYS C 81 0.27 -8.70 -31.37
C LYS C 81 1.44 -8.30 -32.25
N GLU C 82 1.42 -8.67 -33.54
CA GLU C 82 2.54 -8.39 -34.41
C GLU C 82 2.69 -6.90 -34.68
N MET C 83 1.57 -6.19 -34.78
CA MET C 83 1.59 -4.73 -34.82
C MET C 83 1.75 -4.20 -33.40
N GLY C 84 1.56 -2.89 -33.23
CA GLY C 84 1.63 -2.28 -31.92
C GLY C 84 0.26 -1.93 -31.37
N ILE C 85 -0.71 -2.82 -31.56
CA ILE C 85 -2.08 -2.57 -31.15
C ILE C 85 -2.51 -3.62 -30.13
N PRO C 86 -2.34 -3.38 -28.83
CA PRO C 86 -2.85 -4.32 -27.82
C PRO C 86 -4.36 -4.44 -27.81
N THR C 87 -5.09 -3.49 -28.42
CA THR C 87 -6.54 -3.56 -28.42
C THR C 87 -7.05 -4.73 -29.26
N LEU C 88 -6.35 -5.04 -30.35
CA LEU C 88 -6.82 -6.08 -31.26
C LEU C 88 -6.84 -7.45 -30.59
N VAL C 89 -5.98 -7.68 -29.59
CA VAL C 89 -6.04 -8.94 -28.84
C VAL C 89 -7.37 -9.06 -28.12
N GLU C 90 -7.79 -7.99 -27.45
CA GLU C 90 -9.08 -8.01 -26.76
C GLU C 90 -10.23 -8.14 -27.75
N MET C 91 -10.12 -7.48 -28.90
CA MET C 91 -11.16 -7.62 -29.92
C MET C 91 -11.26 -9.06 -30.41
N GLY C 92 -10.11 -9.73 -30.58
CA GLY C 92 -10.13 -11.13 -30.96
C GLY C 92 -10.75 -12.02 -29.90
N LYS C 93 -10.46 -11.75 -28.63
CA LYS C 93 -11.09 -12.52 -27.55
C LYS C 93 -12.60 -12.33 -27.54
N ILE C 94 -13.06 -11.08 -27.70
CA ILE C 94 -14.49 -10.82 -27.76
C ILE C 94 -15.13 -11.54 -28.94
N LEU C 95 -14.45 -11.49 -30.09
CA LEU C 95 -14.96 -12.16 -31.28
C LEU C 95 -15.10 -13.65 -31.05
N PHE C 96 -14.10 -14.28 -30.43
CA PHE C 96 -14.22 -15.71 -30.16
C PHE C 96 -15.35 -16.00 -29.19
N LYS C 97 -15.49 -15.17 -28.16
CA LYS C 97 -16.56 -15.39 -27.19
C LYS C 97 -17.91 -15.40 -27.88
N TYR C 98 -18.17 -14.41 -28.73
CA TYR C 98 -19.48 -14.34 -29.36
C TYR C 98 -19.64 -15.35 -30.49
N GLY C 99 -18.56 -15.73 -31.16
CA GLY C 99 -18.63 -16.83 -32.12
C GLY C 99 -18.95 -18.15 -31.45
N ALA C 100 -18.36 -18.40 -30.28
CA ALA C 100 -18.69 -19.60 -29.52
C ALA C 100 -20.14 -19.58 -29.05
N LYS C 101 -20.63 -18.41 -28.64
CA LYS C 101 -22.04 -18.30 -28.27
C LYS C 101 -22.94 -18.61 -29.47
N LEU C 102 -22.61 -18.05 -30.64
CA LEU C 102 -23.41 -18.33 -31.83
C LEU C 102 -23.37 -19.80 -32.20
N ALA C 103 -22.19 -20.43 -32.09
CA ALA C 103 -22.08 -21.84 -32.39
C ALA C 103 -22.91 -22.70 -31.43
N ALA C 104 -22.89 -22.33 -30.14
CA ALA C 104 -23.67 -23.09 -29.16
C ALA C 104 -25.15 -22.97 -29.44
N GLU C 105 -25.64 -21.77 -29.76
CA GLU C 105 -27.05 -21.62 -30.12
C GLU C 105 -27.39 -22.35 -31.41
N LEU C 106 -26.48 -22.34 -32.40
CA LEU C 106 -26.73 -23.08 -33.64
C LEU C 106 -26.84 -24.58 -33.37
N ALA C 107 -25.96 -25.11 -32.53
CA ALA C 107 -26.04 -26.53 -32.18
C ALA C 107 -27.31 -26.84 -31.40
N LEU C 108 -27.69 -25.95 -30.48
CA LEU C 108 -28.90 -26.18 -29.70
C LEU C 108 -30.16 -26.13 -30.56
N ALA C 109 -30.18 -25.28 -31.58
CA ALA C 109 -31.35 -25.16 -32.44
C ALA C 109 -31.55 -26.36 -33.35
N GLY C 110 -30.56 -27.25 -33.45
CA GLY C 110 -30.69 -28.41 -34.30
C GLY C 110 -30.53 -28.15 -35.79
N LYS C 111 -29.84 -27.08 -36.17
CA LYS C 111 -29.62 -26.78 -37.57
C LYS C 111 -28.72 -27.84 -38.21
N SER C 112 -28.87 -28.00 -39.52
CA SER C 112 -28.02 -28.92 -40.25
C SER C 112 -26.59 -28.39 -40.32
N GLU C 113 -25.67 -29.27 -40.72
CA GLU C 113 -24.26 -28.90 -40.74
C GLU C 113 -23.99 -27.80 -41.77
N GLU C 114 -24.58 -27.90 -42.95
CA GLU C 114 -24.32 -26.93 -44.01
C GLU C 114 -24.84 -25.55 -43.64
N GLU C 115 -26.05 -25.49 -43.08
CA GLU C 115 -26.61 -24.19 -42.67
C GLU C 115 -25.77 -23.56 -41.57
N ALA C 116 -25.33 -24.38 -40.60
CA ALA C 116 -24.49 -23.86 -39.52
C ALA C 116 -23.17 -23.34 -40.06
N ARG C 117 -22.55 -24.06 -41.00
CA ARG C 117 -21.29 -23.60 -41.58
C ARG C 117 -21.48 -22.30 -42.34
N ALA C 118 -22.56 -22.19 -43.12
CA ALA C 118 -22.83 -20.96 -43.84
C ALA C 118 -23.06 -19.78 -42.88
N ALA C 119 -23.82 -20.02 -41.81
CA ALA C 119 -24.06 -18.96 -40.83
C ALA C 119 -22.77 -18.53 -40.17
N MET C 120 -21.89 -19.47 -39.83
CA MET C 120 -20.61 -19.12 -39.24
C MET C 120 -19.76 -18.31 -40.21
N ASP C 121 -19.77 -18.68 -41.48
CA ASP C 121 -19.02 -17.92 -42.48
C ASP C 121 -19.53 -16.48 -42.59
N ARG C 122 -20.85 -16.31 -42.63
CA ARG C 122 -21.42 -14.97 -42.69
C ARG C 122 -21.07 -14.17 -41.45
N PHE C 123 -21.13 -14.81 -40.28
CA PHE C 123 -20.76 -14.14 -39.03
C PHE C 123 -19.32 -13.66 -39.06
N LEU C 124 -18.40 -14.51 -39.53
CA LEU C 124 -17.00 -14.13 -39.59
C LEU C 124 -16.78 -12.97 -40.58
N SER C 125 -17.44 -13.03 -41.74
CA SER C 125 -17.29 -11.96 -42.72
C SER C 125 -17.79 -10.63 -42.17
N LEU C 126 -18.96 -10.62 -41.51
CA LEU C 126 -19.50 -9.37 -41.01
C LEU C 126 -18.72 -8.86 -39.81
N SER C 127 -18.14 -9.76 -39.01
CA SER C 127 -17.24 -9.33 -37.94
C SER C 127 -16.00 -8.68 -38.53
N ASP C 128 -15.50 -9.22 -39.64
CA ASP C 128 -14.38 -8.58 -40.33
C ASP C 128 -14.75 -7.19 -40.81
N TYR C 129 -15.97 -7.05 -41.36
CA TYR C 129 -16.48 -5.75 -41.76
C TYR C 129 -16.44 -4.75 -40.59
N LEU C 130 -16.99 -5.16 -39.45
CA LEU C 130 -17.02 -4.26 -38.29
C LEU C 130 -15.62 -3.93 -37.80
N LEU C 131 -14.71 -4.92 -37.82
CA LEU C 131 -13.33 -4.66 -37.41
C LEU C 131 -12.66 -3.63 -38.30
N GLU C 132 -12.83 -3.76 -39.62
CA GLU C 132 -12.25 -2.79 -40.54
C GLU C 132 -12.83 -1.41 -40.32
N ARG C 133 -14.14 -1.33 -40.05
CA ARG C 133 -14.72 -0.01 -39.79
C ARG C 133 -14.24 0.59 -38.47
N LEU C 134 -13.91 -0.25 -37.49
CA LEU C 134 -13.53 0.25 -36.17
C LEU C 134 -12.03 0.50 -36.01
N LEU C 135 -11.20 -0.01 -36.91
CA LEU C 135 -9.76 0.18 -36.77
C LEU C 135 -9.30 1.65 -36.73
N PRO C 136 -9.80 2.56 -37.58
CA PRO C 136 -9.35 3.96 -37.46
C PRO C 136 -9.60 4.57 -36.10
N TYR C 137 -10.71 4.21 -35.45
CA TYR C 137 -10.96 4.70 -34.09
C TYR C 137 -9.93 4.16 -33.12
N ILE C 138 -9.49 2.91 -33.30
CA ILE C 138 -8.43 2.36 -32.46
C ILE C 138 -7.14 3.14 -32.65
N GLU C 139 -6.80 3.45 -33.91
CA GLU C 139 -5.59 4.22 -34.16
C GLU C 139 -5.66 5.61 -33.52
N LEU C 140 -6.80 6.27 -33.67
CA LEU C 140 -6.98 7.60 -33.09
C LEU C 140 -6.90 7.55 -31.57
N ALA C 141 -7.53 6.54 -30.96
CA ALA C 141 -7.51 6.41 -29.50
C ALA C 141 -6.10 6.15 -28.98
N GLU C 142 -5.34 5.30 -29.68
CA GLU C 142 -4.00 4.98 -29.24
C GLU C 142 -3.00 6.09 -29.53
N ARG C 143 -3.31 6.98 -30.49
CA ARG C 143 -2.43 8.11 -30.73
C ARG C 143 -2.43 9.09 -29.56
N MET C 144 -3.59 9.31 -28.95
CA MET C 144 -3.71 10.24 -27.83
C MET C 144 -3.53 9.56 -26.47
N LYS C 145 -3.19 8.27 -26.45
CA LYS C 145 -2.93 7.53 -25.21
C LYS C 145 -4.09 7.66 -24.22
N SER C 146 -5.30 7.45 -24.72
CA SER C 146 -6.50 7.57 -23.90
C SER C 146 -7.05 6.19 -23.58
N PRO C 147 -6.90 5.71 -22.34
CA PRO C 147 -7.53 4.43 -21.98
C PRO C 147 -9.04 4.44 -22.10
N ALA C 148 -9.68 5.58 -21.82
CA ALA C 148 -11.13 5.66 -21.90
C ALA C 148 -11.62 5.46 -23.32
N LEU C 149 -10.91 6.01 -24.30
CA LEU C 149 -11.32 5.84 -25.69
C LEU C 149 -11.15 4.40 -26.14
N GLN C 150 -10.07 3.74 -25.71
CA GLN C 150 -9.89 2.33 -26.04
C GLN C 150 -10.98 1.47 -25.39
N GLU C 151 -11.35 1.78 -24.16
CA GLU C 151 -12.45 1.07 -23.51
C GLU C 151 -13.76 1.28 -24.26
N LEU C 152 -13.99 2.51 -24.75
CA LEU C 152 -15.19 2.79 -25.51
C LEU C 152 -15.21 1.99 -26.82
N VAL C 153 -14.07 1.91 -27.50
CA VAL C 153 -14.00 1.14 -28.74
C VAL C 153 -14.25 -0.33 -28.47
N LEU C 154 -13.68 -0.88 -27.39
CA LEU C 154 -13.93 -2.26 -27.03
C LEU C 154 -15.41 -2.51 -26.73
N TYR C 155 -16.04 -1.57 -26.01
CA TYR C 155 -17.46 -1.70 -25.70
C TYR C 155 -18.30 -1.66 -26.98
N ALA C 156 -17.96 -0.78 -27.90
CA ALA C 156 -18.68 -0.70 -29.17
C ALA C 156 -18.54 -1.99 -29.97
N PHE C 157 -17.33 -2.57 -29.99
CA PHE C 157 -17.14 -3.84 -30.66
C PHE C 157 -17.96 -4.94 -30.00
N LYS C 158 -18.03 -4.94 -28.67
CA LYS C 158 -18.82 -5.95 -27.97
C LYS C 158 -20.30 -5.83 -28.34
N GLU C 159 -20.83 -4.60 -28.35
CA GLU C 159 -22.24 -4.41 -28.69
C GLU C 159 -22.51 -4.78 -30.15
N GLY C 160 -21.61 -4.42 -31.05
CA GLY C 160 -21.76 -4.81 -32.44
C GLY C 160 -21.73 -6.31 -32.63
N MET C 161 -20.87 -7.00 -31.87
CA MET C 161 -20.82 -8.45 -31.92
C MET C 161 -22.12 -9.07 -31.41
N LYS C 162 -22.68 -8.52 -30.32
CA LYS C 162 -23.97 -8.99 -29.83
C LYS C 162 -25.05 -8.85 -30.90
N LEU C 163 -25.15 -7.66 -31.49
CA LEU C 163 -26.16 -7.42 -32.51
C LEU C 163 -25.96 -8.33 -33.71
N LEU C 164 -24.72 -8.50 -34.15
CA LEU C 164 -24.44 -9.34 -35.30
C LEU C 164 -24.80 -10.80 -35.04
N ALA C 165 -24.44 -11.31 -33.86
CA ALA C 165 -24.78 -12.69 -33.54
C ALA C 165 -26.29 -12.88 -33.49
N GLU C 166 -27.01 -11.95 -32.87
CA GLU C 166 -28.46 -12.06 -32.81
C GLU C 166 -29.08 -12.02 -34.20
N LEU C 167 -28.60 -11.12 -35.06
CA LEU C 167 -29.16 -11.01 -36.40
C LEU C 167 -28.87 -12.26 -37.23
N ILE C 168 -27.66 -12.82 -37.10
CA ILE C 168 -27.33 -14.04 -37.83
C ILE C 168 -28.19 -15.20 -37.34
N LEU C 169 -28.43 -15.27 -36.02
CA LEU C 169 -29.33 -16.29 -35.50
C LEU C 169 -30.73 -16.13 -36.05
N ALA C 170 -31.22 -14.89 -36.13
CA ALA C 170 -32.58 -14.63 -36.59
C ALA C 170 -32.77 -14.94 -38.07
N GLY C 171 -31.70 -15.17 -38.83
CA GLY C 171 -31.82 -15.49 -40.23
C GLY C 171 -32.08 -14.28 -41.10
N LYS C 172 -31.18 -13.30 -41.04
CA LYS C 172 -31.29 -12.07 -41.81
C LYS C 172 -30.28 -12.07 -42.94
N SER C 173 -30.60 -11.32 -44.00
CA SER C 173 -29.72 -11.24 -45.15
C SER C 173 -28.49 -10.40 -44.83
N ASP C 174 -27.49 -10.52 -45.69
CA ASP C 174 -26.23 -9.79 -45.49
C ASP C 174 -26.36 -8.29 -45.76
N GLU C 175 -27.48 -7.84 -46.32
CA GLU C 175 -27.67 -6.42 -46.58
C GLU C 175 -28.32 -5.71 -45.40
N GLU C 176 -29.34 -6.32 -44.79
CA GLU C 176 -29.98 -5.72 -43.62
C GLU C 176 -29.00 -5.60 -42.46
N ILE C 177 -28.18 -6.64 -42.27
CA ILE C 177 -27.18 -6.60 -41.20
C ILE C 177 -26.17 -5.49 -41.45
N GLN C 178 -25.74 -5.33 -42.70
CA GLN C 178 -24.78 -4.27 -43.03
C GLN C 178 -25.40 -2.90 -42.82
N ALA C 179 -26.67 -2.73 -43.15
CA ALA C 179 -27.34 -1.44 -42.92
C ALA C 179 -27.44 -1.15 -41.43
N LYS C 180 -27.78 -2.16 -40.62
CA LYS C 180 -27.85 -1.96 -39.17
C LYS C 180 -26.48 -1.61 -38.61
N LEU C 181 -25.43 -2.26 -39.11
CA LEU C 181 -24.07 -1.95 -38.66
C LEU C 181 -23.68 -0.54 -39.05
N ASP C 182 -24.10 -0.09 -40.24
CA ASP C 182 -23.82 1.27 -40.66
C ASP C 182 -24.49 2.28 -39.74
N ALA C 183 -25.75 2.04 -39.38
CA ALA C 183 -26.43 2.94 -38.44
C ALA C 183 -25.74 2.94 -37.08
N PHE C 184 -25.33 1.77 -36.61
CA PHE C 184 -24.64 1.67 -35.33
C PHE C 184 -23.34 2.45 -35.35
N LEU C 185 -22.58 2.35 -36.44
CA LEU C 185 -21.33 3.11 -36.55
C LEU C 185 -21.59 4.60 -36.66
N ALA C 186 -22.68 4.99 -37.31
CA ALA C 186 -23.06 6.41 -37.35
C ALA C 186 -23.28 6.95 -35.94
N GLY C 187 -23.98 6.18 -35.10
CA GLY C 187 -24.13 6.59 -33.71
C GLY C 187 -22.81 6.58 -32.94
N PHE C 188 -21.97 5.57 -33.20
CA PHE C 188 -20.72 5.45 -32.46
C PHE C 188 -19.77 6.59 -32.77
N ASP C 189 -19.84 7.16 -33.98
CA ASP C 189 -18.99 8.32 -34.29
C ASP C 189 -19.28 9.47 -33.33
N VAL C 190 -20.56 9.78 -33.14
CA VAL C 190 -20.95 10.85 -32.22
C VAL C 190 -20.55 10.50 -30.79
N ALA C 191 -20.77 9.24 -30.38
CA ALA C 191 -20.39 8.84 -29.04
C ALA C 191 -18.88 9.02 -28.81
N PHE C 192 -18.08 8.61 -29.79
CA PHE C 192 -16.63 8.74 -29.69
C PHE C 192 -16.21 10.20 -29.61
N GLU C 193 -16.82 11.07 -30.43
CA GLU C 193 -16.49 12.49 -30.37
C GLU C 193 -16.81 13.09 -29.01
N PHE C 194 -17.99 12.76 -28.47
CA PHE C 194 -18.37 13.23 -27.14
C PHE C 194 -17.35 12.79 -26.09
N THR C 195 -17.03 11.49 -26.08
CA THR C 195 -16.11 10.97 -25.07
C THR C 195 -14.73 11.59 -25.20
N LEU C 196 -14.24 11.75 -26.42
CA LEU C 196 -12.92 12.35 -26.63
C LEU C 196 -12.89 13.78 -26.15
N ASP C 197 -13.86 14.58 -26.53
CA ASP C 197 -13.91 15.94 -26.03
C ASP C 197 -13.83 15.96 -24.53
N ILE C 198 -14.72 15.25 -23.86
CA ILE C 198 -14.71 15.33 -22.40
C ILE C 198 -13.39 14.82 -21.83
N ASP C 199 -12.85 13.75 -22.42
CA ASP C 199 -11.68 13.09 -21.83
C ASP C 199 -10.42 13.93 -21.96
N VAL C 200 -10.27 14.70 -23.04
CA VAL C 200 -9.09 15.53 -23.19
C VAL C 200 -9.00 16.55 -22.05
N ILE C 201 -10.10 17.26 -21.80
CA ILE C 201 -10.09 18.27 -20.74
C ILE C 201 -10.06 17.62 -19.37
N GLY C 202 -10.63 16.42 -19.22
CA GLY C 202 -10.53 15.72 -17.95
C GLY C 202 -9.10 15.32 -17.62
N ARG C 203 -8.35 14.88 -18.63
CA ARG C 203 -6.96 14.47 -18.39
C ARG C 203 -6.06 15.69 -18.20
N GLU C 204 -6.30 16.76 -18.95
CA GLU C 204 -5.42 17.93 -18.83
C GLU C 204 -5.60 18.64 -17.50
N LEU C 205 -6.84 18.74 -17.01
CA LEU C 205 -7.09 19.39 -15.73
C LEU C 205 -6.80 18.49 -14.53
N ASP C 206 -6.49 17.22 -14.77
CA ASP C 206 -6.20 16.25 -13.71
C ASP C 206 -7.40 16.14 -12.76
N ILE C 207 -8.50 15.64 -13.31
CA ILE C 207 -9.71 15.36 -12.55
C ILE C 207 -10.25 14.01 -13.00
N PRO C 208 -9.98 12.92 -12.26
CA PRO C 208 -10.44 11.60 -12.72
C PRO C 208 -11.96 11.47 -12.81
N GLU C 209 -12.70 12.27 -12.05
CA GLU C 209 -14.15 12.20 -12.12
C GLU C 209 -14.67 12.56 -13.51
N LEU C 210 -14.03 13.52 -14.16
CA LEU C 210 -14.44 13.89 -15.52
C LEU C 210 -14.19 12.74 -16.49
N VAL C 211 -13.07 12.03 -16.33
CA VAL C 211 -12.79 10.88 -17.19
C VAL C 211 -13.81 9.76 -16.96
N GLU C 212 -14.15 9.51 -15.70
CA GLU C 212 -15.16 8.49 -15.40
C GLU C 212 -16.51 8.87 -15.99
N PHE C 213 -16.88 10.16 -15.88
CA PHE C 213 -18.11 10.63 -16.48
C PHE C 213 -18.09 10.45 -18.00
N ALA C 214 -16.95 10.77 -18.62
CA ALA C 214 -16.81 10.60 -20.07
C ALA C 214 -17.04 9.15 -20.46
N LEU C 215 -16.38 8.22 -19.76
CA LEU C 215 -16.53 6.80 -20.11
C LEU C 215 -17.97 6.34 -19.92
N GLU C 216 -18.59 6.68 -18.79
CA GLU C 216 -19.94 6.22 -18.51
C GLU C 216 -20.94 6.77 -19.52
N LYS C 217 -20.85 8.07 -19.84
CA LYS C 217 -21.81 8.65 -20.75
C LYS C 217 -21.55 8.24 -22.19
N GLY C 218 -20.29 7.97 -22.55
CA GLY C 218 -20.03 7.40 -23.85
C GLY C 218 -20.61 6.01 -23.99
N LYS C 219 -20.52 5.20 -22.92
CA LYS C 219 -21.16 3.89 -22.94
C LYS C 219 -22.67 4.02 -23.08
N GLU C 220 -23.26 5.00 -22.38
CA GLU C 220 -24.69 5.24 -22.53
C GLU C 220 -25.05 5.61 -23.97
N LEU C 221 -24.25 6.48 -24.59
CA LEU C 221 -24.51 6.87 -25.98
C LEU C 221 -24.37 5.69 -26.92
N VAL C 222 -23.37 4.83 -26.69
CA VAL C 222 -23.20 3.64 -27.53
C VAL C 222 -24.40 2.71 -27.38
N LYS C 223 -24.88 2.53 -26.15
CA LYS C 223 -26.06 1.70 -25.94
C LYS C 223 -27.28 2.27 -26.66
N LEU C 224 -27.47 3.58 -26.59
CA LEU C 224 -28.58 4.22 -27.29
C LEU C 224 -28.46 4.04 -28.80
N ALA C 225 -27.24 4.20 -29.33
CA ALA C 225 -27.04 4.04 -30.76
C ALA C 225 -27.34 2.61 -31.20
N LEU C 226 -26.89 1.62 -30.41
CA LEU C 226 -27.17 0.23 -30.75
C LEU C 226 -28.67 -0.07 -30.69
N GLU C 227 -29.36 0.46 -29.67
CA GLU C 227 -30.80 0.24 -29.57
C GLU C 227 -31.52 0.87 -30.76
N LEU C 228 -31.09 2.05 -31.19
CA LEU C 228 -31.69 2.68 -32.36
C LEU C 228 -31.42 1.87 -33.62
N ALA C 229 -30.20 1.38 -33.78
CA ALA C 229 -29.86 0.60 -34.98
C ALA C 229 -30.66 -0.69 -35.03
N ARG C 230 -30.86 -1.33 -33.88
CA ARG C 230 -31.65 -2.56 -33.84
C ARG C 230 -33.08 -2.32 -34.29
N ALA C 231 -33.65 -1.17 -33.94
CA ALA C 231 -35.02 -0.84 -34.31
C ALA C 231 -35.20 -0.60 -35.80
N GLY C 232 -34.11 -0.47 -36.55
CA GLY C 232 -34.20 -0.31 -37.99
C GLY C 232 -34.11 1.11 -38.51
N LYS C 233 -33.70 2.07 -37.68
CA LYS C 233 -33.60 3.45 -38.12
C LYS C 233 -32.42 3.64 -39.08
N SER C 234 -32.54 4.67 -39.92
CA SER C 234 -31.47 5.02 -40.82
C SER C 234 -30.31 5.67 -40.06
N PRO C 235 -29.11 5.71 -40.64
CA PRO C 235 -27.99 6.33 -39.94
C PRO C 235 -28.22 7.79 -39.58
N GLU C 236 -29.00 8.53 -40.37
CA GLU C 236 -29.24 9.93 -40.07
C GLU C 236 -30.07 10.09 -38.80
N GLU C 237 -31.10 9.28 -38.64
CA GLU C 237 -31.91 9.33 -37.42
C GLU C 237 -31.10 8.98 -36.19
N VAL C 238 -30.25 7.95 -36.31
CA VAL C 238 -29.39 7.55 -35.20
C VAL C 238 -28.44 8.70 -34.85
N LYS C 239 -27.84 9.32 -35.87
CA LYS C 239 -26.94 10.43 -35.63
C LYS C 239 -27.65 11.57 -34.90
N ALA C 240 -28.86 11.91 -35.35
CA ALA C 240 -29.59 13.03 -34.74
C ALA C 240 -29.94 12.73 -33.28
N ALA C 241 -30.46 11.53 -33.01
CA ALA C 241 -30.87 11.21 -31.65
C ALA C 241 -29.66 11.11 -30.71
N VAL C 242 -28.57 10.50 -31.18
CA VAL C 242 -27.37 10.43 -30.35
C VAL C 242 -26.81 11.82 -30.11
N LYS C 243 -26.92 12.72 -31.10
CA LYS C 243 -26.47 14.09 -30.89
C LYS C 243 -27.30 14.80 -29.82
N ALA C 244 -28.61 14.60 -29.84
CA ALA C 244 -29.47 15.22 -28.82
C ALA C 244 -29.12 14.71 -27.43
N ARG C 245 -28.99 13.38 -27.30
CA ARG C 245 -28.62 12.81 -26.00
C ARG C 245 -27.25 13.31 -25.56
N GLY C 246 -26.32 13.46 -26.50
CA GLY C 246 -25.01 13.98 -26.18
C GLY C 246 -25.06 15.41 -25.70
N GLU C 247 -25.96 16.22 -26.27
CA GLU C 247 -26.14 17.58 -25.79
C GLU C 247 -26.62 17.60 -24.34
N GLU C 248 -27.61 16.75 -24.01
CA GLU C 248 -28.08 16.68 -22.63
C GLU C 248 -26.95 16.25 -21.69
N LEU C 249 -26.22 15.21 -22.07
CA LEU C 249 -25.10 14.75 -21.25
C LEU C 249 -23.99 15.78 -21.17
N HIS C 250 -23.86 16.64 -22.19
CA HIS C 250 -22.88 17.72 -22.16
C HIS C 250 -23.26 18.77 -21.14
N LYS C 251 -24.56 19.08 -21.03
CA LYS C 251 -25.00 19.98 -19.97
C LYS C 251 -24.70 19.39 -18.60
N GLU C 252 -24.98 18.10 -18.42
CA GLU C 252 -24.63 17.44 -17.16
C GLU C 252 -23.13 17.52 -16.90
N PHE C 253 -22.32 17.34 -17.94
CA PHE C 253 -20.87 17.45 -17.80
C PHE C 253 -20.45 18.85 -17.40
N GLU C 254 -21.11 19.87 -17.95
CA GLU C 254 -20.79 21.24 -17.57
C GLU C 254 -21.01 21.45 -16.08
N LYS C 255 -22.16 20.96 -15.58
CA LYS C 255 -22.43 21.09 -14.14
C LYS C 255 -21.36 20.36 -13.32
N LEU C 256 -21.05 19.12 -13.69
CA LEU C 256 -20.09 18.34 -12.91
C LEU C 256 -18.70 18.95 -12.96
N ALA C 257 -18.29 19.45 -14.13
CA ALA C 257 -16.99 20.08 -14.27
C ALA C 257 -16.88 21.34 -13.43
N LEU C 258 -17.93 22.16 -13.42
CA LEU C 258 -17.91 23.34 -12.55
C LEU C 258 -17.78 22.95 -11.09
N LYS C 259 -18.54 21.94 -10.66
CA LYS C 259 -18.48 21.51 -9.27
C LYS C 259 -17.08 21.03 -8.90
N GLU C 260 -16.49 20.18 -9.75
CA GLU C 260 -15.17 19.63 -9.44
C GLU C 260 -14.09 20.69 -9.48
N TYR C 261 -14.16 21.62 -10.44
CA TYR C 261 -13.19 22.69 -10.51
C TYR C 261 -13.25 23.57 -9.26
N PHE C 262 -14.46 23.86 -8.78
CA PHE C 262 -14.56 24.68 -7.59
C PHE C 262 -14.20 23.91 -6.32
N LYS C 263 -14.34 22.58 -6.34
CA LYS C 263 -13.79 21.78 -5.26
C LYS C 263 -12.27 21.88 -5.22
N ARG C 264 -11.63 21.79 -6.39
CA ARG C 264 -10.16 21.85 -6.45
C ARG C 264 -9.65 23.25 -6.11
N ARG C 265 -10.31 24.29 -6.62
CA ARG C 265 -9.81 25.65 -6.48
C ARG C 265 -9.81 26.11 -5.03
N LEU C 266 -10.85 25.74 -4.27
CA LEU C 266 -10.98 26.18 -2.89
C LEU C 266 -10.20 25.31 -1.91
N GLY C 267 -9.47 24.31 -2.40
CA GLY C 267 -8.75 23.41 -1.52
C GLY C 267 -9.60 22.31 -0.93
N LEU C 268 -10.86 22.18 -1.35
CA LEU C 268 -11.76 21.15 -0.83
C LEU C 268 -11.33 19.76 -1.29
N GLY D 20 12.82 -2.78 4.11
CA GLY D 20 12.28 -3.55 3.00
C GLY D 20 10.78 -3.43 2.86
N PRO D 21 10.20 -4.21 1.94
CA PRO D 21 8.75 -4.13 1.74
C PRO D 21 7.96 -4.76 2.89
N GLY D 22 7.90 -4.06 4.01
CA GLY D 22 7.19 -4.53 5.18
C GLY D 22 8.09 -4.49 6.41
N GLY D 23 7.46 -4.44 7.57
CA GLY D 23 8.15 -4.42 8.84
C GLY D 23 7.75 -3.23 9.69
N THR D 24 8.43 -3.11 10.82
CA THR D 24 8.20 -2.05 11.79
C THR D 24 8.87 -0.76 11.34
N MET D 25 8.21 0.37 11.61
CA MET D 25 8.79 1.66 11.22
C MET D 25 10.04 1.99 12.01
N ALA D 26 10.26 1.33 13.15
CA ALA D 26 11.53 1.42 13.84
C ALA D 26 12.59 0.51 13.25
N ALA D 27 12.17 -0.58 12.58
CA ALA D 27 13.12 -1.46 11.91
C ALA D 27 13.62 -0.88 10.60
N GLU D 28 12.82 -0.05 9.93
CA GLU D 28 13.25 0.56 8.67
C GLU D 28 14.42 1.52 8.89
N GLU D 29 14.37 2.31 9.97
CA GLU D 29 15.46 3.22 10.27
C GLU D 29 16.75 2.44 10.54
N MET D 30 16.65 1.34 11.29
CA MET D 30 17.84 0.54 11.56
C MET D 30 18.35 -0.13 10.28
N GLU D 31 17.45 -0.54 9.39
CA GLU D 31 17.89 -1.10 8.12
C GLU D 31 18.65 -0.06 7.29
N LYS D 32 18.15 1.18 7.28
CA LYS D 32 18.85 2.25 6.58
C LYS D 32 20.24 2.48 7.18
N ILE D 33 20.33 2.50 8.52
CA ILE D 33 21.62 2.68 9.18
C ILE D 33 22.56 1.54 8.81
N PHE D 34 22.06 0.31 8.79
CA PHE D 34 22.90 -0.84 8.45
C PHE D 34 23.42 -0.74 7.03
N ARG D 35 22.55 -0.38 6.08
CA ARG D 35 23.00 -0.24 4.69
C ARG D 35 24.04 0.86 4.55
N ASP D 36 23.81 2.00 5.21
CA ASP D 36 24.78 3.10 5.13
C ASP D 36 26.12 2.69 5.71
N LYS D 37 26.12 2.02 6.86
CA LYS D 37 27.37 1.59 7.47
C LYS D 37 28.09 0.59 6.60
N LEU D 38 27.36 -0.35 5.99
CA LEU D 38 27.98 -1.33 5.10
C LEU D 38 28.63 -0.65 3.90
N PHE D 39 27.91 0.28 3.27
CA PHE D 39 28.45 0.98 2.11
C PHE D 39 29.71 1.77 2.46
N HIS D 40 29.67 2.50 3.57
CA HIS D 40 30.84 3.30 3.94
C HIS D 40 31.98 2.45 4.44
N LEU D 41 31.69 1.29 5.03
CA LEU D 41 32.75 0.35 5.41
C LEU D 41 33.44 -0.20 4.17
N HIS D 42 32.68 -0.52 3.13
CA HIS D 42 33.31 -0.96 1.89
C HIS D 42 34.17 0.16 1.30
N GLN D 43 33.68 1.41 1.35
CA GLN D 43 34.49 2.53 0.91
C GLN D 43 35.80 2.61 1.68
N LYS D 44 35.74 2.51 3.01
CA LYS D 44 36.94 2.62 3.83
C LYS D 44 37.90 1.46 3.58
N LEU D 45 37.36 0.25 3.39
CA LEU D 45 38.22 -0.90 3.08
C LEU D 45 38.92 -0.72 1.75
N ASP D 46 38.20 -0.19 0.75
CA ASP D 46 38.83 0.09 -0.54
C ASP D 46 39.92 1.15 -0.40
N GLU D 47 39.65 2.20 0.38
CA GLU D 47 40.64 3.26 0.58
C GLU D 47 41.89 2.72 1.28
N ALA D 48 41.71 1.83 2.25
CA ALA D 48 42.83 1.30 3.00
C ALA D 48 43.73 0.39 2.17
N GLY D 49 43.29 -0.03 0.99
CA GLY D 49 44.10 -0.86 0.13
C GLY D 49 44.31 -2.26 0.67
N LYS D 50 43.23 -3.04 0.74
CA LYS D 50 43.28 -4.40 1.23
C LYS D 50 42.98 -5.38 0.10
N SER D 51 43.35 -6.64 0.34
CA SER D 51 43.09 -7.69 -0.64
C SER D 51 41.60 -8.03 -0.67
N ALA D 52 41.19 -8.73 -1.72
CA ALA D 52 39.78 -9.06 -1.89
C ALA D 52 39.28 -9.99 -0.78
N GLU D 53 40.10 -10.98 -0.40
CA GLU D 53 39.70 -11.90 0.66
C GLU D 53 39.62 -11.20 2.00
N GLU D 54 40.53 -10.24 2.25
CA GLU D 54 40.45 -9.46 3.49
C GLU D 54 39.18 -8.61 3.51
N ILE D 55 38.81 -8.03 2.38
CA ILE D 55 37.58 -7.25 2.30
C ILE D 55 36.37 -8.14 2.56
N ALA D 56 36.37 -9.34 1.98
CA ALA D 56 35.26 -10.27 2.21
C ALA D 56 35.17 -10.67 3.69
N LYS D 57 36.32 -10.93 4.32
CA LYS D 57 36.33 -11.27 5.73
C LYS D 57 35.80 -10.13 6.59
N ALA D 58 36.23 -8.90 6.30
CA ALA D 58 35.74 -7.75 7.06
C ALA D 58 34.24 -7.57 6.87
N VAL D 59 33.75 -7.76 5.64
CA VAL D 59 32.33 -7.58 5.37
C VAL D 59 31.50 -8.62 6.13
N GLU D 60 31.93 -9.89 6.10
CA GLU D 60 31.15 -10.91 6.79
C GLU D 60 31.20 -10.72 8.30
N LEU D 61 32.36 -10.31 8.84
CA LEU D 61 32.44 -10.01 10.26
C LEU D 61 31.52 -8.87 10.65
N PHE D 62 31.50 -7.80 9.85
CA PHE D 62 30.63 -6.68 10.15
C PHE D 62 29.16 -7.08 10.10
N VAL D 63 28.77 -7.86 9.09
CA VAL D 63 27.37 -8.29 9.01
C VAL D 63 27.02 -9.15 10.22
N GLY D 64 27.90 -10.06 10.61
CA GLY D 64 27.63 -10.90 11.76
C GLY D 64 27.44 -10.11 13.04
N LEU D 65 28.30 -9.12 13.28
CA LEU D 65 28.16 -8.32 14.51
C LEU D 65 26.94 -7.41 14.44
N ALA D 66 26.67 -6.82 13.27
CA ALA D 66 25.56 -5.90 13.14
C ALA D 66 24.22 -6.61 13.27
N MET D 67 24.15 -7.90 12.91
CA MET D 67 22.90 -8.62 13.12
C MET D 67 22.59 -8.77 14.60
N ARG D 68 23.60 -9.08 15.42
CA ARG D 68 23.38 -9.15 16.86
C ARG D 68 22.98 -7.79 17.43
N ALA D 69 23.67 -6.73 17.01
CA ALA D 69 23.30 -5.40 17.47
C ALA D 69 21.87 -5.04 17.07
N PHE D 70 21.48 -5.40 15.84
CA PHE D 70 20.14 -5.15 15.35
C PHE D 70 19.10 -5.90 16.18
N ASP D 71 19.37 -7.16 16.50
CA ASP D 71 18.45 -7.94 17.31
C ASP D 71 18.27 -7.31 18.69
N TYR D 72 19.37 -6.92 19.33
CA TYR D 72 19.29 -6.34 20.66
C TYR D 72 18.51 -5.02 20.64
N ALA D 73 18.82 -4.16 19.68
CA ALA D 73 18.14 -2.86 19.59
C ALA D 73 16.66 -3.03 19.26
N LEU D 74 16.33 -3.98 18.38
CA LEU D 74 14.93 -4.24 18.06
C LEU D 74 14.18 -4.75 19.28
N HIS D 75 14.81 -5.60 20.08
CA HIS D 75 14.19 -6.04 21.33
C HIS D 75 13.92 -4.86 22.26
N ILE D 76 14.89 -3.95 22.40
CA ILE D 76 14.69 -2.80 23.27
C ILE D 76 13.55 -1.91 22.75
N ALA D 77 13.53 -1.66 21.44
CA ALA D 77 12.49 -0.81 20.87
C ALA D 77 11.11 -1.45 21.02
N GLU D 78 11.02 -2.76 20.81
CA GLU D 78 9.74 -3.45 20.98
C GLU D 78 9.29 -3.43 22.44
N ARG D 79 10.22 -3.59 23.38
CA ARG D 79 9.86 -3.48 24.79
C ARG D 79 9.35 -2.09 25.12
N GLY D 80 9.99 -1.06 24.56
CA GLY D 80 9.51 0.30 24.79
C GLY D 80 8.14 0.54 24.19
N LYS D 81 7.89 -0.01 23.01
CA LYS D 81 6.58 0.16 22.36
C LYS D 81 5.50 -0.59 23.12
N GLU D 82 5.84 -1.74 23.71
CA GLU D 82 4.84 -2.51 24.45
C GLU D 82 4.39 -1.77 25.71
N MET D 83 5.33 -1.12 26.39
CA MET D 83 4.99 -0.24 27.50
C MET D 83 4.52 1.10 26.94
N GLY D 84 4.40 2.09 27.82
CA GLY D 84 4.01 3.43 27.39
C GLY D 84 5.18 4.39 27.38
N ILE D 85 6.32 3.93 26.90
CA ILE D 85 7.55 4.72 26.90
C ILE D 85 8.04 4.92 25.47
N PRO D 86 7.63 6.00 24.80
CA PRO D 86 8.16 6.27 23.45
C PRO D 86 9.65 6.58 23.43
N THR D 87 10.23 6.94 24.58
CA THR D 87 11.66 7.25 24.62
C THR D 87 12.52 6.02 24.36
N LEU D 88 12.05 4.84 24.79
CA LEU D 88 12.85 3.63 24.63
C LEU D 88 13.04 3.25 23.16
N VAL D 89 12.10 3.63 22.28
CA VAL D 89 12.28 3.37 20.86
C VAL D 89 13.47 4.16 20.31
N GLU D 90 13.52 5.44 20.64
CA GLU D 90 14.65 6.27 20.22
C GLU D 90 15.95 5.78 20.85
N MET D 91 15.88 5.34 22.09
CA MET D 91 17.07 4.83 22.76
C MET D 91 17.58 3.56 22.07
N GLY D 92 16.65 2.70 21.63
CA GLY D 92 17.06 1.52 20.86
C GLY D 92 17.67 1.88 19.52
N LYS D 93 17.12 2.89 18.85
CA LYS D 93 17.72 3.35 17.59
C LYS D 93 19.14 3.88 17.82
N ILE D 94 19.34 4.66 18.88
CA ILE D 94 20.68 5.14 19.22
C ILE D 94 21.61 3.98 19.50
N LEU D 95 21.12 2.98 20.25
CA LEU D 95 21.95 1.82 20.56
C LEU D 95 22.37 1.08 19.30
N PHE D 96 21.45 0.89 18.36
CA PHE D 96 21.82 0.20 17.13
C PHE D 96 22.81 1.03 16.32
N LYS D 97 22.62 2.34 16.26
CA LYS D 97 23.56 3.17 15.53
C LYS D 97 24.97 3.01 16.08
N TYR D 98 25.12 3.06 17.40
CA TYR D 98 26.47 2.98 17.95
C TYR D 98 27.02 1.56 17.95
N GLY D 99 26.15 0.54 18.03
CA GLY D 99 26.62 -0.82 17.86
C GLY D 99 27.10 -1.10 16.45
N ALA D 100 26.39 -0.56 15.45
CA ALA D 100 26.85 -0.68 14.07
C ALA D 100 28.17 0.04 13.87
N LYS D 101 28.33 1.20 14.51
CA LYS D 101 29.62 1.89 14.47
C LYS D 101 30.73 1.04 15.07
N LEU D 102 30.46 0.43 16.25
CA LEU D 102 31.47 -0.41 16.87
C LEU D 102 31.81 -1.60 15.99
N ALA D 103 30.80 -2.20 15.35
CA ALA D 103 31.05 -3.32 14.45
C ALA D 103 31.89 -2.88 13.27
N ALA D 104 31.64 -1.69 12.71
CA ALA D 104 32.41 -1.21 11.57
C ALA D 104 33.88 -1.03 11.94
N GLU D 105 34.15 -0.38 13.08
CA GLU D 105 35.54 -0.24 13.52
C GLU D 105 36.17 -1.59 13.86
N LEU D 106 35.40 -2.53 14.44
CA LEU D 106 35.97 -3.84 14.73
C LEU D 106 36.36 -4.56 13.45
N ALA D 107 35.51 -4.49 12.42
CA ALA D 107 35.83 -5.11 11.14
C ALA D 107 37.02 -4.43 10.46
N LEU D 108 37.09 -3.09 10.55
CA LEU D 108 38.18 -2.37 9.90
C LEU D 108 39.51 -2.63 10.60
N ALA D 109 39.49 -2.84 11.92
CA ALA D 109 40.72 -3.06 12.67
C ALA D 109 41.34 -4.42 12.43
N GLY D 110 40.61 -5.36 11.82
CA GLY D 110 41.15 -6.67 11.56
C GLY D 110 41.10 -7.65 12.72
N LYS D 111 40.22 -7.40 13.69
CA LYS D 111 40.11 -8.31 14.83
C LYS D 111 39.55 -9.66 14.39
N SER D 112 39.94 -10.71 15.12
CA SER D 112 39.44 -12.03 14.83
C SER D 112 37.97 -12.13 15.22
N GLU D 113 37.34 -13.22 14.79
CA GLU D 113 35.90 -13.40 15.02
C GLU D 113 35.59 -13.51 16.51
N GLU D 114 36.40 -14.28 17.25
CA GLU D 114 36.14 -14.47 18.67
C GLU D 114 36.27 -13.18 19.45
N GLU D 115 37.33 -12.41 19.19
CA GLU D 115 37.53 -11.14 19.88
C GLU D 115 36.41 -10.16 19.56
N ALA D 116 36.01 -10.09 18.29
CA ALA D 116 34.92 -9.19 17.92
C ALA D 116 33.62 -9.58 18.60
N ARG D 117 33.33 -10.89 18.65
CA ARG D 117 32.11 -11.34 19.31
C ARG D 117 32.13 -11.02 20.80
N ALA D 118 33.27 -11.25 21.46
CA ALA D 118 33.39 -10.92 22.88
C ALA D 118 33.20 -9.43 23.12
N ALA D 119 33.83 -8.59 22.29
CA ALA D 119 33.69 -7.15 22.44
C ALA D 119 32.24 -6.71 22.24
N MET D 120 31.56 -7.31 21.26
CA MET D 120 30.16 -6.97 21.03
C MET D 120 29.29 -7.36 22.22
N ASP D 121 29.56 -8.54 22.81
CA ASP D 121 28.80 -8.96 23.99
C ASP D 121 29.02 -8.01 25.16
N ARG D 122 30.28 -7.61 25.39
CA ARG D 122 30.55 -6.65 26.46
C ARG D 122 29.85 -5.32 26.21
N PHE D 123 29.85 -4.86 24.96
CA PHE D 123 29.18 -3.62 24.61
C PHE D 123 27.69 -3.71 24.91
N LEU D 124 27.05 -4.81 24.53
CA LEU D 124 25.62 -4.96 24.77
C LEU D 124 25.31 -5.00 26.27
N SER D 125 26.12 -5.73 27.04
CA SER D 125 25.89 -5.81 28.47
C SER D 125 26.03 -4.44 29.14
N LEU D 126 27.08 -3.69 28.78
CA LEU D 126 27.27 -2.39 29.42
C LEU D 126 26.23 -1.38 28.96
N SER D 127 25.75 -1.50 27.71
CA SER D 127 24.65 -0.65 27.27
C SER D 127 23.38 -0.95 28.07
N ASP D 128 23.12 -2.23 28.36
CA ASP D 128 22.00 -2.57 29.21
C ASP D 128 22.17 -1.98 30.61
N TYR D 129 23.40 -2.02 31.13
CA TYR D 129 23.69 -1.39 32.42
C TYR D 129 23.30 0.09 32.41
N LEU D 130 23.76 0.82 31.39
CA LEU D 130 23.43 2.24 31.29
C LEU D 130 21.94 2.47 31.14
N LEU D 131 21.26 1.63 30.36
CA LEU D 131 19.82 1.76 30.18
C LEU D 131 19.08 1.57 31.50
N GLU D 132 19.46 0.57 32.28
CA GLU D 132 18.81 0.36 33.57
C GLU D 132 19.09 1.51 34.53
N ARG D 133 20.27 2.12 34.43
CA ARG D 133 20.53 3.28 35.28
C ARG D 133 19.76 4.51 34.82
N LEU D 134 19.42 4.60 33.53
CA LEU D 134 18.73 5.77 33.01
C LEU D 134 17.21 5.67 33.04
N LEU D 135 16.66 4.47 33.19
CA LEU D 135 15.21 4.32 33.16
C LEU D 135 14.44 5.17 34.17
N PRO D 136 14.85 5.29 35.45
CA PRO D 136 14.08 6.15 36.37
C PRO D 136 13.96 7.59 35.89
N TYR D 137 15.00 8.13 35.26
CA TYR D 137 14.93 9.48 34.74
C TYR D 137 13.92 9.59 33.61
N ILE D 138 13.83 8.54 32.78
CA ILE D 138 12.80 8.53 31.74
C ILE D 138 11.42 8.54 32.36
N GLU D 139 11.20 7.73 33.40
CA GLU D 139 9.89 7.72 34.05
C GLU D 139 9.56 9.08 34.64
N LEU D 140 10.53 9.70 35.31
CA LEU D 140 10.29 11.01 35.92
C LEU D 140 10.02 12.08 34.85
N ALA D 141 10.76 12.04 33.74
CA ALA D 141 10.55 13.01 32.67
C ALA D 141 9.18 12.85 32.04
N GLU D 142 8.75 11.61 31.80
CA GLU D 142 7.44 11.39 31.21
C GLU D 142 6.30 11.62 32.19
N ARG D 143 6.58 11.61 33.49
CA ARG D 143 5.55 11.95 34.47
C ARG D 143 5.21 13.43 34.43
N MET D 144 6.22 14.29 34.27
CA MET D 144 6.02 15.73 34.22
C MET D 144 5.71 16.24 32.82
N LYS D 145 5.65 15.36 31.82
CA LYS D 145 5.32 15.74 30.44
C LYS D 145 6.25 16.83 29.93
N SER D 146 7.55 16.64 30.15
CA SER D 146 8.55 17.63 29.77
C SER D 146 9.35 17.13 28.57
N PRO D 147 9.14 17.68 27.37
CA PRO D 147 9.98 17.27 26.23
C PRO D 147 11.45 17.58 26.42
N ALA D 148 11.77 18.68 27.12
CA ALA D 148 13.17 19.03 27.33
C ALA D 148 13.90 17.98 28.14
N LEU D 149 13.25 17.44 29.18
CA LEU D 149 13.89 16.41 30.00
C LEU D 149 14.08 15.12 29.21
N GLN D 150 13.11 14.76 28.36
CA GLN D 150 13.26 13.58 27.52
C GLN D 150 14.41 13.76 26.53
N GLU D 151 14.52 14.95 25.95
CA GLU D 151 15.65 15.23 25.06
C GLU D 151 16.97 15.15 25.81
N LEU D 152 17.00 15.64 27.06
CA LEU D 152 18.22 15.55 27.86
C LEU D 152 18.60 14.10 28.14
N VAL D 153 17.61 13.25 28.45
CA VAL D 153 17.89 11.84 28.70
C VAL D 153 18.41 11.17 27.44
N LEU D 154 17.81 11.48 26.29
CA LEU D 154 18.29 10.94 25.02
C LEU D 154 19.73 11.37 24.73
N TYR D 155 20.04 12.65 25.00
CA TYR D 155 21.39 13.15 24.78
C TYR D 155 22.38 12.45 25.70
N ALA D 156 22.01 12.25 26.96
CA ALA D 156 22.89 11.54 27.90
C ALA D 156 23.13 10.11 27.45
N PHE D 157 22.09 9.44 26.96
CA PHE D 157 22.27 8.08 26.44
C PHE D 157 23.19 8.07 25.24
N LYS D 158 23.07 9.06 24.35
CA LYS D 158 23.94 9.14 23.19
C LYS D 158 25.40 9.32 23.61
N GLU D 159 25.65 10.22 24.56
CA GLU D 159 27.02 10.45 25.02
C GLU D 159 27.57 9.22 25.72
N GLY D 160 26.74 8.55 26.53
CA GLY D 160 27.19 7.32 27.16
C GLY D 160 27.52 6.23 26.15
N MET D 161 26.72 6.13 25.08
CA MET D 161 27.01 5.17 24.02
C MET D 161 28.33 5.50 23.33
N LYS D 162 28.57 6.78 23.06
CA LYS D 162 29.85 7.18 22.48
C LYS D 162 31.02 6.74 23.37
N LEU D 163 30.93 7.08 24.66
CA LEU D 163 32.01 6.74 25.58
C LEU D 163 32.19 5.22 25.68
N LEU D 164 31.10 4.48 25.76
CA LEU D 164 31.17 3.02 25.87
C LEU D 164 31.80 2.41 24.64
N ALA D 165 31.41 2.86 23.44
CA ALA D 165 32.00 2.33 22.23
C ALA D 165 33.49 2.63 22.16
N GLU D 166 33.88 3.86 22.52
CA GLU D 166 35.30 4.20 22.51
C GLU D 166 36.09 3.35 23.49
N LEU D 167 35.55 3.14 24.70
CA LEU D 167 36.24 2.34 25.70
C LEU D 167 36.36 0.88 25.28
N ILE D 168 35.29 0.32 24.70
CA ILE D 168 35.33 -1.06 24.24
C ILE D 168 36.34 -1.22 23.11
N LEU D 169 36.36 -0.28 22.17
CA LEU D 169 37.34 -0.34 21.08
C LEU D 169 38.77 -0.24 21.62
N ALA D 170 38.98 0.63 22.61
CA ALA D 170 40.31 0.82 23.17
C ALA D 170 40.80 -0.39 23.96
N GLY D 171 39.93 -1.35 24.26
CA GLY D 171 40.36 -2.55 24.96
C GLY D 171 40.53 -2.34 26.45
N LYS D 172 39.45 -2.01 27.15
CA LYS D 172 39.48 -1.78 28.58
C LYS D 172 38.60 -2.80 29.28
N SER D 173 38.92 -3.06 30.56
CA SER D 173 38.19 -4.05 31.32
C SER D 173 36.79 -3.56 31.65
N ASP D 174 35.96 -4.49 32.15
CA ASP D 174 34.57 -4.18 32.45
C ASP D 174 34.40 -3.36 33.72
N GLU D 175 35.43 -3.25 34.56
CA GLU D 175 35.34 -2.48 35.79
C GLU D 175 35.64 -1.00 35.56
N GLU D 176 36.65 -0.70 34.75
CA GLU D 176 36.95 0.70 34.43
C GLU D 176 35.79 1.36 33.71
N ILE D 177 35.19 0.64 32.76
CA ILE D 177 34.05 1.19 32.02
C ILE D 177 32.89 1.46 32.96
N GLN D 178 32.63 0.53 33.90
CA GLN D 178 31.53 0.73 34.83
C GLN D 178 31.80 1.91 35.76
N ALA D 179 33.05 2.08 36.20
CA ALA D 179 33.38 3.23 37.03
C ALA D 179 33.20 4.54 36.28
N LYS D 180 33.63 4.59 35.01
CA LYS D 180 33.44 5.79 34.21
C LYS D 180 31.96 6.07 33.99
N LEU D 181 31.16 5.03 33.76
CA LEU D 181 29.72 5.23 33.61
C LEU D 181 29.09 5.72 34.91
N ASP D 182 29.58 5.23 36.05
CA ASP D 182 29.09 5.72 37.34
C ASP D 182 29.37 7.21 37.51
N ALA D 183 30.59 7.64 37.17
CA ALA D 183 30.91 9.06 37.26
C ALA D 183 30.05 9.90 36.31
N PHE D 184 29.84 9.39 35.10
CA PHE D 184 29.01 10.10 34.14
C PHE D 184 27.57 10.24 34.65
N LEU D 185 27.03 9.19 35.26
CA LEU D 185 25.69 9.27 35.80
C LEU D 185 25.63 10.20 37.01
N ALA D 186 26.70 10.25 37.80
CA ALA D 186 26.76 11.21 38.90
C ALA D 186 26.67 12.64 38.39
N GLY D 187 27.36 12.94 37.30
CA GLY D 187 27.23 14.26 36.68
C GLY D 187 25.85 14.50 36.08
N PHE D 188 25.29 13.46 35.45
CA PHE D 188 23.99 13.60 34.81
C PHE D 188 22.89 13.85 35.83
N ASP D 189 23.06 13.42 37.07
CA ASP D 189 22.06 13.71 38.10
C ASP D 189 21.97 15.20 38.36
N VAL D 190 23.11 15.89 38.45
CA VAL D 190 23.10 17.34 38.62
C VAL D 190 22.56 18.03 37.37
N ALA D 191 22.97 17.54 36.19
CA ALA D 191 22.47 18.16 34.96
C ALA D 191 20.95 18.06 34.86
N PHE D 192 20.40 16.88 35.17
CA PHE D 192 18.96 16.68 35.13
C PHE D 192 18.24 17.55 36.15
N GLU D 193 18.80 17.67 37.35
CA GLU D 193 18.17 18.54 38.36
C GLU D 193 18.14 19.99 37.90
N PHE D 194 19.26 20.48 37.34
CA PHE D 194 19.31 21.84 36.83
C PHE D 194 18.26 22.07 35.74
N THR D 195 18.21 21.15 34.77
CA THR D 195 17.27 21.30 33.66
C THR D 195 15.82 21.26 34.15
N LEU D 196 15.52 20.35 35.07
CA LEU D 196 14.15 20.25 35.60
C LEU D 196 13.76 21.52 36.34
N ASP D 197 14.67 22.03 37.18
CA ASP D 197 14.40 23.24 37.94
C ASP D 197 14.07 24.40 37.00
N ILE D 198 14.88 24.59 35.96
CA ILE D 198 14.62 25.71 35.05
C ILE D 198 13.35 25.45 34.24
N ASP D 199 13.13 24.21 33.80
CA ASP D 199 12.06 23.91 32.86
C ASP D 199 10.69 24.05 33.53
N VAL D 200 10.58 23.70 34.81
CA VAL D 200 9.28 23.82 35.48
C VAL D 200 8.79 25.26 35.45
N ILE D 201 9.66 26.20 35.87
CA ILE D 201 9.26 27.60 35.90
C ILE D 201 9.17 28.18 34.49
N GLY D 202 9.94 27.63 33.54
CA GLY D 202 9.81 28.09 32.17
C GLY D 202 8.45 27.73 31.57
N ARG D 203 7.98 26.52 31.82
CA ARG D 203 6.69 26.10 31.31
C ARG D 203 5.54 26.77 32.06
N GLU D 204 5.69 26.99 33.36
CA GLU D 204 4.61 27.58 34.14
C GLU D 204 4.40 29.04 33.80
N LEU D 205 5.47 29.79 33.55
CA LEU D 205 5.37 31.20 33.21
C LEU D 205 5.13 31.45 31.73
N ASP D 206 5.10 30.39 30.91
CA ASP D 206 4.88 30.49 29.47
C ASP D 206 5.92 31.38 28.80
N ILE D 207 7.19 30.95 28.92
CA ILE D 207 8.30 31.62 28.27
C ILE D 207 9.16 30.56 27.58
N PRO D 208 9.02 30.36 26.27
CA PRO D 208 9.82 29.31 25.59
C PRO D 208 11.31 29.56 25.65
N GLU D 209 11.75 30.81 25.82
CA GLU D 209 13.16 31.10 25.93
C GLU D 209 13.78 30.41 27.13
N LEU D 210 13.05 30.37 28.25
CA LEU D 210 13.54 29.69 29.44
C LEU D 210 13.69 28.19 29.20
N VAL D 211 12.75 27.59 28.47
CA VAL D 211 12.84 26.15 28.17
C VAL D 211 14.04 25.88 27.27
N GLU D 212 14.25 26.72 26.26
CA GLU D 212 15.40 26.55 25.39
C GLU D 212 16.71 26.70 26.16
N PHE D 213 16.77 27.68 27.05
CA PHE D 213 17.95 27.85 27.89
C PHE D 213 18.18 26.63 28.76
N ALA D 214 17.11 26.09 29.35
CA ALA D 214 17.23 24.88 30.16
C ALA D 214 17.82 23.73 29.35
N LEU D 215 17.29 23.50 28.14
CA LEU D 215 17.77 22.41 27.32
C LEU D 215 19.25 22.59 26.96
N GLU D 216 19.61 23.78 26.49
CA GLU D 216 20.99 24.02 26.06
C GLU D 216 21.97 23.89 27.22
N LYS D 217 21.64 24.47 28.38
CA LYS D 217 22.58 24.43 29.49
C LYS D 217 22.63 23.05 30.14
N GLY D 218 21.52 22.31 30.12
CA GLY D 218 21.59 20.92 30.55
C GLY D 218 22.46 20.08 29.65
N LYS D 219 22.38 20.32 28.34
CA LYS D 219 23.27 19.63 27.41
C LYS D 219 24.73 19.99 27.69
N GLU D 220 25.00 21.26 27.98
CA GLU D 220 26.37 21.66 28.32
C GLU D 220 26.85 20.96 29.59
N LEU D 221 25.99 20.85 30.60
CA LEU D 221 26.36 20.16 31.82
C LEU D 221 26.60 18.68 31.58
N VAL D 222 25.80 18.06 30.73
CA VAL D 222 26.00 16.65 30.39
C VAL D 222 27.33 16.46 29.67
N LYS D 223 27.66 17.39 28.76
CA LYS D 223 28.95 17.33 28.07
C LYS D 223 30.10 17.45 29.05
N LEU D 224 30.00 18.38 30.01
CA LEU D 224 31.06 18.54 31.00
C LEU D 224 31.20 17.29 31.85
N ALA D 225 30.07 16.70 32.25
CA ALA D 225 30.12 15.47 33.04
C ALA D 225 30.79 14.34 32.27
N LEU D 226 30.46 14.20 30.99
CA LEU D 226 31.07 13.15 30.17
C LEU D 226 32.56 13.38 30.01
N GLU D 227 32.97 14.63 29.77
CA GLU D 227 34.39 14.92 29.64
C GLU D 227 35.15 14.62 30.93
N LEU D 228 34.55 14.94 32.07
CA LEU D 228 35.18 14.62 33.35
C LEU D 228 35.26 13.11 33.56
N ALA D 229 34.20 12.38 33.20
CA ALA D 229 34.20 10.93 33.37
C ALA D 229 35.27 10.29 32.49
N ARG D 230 35.43 10.78 31.26
CA ARG D 230 36.47 10.23 30.38
C ARG D 230 37.85 10.46 30.94
N ALA D 231 38.07 11.59 31.63
CA ALA D 231 39.37 11.90 32.19
C ALA D 231 39.74 11.00 33.37
N GLY D 232 38.81 10.23 33.90
CA GLY D 232 39.09 9.32 34.98
C GLY D 232 38.81 9.82 36.37
N LYS D 233 38.09 10.94 36.52
CA LYS D 233 37.78 11.47 37.84
C LYS D 233 36.75 10.59 38.55
N SER D 234 36.79 10.65 39.88
CA SER D 234 35.81 9.94 40.68
C SER D 234 34.45 10.60 40.57
N PRO D 235 33.37 9.89 40.90
CA PRO D 235 32.04 10.51 40.80
C PRO D 235 31.87 11.76 41.65
N GLU D 236 32.56 11.83 42.80
CA GLU D 236 32.43 13.01 43.65
C GLU D 236 33.00 14.26 42.98
N GLU D 237 34.16 14.13 42.34
CA GLU D 237 34.75 15.27 41.64
C GLU D 237 33.86 15.74 40.49
N VAL D 238 33.30 14.79 39.74
CA VAL D 238 32.39 15.15 38.66
C VAL D 238 31.17 15.86 39.22
N LYS D 239 30.61 15.35 40.31
CA LYS D 239 29.45 15.99 40.92
C LYS D 239 29.78 17.42 41.35
N ALA D 240 30.93 17.63 41.98
CA ALA D 240 31.29 18.96 42.46
C ALA D 240 31.48 19.93 41.30
N ALA D 241 32.20 19.51 40.25
CA ALA D 241 32.46 20.41 39.14
C ALA D 241 31.17 20.73 38.37
N VAL D 242 30.32 19.73 38.16
CA VAL D 242 29.06 19.99 37.49
C VAL D 242 28.18 20.90 38.34
N LYS D 243 28.24 20.76 39.67
CA LYS D 243 27.48 21.65 40.54
C LYS D 243 27.96 23.10 40.41
N ALA D 244 29.29 23.30 40.35
CA ALA D 244 29.81 24.65 40.19
C ALA D 244 29.39 25.26 38.86
N ARG D 245 29.51 24.48 37.78
CA ARG D 245 29.10 24.98 36.48
C ARG D 245 27.60 25.28 36.45
N GLY D 246 26.81 24.44 37.13
CA GLY D 246 25.38 24.69 37.22
C GLY D 246 25.06 25.94 38.00
N GLU D 247 25.85 26.25 39.03
CA GLU D 247 25.65 27.51 39.75
C GLU D 247 25.89 28.71 38.84
N GLU D 248 26.97 28.66 38.06
CA GLU D 248 27.24 29.76 37.12
C GLU D 248 26.10 29.89 36.10
N LEU D 249 25.67 28.76 35.54
CA LEU D 249 24.58 28.78 34.58
C LEU D 249 23.27 29.21 35.22
N HIS D 250 23.09 28.98 36.52
CA HIS D 250 21.89 29.45 37.20
C HIS D 250 21.92 30.97 37.37
N LYS D 251 23.10 31.54 37.60
CA LYS D 251 23.19 33.00 37.60
C LYS D 251 22.83 33.56 36.22
N GLU D 252 23.33 32.94 35.15
CA GLU D 252 22.95 33.37 33.81
C GLU D 252 21.45 33.22 33.59
N PHE D 253 20.85 32.14 34.11
CA PHE D 253 19.41 31.94 34.01
C PHE D 253 18.65 33.03 34.75
N GLU D 254 19.15 33.45 35.91
CA GLU D 254 18.50 34.53 36.65
C GLU D 254 18.48 35.80 35.81
N LYS D 255 19.60 36.13 35.18
CA LYS D 255 19.63 37.30 34.30
C LYS D 255 18.60 37.17 33.19
N LEU D 256 18.61 36.03 32.49
CA LEU D 256 17.72 35.85 31.34
C LEU D 256 16.26 35.86 31.76
N ALA D 257 15.95 35.24 32.90
CA ALA D 257 14.58 35.20 33.38
C ALA D 257 14.08 36.59 33.73
N LEU D 258 14.91 37.38 34.41
CA LEU D 258 14.51 38.76 34.71
C LEU D 258 14.26 39.55 33.44
N LYS D 259 15.16 39.41 32.46
CA LYS D 259 15.00 40.15 31.21
C LYS D 259 13.70 39.76 30.49
N GLU D 260 13.43 38.46 30.40
CA GLU D 260 12.23 38.00 29.68
C GLU D 260 10.96 38.37 30.42
N TYR D 261 10.97 38.25 31.76
CA TYR D 261 9.79 38.62 32.54
C TYR D 261 9.49 40.10 32.39
N PHE D 262 10.51 40.95 32.38
CA PHE D 262 10.25 42.37 32.22
C PHE D 262 9.91 42.74 30.78
N LYS D 263 10.36 41.94 29.81
CA LYS D 263 9.87 42.11 28.45
C LYS D 263 8.38 41.81 28.36
N ARG D 264 7.93 40.71 28.96
CA ARG D 264 6.52 40.35 28.89
C ARG D 264 5.65 41.29 29.71
N ARG D 265 6.12 41.69 30.89
CA ARG D 265 5.31 42.49 31.80
C ARG D 265 5.00 43.87 31.22
N LEU D 266 5.98 44.49 30.57
CA LEU D 266 5.81 45.84 30.04
C LEU D 266 5.13 45.88 28.69
N GLY D 267 4.50 44.79 28.26
CA GLY D 267 3.81 44.76 26.99
C GLY D 267 4.70 44.67 25.78
N LEU D 268 6.00 44.45 25.96
CA LEU D 268 6.94 44.40 24.85
C LEU D 268 6.82 43.09 24.09
N GLY E 20 8.49 -31.77 -30.83
CA GLY E 20 9.70 -32.43 -30.35
C GLY E 20 9.89 -32.27 -28.85
N PRO E 21 9.84 -33.39 -28.13
CA PRO E 21 10.01 -33.34 -26.67
C PRO E 21 11.37 -32.82 -26.25
N GLY E 22 12.44 -33.43 -26.75
CA GLY E 22 13.79 -33.07 -26.37
C GLY E 22 14.41 -32.01 -27.25
N GLY E 23 13.93 -30.78 -27.16
CA GLY E 23 14.49 -29.69 -27.94
C GLY E 23 15.00 -28.54 -27.10
N THR E 24 15.58 -27.54 -27.74
CA THR E 24 16.09 -26.37 -27.06
C THR E 24 14.99 -25.32 -26.90
N MET E 25 15.27 -24.30 -26.09
CA MET E 25 14.27 -23.25 -25.85
C MET E 25 13.98 -22.45 -27.11
N ALA E 26 14.92 -22.40 -28.05
CA ALA E 26 14.74 -21.67 -29.29
C ALA E 26 14.22 -22.53 -30.43
N ALA E 27 14.49 -23.84 -30.41
CA ALA E 27 14.03 -24.71 -31.49
C ALA E 27 12.55 -25.01 -31.39
N GLU E 28 11.97 -24.94 -30.18
CA GLU E 28 10.54 -25.23 -30.03
C GLU E 28 9.69 -24.17 -30.72
N GLU E 29 10.04 -22.90 -30.57
CA GLU E 29 9.28 -21.83 -31.21
C GLU E 29 9.39 -21.95 -32.73
N MET E 30 10.58 -22.27 -33.23
CA MET E 30 10.74 -22.45 -34.67
C MET E 30 9.94 -23.64 -35.17
N GLU E 31 9.88 -24.72 -34.39
CA GLU E 31 9.07 -25.87 -34.77
C GLU E 31 7.59 -25.49 -34.82
N LYS E 32 7.13 -24.70 -33.85
CA LYS E 32 5.75 -24.24 -33.87
C LYS E 32 5.47 -23.40 -35.12
N ILE E 33 6.39 -22.49 -35.45
CA ILE E 33 6.22 -21.66 -36.64
C ILE E 33 6.17 -22.53 -37.89
N PHE E 34 7.03 -23.53 -37.96
CA PHE E 34 7.06 -24.42 -39.12
C PHE E 34 5.75 -25.18 -39.27
N ARG E 35 5.22 -25.71 -38.17
CA ARG E 35 3.95 -26.44 -38.23
C ARG E 35 2.81 -25.53 -38.65
N ASP E 36 2.77 -24.30 -38.09
CA ASP E 36 1.72 -23.37 -38.47
C ASP E 36 1.80 -23.01 -39.95
N LYS E 37 3.01 -22.74 -40.45
CA LYS E 37 3.17 -22.38 -41.85
C LYS E 37 2.79 -23.54 -42.77
N LEU E 38 3.15 -24.78 -42.39
CA LEU E 38 2.77 -25.93 -43.19
C LEU E 38 1.25 -26.09 -43.24
N PHE E 39 0.59 -25.95 -42.08
CA PHE E 39 -0.86 -26.07 -42.04
C PHE E 39 -1.53 -25.02 -42.93
N HIS E 40 -1.08 -23.76 -42.83
CA HIS E 40 -1.73 -22.72 -43.60
C HIS E 40 -1.36 -22.80 -45.08
N LEU E 41 -0.17 -23.32 -45.41
CA LEU E 41 0.16 -23.57 -46.80
C LEU E 41 -0.75 -24.63 -47.41
N HIS E 42 -1.11 -25.66 -46.67
CA HIS E 42 -2.05 -26.64 -47.20
C HIS E 42 -3.41 -26.07 -47.32
N GLN E 43 -3.78 -25.24 -46.38
CA GLN E 43 -5.07 -24.57 -46.52
C GLN E 43 -5.13 -23.72 -47.79
N LYS E 44 -4.08 -22.94 -48.05
CA LYS E 44 -4.05 -22.09 -49.23
C LYS E 44 -4.02 -22.92 -50.51
N LEU E 45 -3.26 -24.02 -50.52
CA LEU E 45 -3.23 -24.89 -51.69
C LEU E 45 -4.60 -25.49 -51.96
N ASP E 46 -5.29 -25.91 -50.90
CA ASP E 46 -6.63 -26.46 -51.06
C ASP E 46 -7.60 -25.41 -51.58
N GLU E 47 -7.49 -24.17 -51.07
CA GLU E 47 -8.34 -23.09 -51.55
C GLU E 47 -8.09 -22.79 -53.02
N ALA E 48 -6.82 -22.83 -53.44
CA ALA E 48 -6.49 -22.50 -54.82
C ALA E 48 -6.99 -23.54 -55.81
N GLY E 49 -7.40 -24.72 -55.34
CA GLY E 49 -7.93 -25.74 -56.23
C GLY E 49 -6.88 -26.36 -57.12
N LYS E 50 -5.93 -27.08 -56.52
CA LYS E 50 -4.87 -27.75 -57.25
C LYS E 50 -5.01 -29.26 -57.13
N SER E 51 -4.34 -29.97 -58.03
CA SER E 51 -4.37 -31.42 -58.03
C SER E 51 -3.58 -31.98 -56.84
N ALA E 52 -3.83 -33.25 -56.53
CA ALA E 52 -3.17 -33.89 -55.40
C ALA E 52 -1.66 -33.96 -55.62
N GLU E 53 -1.22 -34.28 -56.84
CA GLU E 53 0.21 -34.34 -57.11
C GLU E 53 0.85 -32.96 -56.98
N GLU E 54 0.15 -31.92 -57.43
CA GLU E 54 0.68 -30.56 -57.27
C GLU E 54 0.78 -30.17 -55.80
N ILE E 55 -0.21 -30.56 -55.00
CA ILE E 55 -0.17 -30.26 -53.58
C ILE E 55 0.99 -30.98 -52.91
N ALA E 56 1.20 -32.26 -53.26
CA ALA E 56 2.32 -32.99 -52.70
C ALA E 56 3.65 -32.38 -53.11
N LYS E 57 3.78 -31.95 -54.37
CA LYS E 57 5.01 -31.32 -54.83
C LYS E 57 5.26 -30.00 -54.08
N ALA E 58 4.21 -29.19 -53.90
CA ALA E 58 4.37 -27.95 -53.15
C ALA E 58 4.76 -28.21 -51.72
N VAL E 59 4.16 -29.22 -51.09
CA VAL E 59 4.46 -29.53 -49.70
C VAL E 59 5.91 -29.97 -49.56
N GLU E 60 6.38 -30.85 -50.44
CA GLU E 60 7.76 -31.32 -50.34
C GLU E 60 8.74 -30.19 -50.63
N LEU E 61 8.43 -29.31 -51.58
CA LEU E 61 9.30 -28.16 -51.83
C LEU E 61 9.37 -27.24 -50.61
N PHE E 62 8.23 -26.97 -49.99
CA PHE E 62 8.21 -26.11 -48.81
C PHE E 62 9.00 -26.72 -47.68
N VAL E 63 8.86 -28.02 -47.46
CA VAL E 63 9.62 -28.68 -46.39
C VAL E 63 11.12 -28.60 -46.69
N GLY E 64 11.50 -28.84 -47.94
CA GLY E 64 12.90 -28.77 -48.30
C GLY E 64 13.51 -27.40 -48.05
N LEU E 65 12.79 -26.35 -48.41
CA LEU E 65 13.32 -25.00 -48.19
C LEU E 65 13.31 -24.61 -46.72
N ALA E 66 12.24 -24.99 -46.00
CA ALA E 66 12.12 -24.62 -44.61
C ALA E 66 13.14 -25.35 -43.75
N MET E 67 13.58 -26.54 -44.16
CA MET E 67 14.63 -27.21 -43.39
C MET E 67 15.94 -26.42 -43.43
N ARG E 68 16.31 -25.93 -44.61
CA ARG E 68 17.52 -25.11 -44.71
C ARG E 68 17.38 -23.82 -43.93
N ALA E 69 16.21 -23.16 -44.02
CA ALA E 69 16.00 -21.94 -43.26
C ALA E 69 16.08 -22.21 -41.76
N PHE E 70 15.50 -23.33 -41.31
CA PHE E 70 15.53 -23.70 -39.91
C PHE E 70 16.97 -23.94 -39.44
N ASP E 71 17.75 -24.67 -40.24
CA ASP E 71 19.13 -24.93 -39.86
C ASP E 71 19.93 -23.64 -39.74
N TYR E 72 19.76 -22.73 -40.70
CA TYR E 72 20.52 -21.48 -40.68
C TYR E 72 20.12 -20.61 -39.48
N ALA E 73 18.82 -20.49 -39.22
CA ALA E 73 18.35 -19.70 -38.09
C ALA E 73 18.79 -20.31 -36.77
N LEU E 74 18.77 -21.64 -36.67
CA LEU E 74 19.22 -22.29 -35.45
C LEU E 74 20.71 -22.06 -35.23
N HIS E 75 21.53 -21.97 -36.25
CA HIS E 75 22.91 -21.68 -35.98
C HIS E 75 23.08 -20.27 -35.57
N ILE E 76 22.34 -19.36 -36.17
CA ILE E 76 22.45 -17.98 -35.68
C ILE E 76 22.06 -17.88 -34.21
N ALA E 77 20.97 -18.54 -33.83
CA ALA E 77 20.51 -18.49 -32.44
C ALA E 77 21.53 -19.13 -31.50
N GLU E 78 22.12 -20.26 -31.92
CA GLU E 78 23.14 -20.90 -31.09
C GLU E 78 24.39 -20.01 -30.97
N ARG E 79 24.79 -19.36 -32.06
CA ARG E 79 25.91 -18.44 -31.99
C ARG E 79 25.63 -17.30 -31.01
N GLY E 80 24.41 -16.77 -31.04
CA GLY E 80 24.05 -15.73 -30.09
C GLY E 80 24.04 -16.23 -28.66
N LYS E 81 23.57 -17.46 -28.45
CA LYS E 81 23.53 -18.02 -27.10
C LYS E 81 24.94 -18.25 -26.56
N GLU E 82 25.87 -18.69 -27.40
CA GLU E 82 27.21 -18.99 -26.93
C GLU E 82 27.96 -17.72 -26.54
N MET E 83 27.73 -16.62 -27.26
CA MET E 83 28.18 -15.31 -26.82
C MET E 83 27.21 -14.78 -25.76
N GLY E 84 27.35 -13.51 -25.40
CA GLY E 84 26.49 -12.92 -24.40
C GLY E 84 25.45 -11.99 -24.98
N ILE E 85 24.86 -12.37 -26.10
CA ILE E 85 23.90 -11.51 -26.79
C ILE E 85 22.55 -12.22 -26.89
N PRO E 86 21.62 -11.97 -25.96
CA PRO E 86 20.27 -12.54 -26.10
C PRO E 86 19.51 -12.01 -27.31
N THR E 87 19.95 -10.90 -27.89
CA THR E 87 19.25 -10.34 -29.04
C THR E 87 19.37 -11.23 -30.28
N LEU E 88 20.50 -11.93 -30.43
CA LEU E 88 20.70 -12.76 -31.61
C LEU E 88 19.74 -13.95 -31.65
N VAL E 89 19.27 -14.41 -30.49
CA VAL E 89 18.29 -15.50 -30.48
C VAL E 89 16.97 -15.03 -31.10
N GLU E 90 16.49 -13.86 -30.69
CA GLU E 90 15.28 -13.30 -31.27
C GLU E 90 15.49 -12.98 -32.74
N MET E 91 16.69 -12.54 -33.11
CA MET E 91 16.98 -12.29 -34.51
C MET E 91 16.91 -13.57 -35.33
N GLY E 92 17.41 -14.68 -34.77
CA GLY E 92 17.30 -15.96 -35.45
C GLY E 92 15.85 -16.41 -35.60
N LYS E 93 15.04 -16.17 -34.56
CA LYS E 93 13.62 -16.50 -34.67
C LYS E 93 12.93 -15.69 -35.77
N ILE E 94 13.24 -14.39 -35.84
CA ILE E 94 12.66 -13.55 -36.89
C ILE E 94 13.12 -14.02 -38.27
N LEU E 95 14.40 -14.35 -38.39
CA LEU E 95 14.92 -14.83 -39.66
C LEU E 95 14.23 -16.11 -40.10
N PHE E 96 14.03 -17.04 -39.18
CA PHE E 96 13.34 -18.27 -39.55
C PHE E 96 11.89 -17.99 -39.93
N LYS E 97 11.22 -17.10 -39.20
CA LYS E 97 9.84 -16.77 -39.53
C LYS E 97 9.72 -16.27 -40.97
N TYR E 98 10.58 -15.33 -41.34
CA TYR E 98 10.46 -14.78 -42.69
C TYR E 98 11.02 -15.71 -43.75
N GLY E 99 11.98 -16.58 -43.41
CA GLY E 99 12.42 -17.59 -44.35
C GLY E 99 11.33 -18.62 -44.62
N ALA E 100 10.59 -19.01 -43.59
CA ALA E 100 9.45 -19.91 -43.78
C ALA E 100 8.37 -19.23 -44.61
N LYS E 101 8.14 -17.93 -44.38
CA LYS E 101 7.19 -17.21 -45.21
C LYS E 101 7.62 -17.20 -46.67
N LEU E 102 8.90 -16.93 -46.93
CA LEU E 102 9.39 -16.93 -48.30
C LEU E 102 9.26 -18.32 -48.92
N ALA E 103 9.56 -19.37 -48.15
CA ALA E 103 9.43 -20.73 -48.66
C ALA E 103 7.97 -21.06 -49.00
N ALA E 104 7.04 -20.63 -48.15
CA ALA E 104 5.62 -20.89 -48.42
C ALA E 104 5.16 -20.19 -49.69
N GLU E 105 5.55 -18.92 -49.86
CA GLU E 105 5.21 -18.22 -51.10
C GLU E 105 5.90 -18.85 -52.32
N LEU E 106 7.14 -19.31 -52.19
CA LEU E 106 7.80 -19.96 -53.31
C LEU E 106 7.09 -21.25 -53.70
N ALA E 107 6.66 -22.04 -52.71
CA ALA E 107 5.92 -23.25 -53.00
C ALA E 107 4.57 -22.94 -53.64
N LEU E 108 3.89 -21.90 -53.14
CA LEU E 108 2.59 -21.53 -53.71
C LEU E 108 2.71 -21.02 -55.14
N ALA E 109 3.80 -20.32 -55.45
CA ALA E 109 3.99 -19.74 -56.78
C ALA E 109 4.20 -20.80 -57.87
N GLY E 110 4.49 -22.03 -57.49
CA GLY E 110 4.71 -23.07 -58.47
C GLY E 110 6.10 -23.12 -59.05
N LYS E 111 7.08 -22.48 -58.42
CA LYS E 111 8.45 -22.52 -58.90
C LYS E 111 9.02 -23.94 -58.78
N SER E 112 9.94 -24.25 -59.67
CA SER E 112 10.61 -25.55 -59.61
C SER E 112 11.67 -25.54 -58.51
N GLU E 113 12.27 -26.71 -58.28
CA GLU E 113 13.15 -26.89 -57.14
C GLU E 113 14.41 -26.05 -57.23
N GLU E 114 15.03 -25.97 -58.41
CA GLU E 114 16.32 -25.29 -58.54
C GLU E 114 16.21 -23.79 -58.30
N GLU E 115 15.22 -23.15 -58.91
CA GLU E 115 15.03 -21.72 -58.69
C GLU E 115 14.67 -21.42 -57.24
N ALA E 116 13.85 -22.27 -56.63
CA ALA E 116 13.51 -22.09 -55.21
C ALA E 116 14.75 -22.19 -54.34
N ARG E 117 15.62 -23.18 -54.60
CA ARG E 117 16.84 -23.31 -53.83
C ARG E 117 17.75 -22.10 -54.01
N ALA E 118 17.88 -21.62 -55.25
CA ALA E 118 18.71 -20.44 -55.49
C ALA E 118 18.15 -19.22 -54.78
N ALA E 119 16.84 -19.04 -54.81
CA ALA E 119 16.22 -17.90 -54.14
C ALA E 119 16.44 -17.98 -52.63
N MET E 120 16.31 -19.18 -52.05
CA MET E 120 16.56 -19.32 -50.63
C MET E 120 18.01 -19.04 -50.28
N ASP E 121 18.94 -19.47 -51.13
CA ASP E 121 20.36 -19.19 -50.89
C ASP E 121 20.62 -17.69 -50.92
N ARG E 122 20.06 -16.98 -51.91
CA ARG E 122 20.24 -15.54 -51.96
C ARG E 122 19.62 -14.86 -50.75
N PHE E 123 18.45 -15.31 -50.32
CA PHE E 123 17.81 -14.76 -49.14
C PHE E 123 18.70 -14.93 -47.91
N LEU E 124 19.27 -16.12 -47.73
CA LEU E 124 20.12 -16.36 -46.57
C LEU E 124 21.37 -15.50 -46.63
N SER E 125 21.99 -15.36 -47.81
CA SER E 125 23.18 -14.54 -47.94
C SER E 125 22.89 -13.07 -47.61
N LEU E 126 21.78 -12.54 -48.12
CA LEU E 126 21.47 -11.14 -47.87
C LEU E 126 21.02 -10.91 -46.44
N SER E 127 20.39 -11.90 -45.81
CA SER E 127 20.09 -11.79 -44.38
C SER E 127 21.37 -11.77 -43.57
N ASP E 128 22.38 -12.55 -43.98
CA ASP E 128 23.69 -12.47 -43.33
C ASP E 128 24.29 -11.09 -43.50
N TYR E 129 24.16 -10.51 -44.68
CA TYR E 129 24.63 -9.14 -44.93
C TYR E 129 23.99 -8.16 -43.94
N LEU E 130 22.66 -8.22 -43.81
CA LEU E 130 21.96 -7.30 -42.92
C LEU E 130 22.34 -7.53 -41.47
N LEU E 131 22.48 -8.80 -41.06
CA LEU E 131 22.88 -9.10 -39.69
C LEU E 131 24.27 -8.55 -39.38
N GLU E 132 25.21 -8.72 -40.32
CA GLU E 132 26.55 -8.17 -40.12
C GLU E 132 26.52 -6.66 -40.00
N ARG E 133 25.69 -6.00 -40.81
CA ARG E 133 25.59 -4.55 -40.71
C ARG E 133 24.92 -4.10 -39.40
N LEU E 134 24.06 -4.95 -38.84
CA LEU E 134 23.32 -4.57 -37.63
C LEU E 134 24.01 -4.95 -36.33
N LEU E 135 25.00 -5.83 -36.37
CA LEU E 135 25.67 -6.26 -35.13
C LEU E 135 26.28 -5.13 -34.31
N PRO E 136 26.99 -4.14 -34.89
CA PRO E 136 27.55 -3.07 -34.04
C PRO E 136 26.49 -2.31 -33.25
N TYR E 137 25.31 -2.11 -33.82
CA TYR E 137 24.24 -1.45 -33.09
C TYR E 137 23.78 -2.31 -31.91
N ILE E 138 23.74 -3.63 -32.08
CA ILE E 138 23.40 -4.50 -30.96
C ILE E 138 24.44 -4.37 -29.86
N GLU E 139 25.72 -4.35 -30.23
CA GLU E 139 26.78 -4.21 -29.24
C GLU E 139 26.65 -2.89 -28.48
N LEU E 140 26.40 -1.79 -29.21
CA LEU E 140 26.27 -0.49 -28.58
C LEU E 140 25.05 -0.43 -27.68
N ALA E 141 23.92 -1.00 -28.12
CA ALA E 141 22.70 -0.99 -27.31
C ALA E 141 22.87 -1.80 -26.05
N GLU E 142 23.54 -2.95 -26.12
CA GLU E 142 23.74 -3.76 -24.93
C GLU E 142 24.80 -3.18 -24.01
N ARG E 143 25.72 -2.36 -24.54
CA ARG E 143 26.71 -1.71 -23.69
C ARG E 143 26.05 -0.72 -22.73
N MET E 144 25.04 0.01 -23.21
CA MET E 144 24.36 1.01 -22.39
C MET E 144 23.16 0.46 -21.64
N LYS E 145 22.89 -0.84 -21.73
CA LYS E 145 21.79 -1.47 -21.00
C LYS E 145 20.45 -0.81 -21.32
N SER E 146 20.16 -0.63 -22.61
CA SER E 146 18.93 0.03 -23.01
C SER E 146 17.99 -0.92 -23.72
N PRO E 147 16.92 -1.34 -23.04
CA PRO E 147 15.92 -2.20 -23.69
C PRO E 147 15.26 -1.55 -24.90
N ALA E 148 15.04 -0.24 -24.87
CA ALA E 148 14.41 0.44 -26.00
C ALA E 148 15.27 0.34 -27.26
N LEU E 149 16.58 0.50 -27.12
CA LEU E 149 17.47 0.41 -28.27
C LEU E 149 17.50 -1.01 -28.83
N GLN E 150 17.48 -2.02 -27.96
CA GLN E 150 17.42 -3.40 -28.41
C GLN E 150 16.11 -3.68 -29.16
N GLU E 151 15.00 -3.16 -28.65
CA GLU E 151 13.73 -3.30 -29.35
C GLU E 151 13.77 -2.61 -30.71
N LEU E 152 14.41 -1.44 -30.78
CA LEU E 152 14.53 -0.73 -32.04
C LEU E 152 15.35 -1.53 -33.05
N VAL E 153 16.45 -2.13 -32.60
CA VAL E 153 17.29 -2.92 -33.51
C VAL E 153 16.53 -4.16 -33.99
N LEU E 154 15.76 -4.80 -33.09
CA LEU E 154 14.94 -5.93 -33.50
C LEU E 154 13.90 -5.52 -34.53
N TYR E 155 13.27 -4.35 -34.32
CA TYR E 155 12.28 -3.85 -35.27
C TYR E 155 12.93 -3.57 -36.63
N ALA E 156 14.13 -3.00 -36.63
CA ALA E 156 14.85 -2.75 -37.87
C ALA E 156 15.16 -4.05 -38.60
N PHE E 157 15.58 -5.08 -37.84
CA PHE E 157 15.83 -6.38 -38.45
C PHE E 157 14.56 -6.96 -39.06
N LYS E 158 13.43 -6.82 -38.35
CA LYS E 158 12.17 -7.33 -38.87
C LYS E 158 11.78 -6.63 -40.17
N GLU E 159 11.90 -5.31 -40.20
CA GLU E 159 11.56 -4.57 -41.41
C GLU E 159 12.49 -4.92 -42.57
N GLY E 160 13.79 -5.05 -42.29
CA GLY E 160 14.71 -5.46 -43.32
C GLY E 160 14.41 -6.84 -43.86
N MET E 161 14.02 -7.76 -42.97
CA MET E 161 13.63 -9.10 -43.41
C MET E 161 12.39 -9.05 -44.30
N LYS E 162 11.41 -8.23 -43.93
CA LYS E 162 10.22 -8.07 -44.77
C LYS E 162 10.61 -7.58 -46.16
N LEU E 163 11.40 -6.50 -46.21
CA LEU E 163 11.80 -5.94 -47.51
C LEU E 163 12.60 -6.94 -48.33
N LEU E 164 13.52 -7.66 -47.68
CA LEU E 164 14.33 -8.63 -48.38
C LEU E 164 13.50 -9.77 -48.95
N ALA E 165 12.56 -10.29 -48.16
CA ALA E 165 11.71 -11.37 -48.64
C ALA E 165 10.86 -10.91 -49.83
N GLU E 166 10.29 -9.71 -49.73
CA GLU E 166 9.49 -9.20 -50.83
C GLU E 166 10.32 -9.00 -52.09
N LEU E 167 11.53 -8.46 -51.94
CA LEU E 167 12.40 -8.24 -53.10
C LEU E 167 12.83 -9.55 -53.73
N ILE E 168 13.16 -10.56 -52.92
CA ILE E 168 13.55 -11.85 -53.46
C ILE E 168 12.37 -12.50 -54.18
N LEU E 169 11.16 -12.35 -53.64
CA LEU E 169 9.98 -12.87 -54.32
C LEU E 169 9.77 -12.17 -55.67
N ALA E 170 9.98 -10.85 -55.70
CA ALA E 170 9.78 -10.09 -56.93
C ALA E 170 10.82 -10.41 -58.00
N GLY E 171 11.89 -11.12 -57.65
CA GLY E 171 12.89 -11.50 -58.63
C GLY E 171 13.84 -10.37 -58.99
N LYS E 172 14.56 -9.87 -57.99
CA LYS E 172 15.49 -8.77 -58.19
C LYS E 172 16.92 -9.25 -58.00
N SER E 173 17.86 -8.55 -58.62
CA SER E 173 19.26 -8.93 -58.57
C SER E 173 19.84 -8.63 -57.18
N ASP E 174 21.00 -9.22 -56.91
CA ASP E 174 21.66 -9.06 -55.62
C ASP E 174 22.25 -7.67 -55.42
N GLU E 175 22.40 -6.87 -56.49
CA GLU E 175 22.96 -5.53 -56.37
C GLU E 175 21.89 -4.52 -55.96
N GLU E 176 20.71 -4.57 -56.59
CA GLU E 176 19.63 -3.67 -56.22
C GLU E 176 19.18 -3.89 -54.78
N ILE E 177 19.11 -5.16 -54.37
CA ILE E 177 18.73 -5.47 -52.99
C ILE E 177 19.75 -4.91 -52.01
N GLN E 178 21.03 -5.05 -52.33
CA GLN E 178 22.07 -4.51 -51.45
C GLN E 178 22.01 -2.99 -51.38
N ALA E 179 21.72 -2.33 -52.51
CA ALA E 179 21.58 -0.88 -52.50
C ALA E 179 20.40 -0.45 -51.63
N LYS E 180 19.27 -1.15 -51.75
CA LYS E 180 18.11 -0.83 -50.94
C LYS E 180 18.41 -1.04 -49.46
N LEU E 181 19.13 -2.12 -49.12
CA LEU E 181 19.50 -2.36 -47.74
C LEU E 181 20.45 -1.27 -47.23
N ASP E 182 21.35 -0.80 -48.09
CA ASP E 182 22.24 0.30 -47.70
C ASP E 182 21.47 1.56 -47.39
N ALA E 183 20.48 1.90 -48.22
CA ALA E 183 19.66 3.08 -47.94
C ALA E 183 18.87 2.91 -46.65
N PHE E 184 18.31 1.71 -46.43
CA PHE E 184 17.56 1.46 -45.21
C PHE E 184 18.45 1.60 -43.97
N LEU E 185 19.68 1.10 -44.04
CA LEU E 185 20.59 1.23 -42.91
C LEU E 185 21.03 2.68 -42.71
N ALA E 186 21.17 3.43 -43.80
CA ALA E 186 21.46 4.86 -43.67
C ALA E 186 20.35 5.58 -42.89
N GLY E 187 19.10 5.24 -43.18
CA GLY E 187 18.01 5.80 -42.38
C GLY E 187 18.00 5.29 -40.95
N PHE E 188 18.31 4.01 -40.75
CA PHE E 188 18.29 3.43 -39.42
C PHE E 188 19.35 4.04 -38.52
N ASP E 189 20.47 4.49 -39.08
CA ASP E 189 21.48 5.16 -38.26
C ASP E 189 20.90 6.40 -37.59
N VAL E 190 20.21 7.24 -38.36
CA VAL E 190 19.59 8.44 -37.82
C VAL E 190 18.50 8.07 -36.81
N ALA E 191 17.69 7.05 -37.13
CA ALA E 191 16.66 6.64 -36.19
C ALA E 191 17.26 6.18 -34.85
N PHE E 192 18.35 5.41 -34.92
CA PHE E 192 19.02 4.93 -33.72
C PHE E 192 19.58 6.08 -32.91
N GLU E 193 20.21 7.06 -33.57
CA GLU E 193 20.74 8.20 -32.83
C GLU E 193 19.64 8.98 -32.13
N PHE E 194 18.52 9.21 -32.82
CA PHE E 194 17.38 9.90 -32.21
C PHE E 194 16.89 9.16 -30.98
N THR E 195 16.65 7.85 -31.12
CA THR E 195 16.13 7.06 -30.01
C THR E 195 17.09 7.04 -28.83
N LEU E 196 18.39 6.89 -29.10
CA LEU E 196 19.38 6.86 -28.03
C LEU E 196 19.43 8.19 -27.30
N ASP E 197 19.42 9.30 -28.06
CA ASP E 197 19.48 10.63 -27.46
C ASP E 197 18.30 10.86 -26.52
N ILE E 198 17.10 10.46 -26.95
CA ILE E 198 15.94 10.65 -26.07
C ILE E 198 16.00 9.69 -24.88
N ASP E 199 16.41 8.43 -25.12
CA ASP E 199 16.33 7.41 -24.10
C ASP E 199 17.29 7.64 -22.96
N VAL E 200 18.49 8.18 -23.24
CA VAL E 200 19.45 8.41 -22.17
C VAL E 200 18.87 9.37 -21.12
N ILE E 201 18.36 10.51 -21.59
CA ILE E 201 17.81 11.49 -20.67
C ILE E 201 16.51 11.00 -20.06
N GLY E 202 15.73 10.19 -20.79
CA GLY E 202 14.53 9.62 -20.21
C GLY E 202 14.83 8.68 -19.06
N ARG E 203 15.91 7.90 -19.19
CA ARG E 203 16.28 6.97 -18.13
C ARG E 203 16.91 7.69 -16.94
N GLU E 204 17.73 8.71 -17.20
CA GLU E 204 18.39 9.40 -16.09
C GLU E 204 17.42 10.24 -15.27
N LEU E 205 16.45 10.87 -15.93
CA LEU E 205 15.46 11.66 -15.22
C LEU E 205 14.38 10.82 -14.58
N ASP E 206 14.34 9.51 -14.86
CA ASP E 206 13.35 8.57 -14.32
C ASP E 206 11.94 9.04 -14.70
N ILE E 207 11.71 9.00 -16.01
CA ILE E 207 10.39 9.32 -16.58
C ILE E 207 10.11 8.29 -17.67
N PRO E 208 9.29 7.26 -17.39
CA PRO E 208 9.05 6.21 -18.39
C PRO E 208 8.35 6.71 -19.64
N GLU E 209 7.60 7.81 -19.54
CA GLU E 209 6.91 8.35 -20.72
C GLU E 209 7.90 8.77 -21.79
N LEU E 210 9.05 9.33 -21.38
CA LEU E 210 10.07 9.70 -22.34
C LEU E 210 10.64 8.48 -23.05
N VAL E 211 10.84 7.38 -22.31
CA VAL E 211 11.32 6.15 -22.93
C VAL E 211 10.30 5.60 -23.94
N GLU E 212 9.02 5.63 -23.57
CA GLU E 212 7.97 5.17 -24.48
C GLU E 212 7.93 6.04 -25.74
N PHE E 213 8.03 7.36 -25.57
CA PHE E 213 8.09 8.26 -26.71
C PHE E 213 9.29 7.95 -27.59
N ALA E 214 10.45 7.72 -26.97
CA ALA E 214 11.65 7.38 -27.72
C ALA E 214 11.43 6.15 -28.58
N LEU E 215 10.92 5.07 -27.97
CA LEU E 215 10.72 3.83 -28.72
C LEU E 215 9.71 4.02 -29.84
N GLU E 216 8.59 4.68 -29.56
CA GLU E 216 7.55 4.83 -30.57
C GLU E 216 8.03 5.69 -31.75
N LYS E 217 8.70 6.80 -31.46
CA LYS E 217 9.16 7.67 -32.54
C LYS E 217 10.34 7.07 -33.29
N GLY E 218 11.18 6.27 -32.61
CA GLY E 218 12.21 5.54 -33.33
C GLY E 218 11.63 4.51 -34.27
N LYS E 219 10.57 3.83 -33.84
CA LYS E 219 9.87 2.90 -34.74
C LYS E 219 9.28 3.64 -35.93
N GLU E 220 8.71 4.83 -35.69
CA GLU E 220 8.19 5.63 -36.80
C GLU E 220 9.29 6.02 -37.78
N LEU E 221 10.46 6.41 -37.25
CA LEU E 221 11.58 6.77 -38.12
C LEU E 221 12.08 5.58 -38.91
N VAL E 222 12.14 4.40 -38.29
CA VAL E 222 12.55 3.19 -39.00
C VAL E 222 11.56 2.86 -40.11
N LYS E 223 10.26 2.98 -39.82
CA LYS E 223 9.24 2.75 -40.84
C LYS E 223 9.40 3.72 -42.01
N LEU E 224 9.64 4.99 -41.72
CA LEU E 224 9.84 5.97 -42.78
C LEU E 224 11.08 5.64 -43.61
N ALA E 225 12.17 5.24 -42.95
CA ALA E 225 13.38 4.88 -43.67
C ALA E 225 13.15 3.69 -44.58
N LEU E 226 12.43 2.68 -44.09
CA LEU E 226 12.14 1.51 -44.92
C LEU E 226 11.24 1.88 -46.10
N GLU E 227 10.25 2.73 -45.87
CA GLU E 227 9.37 3.15 -46.96
C GLU E 227 10.15 3.91 -48.02
N LEU E 228 11.08 4.76 -47.60
CA LEU E 228 11.92 5.47 -48.56
C LEU E 228 12.84 4.52 -49.31
N ALA E 229 13.42 3.55 -48.61
CA ALA E 229 14.32 2.59 -49.26
C ALA E 229 13.58 1.75 -50.29
N ARG E 230 12.34 1.37 -49.99
CA ARG E 230 11.56 0.59 -50.94
C ARG E 230 11.28 1.37 -52.21
N ALA E 231 11.15 2.70 -52.11
CA ALA E 231 10.87 3.53 -53.27
C ALA E 231 12.08 3.69 -54.19
N GLY E 232 13.26 3.27 -53.76
CA GLY E 232 14.45 3.34 -54.59
C GLY E 232 15.32 4.56 -54.40
N LYS E 233 15.11 5.34 -53.34
CA LYS E 233 15.90 6.53 -53.11
C LYS E 233 17.33 6.17 -52.71
N SER E 234 18.25 7.09 -52.98
CA SER E 234 19.63 6.92 -52.57
C SER E 234 19.75 7.06 -51.06
N PRO E 235 20.83 6.53 -50.46
CA PRO E 235 20.99 6.67 -49.00
C PRO E 235 21.02 8.11 -48.52
N GLU E 236 21.52 9.04 -49.34
CA GLU E 236 21.57 10.44 -48.92
C GLU E 236 20.18 11.03 -48.77
N GLU E 237 19.28 10.75 -49.72
CA GLU E 237 17.91 11.24 -49.62
C GLU E 237 17.21 10.66 -48.40
N VAL E 238 17.41 9.37 -48.14
CA VAL E 238 16.83 8.74 -46.96
C VAL E 238 17.36 9.40 -45.69
N LYS E 239 18.67 9.65 -45.64
CA LYS E 239 19.25 10.30 -44.48
C LYS E 239 18.65 11.69 -44.26
N ALA E 240 18.52 12.46 -45.33
CA ALA E 240 17.99 13.82 -45.20
C ALA E 240 16.55 13.82 -44.72
N ALA E 241 15.71 12.96 -45.31
CA ALA E 241 14.30 12.94 -44.93
C ALA E 241 14.11 12.42 -43.51
N VAL E 242 14.86 11.38 -43.12
CA VAL E 242 14.76 10.87 -41.76
C VAL E 242 15.26 11.93 -40.77
N LYS E 243 16.28 12.71 -41.15
CA LYS E 243 16.74 13.78 -40.28
C LYS E 243 15.68 14.85 -40.09
N ALA E 244 14.98 15.22 -41.16
CA ALA E 244 13.92 16.22 -41.04
C ALA E 244 12.80 15.72 -40.14
N ARG E 245 12.36 14.48 -40.35
CA ARG E 245 11.32 13.91 -39.50
C ARG E 245 11.78 13.81 -38.06
N GLY E 246 13.06 13.50 -37.85
CA GLY E 246 13.60 13.46 -36.51
C GLY E 246 13.61 14.82 -35.85
N GLU E 247 13.85 15.88 -36.62
CA GLU E 247 13.78 17.23 -36.08
C GLU E 247 12.36 17.56 -35.61
N GLU E 248 11.36 17.21 -36.42
CA GLU E 248 9.98 17.45 -36.02
C GLU E 248 9.62 16.66 -34.75
N LEU E 249 9.98 15.38 -34.72
CA LEU E 249 9.71 14.57 -33.54
C LEU E 249 10.51 15.04 -32.34
N HIS E 250 11.59 15.75 -32.56
CA HIS E 250 12.35 16.27 -31.47
C HIS E 250 11.64 17.43 -30.87
N LYS E 251 11.10 18.29 -31.71
CA LYS E 251 10.29 19.37 -31.16
C LYS E 251 9.14 18.83 -30.32
N GLU E 252 8.48 17.78 -30.83
CA GLU E 252 7.43 17.14 -30.04
C GLU E 252 7.97 16.59 -28.72
N PHE E 253 9.18 16.01 -28.75
CA PHE E 253 9.80 15.52 -27.53
C PHE E 253 10.10 16.65 -26.56
N GLU E 254 10.54 17.80 -27.07
CA GLU E 254 10.78 18.94 -26.19
C GLU E 254 9.50 19.33 -25.46
N LYS E 255 8.39 19.42 -26.18
CA LYS E 255 7.12 19.73 -25.53
C LYS E 255 6.77 18.69 -24.46
N LEU E 256 6.86 17.41 -24.82
CA LEU E 256 6.48 16.35 -23.88
C LEU E 256 7.39 16.34 -22.65
N ALA E 257 8.69 16.53 -22.86
CA ALA E 257 9.63 16.54 -21.75
C ALA E 257 9.36 17.70 -20.81
N LEU E 258 9.08 18.88 -21.35
CA LEU E 258 8.74 20.01 -20.49
C LEU E 258 7.49 19.71 -19.67
N LYS E 259 6.46 19.16 -20.32
CA LYS E 259 5.23 18.85 -19.61
C LYS E 259 5.44 17.85 -18.49
N GLU E 260 6.18 16.77 -18.77
CA GLU E 260 6.41 15.75 -17.76
C GLU E 260 7.31 16.26 -16.63
N TYR E 261 8.31 17.07 -16.97
CA TYR E 261 9.18 17.62 -15.94
C TYR E 261 8.41 18.52 -14.99
N PHE E 262 7.50 19.34 -15.53
CA PHE E 262 6.70 20.19 -14.63
C PHE E 262 5.63 19.39 -13.88
N LYS E 263 5.18 18.28 -14.45
CA LYS E 263 4.32 17.38 -13.68
C LYS E 263 5.07 16.83 -12.46
N ARG E 264 6.32 16.39 -12.66
CA ARG E 264 7.09 15.85 -11.55
C ARG E 264 7.48 16.93 -10.54
N ARG E 265 7.90 18.09 -11.03
CA ARG E 265 8.44 19.13 -10.16
C ARG E 265 7.38 19.68 -9.21
N LEU E 266 6.16 19.87 -9.69
CA LEU E 266 5.09 20.42 -8.88
C LEU E 266 4.42 19.38 -7.99
N GLY E 267 4.92 18.14 -7.96
CA GLY E 267 4.30 17.10 -7.18
C GLY E 267 3.09 16.46 -7.83
N LEU E 268 2.76 16.84 -9.05
CA LEU E 268 1.59 16.32 -9.74
C LEU E 268 1.78 14.86 -10.13
N GLY F 20 12.15 11.81 -3.46
CA GLY F 20 11.96 10.38 -3.25
C GLY F 20 10.99 10.07 -2.12
N PRO F 21 10.29 8.94 -2.23
CA PRO F 21 9.30 8.59 -1.19
C PRO F 21 9.91 8.41 0.19
N GLY F 22 11.14 7.91 0.28
CA GLY F 22 11.71 7.58 1.58
C GLY F 22 13.00 8.30 1.91
N GLY F 23 13.13 9.56 1.48
CA GLY F 23 14.30 10.35 1.81
C GLY F 23 14.07 11.22 3.03
N THR F 24 15.14 11.93 3.43
CA THR F 24 15.06 12.85 4.54
C THR F 24 14.67 14.23 4.03
N MET F 25 14.47 15.17 4.96
CA MET F 25 14.06 16.52 4.59
C MET F 25 15.14 17.28 3.83
N ALA F 26 16.41 16.94 4.04
CA ALA F 26 17.50 17.61 3.35
C ALA F 26 17.84 16.94 2.02
N ALA F 27 17.62 15.64 1.90
CA ALA F 27 17.94 14.94 0.65
C ALA F 27 16.94 15.25 -0.46
N GLU F 28 15.69 15.58 -0.10
CA GLU F 28 14.69 15.91 -1.11
C GLU F 28 15.06 17.18 -1.86
N GLU F 29 15.56 18.19 -1.15
CA GLU F 29 15.97 19.43 -1.80
C GLU F 29 17.12 19.18 -2.77
N MET F 30 18.10 18.38 -2.37
CA MET F 30 19.21 18.07 -3.26
C MET F 30 18.75 17.24 -4.45
N GLU F 31 17.78 16.35 -4.25
CA GLU F 31 17.23 15.59 -5.37
C GLU F 31 16.53 16.51 -6.37
N LYS F 32 15.78 17.49 -5.86
CA LYS F 32 15.15 18.47 -6.75
C LYS F 32 16.18 19.27 -7.52
N ILE F 33 17.25 19.70 -6.82
CA ILE F 33 18.31 20.45 -7.49
C ILE F 33 18.97 19.60 -8.57
N PHE F 34 19.22 18.33 -8.27
CA PHE F 34 19.84 17.43 -9.24
C PHE F 34 18.98 17.25 -10.48
N ARG F 35 17.68 17.02 -10.28
CA ARG F 35 16.77 16.86 -11.42
C ARG F 35 16.71 18.13 -12.26
N ASP F 36 16.63 19.29 -11.60
CA ASP F 36 16.57 20.55 -12.32
C ASP F 36 17.84 20.76 -13.14
N LYS F 37 19.00 20.52 -12.54
CA LYS F 37 20.27 20.71 -13.24
C LYS F 37 20.40 19.74 -14.40
N LEU F 38 19.97 18.49 -14.22
CA LEU F 38 20.04 17.52 -15.31
C LEU F 38 19.15 17.95 -16.48
N PHE F 39 17.92 18.38 -16.18
CA PHE F 39 17.01 18.82 -17.23
C PHE F 39 17.59 20.00 -18.00
N HIS F 40 18.10 21.00 -17.28
CA HIS F 40 18.61 22.18 -17.97
C HIS F 40 19.94 21.91 -18.67
N LEU F 41 20.72 20.95 -18.17
CA LEU F 41 21.92 20.55 -18.89
C LEU F 41 21.57 19.86 -20.21
N HIS F 42 20.54 19.01 -20.19
CA HIS F 42 20.07 18.43 -21.45
C HIS F 42 19.60 19.52 -22.41
N GLN F 43 18.87 20.51 -21.89
CA GLN F 43 18.44 21.63 -22.72
C GLN F 43 19.64 22.34 -23.34
N LYS F 44 20.66 22.63 -22.52
CA LYS F 44 21.84 23.35 -23.03
C LYS F 44 22.59 22.53 -24.07
N LEU F 45 22.75 21.23 -23.83
CA LEU F 45 23.41 20.37 -24.80
C LEU F 45 22.64 20.32 -26.11
N ASP F 46 21.31 20.23 -26.03
CA ASP F 46 20.49 20.20 -27.22
C ASP F 46 20.59 21.50 -28.00
N GLU F 47 20.60 22.63 -27.29
CA GLU F 47 20.74 23.93 -27.95
C GLU F 47 22.12 24.07 -28.60
N ALA F 48 23.16 23.55 -27.95
CA ALA F 48 24.51 23.67 -28.46
C ALA F 48 24.75 22.88 -29.74
N GLY F 49 23.82 22.00 -30.12
CA GLY F 49 23.98 21.22 -31.34
C GLY F 49 25.09 20.20 -31.27
N LYS F 50 24.92 19.20 -30.40
CA LYS F 50 25.88 18.13 -30.24
C LYS F 50 25.29 16.82 -30.73
N SER F 51 26.18 15.88 -31.04
CA SER F 51 25.75 14.55 -31.47
C SER F 51 25.14 13.78 -30.31
N ALA F 52 24.42 12.71 -30.65
CA ALA F 52 23.75 11.92 -29.62
C ALA F 52 24.74 11.27 -28.67
N GLU F 53 25.85 10.75 -29.19
CA GLU F 53 26.84 10.11 -28.34
C GLU F 53 27.53 11.13 -27.43
N GLU F 54 27.76 12.35 -27.95
CA GLU F 54 28.33 13.40 -27.10
C GLU F 54 27.38 13.78 -25.98
N ILE F 55 26.08 13.88 -26.28
CA ILE F 55 25.09 14.19 -25.26
C ILE F 55 25.05 13.09 -24.21
N ALA F 56 25.09 11.83 -24.64
CA ALA F 56 25.10 10.73 -23.69
C ALA F 56 26.35 10.77 -22.80
N LYS F 57 27.51 11.04 -23.40
CA LYS F 57 28.74 11.13 -22.63
C LYS F 57 28.66 12.25 -21.59
N ALA F 58 28.15 13.42 -22.00
CA ALA F 58 28.03 14.53 -21.07
C ALA F 58 27.05 14.22 -19.94
N VAL F 59 25.93 13.56 -20.26
CA VAL F 59 24.95 13.21 -19.24
C VAL F 59 25.55 12.24 -18.24
N GLU F 60 26.26 11.21 -18.72
CA GLU F 60 26.89 10.27 -17.81
C GLU F 60 27.94 10.95 -16.94
N LEU F 61 28.74 11.83 -17.52
CA LEU F 61 29.75 12.54 -16.73
C LEU F 61 29.11 13.41 -15.66
N PHE F 62 28.03 14.13 -16.02
CA PHE F 62 27.36 14.97 -15.04
C PHE F 62 26.77 14.14 -13.92
N VAL F 63 26.14 13.01 -14.24
CA VAL F 63 25.57 12.17 -13.19
C VAL F 63 26.68 11.65 -12.28
N GLY F 64 27.80 11.23 -12.86
CA GLY F 64 28.90 10.73 -12.06
C GLY F 64 29.45 11.75 -11.09
N LEU F 65 29.63 13.00 -11.56
CA LEU F 65 30.19 14.03 -10.67
C LEU F 65 29.16 14.49 -9.64
N ALA F 66 27.91 14.68 -10.07
CA ALA F 66 26.88 15.14 -9.16
C ALA F 66 26.58 14.10 -8.09
N MET F 67 26.81 12.82 -8.36
CA MET F 67 26.60 11.81 -7.32
C MET F 67 27.59 11.99 -6.18
N ARG F 68 28.87 12.24 -6.51
CA ARG F 68 29.87 12.52 -5.48
C ARG F 68 29.53 13.80 -4.72
N ALA F 69 29.11 14.84 -5.44
CA ALA F 69 28.73 16.08 -4.78
C ALA F 69 27.56 15.85 -3.82
N PHE F 70 26.58 15.06 -4.25
CA PHE F 70 25.42 14.75 -3.41
C PHE F 70 25.84 14.00 -2.15
N ASP F 71 26.70 13.00 -2.30
CA ASP F 71 27.19 12.26 -1.13
C ASP F 71 27.88 13.19 -0.15
N TYR F 72 28.74 14.07 -0.67
CA TYR F 72 29.54 14.94 0.18
C TYR F 72 28.66 15.93 0.94
N ALA F 73 27.72 16.55 0.22
CA ALA F 73 26.83 17.51 0.85
C ALA F 73 25.89 16.84 1.85
N LEU F 74 25.43 15.62 1.54
CA LEU F 74 24.60 14.88 2.48
C LEU F 74 25.37 14.56 3.76
N HIS F 75 26.65 14.21 3.61
CA HIS F 75 27.48 14.00 4.80
C HIS F 75 27.58 15.27 5.64
N ILE F 76 27.78 16.41 4.99
CA ILE F 76 27.88 17.67 5.74
C ILE F 76 26.56 17.97 6.45
N ALA F 77 25.44 17.79 5.76
CA ALA F 77 24.14 18.06 6.37
C ALA F 77 23.86 17.12 7.54
N GLU F 78 24.22 15.85 7.40
CA GLU F 78 24.04 14.90 8.49
C GLU F 78 24.92 15.25 9.68
N ARG F 79 26.16 15.68 9.43
CA ARG F 79 27.02 16.12 10.53
C ARG F 79 26.40 17.32 11.24
N GLY F 80 25.83 18.25 10.48
CA GLY F 80 25.18 19.40 11.10
C GLY F 80 23.97 19.01 11.92
N LYS F 81 23.17 18.08 11.42
CA LYS F 81 21.99 17.64 12.15
C LYS F 81 22.36 16.87 13.41
N GLU F 82 23.46 16.12 13.38
CA GLU F 82 23.87 15.37 14.55
C GLU F 82 24.21 16.30 15.71
N MET F 83 24.94 17.37 15.43
CA MET F 83 25.25 18.38 16.44
C MET F 83 24.10 19.39 16.51
N GLY F 84 24.32 20.49 17.22
CA GLY F 84 23.28 21.49 17.38
C GLY F 84 23.44 22.68 16.46
N ILE F 85 23.79 22.43 15.21
CA ILE F 85 24.05 23.51 14.25
C ILE F 85 23.11 23.37 13.06
N PRO F 86 21.94 23.99 13.08
CA PRO F 86 21.07 23.97 11.90
C PRO F 86 21.65 24.71 10.70
N THR F 87 22.66 25.56 10.90
CA THR F 87 23.26 26.28 9.78
C THR F 87 24.01 25.34 8.84
N LEU F 88 24.60 24.27 9.37
CA LEU F 88 25.37 23.36 8.54
C LEU F 88 24.50 22.63 7.51
N VAL F 89 23.22 22.42 7.82
CA VAL F 89 22.33 21.80 6.84
C VAL F 89 22.15 22.72 5.63
N GLU F 90 21.86 23.99 5.88
CA GLU F 90 21.70 24.95 4.79
C GLU F 90 22.99 25.10 4.01
N MET F 91 24.13 25.06 4.71
CA MET F 91 25.40 25.22 4.02
C MET F 91 25.75 23.98 3.20
N GLY F 92 25.33 22.80 3.64
CA GLY F 92 25.45 21.62 2.79
C GLY F 92 24.58 21.71 1.56
N LYS F 93 23.38 22.25 1.70
CA LYS F 93 22.52 22.47 0.53
C LYS F 93 23.17 23.44 -0.46
N ILE F 94 23.76 24.53 0.06
CA ILE F 94 24.46 25.48 -0.80
C ILE F 94 25.62 24.81 -1.52
N LEU F 95 26.39 23.99 -0.77
CA LEU F 95 27.52 23.29 -1.35
C LEU F 95 27.07 22.37 -2.47
N PHE F 96 25.98 21.62 -2.27
CA PHE F 96 25.52 20.74 -3.34
C PHE F 96 25.03 21.54 -4.54
N LYS F 97 24.35 22.67 -4.31
CA LYS F 97 23.91 23.49 -5.43
C LYS F 97 25.09 23.91 -6.30
N TYR F 98 26.14 24.41 -5.67
CA TYR F 98 27.27 24.88 -6.47
C TYR F 98 28.11 23.73 -7.01
N GLY F 99 28.15 22.59 -6.33
CA GLY F 99 28.81 21.43 -6.89
C GLY F 99 28.10 20.89 -8.12
N ALA F 100 26.76 20.90 -8.10
CA ALA F 100 26.00 20.50 -9.28
C ALA F 100 26.19 21.49 -10.41
N LYS F 101 26.26 22.79 -10.10
CA LYS F 101 26.57 23.78 -11.13
C LYS F 101 27.93 23.51 -11.76
N LEU F 102 28.94 23.24 -10.92
CA LEU F 102 30.28 22.95 -11.44
C LEU F 102 30.29 21.68 -12.28
N ALA F 103 29.57 20.65 -11.84
CA ALA F 103 29.52 19.40 -12.59
C ALA F 103 28.86 19.60 -13.95
N ALA F 104 27.77 20.36 -13.98
CA ALA F 104 27.11 20.64 -15.26
C ALA F 104 28.02 21.43 -16.18
N GLU F 105 28.76 22.40 -15.63
CA GLU F 105 29.68 23.17 -16.46
C GLU F 105 30.80 22.29 -17.00
N LEU F 106 31.33 21.39 -16.17
CA LEU F 106 32.38 20.48 -16.62
C LEU F 106 31.87 19.55 -17.72
N ALA F 107 30.65 19.04 -17.56
CA ALA F 107 30.06 18.18 -18.58
C ALA F 107 29.84 18.95 -19.89
N LEU F 108 29.37 20.20 -19.78
CA LEU F 108 29.14 21.00 -20.98
C LEU F 108 30.44 21.38 -21.66
N ALA F 109 31.54 21.47 -20.89
CA ALA F 109 32.83 21.86 -21.46
C ALA F 109 33.52 20.72 -22.19
N GLY F 110 33.01 19.50 -22.10
CA GLY F 110 33.62 18.39 -22.79
C GLY F 110 34.90 17.87 -22.17
N LYS F 111 35.13 18.14 -20.89
CA LYS F 111 36.33 17.65 -20.21
C LYS F 111 36.30 16.13 -20.10
N SER F 112 37.48 15.53 -20.06
CA SER F 112 37.59 14.10 -19.89
C SER F 112 37.17 13.69 -18.48
N GLU F 113 36.97 12.38 -18.30
CA GLU F 113 36.52 11.88 -17.01
C GLU F 113 37.55 12.13 -15.91
N GLU F 114 38.83 11.89 -16.21
CA GLU F 114 39.88 12.06 -15.20
C GLU F 114 40.01 13.52 -14.79
N GLU F 115 40.03 14.44 -15.76
CA GLU F 115 40.14 15.86 -15.44
C GLU F 115 38.95 16.34 -14.63
N ALA F 116 37.74 15.92 -15.01
CA ALA F 116 36.54 16.31 -14.27
C ALA F 116 36.57 15.77 -12.85
N ARG F 117 37.00 14.53 -12.68
CA ARG F 117 37.09 13.95 -11.34
C ARG F 117 38.10 14.70 -10.48
N ALA F 118 39.25 15.05 -11.06
CA ALA F 118 40.26 15.80 -10.31
C ALA F 118 39.72 17.18 -9.92
N ALA F 119 39.04 17.85 -10.84
CA ALA F 119 38.47 19.16 -10.53
C ALA F 119 37.43 19.06 -9.42
N MET F 120 36.59 18.03 -9.46
CA MET F 120 35.60 17.83 -8.40
C MET F 120 36.27 17.58 -7.06
N ASP F 121 37.35 16.79 -7.04
CA ASP F 121 38.07 16.53 -5.80
C ASP F 121 38.67 17.82 -5.23
N ARG F 122 39.28 18.63 -6.08
CA ARG F 122 39.84 19.90 -5.63
C ARG F 122 38.74 20.82 -5.09
N PHE F 123 37.60 20.85 -5.76
CA PHE F 123 36.47 21.67 -5.30
C PHE F 123 36.01 21.23 -3.92
N LEU F 124 35.89 19.92 -3.70
CA LEU F 124 35.42 19.43 -2.40
C LEU F 124 36.43 19.73 -1.30
N SER F 125 37.73 19.56 -1.59
CA SER F 125 38.75 19.86 -0.59
C SER F 125 38.75 21.34 -0.22
N LEU F 126 38.63 22.22 -1.22
CA LEU F 126 38.64 23.65 -0.92
C LEU F 126 37.36 24.09 -0.23
N SER F 127 36.24 23.41 -0.50
CA SER F 127 35.03 23.70 0.27
C SER F 127 35.19 23.29 1.73
N ASP F 128 35.91 22.18 1.99
CA ASP F 128 36.27 21.87 3.37
C ASP F 128 37.12 22.97 3.98
N TYR F 129 38.08 23.50 3.22
CA TYR F 129 38.91 24.58 3.72
C TYR F 129 38.04 25.76 4.17
N LEU F 130 37.13 26.19 3.30
CA LEU F 130 36.25 27.32 3.64
C LEU F 130 35.33 26.98 4.81
N LEU F 131 34.85 25.74 4.87
CA LEU F 131 34.00 25.31 5.97
C LEU F 131 34.69 25.43 7.31
N GLU F 132 35.94 24.94 7.38
CA GLU F 132 36.67 25.00 8.64
C GLU F 132 37.06 26.43 8.99
N ARG F 133 37.25 27.30 7.99
CA ARG F 133 37.50 28.69 8.32
C ARG F 133 36.23 29.41 8.77
N LEU F 134 35.05 28.93 8.37
CA LEU F 134 33.81 29.61 8.72
C LEU F 134 33.12 29.07 9.96
N LEU F 135 33.47 27.87 10.42
CA LEU F 135 32.79 27.30 11.59
C LEU F 135 32.84 28.15 12.85
N PRO F 136 33.97 28.76 13.24
CA PRO F 136 33.94 29.60 14.47
C PRO F 136 32.93 30.74 14.40
N TYR F 137 32.74 31.33 13.22
CA TYR F 137 31.73 32.38 13.08
C TYR F 137 30.33 31.84 13.30
N ILE F 138 30.08 30.61 12.83
CA ILE F 138 28.79 29.98 13.09
C ILE F 138 28.58 29.78 14.59
N GLU F 139 29.61 29.29 15.28
CA GLU F 139 29.48 29.10 16.72
C GLU F 139 29.21 30.42 17.44
N LEU F 140 29.94 31.47 17.08
CA LEU F 140 29.74 32.76 17.71
C LEU F 140 28.36 33.31 17.42
N ALA F 141 27.89 33.18 16.18
CA ALA F 141 26.58 33.68 15.82
C ALA F 141 25.46 32.95 16.56
N GLU F 142 25.58 31.62 16.68
CA GLU F 142 24.56 30.87 17.37
C GLU F 142 24.63 31.01 18.88
N ARG F 143 25.79 31.42 19.42
CA ARG F 143 25.86 31.71 20.85
C ARG F 143 25.01 32.92 21.23
N MET F 144 25.01 33.95 20.38
CA MET F 144 24.26 35.17 20.65
C MET F 144 22.83 35.13 20.15
N LYS F 145 22.41 34.03 19.53
CA LYS F 145 21.04 33.87 19.02
C LYS F 145 20.68 35.01 18.06
N SER F 146 21.56 35.29 17.11
CA SER F 146 21.29 36.33 16.15
C SER F 146 21.04 35.76 14.78
N PRO F 147 19.80 35.84 14.30
CA PRO F 147 19.50 35.40 12.93
C PRO F 147 20.26 36.17 11.85
N ALA F 148 20.51 37.46 12.08
CA ALA F 148 21.22 38.27 11.09
C ALA F 148 22.63 37.75 10.87
N LEU F 149 23.33 37.39 11.94
CA LEU F 149 24.69 36.87 11.79
C LEU F 149 24.71 35.52 11.09
N GLN F 150 23.72 34.67 11.37
CA GLN F 150 23.62 33.40 10.67
C GLN F 150 23.36 33.60 9.19
N GLU F 151 22.48 34.55 8.85
CA GLU F 151 22.24 34.87 7.45
C GLU F 151 23.51 35.40 6.79
N LEU F 152 24.27 36.23 7.50
CA LEU F 152 25.52 36.74 6.96
C LEU F 152 26.51 35.62 6.69
N VAL F 153 26.60 34.65 7.61
CA VAL F 153 27.50 33.52 7.41
C VAL F 153 27.06 32.70 6.20
N LEU F 154 25.75 32.47 6.07
CA LEU F 154 25.24 31.76 4.90
C LEU F 154 25.58 32.49 3.61
N TYR F 155 25.42 33.81 3.60
CA TYR F 155 25.72 34.60 2.41
C TYR F 155 27.21 34.54 2.07
N ALA F 156 28.07 34.61 3.09
CA ALA F 156 29.50 34.51 2.86
C ALA F 156 29.87 33.16 2.30
N PHE F 157 29.27 32.09 2.81
CA PHE F 157 29.53 30.76 2.27
C PHE F 157 29.08 30.67 0.81
N LYS F 158 27.92 31.25 0.50
CA LYS F 158 27.43 31.24 -0.88
C LYS F 158 28.40 31.96 -1.82
N GLU F 159 28.87 33.14 -1.42
CA GLU F 159 29.80 33.88 -2.26
C GLU F 159 31.13 33.15 -2.39
N GLY F 160 31.61 32.54 -1.31
CA GLY F 160 32.83 31.75 -1.39
C GLY F 160 32.70 30.56 -2.32
N MET F 161 31.55 29.89 -2.28
CA MET F 161 31.30 28.79 -3.20
C MET F 161 31.27 29.27 -4.65
N LYS F 162 30.64 30.43 -4.90
CA LYS F 162 30.65 30.99 -6.25
C LYS F 162 32.07 31.22 -6.73
N LEU F 163 32.88 31.90 -5.91
CA LEU F 163 34.25 32.20 -6.30
C LEU F 163 35.05 30.93 -6.51
N LEU F 164 34.88 29.95 -5.62
CA LEU F 164 35.63 28.70 -5.74
C LEU F 164 35.26 27.95 -7.00
N ALA F 165 33.97 27.87 -7.32
CA ALA F 165 33.56 27.19 -8.54
C ALA F 165 34.10 27.89 -9.78
N GLU F 166 34.05 29.23 -9.80
CA GLU F 166 34.58 29.95 -10.94
C GLU F 166 36.08 29.73 -11.10
N LEU F 167 36.82 29.76 -9.99
CA LEU F 167 38.27 29.55 -10.06
C LEU F 167 38.61 28.14 -10.51
N ILE F 168 37.89 27.14 -10.01
CA ILE F 168 38.14 25.76 -10.41
C ILE F 168 37.84 25.58 -11.90
N LEU F 169 36.75 26.20 -12.38
CA LEU F 169 36.44 26.16 -13.81
C LEU F 169 37.54 26.81 -14.63
N ALA F 170 38.07 27.95 -14.17
CA ALA F 170 39.10 28.65 -14.90
C ALA F 170 40.42 27.90 -14.95
N GLY F 171 40.59 26.86 -14.14
CA GLY F 171 41.81 26.08 -14.16
C GLY F 171 42.97 26.75 -13.46
N LYS F 172 42.82 26.99 -12.16
CA LYS F 172 43.85 27.64 -11.35
C LYS F 172 44.41 26.67 -10.32
N SER F 173 45.61 26.98 -9.86
CA SER F 173 46.29 26.13 -8.89
C SER F 173 45.61 26.21 -7.54
N ASP F 174 45.92 25.24 -6.68
CA ASP F 174 45.33 25.17 -5.34
C ASP F 174 45.88 26.23 -4.40
N GLU F 175 46.99 26.88 -4.74
CA GLU F 175 47.56 27.91 -3.89
C GLU F 175 46.95 29.28 -4.14
N GLU F 176 46.72 29.63 -5.41
CA GLU F 176 46.07 30.89 -5.73
C GLU F 176 44.65 30.92 -5.16
N ILE F 177 43.93 29.81 -5.27
CA ILE F 177 42.57 29.74 -4.73
C ILE F 177 42.59 29.92 -3.22
N GLN F 178 43.55 29.29 -2.55
CA GLN F 178 43.64 29.43 -1.09
C GLN F 178 44.00 30.85 -0.69
N ALA F 179 44.86 31.51 -1.45
CA ALA F 179 45.19 32.91 -1.16
C ALA F 179 43.97 33.81 -1.33
N LYS F 180 43.20 33.59 -2.40
CA LYS F 180 41.98 34.37 -2.61
C LYS F 180 40.98 34.13 -1.50
N LEU F 181 40.85 32.87 -1.05
CA LEU F 181 39.96 32.57 0.06
C LEU F 181 40.41 33.24 1.34
N ASP F 182 41.73 33.30 1.56
CA ASP F 182 42.27 33.99 2.73
C ASP F 182 41.91 35.46 2.71
N ALA F 183 42.07 36.11 1.54
CA ALA F 183 41.70 37.52 1.44
C ALA F 183 40.21 37.72 1.68
N PHE F 184 39.38 36.83 1.12
CA PHE F 184 37.94 36.94 1.30
C PHE F 184 37.56 36.79 2.77
N LEU F 185 38.20 35.86 3.49
CA LEU F 185 37.92 35.71 4.91
C LEU F 185 38.42 36.89 5.72
N ALA F 186 39.54 37.50 5.31
CA ALA F 186 40.00 38.71 5.97
C ALA F 186 38.96 39.83 5.86
N GLY F 187 38.36 39.98 4.68
CA GLY F 187 37.29 40.95 4.54
C GLY F 187 36.04 40.57 5.33
N PHE F 188 35.71 39.28 5.34
CA PHE F 188 34.51 38.83 6.04
C PHE F 188 34.63 39.03 7.55
N ASP F 189 35.83 39.06 8.08
CA ASP F 189 35.98 39.33 9.50
C ASP F 189 35.51 40.73 9.84
N VAL F 190 35.90 41.71 9.03
CA VAL F 190 35.43 43.08 9.25
C VAL F 190 33.93 43.18 9.03
N ALA F 191 33.42 42.51 7.98
CA ALA F 191 31.98 42.55 7.74
C ALA F 191 31.19 41.98 8.91
N PHE F 192 31.66 40.84 9.46
CA PHE F 192 31.00 40.23 10.59
C PHE F 192 31.06 41.12 11.83
N GLU F 193 32.21 41.75 12.07
CA GLU F 193 32.32 42.65 13.22
C GLU F 193 31.34 43.81 13.11
N PHE F 194 31.26 44.42 11.92
CA PHE F 194 30.32 45.53 11.72
C PHE F 194 28.88 45.08 11.95
N THR F 195 28.50 43.94 11.36
CA THR F 195 27.13 43.47 11.49
C THR F 195 26.80 43.15 12.94
N LEU F 196 27.71 42.49 13.65
CA LEU F 196 27.47 42.16 15.05
C LEU F 196 27.33 43.41 15.90
N ASP F 197 28.22 44.37 15.68
CA ASP F 197 28.18 45.61 16.44
C ASP F 197 26.82 46.26 16.30
N ILE F 198 26.38 46.46 15.07
CA ILE F 198 25.11 47.15 14.87
C ILE F 198 23.95 46.32 15.39
N ASP F 199 23.99 45.00 15.17
CA ASP F 199 22.86 44.14 15.49
C ASP F 199 22.63 44.00 16.98
N VAL F 200 23.69 44.05 17.79
CA VAL F 200 23.51 43.93 19.23
C VAL F 200 22.64 45.08 19.76
N ILE F 201 23.00 46.31 19.39
CA ILE F 201 22.22 47.46 19.84
C ILE F 201 20.87 47.51 19.15
N GLY F 202 20.77 46.99 17.92
CA GLY F 202 19.47 46.91 17.27
C GLY F 202 18.51 46.00 18.00
N ARG F 203 19.01 44.87 18.50
CA ARG F 203 18.16 43.93 19.21
C ARG F 203 17.85 44.43 20.63
N GLU F 204 18.82 45.05 21.30
CA GLU F 204 18.57 45.51 22.66
C GLU F 204 17.62 46.70 22.71
N LEU F 205 17.68 47.58 21.71
CA LEU F 205 16.80 48.74 21.68
C LEU F 205 15.43 48.44 21.08
N ASP F 206 15.22 47.23 20.57
CA ASP F 206 13.95 46.80 19.99
C ASP F 206 13.58 47.69 18.80
N ILE F 207 14.46 47.69 17.81
CA ILE F 207 14.24 48.43 16.56
C ILE F 207 14.58 47.53 15.39
N PRO F 208 13.58 46.92 14.72
CA PRO F 208 13.88 46.02 13.61
C PRO F 208 14.59 46.69 12.44
N GLU F 209 14.42 48.01 12.27
CA GLU F 209 15.09 48.71 11.18
C GLU F 209 16.60 48.65 11.35
N LEU F 210 17.09 48.71 12.58
CA LEU F 210 18.53 48.62 12.80
C LEU F 210 19.05 47.24 12.41
N VAL F 211 18.30 46.18 12.71
CA VAL F 211 18.73 44.84 12.33
C VAL F 211 18.71 44.68 10.81
N GLU F 212 17.69 45.23 10.16
CA GLU F 212 17.65 45.18 8.70
C GLU F 212 18.84 45.91 8.09
N PHE F 213 19.16 47.09 8.63
CA PHE F 213 20.33 47.83 8.17
C PHE F 213 21.61 47.04 8.39
N ALA F 214 21.72 46.39 9.55
CA ALA F 214 22.88 45.55 9.83
C ALA F 214 23.06 44.47 8.77
N LEU F 215 21.98 43.73 8.49
CA LEU F 215 22.08 42.64 7.52
C LEU F 215 22.42 43.17 6.14
N GLU F 216 21.76 44.24 5.71
CA GLU F 216 21.98 44.76 4.35
C GLU F 216 23.41 45.28 4.18
N LYS F 217 23.91 46.04 5.15
CA LYS F 217 25.25 46.60 5.01
C LYS F 217 26.32 45.54 5.22
N GLY F 218 26.05 44.52 6.04
CA GLY F 218 26.97 43.40 6.12
C GLY F 218 27.06 42.65 4.81
N LYS F 219 25.92 42.47 4.13
CA LYS F 219 25.94 41.86 2.80
C LYS F 219 26.72 42.71 1.82
N GLU F 220 26.57 44.03 1.89
CA GLU F 220 27.34 44.92 1.03
C GLU F 220 28.84 44.78 1.29
N LEU F 221 29.22 44.72 2.57
CA LEU F 221 30.64 44.57 2.91
C LEU F 221 31.18 43.22 2.43
N VAL F 222 30.38 42.16 2.54
CA VAL F 222 30.80 40.85 2.06
C VAL F 222 30.99 40.87 0.55
N LYS F 223 30.07 41.52 -0.17
CA LYS F 223 30.21 41.65 -1.61
C LYS F 223 31.48 42.41 -1.97
N LEU F 224 31.76 43.50 -1.26
CA LEU F 224 32.98 44.26 -1.53
C LEU F 224 34.23 43.42 -1.26
N ALA F 225 34.23 42.66 -0.17
CA ALA F 225 35.38 41.83 0.16
C ALA F 225 35.59 40.76 -0.92
N LEU F 226 34.51 40.13 -1.37
CA LEU F 226 34.65 39.11 -2.42
C LEU F 226 35.14 39.72 -3.72
N GLU F 227 34.62 40.89 -4.08
CA GLU F 227 35.05 41.55 -5.31
C GLU F 227 36.52 41.92 -5.25
N LEU F 228 36.98 42.39 -4.09
CA LEU F 228 38.39 42.70 -3.93
C LEU F 228 39.25 41.44 -3.98
N ALA F 229 38.78 40.35 -3.37
CA ALA F 229 39.54 39.10 -3.38
C ALA F 229 39.67 38.56 -4.79
N ARG F 230 38.61 38.67 -5.59
CA ARG F 230 38.68 38.19 -6.97
C ARG F 230 39.69 38.98 -7.78
N ALA F 231 39.94 40.25 -7.42
CA ALA F 231 40.88 41.08 -8.16
C ALA F 231 42.33 40.73 -7.86
N GLY F 232 42.61 39.92 -6.85
CA GLY F 232 43.96 39.52 -6.53
C GLY F 232 44.65 40.30 -5.43
N LYS F 233 43.92 41.12 -4.67
CA LYS F 233 44.53 41.89 -3.60
C LYS F 233 44.92 40.97 -2.44
N SER F 234 45.94 41.40 -1.70
CA SER F 234 46.34 40.69 -0.50
C SER F 234 45.31 40.92 0.60
N PRO F 235 45.30 40.06 1.63
CA PRO F 235 44.31 40.24 2.71
C PRO F 235 44.38 41.59 3.40
N GLU F 236 45.56 42.21 3.48
CA GLU F 236 45.68 43.50 4.16
C GLU F 236 44.93 44.59 3.42
N GLU F 237 45.06 44.65 2.09
CA GLU F 237 44.35 45.66 1.31
C GLU F 237 42.85 45.46 1.40
N VAL F 238 42.39 44.20 1.33
CA VAL F 238 40.97 43.91 1.48
C VAL F 238 40.48 44.36 2.85
N LYS F 239 41.25 44.07 3.89
CA LYS F 239 40.87 44.49 5.24
C LYS F 239 40.76 46.01 5.33
N ALA F 240 41.73 46.73 4.78
CA ALA F 240 41.71 48.19 4.85
C ALA F 240 40.50 48.77 4.11
N ALA F 241 40.24 48.27 2.90
CA ALA F 241 39.12 48.82 2.12
C ALA F 241 37.78 48.50 2.76
N VAL F 242 37.62 47.26 3.27
CA VAL F 242 36.38 46.92 3.94
C VAL F 242 36.22 47.74 5.21
N LYS F 243 37.32 48.03 5.91
CA LYS F 243 37.24 48.88 7.10
C LYS F 243 36.77 50.29 6.75
N ALA F 244 37.30 50.86 5.66
CA ALA F 244 36.87 52.20 5.25
C ALA F 244 35.40 52.21 4.88
N ARG F 245 34.96 51.22 4.09
CA ARG F 245 33.55 51.14 3.72
C ARG F 245 32.67 50.96 4.95
N GLY F 246 33.13 50.16 5.92
CA GLY F 246 32.40 49.98 7.15
C GLY F 246 32.32 51.25 7.98
N GLU F 247 33.36 52.09 7.94
CA GLU F 247 33.29 53.37 8.63
C GLU F 247 32.22 54.26 8.01
N GLU F 248 32.17 54.32 6.67
CA GLU F 248 31.12 55.11 6.02
C GLU F 248 29.73 54.57 6.36
N LEU F 249 29.57 53.25 6.31
CA LEU F 249 28.29 52.64 6.66
C LEU F 249 27.95 52.85 8.12
N HIS F 250 28.95 52.95 8.99
CA HIS F 250 28.70 53.23 10.40
C HIS F 250 28.20 54.67 10.60
N LYS F 251 28.73 55.60 9.82
CA LYS F 251 28.17 56.96 9.85
C LYS F 251 26.70 56.96 9.42
N GLU F 252 26.40 56.23 8.34
CA GLU F 252 25.01 56.11 7.91
C GLU F 252 24.15 55.46 9.00
N PHE F 253 24.70 54.45 9.68
CA PHE F 253 23.98 53.80 10.78
C PHE F 253 23.72 54.77 11.92
N GLU F 254 24.69 55.63 12.22
CA GLU F 254 24.49 56.62 13.28
C GLU F 254 23.32 57.53 12.93
N LYS F 255 23.27 58.00 11.69
CA LYS F 255 22.15 58.84 11.25
C LYS F 255 20.82 58.10 11.40
N LEU F 256 20.76 56.87 10.89
CA LEU F 256 19.51 56.12 10.91
C LEU F 256 19.08 55.81 12.34
N ALA F 257 20.03 55.46 13.21
CA ALA F 257 19.73 55.14 14.59
C ALA F 257 19.20 56.37 15.33
N LEU F 258 19.81 57.53 15.11
CA LEU F 258 19.30 58.75 15.73
C LEU F 258 17.87 59.02 15.26
N LYS F 259 17.62 58.89 13.95
CA LYS F 259 16.27 59.15 13.43
C LYS F 259 15.25 58.20 14.05
N GLU F 260 15.57 56.90 14.11
CA GLU F 260 14.63 55.93 14.64
C GLU F 260 14.40 56.13 16.14
N TYR F 261 15.47 56.43 16.89
CA TYR F 261 15.32 56.64 18.32
C TYR F 261 14.46 57.85 18.61
N PHE F 262 14.64 58.94 17.84
CA PHE F 262 13.80 60.11 18.07
C PHE F 262 12.38 59.89 17.56
N LYS F 263 12.19 59.01 16.58
CA LYS F 263 10.84 58.62 16.19
C LYS F 263 10.13 57.89 17.33
N ARG F 264 10.83 56.96 17.99
CA ARG F 264 10.20 56.18 19.05
C ARG F 264 10.05 57.00 20.33
N ARG F 265 10.97 57.93 20.59
CA ARG F 265 10.94 58.67 21.85
C ARG F 265 9.77 59.64 21.91
N LEU F 266 9.42 60.24 20.78
CA LEU F 266 8.33 61.20 20.72
C LEU F 266 6.95 60.56 20.62
N GLY F 267 6.89 59.22 20.58
CA GLY F 267 5.62 58.55 20.41
C GLY F 267 5.13 58.48 18.98
N LEU F 268 5.95 58.90 18.02
CA LEU F 268 5.56 58.88 16.61
C LEU F 268 5.45 57.45 16.09
N GLY G 20 20.29 -41.98 -27.15
CA GLY G 20 19.61 -43.24 -26.89
C GLY G 20 18.77 -43.20 -25.63
N PRO G 21 17.95 -44.23 -25.42
CA PRO G 21 17.10 -44.27 -24.23
C PRO G 21 17.91 -44.54 -22.98
N GLY G 22 17.29 -44.22 -21.84
CA GLY G 22 17.99 -44.38 -20.57
C GLY G 22 19.16 -43.42 -20.48
N GLY G 23 20.35 -43.97 -20.25
CA GLY G 23 21.54 -43.15 -20.22
C GLY G 23 21.61 -42.25 -18.99
N THR G 24 22.38 -41.18 -19.11
CA THR G 24 22.63 -40.25 -18.03
C THR G 24 22.37 -38.83 -18.53
N MET G 25 21.82 -37.99 -17.63
CA MET G 25 21.50 -36.61 -18.00
C MET G 25 22.70 -35.90 -18.61
N ALA G 26 23.90 -36.17 -18.09
CA ALA G 26 25.11 -35.56 -18.66
C ALA G 26 25.49 -36.19 -19.99
N ALA G 27 25.27 -37.50 -20.15
CA ALA G 27 25.69 -38.18 -21.37
C ALA G 27 24.81 -37.87 -22.57
N GLU G 28 23.54 -37.52 -22.33
CA GLU G 28 22.65 -37.21 -23.45
C GLU G 28 23.11 -35.96 -24.20
N GLU G 29 23.53 -34.93 -23.45
CA GLU G 29 24.02 -33.72 -24.09
C GLU G 29 25.29 -33.99 -24.89
N MET G 30 26.18 -34.84 -24.36
CA MET G 30 27.36 -35.22 -25.10
C MET G 30 27.00 -35.97 -26.37
N GLU G 31 26.01 -36.86 -26.30
CA GLU G 31 25.58 -37.57 -27.50
C GLU G 31 25.02 -36.61 -28.54
N LYS G 32 24.24 -35.62 -28.09
CA LYS G 32 23.72 -34.62 -29.02
C LYS G 32 24.84 -33.83 -29.68
N ILE G 33 25.85 -33.43 -28.89
CA ILE G 33 26.99 -32.72 -29.43
C ILE G 33 27.72 -33.56 -30.46
N PHE G 34 27.91 -34.85 -30.15
CA PHE G 34 28.60 -35.75 -31.07
C PHE G 34 27.85 -35.90 -32.39
N ARG G 35 26.52 -36.06 -32.31
CA ARG G 35 25.73 -36.18 -33.53
C ARG G 35 25.79 -34.90 -34.35
N ASP G 36 25.71 -33.74 -33.69
CA ASP G 36 25.79 -32.47 -34.40
C ASP G 36 27.13 -32.32 -35.10
N LYS G 37 28.22 -32.64 -34.40
CA LYS G 37 29.54 -32.52 -34.99
C LYS G 37 29.72 -33.47 -36.16
N LEU G 38 29.21 -34.69 -36.04
CA LEU G 38 29.31 -35.64 -37.15
C LEU G 38 28.55 -35.15 -38.38
N PHE G 39 27.33 -34.65 -38.16
CA PHE G 39 26.52 -34.15 -39.28
C PHE G 39 27.22 -33.00 -39.98
N HIS G 40 27.74 -32.03 -39.20
CA HIS G 40 28.36 -30.88 -39.83
C HIS G 40 29.72 -31.21 -40.42
N LEU G 41 30.42 -32.19 -39.87
CA LEU G 41 31.66 -32.66 -40.49
C LEU G 41 31.36 -33.30 -41.85
N HIS G 42 30.28 -34.08 -41.94
CA HIS G 42 29.91 -34.64 -43.24
C HIS G 42 29.55 -33.53 -44.23
N GLN G 43 28.83 -32.52 -43.76
CA GLN G 43 28.51 -31.38 -44.64
C GLN G 43 29.78 -30.71 -45.14
N LYS G 44 30.74 -30.47 -44.25
CA LYS G 44 31.98 -29.80 -44.64
C LYS G 44 32.79 -30.67 -45.60
N LEU G 45 32.82 -31.98 -45.37
CA LEU G 45 33.52 -32.88 -46.29
C LEU G 45 32.88 -32.85 -47.67
N ASP G 46 31.55 -32.85 -47.73
CA ASP G 46 30.87 -32.75 -49.02
C ASP G 46 31.18 -31.42 -49.70
N GLU G 47 31.19 -30.33 -48.94
CA GLU G 47 31.50 -29.01 -49.52
C GLU G 47 32.92 -28.97 -50.07
N ALA G 48 33.87 -29.58 -49.35
CA ALA G 48 35.27 -29.55 -49.79
C ALA G 48 35.50 -30.37 -51.05
N GLY G 49 34.56 -31.23 -51.44
CA GLY G 49 34.71 -32.02 -52.64
C GLY G 49 35.78 -33.08 -52.54
N LYS G 50 35.56 -34.08 -51.68
CA LYS G 50 36.49 -35.18 -51.48
C LYS G 50 35.89 -36.48 -51.99
N SER G 51 36.76 -37.45 -52.21
CA SER G 51 36.33 -38.76 -52.68
C SER G 51 35.58 -39.51 -51.58
N ALA G 52 34.84 -40.55 -51.98
CA ALA G 52 34.05 -41.32 -51.02
C ALA G 52 34.93 -42.00 -49.99
N GLU G 53 36.05 -42.59 -50.42
CA GLU G 53 36.93 -43.26 -49.48
C GLU G 53 37.58 -42.27 -48.52
N GLU G 54 37.90 -41.06 -49.01
CA GLU G 54 38.42 -40.03 -48.12
C GLU G 54 37.39 -39.61 -47.08
N ILE G 55 36.13 -39.50 -47.50
CA ILE G 55 35.05 -39.16 -46.56
C ILE G 55 34.90 -40.26 -45.52
N ALA G 56 34.96 -41.52 -45.95
CA ALA G 56 34.87 -42.63 -44.99
C ALA G 56 36.02 -42.61 -44.01
N LYS G 57 37.24 -42.36 -44.50
CA LYS G 57 38.40 -42.28 -43.62
C LYS G 57 38.24 -41.15 -42.60
N ALA G 58 37.79 -39.98 -43.05
CA ALA G 58 37.59 -38.86 -42.14
C ALA G 58 36.53 -39.18 -41.11
N VAL G 59 35.44 -39.83 -41.52
CA VAL G 59 34.36 -40.15 -40.59
C VAL G 59 34.84 -41.13 -39.53
N GLU G 60 35.55 -42.18 -39.95
CA GLU G 60 36.02 -43.17 -38.98
C GLU G 60 37.05 -42.57 -38.03
N LEU G 61 37.94 -41.71 -38.55
CA LEU G 61 38.92 -41.05 -37.69
C LEU G 61 38.23 -40.16 -36.65
N PHE G 62 37.23 -39.39 -37.11
CA PHE G 62 36.52 -38.51 -36.18
C PHE G 62 35.79 -39.31 -35.12
N VAL G 63 35.15 -40.41 -35.50
CA VAL G 63 34.46 -41.24 -34.52
C VAL G 63 35.44 -41.82 -33.52
N GLY G 64 36.59 -42.29 -34.00
CA GLY G 64 37.58 -42.85 -33.10
C GLY G 64 38.10 -41.84 -32.08
N LEU G 65 38.38 -40.62 -32.52
CA LEU G 65 38.87 -39.61 -31.60
C LEU G 65 37.78 -39.12 -30.66
N ALA G 66 36.57 -38.94 -31.17
CA ALA G 66 35.47 -38.45 -30.36
C ALA G 66 35.05 -39.46 -29.31
N MET G 67 35.23 -40.76 -29.57
CA MET G 67 34.93 -41.74 -28.53
C MET G 67 35.85 -41.58 -27.33
N ARG G 68 37.14 -41.36 -27.57
CA ARG G 68 38.08 -41.14 -26.47
C ARG G 68 37.75 -39.85 -25.74
N ALA G 69 37.46 -38.78 -26.48
CA ALA G 69 37.09 -37.52 -25.84
C ALA G 69 35.83 -37.69 -24.98
N PHE G 70 34.85 -38.43 -25.52
CA PHE G 70 33.61 -38.69 -24.79
C PHE G 70 33.87 -39.46 -23.51
N ASP G 71 34.73 -40.48 -23.58
CA ASP G 71 35.05 -41.26 -22.39
C ASP G 71 35.72 -40.41 -21.32
N TYR G 72 36.67 -39.56 -21.74
CA TYR G 72 37.37 -38.71 -20.77
C TYR G 72 36.41 -37.72 -20.13
N ALA G 73 35.57 -37.07 -20.94
CA ALA G 73 34.62 -36.09 -20.40
C ALA G 73 33.59 -36.74 -19.50
N LEU G 74 33.15 -37.95 -19.85
CA LEU G 74 32.21 -38.67 -18.98
C LEU G 74 32.85 -39.02 -17.66
N HIS G 75 34.11 -39.37 -17.61
CA HIS G 75 34.72 -39.63 -16.33
C HIS G 75 34.87 -38.38 -15.54
N ILE G 76 35.21 -37.28 -16.17
CA ILE G 76 35.29 -36.03 -15.41
C ILE G 76 33.92 -35.67 -14.82
N ALA G 77 32.87 -35.79 -15.62
CA ALA G 77 31.52 -35.46 -15.14
C ALA G 77 31.10 -36.41 -14.03
N GLU G 78 31.40 -37.69 -14.15
CA GLU G 78 31.06 -38.64 -13.10
C GLU G 78 31.83 -38.35 -11.82
N ARG G 79 33.12 -38.00 -11.94
CA ARG G 79 33.89 -37.63 -10.76
C ARG G 79 33.29 -36.41 -10.08
N GLY G 80 32.85 -35.43 -10.87
CA GLY G 80 32.19 -34.27 -10.29
C GLY G 80 30.87 -34.61 -9.61
N LYS G 81 30.10 -35.52 -10.22
CA LYS G 81 28.82 -35.90 -9.62
C LYS G 81 29.02 -36.69 -8.34
N GLU G 82 30.11 -37.46 -8.25
CA GLU G 82 30.37 -38.22 -7.04
C GLU G 82 30.64 -37.29 -5.86
N MET G 83 31.39 -36.21 -6.09
CA MET G 83 31.57 -35.17 -5.08
C MET G 83 30.33 -34.27 -5.05
N GLY G 84 30.43 -33.16 -4.36
CA GLY G 84 29.34 -32.20 -4.32
C GLY G 84 29.62 -30.99 -5.18
N ILE G 85 30.18 -31.21 -6.36
CA ILE G 85 30.61 -30.12 -7.24
C ILE G 85 29.81 -30.17 -8.53
N PRO G 86 28.69 -29.44 -8.63
CA PRO G 86 27.96 -29.38 -9.91
C PRO G 86 28.73 -28.69 -11.02
N THR G 87 29.77 -27.93 -10.70
CA THR G 87 30.54 -27.23 -11.71
C THR G 87 31.32 -28.19 -12.59
N LEU G 88 31.78 -29.31 -12.03
CA LEU G 88 32.60 -30.24 -12.79
C LEU G 88 31.81 -30.91 -13.92
N VAL G 89 30.49 -31.06 -13.76
CA VAL G 89 29.68 -31.62 -14.83
C VAL G 89 29.66 -30.70 -16.04
N GLU G 90 29.40 -29.41 -15.80
CA GLU G 90 29.43 -28.43 -16.89
C GLU G 90 30.82 -28.33 -17.50
N MET G 91 31.85 -28.42 -16.66
CA MET G 91 33.22 -28.34 -17.18
C MET G 91 33.58 -29.55 -18.02
N GLY G 92 33.07 -30.73 -17.66
CA GLY G 92 33.25 -31.91 -18.50
C GLY G 92 32.51 -31.79 -19.82
N LYS G 93 31.31 -31.20 -19.79
CA LYS G 93 30.59 -30.96 -21.05
C LYS G 93 31.37 -30.02 -21.95
N ILE G 94 31.95 -28.95 -21.38
CA ILE G 94 32.78 -28.03 -22.16
C ILE G 94 33.99 -28.77 -22.74
N LEU G 95 34.62 -29.60 -21.92
CA LEU G 95 35.78 -30.37 -22.38
C LEU G 95 35.40 -31.25 -23.56
N PHE G 96 34.27 -31.95 -23.47
CA PHE G 96 33.87 -32.80 -24.58
C PHE G 96 33.56 -31.98 -25.83
N LYS G 97 32.89 -30.84 -25.65
CA LYS G 97 32.57 -30.02 -26.81
C LYS G 97 33.83 -29.61 -27.57
N TYR G 98 34.83 -29.13 -26.85
CA TYR G 98 36.04 -28.68 -27.55
C TYR G 98 36.91 -29.85 -28.01
N GLY G 99 36.86 -30.99 -27.32
CA GLY G 99 37.54 -32.16 -27.83
C GLY G 99 36.94 -32.68 -29.12
N ALA G 100 35.61 -32.68 -29.20
CA ALA G 100 34.94 -33.05 -30.45
C ALA G 100 35.25 -32.06 -31.55
N LYS G 101 35.32 -30.77 -31.22
CA LYS G 101 35.71 -29.77 -32.21
C LYS G 101 37.12 -30.05 -32.73
N LEU G 102 38.06 -30.34 -31.81
CA LEU G 102 39.42 -30.64 -32.23
C LEU G 102 39.46 -31.90 -33.10
N ALA G 103 38.69 -32.92 -32.74
CA ALA G 103 38.65 -34.14 -33.53
C ALA G 103 38.10 -33.87 -34.93
N ALA G 104 37.05 -33.06 -35.02
CA ALA G 104 36.48 -32.74 -36.32
C ALA G 104 37.48 -31.99 -37.20
N GLU G 105 38.18 -31.01 -36.61
CA GLU G 105 39.21 -30.30 -37.37
C GLU G 105 40.36 -31.21 -37.78
N LEU G 106 40.76 -32.14 -36.90
CA LEU G 106 41.82 -33.08 -37.26
C LEU G 106 41.39 -33.97 -38.42
N ALA G 107 40.15 -34.47 -38.38
CA ALA G 107 39.65 -35.30 -39.47
C ALA G 107 39.56 -34.51 -40.77
N LEU G 108 39.11 -33.25 -40.69
CA LEU G 108 38.98 -32.44 -41.89
C LEU G 108 40.33 -32.07 -42.48
N ALA G 109 41.35 -31.89 -41.63
CA ALA G 109 42.67 -31.50 -42.11
C ALA G 109 43.38 -32.62 -42.88
N GLY G 110 42.88 -33.85 -42.81
CA GLY G 110 43.52 -34.95 -43.50
C GLY G 110 44.66 -35.59 -42.77
N LYS G 111 44.77 -35.37 -41.46
CA LYS G 111 45.82 -36.02 -40.68
C LYS G 111 45.58 -37.52 -40.61
N SER G 112 46.68 -38.27 -40.57
CA SER G 112 46.59 -39.71 -40.44
C SER G 112 46.30 -40.09 -38.99
N GLU G 113 46.11 -41.39 -38.77
CA GLU G 113 45.60 -41.86 -37.49
C GLU G 113 46.56 -41.60 -36.35
N GLU G 114 47.86 -41.83 -36.56
CA GLU G 114 48.82 -41.79 -35.46
C GLU G 114 48.97 -40.37 -34.91
N GLU G 115 49.18 -39.39 -35.79
CA GLU G 115 49.33 -38.01 -35.34
C GLU G 115 48.03 -37.49 -34.72
N ALA G 116 46.88 -37.88 -35.28
CA ALA G 116 45.61 -37.47 -34.69
C ALA G 116 45.46 -38.02 -33.28
N ARG G 117 45.79 -39.29 -33.08
CA ARG G 117 45.71 -39.88 -31.75
C ARG G 117 46.67 -39.20 -30.78
N ALA G 118 47.90 -38.92 -31.23
CA ALA G 118 48.85 -38.23 -30.37
C ALA G 118 48.36 -36.84 -30.00
N ALA G 119 47.80 -36.11 -30.96
CA ALA G 119 47.28 -34.78 -30.67
C ALA G 119 46.12 -34.84 -29.69
N MET G 120 45.23 -35.82 -29.84
CA MET G 120 44.13 -35.97 -28.88
C MET G 120 44.66 -36.29 -27.49
N ASP G 121 45.68 -37.15 -27.40
CA ASP G 121 46.26 -37.47 -26.11
C ASP G 121 46.87 -36.24 -25.44
N ARG G 122 47.60 -35.43 -26.22
CA ARG G 122 48.19 -34.21 -25.66
C ARG G 122 47.11 -33.24 -25.23
N PHE G 123 46.04 -33.12 -26.02
CA PHE G 123 44.93 -32.26 -25.64
C PHE G 123 44.30 -32.70 -24.33
N LEU G 124 44.08 -34.01 -24.17
CA LEU G 124 43.50 -34.51 -22.92
C LEU G 124 44.42 -34.25 -21.73
N SER G 125 45.73 -34.46 -21.91
CA SER G 125 46.67 -34.21 -20.83
C SER G 125 46.68 -32.75 -20.41
N LEU G 126 46.70 -31.83 -21.39
CA LEU G 126 46.74 -30.42 -21.04
C LEU G 126 45.41 -29.92 -20.48
N SER G 127 44.30 -30.51 -20.93
CA SER G 127 43.03 -30.19 -20.30
C SER G 127 42.99 -30.65 -18.85
N ASP G 128 43.60 -31.80 -18.57
CA ASP G 128 43.72 -32.26 -17.18
C ASP G 128 44.57 -31.27 -16.38
N TYR G 129 45.65 -30.78 -16.98
CA TYR G 129 46.48 -29.75 -16.35
C TYR G 129 45.65 -28.54 -15.96
N LEU G 130 44.87 -28.01 -16.91
CA LEU G 130 44.05 -26.83 -16.63
C LEU G 130 42.96 -27.14 -15.59
N LEU G 131 42.40 -28.34 -15.65
CA LEU G 131 41.41 -28.77 -14.66
C LEU G 131 41.99 -28.70 -13.24
N GLU G 132 43.18 -29.28 -13.07
CA GLU G 132 43.82 -29.29 -11.76
C GLU G 132 44.15 -27.88 -11.31
N ARG G 133 44.60 -27.02 -12.23
CA ARG G 133 44.95 -25.66 -11.84
C ARG G 133 43.72 -24.81 -11.55
N LEU G 134 42.55 -25.21 -12.04
CA LEU G 134 41.32 -24.44 -11.82
C LEU G 134 40.48 -24.97 -10.66
N LEU G 135 40.71 -26.20 -10.20
CA LEU G 135 39.89 -26.75 -9.12
C LEU G 135 39.85 -25.90 -7.85
N PRO G 136 40.97 -25.37 -7.33
CA PRO G 136 40.87 -24.56 -6.10
C PRO G 136 39.94 -23.37 -6.22
N TYR G 137 39.89 -22.74 -7.40
CA TYR G 137 38.96 -21.63 -7.60
C TYR G 137 37.51 -22.11 -7.53
N ILE G 138 37.23 -23.31 -8.04
CA ILE G 138 35.90 -23.88 -7.92
C ILE G 138 35.55 -24.09 -6.45
N GLU G 139 36.50 -24.63 -5.67
CA GLU G 139 36.24 -24.85 -4.25
C GLU G 139 35.97 -23.53 -3.54
N LEU G 140 36.78 -22.51 -3.81
CA LEU G 140 36.59 -21.22 -3.18
C LEU G 140 35.26 -20.59 -3.57
N ALA G 141 34.88 -20.70 -4.84
CA ALA G 141 33.62 -20.14 -5.30
C ALA G 141 32.44 -20.83 -4.65
N GLU G 142 32.51 -22.16 -4.51
CA GLU G 142 31.41 -22.89 -3.90
C GLU G 142 31.34 -22.69 -2.39
N ARG G 143 32.48 -22.39 -1.75
CA ARG G 143 32.46 -22.13 -0.32
C ARG G 143 31.65 -20.87 0.01
N MET G 144 31.78 -19.83 -0.81
CA MET G 144 31.09 -18.57 -0.58
C MET G 144 29.72 -18.51 -1.25
N LYS G 145 29.28 -19.59 -1.89
CA LYS G 145 27.94 -19.66 -2.50
C LYS G 145 27.72 -18.52 -3.49
N SER G 146 28.68 -18.33 -4.39
CA SER G 146 28.64 -17.25 -5.37
C SER G 146 28.39 -17.81 -6.76
N PRO G 147 27.19 -17.70 -7.32
CA PRO G 147 26.97 -18.13 -8.71
C PRO G 147 27.82 -17.37 -9.71
N ALA G 148 28.08 -16.08 -9.46
CA ALA G 148 28.90 -15.29 -10.38
C ALA G 148 30.32 -15.83 -10.48
N LEU G 149 30.90 -16.25 -9.36
CA LEU G 149 32.24 -16.80 -9.38
C LEU G 149 32.28 -18.13 -10.12
N GLN G 150 31.25 -18.96 -9.96
CA GLN G 150 31.18 -20.21 -10.70
C GLN G 150 31.06 -19.97 -12.20
N GLU G 151 30.25 -18.98 -12.58
CA GLU G 151 30.14 -18.61 -13.99
C GLU G 151 31.48 -18.11 -14.52
N LEU G 152 32.20 -17.33 -13.72
CA LEU G 152 33.52 -16.86 -14.13
C LEU G 152 34.49 -18.01 -14.33
N VAL G 153 34.47 -18.99 -13.43
CA VAL G 153 35.35 -20.14 -13.56
C VAL G 153 35.01 -20.94 -14.82
N LEU G 154 33.71 -21.12 -15.09
CA LEU G 154 33.30 -21.83 -16.30
C LEU G 154 33.76 -21.08 -17.55
N TYR G 155 33.64 -19.75 -17.55
CA TYR G 155 34.09 -18.96 -18.69
C TYR G 155 35.60 -19.08 -18.87
N ALA G 156 36.35 -19.06 -17.77
CA ALA G 156 37.80 -19.21 -17.86
C ALA G 156 38.17 -20.57 -18.43
N PHE G 157 37.48 -21.62 -18.00
CA PHE G 157 37.74 -22.95 -18.55
C PHE G 157 37.41 -23.01 -20.04
N LYS G 158 36.32 -22.37 -20.45
CA LYS G 158 35.96 -22.36 -21.86
C LYS G 158 37.03 -21.65 -22.69
N GLU G 159 37.50 -20.50 -22.22
CA GLU G 159 38.54 -19.78 -22.96
C GLU G 159 39.84 -20.57 -23.00
N GLY G 160 40.21 -21.20 -21.88
CA GLY G 160 41.41 -22.03 -21.87
C GLY G 160 41.29 -23.21 -22.82
N MET G 161 40.11 -23.81 -22.90
CA MET G 161 39.89 -24.92 -23.82
C MET G 161 40.00 -24.45 -25.27
N LYS G 162 39.45 -23.28 -25.58
CA LYS G 162 39.60 -22.73 -26.92
C LYS G 162 41.06 -22.51 -27.28
N LEU G 163 41.81 -21.88 -26.37
CA LEU G 163 43.22 -21.63 -26.62
C LEU G 163 44.00 -22.93 -26.78
N LEU G 164 43.71 -23.91 -25.93
CA LEU G 164 44.41 -25.19 -26.00
C LEU G 164 44.13 -25.92 -27.30
N ALA G 165 42.86 -25.93 -27.73
CA ALA G 165 42.52 -26.58 -29.00
C ALA G 165 43.20 -25.90 -30.16
N GLU G 166 43.21 -24.56 -30.18
CA GLU G 166 43.86 -23.84 -31.27
C GLU G 166 45.37 -24.11 -31.28
N LEU G 167 46.00 -24.13 -30.10
CA LEU G 167 47.44 -24.39 -30.04
C LEU G 167 47.77 -25.80 -30.48
N ILE G 168 46.97 -26.79 -30.07
CA ILE G 168 47.21 -28.17 -30.49
C ILE G 168 47.03 -28.30 -31.99
N LEU G 169 46.03 -27.61 -32.55
CA LEU G 169 45.85 -27.61 -34.01
C LEU G 169 47.05 -27.00 -34.71
N ALA G 170 47.59 -25.89 -34.17
CA ALA G 170 48.73 -25.23 -34.78
C ALA G 170 50.01 -26.05 -34.72
N GLY G 171 50.04 -27.11 -33.92
CA GLY G 171 51.21 -27.96 -33.83
C GLY G 171 52.33 -27.35 -33.00
N LYS G 172 52.04 -27.07 -31.73
CA LYS G 172 53.02 -26.49 -30.82
C LYS G 172 53.43 -27.52 -29.78
N SER G 173 54.63 -27.32 -29.23
CA SER G 173 55.17 -28.24 -28.25
C SER G 173 54.42 -28.12 -26.93
N ASP G 174 54.60 -29.12 -26.07
CA ASP G 174 53.92 -29.16 -24.78
C ASP G 174 54.47 -28.13 -23.80
N GLU G 175 55.58 -27.49 -24.08
CA GLU G 175 56.15 -26.48 -23.19
C GLU G 175 55.55 -25.10 -23.45
N GLU G 176 55.42 -24.72 -24.72
CA GLU G 176 54.82 -23.44 -25.06
C GLU G 176 53.37 -23.37 -24.61
N ILE G 177 52.63 -24.48 -24.76
CA ILE G 177 51.24 -24.52 -24.34
C ILE G 177 51.13 -24.34 -22.84
N GLN G 178 52.01 -25.01 -22.08
CA GLN G 178 51.98 -24.86 -20.62
C GLN G 178 52.35 -23.45 -20.20
N ALA G 179 53.32 -22.83 -20.88
CA ALA G 179 53.66 -21.44 -20.56
C ALA G 179 52.48 -20.50 -20.84
N LYS G 180 51.80 -20.68 -21.97
CA LYS G 180 50.64 -19.85 -22.27
C LYS G 180 49.53 -20.07 -21.25
N LEU G 181 49.32 -21.31 -20.84
CA LEU G 181 48.30 -21.60 -19.82
C LEU G 181 48.67 -20.95 -18.49
N ASP G 182 49.96 -20.96 -18.14
CA ASP G 182 50.39 -20.32 -16.90
C ASP G 182 50.13 -18.82 -16.94
N ALA G 183 50.42 -18.18 -18.08
CA ALA G 183 50.13 -16.75 -18.20
C ALA G 183 48.63 -16.48 -18.10
N PHE G 184 47.82 -17.32 -18.76
CA PHE G 184 46.37 -17.15 -18.71
C PHE G 184 45.86 -17.29 -17.28
N LEU G 185 46.38 -18.26 -16.53
CA LEU G 185 45.96 -18.43 -15.14
C LEU G 185 46.43 -17.29 -14.26
N ALA G 186 47.61 -16.73 -14.55
CA ALA G 186 48.07 -15.56 -13.81
C ALA G 186 47.12 -14.39 -14.00
N GLY G 187 46.64 -14.19 -15.23
CA GLY G 187 45.61 -13.16 -15.44
C GLY G 187 44.29 -13.50 -14.78
N PHE G 188 43.90 -14.78 -14.82
CA PHE G 188 42.62 -15.17 -14.26
C PHE G 188 42.58 -15.01 -12.75
N ASP G 189 43.73 -15.13 -12.08
CA ASP G 189 43.75 -14.90 -10.64
C ASP G 189 43.31 -13.48 -10.29
N VAL G 190 43.84 -12.50 -11.02
CA VAL G 190 43.45 -11.11 -10.81
C VAL G 190 41.99 -10.91 -11.17
N ALA G 191 41.54 -11.51 -12.28
CA ALA G 191 40.14 -11.36 -12.68
C ALA G 191 39.21 -11.93 -11.60
N PHE G 192 39.55 -13.09 -11.05
CA PHE G 192 38.76 -13.70 -10.00
C PHE G 192 38.72 -12.84 -8.74
N GLU G 193 39.87 -12.28 -8.36
CA GLU G 193 39.90 -11.41 -7.18
C GLU G 193 39.01 -10.19 -7.37
N PHE G 194 39.09 -9.56 -8.54
CA PHE G 194 38.24 -8.40 -8.83
C PHE G 194 36.76 -8.77 -8.74
N THR G 195 36.38 -9.87 -9.40
CA THR G 195 34.98 -10.28 -9.41
C THR G 195 34.49 -10.60 -8.01
N LEU G 196 35.30 -11.31 -7.21
CA LEU G 196 34.90 -11.66 -5.85
C LEU G 196 34.73 -10.42 -4.99
N ASP G 197 35.66 -9.48 -5.11
CA ASP G 197 35.60 -8.24 -4.34
C ASP G 197 34.30 -7.50 -4.62
N ILE G 198 33.94 -7.37 -5.91
CA ILE G 198 32.70 -6.67 -6.23
C ILE G 198 31.48 -7.48 -5.80
N ASP G 199 31.53 -8.80 -5.98
CA ASP G 199 30.36 -9.64 -5.80
C ASP G 199 29.96 -9.72 -4.32
N VAL G 200 30.93 -9.74 -3.42
CA VAL G 200 30.60 -9.82 -1.99
C VAL G 200 29.74 -8.63 -1.58
N ILE G 201 30.21 -7.42 -1.91
CA ILE G 201 29.48 -6.22 -1.52
C ILE G 201 28.17 -6.09 -2.31
N GLY G 202 28.14 -6.58 -3.55
CA GLY G 202 26.89 -6.56 -4.29
C GLY G 202 25.83 -7.45 -3.66
N ARG G 203 26.25 -8.60 -3.15
CA ARG G 203 25.29 -9.53 -2.54
C ARG G 203 24.86 -9.03 -1.16
N GLU G 204 25.78 -8.48 -0.37
CA GLU G 204 25.42 -8.04 0.97
C GLU G 204 24.51 -6.82 0.95
N LEU G 205 24.75 -5.89 0.03
CA LEU G 205 23.91 -4.69 -0.05
C LEU G 205 22.59 -4.95 -0.76
N ASP G 206 22.41 -6.14 -1.35
CA ASP G 206 21.19 -6.51 -2.09
C ASP G 206 20.97 -5.52 -3.24
N ILE G 207 21.92 -5.57 -4.17
CA ILE G 207 21.85 -4.79 -5.41
C ILE G 207 22.29 -5.69 -6.56
N PRO G 208 21.36 -6.30 -7.29
CA PRO G 208 21.76 -7.22 -8.37
C PRO G 208 22.57 -6.56 -9.48
N GLU G 209 22.44 -5.25 -9.68
CA GLU G 209 23.20 -4.57 -10.72
C GLU G 209 24.70 -4.68 -10.44
N LEU G 210 25.10 -4.62 -9.17
CA LEU G 210 26.51 -4.77 -8.83
C LEU G 210 27.01 -6.16 -9.18
N VAL G 211 26.20 -7.19 -8.92
CA VAL G 211 26.60 -8.55 -9.25
C VAL G 211 26.72 -8.72 -10.77
N GLU G 212 25.77 -8.15 -11.52
CA GLU G 212 25.87 -8.21 -12.98
C GLU G 212 27.11 -7.51 -13.49
N PHE G 213 27.41 -6.33 -12.93
CA PHE G 213 28.62 -5.61 -13.29
C PHE G 213 29.86 -6.44 -13.00
N ALA G 214 29.88 -7.09 -11.83
CA ALA G 214 31.01 -7.95 -11.47
C ALA G 214 31.19 -9.05 -12.50
N LEU G 215 30.10 -9.71 -12.89
CA LEU G 215 30.20 -10.81 -13.84
C LEU G 215 30.72 -10.34 -15.19
N GLU G 216 30.13 -9.28 -15.74
CA GLU G 216 30.56 -8.82 -17.06
C GLU G 216 32.00 -8.32 -17.05
N LYS G 217 32.40 -7.57 -16.01
CA LYS G 217 33.75 -7.04 -15.99
C LYS G 217 34.77 -8.13 -15.70
N GLY G 218 34.41 -9.14 -14.91
CA GLY G 218 35.30 -10.28 -14.76
C GLY G 218 35.48 -11.05 -16.06
N LYS G 219 34.40 -11.19 -16.82
CA LYS G 219 34.53 -11.82 -18.14
C LYS G 219 35.42 -11.00 -19.05
N GLU G 220 35.31 -9.67 -18.99
CA GLU G 220 36.19 -8.81 -19.78
C GLU G 220 37.65 -9.00 -19.37
N LEU G 221 37.91 -9.09 -18.07
CA LEU G 221 39.28 -9.29 -17.59
C LEU G 221 39.82 -10.65 -18.03
N VAL G 222 38.98 -11.68 -17.99
CA VAL G 222 39.40 -13.01 -18.45
C VAL G 222 39.71 -12.99 -19.94
N LYS G 223 38.88 -12.30 -20.73
CA LYS G 223 39.14 -12.17 -22.15
C LYS G 223 40.47 -11.44 -22.41
N LEU G 224 40.73 -10.37 -21.66
CA LEU G 224 41.99 -9.66 -21.82
C LEU G 224 43.18 -10.54 -21.45
N ALA G 225 43.04 -11.31 -20.36
CA ALA G 225 44.12 -12.21 -19.97
C ALA G 225 44.38 -13.26 -21.04
N LEU G 226 43.33 -13.82 -21.63
CA LEU G 226 43.51 -14.80 -22.68
C LEU G 226 44.17 -14.19 -23.91
N GLU G 227 43.75 -12.97 -24.27
CA GLU G 227 44.36 -12.29 -25.42
C GLU G 227 45.84 -12.04 -25.18
N LEU G 228 46.20 -11.63 -23.96
CA LEU G 228 47.60 -11.40 -23.66
C LEU G 228 48.39 -12.70 -23.66
N ALA G 229 47.82 -13.77 -23.12
CA ALA G 229 48.51 -15.05 -23.10
C ALA G 229 48.72 -15.59 -24.51
N ARG G 230 47.75 -15.37 -25.39
CA ARG G 230 47.90 -15.82 -26.78
C ARG G 230 49.05 -15.12 -27.48
N ALA G 231 49.27 -13.83 -27.18
CA ALA G 231 50.36 -13.08 -27.79
C ALA G 231 51.73 -13.54 -27.32
N GLY G 232 51.82 -14.37 -26.29
CA GLY G 232 53.08 -14.88 -25.82
C GLY G 232 53.71 -14.13 -24.66
N LYS G 233 52.97 -13.23 -24.01
CA LYS G 233 53.52 -12.48 -22.89
C LYS G 233 53.77 -13.37 -21.68
N SER G 234 54.73 -12.97 -20.86
CA SER G 234 55.02 -13.68 -19.64
C SER G 234 53.90 -13.46 -18.62
N PRO G 235 53.78 -14.34 -17.61
CA PRO G 235 52.71 -14.14 -16.62
C PRO G 235 52.79 -12.81 -15.88
N GLU G 236 53.99 -12.25 -15.70
CA GLU G 236 54.11 -10.97 -15.01
C GLU G 236 53.46 -9.84 -15.81
N GLU G 237 53.71 -9.80 -17.12
CA GLU G 237 53.10 -8.78 -17.96
C GLU G 237 51.59 -8.92 -17.98
N VAL G 238 51.09 -10.15 -18.07
CA VAL G 238 49.65 -10.38 -18.05
C VAL G 238 49.07 -9.90 -16.72
N LYS G 239 49.73 -10.22 -15.61
CA LYS G 239 49.25 -9.78 -14.31
C LYS G 239 49.19 -8.27 -14.23
N ALA G 240 50.24 -7.59 -14.71
CA ALA G 240 50.27 -6.13 -14.65
C ALA G 240 49.15 -5.51 -15.49
N ALA G 241 48.98 -5.99 -16.72
CA ALA G 241 47.96 -5.41 -17.59
C ALA G 241 46.56 -5.66 -17.05
N VAL G 242 46.30 -6.88 -16.56
CA VAL G 242 44.99 -7.18 -16.01
C VAL G 242 44.74 -6.36 -14.76
N LYS G 243 45.79 -6.12 -13.95
CA LYS G 243 45.62 -5.27 -12.77
C LYS G 243 45.26 -3.84 -13.15
N ALA G 244 45.91 -3.30 -14.18
CA ALA G 244 45.59 -1.94 -14.62
C ALA G 244 44.14 -1.85 -15.12
N ARG G 245 43.73 -2.82 -15.94
CA ARG G 245 42.36 -2.82 -16.43
C ARG G 245 41.37 -2.99 -15.29
N GLY G 246 41.73 -3.79 -14.28
CA GLY G 246 40.88 -3.95 -13.12
C GLY G 246 40.76 -2.67 -12.32
N GLU G 247 41.83 -1.89 -12.24
CA GLU G 247 41.74 -0.59 -11.57
C GLU G 247 40.76 0.34 -12.29
N GLU G 248 40.84 0.39 -13.62
CA GLU G 248 39.90 1.21 -14.38
C GLU G 248 38.46 0.74 -14.15
N LEU G 249 38.23 -0.56 -14.25
CA LEU G 249 36.90 -1.10 -14.02
C LEU G 249 36.44 -0.91 -12.59
N HIS G 250 37.37 -0.82 -11.63
CA HIS G 250 37.02 -0.54 -10.25
C HIS G 250 36.55 0.90 -10.08
N LYS G 251 37.17 1.83 -10.80
CA LYS G 251 36.65 3.20 -10.81
C LYS G 251 35.23 3.24 -11.37
N GLU G 252 35.01 2.53 -12.47
CA GLU G 252 33.65 2.45 -13.02
C GLU G 252 32.68 1.84 -12.01
N PHE G 253 33.13 0.81 -11.30
CA PHE G 253 32.29 0.18 -10.28
C PHE G 253 31.97 1.15 -9.16
N GLU G 254 32.94 1.98 -8.76
CA GLU G 254 32.66 2.96 -7.71
C GLU G 254 31.57 3.92 -8.15
N LYS G 255 31.64 4.41 -9.38
CA LYS G 255 30.58 5.28 -9.88
C LYS G 255 29.22 4.58 -9.86
N LEU G 256 29.18 3.35 -10.39
CA LEU G 256 27.90 2.63 -10.47
C LEU G 256 27.35 2.32 -9.08
N ALA G 257 28.22 1.94 -8.15
CA ALA G 257 27.79 1.63 -6.80
C ALA G 257 27.24 2.86 -6.09
N LEU G 258 27.89 4.01 -6.25
CA LEU G 258 27.35 5.24 -5.68
C LEU G 258 25.97 5.55 -6.25
N LYS G 259 25.83 5.44 -7.57
CA LYS G 259 24.55 5.74 -8.20
C LYS G 259 23.44 4.82 -7.70
N GLU G 260 23.72 3.52 -7.64
CA GLU G 260 22.70 2.57 -7.20
C GLU G 260 22.38 2.74 -5.71
N TYR G 261 23.39 3.01 -4.90
CA TYR G 261 23.16 3.19 -3.47
C TYR G 261 22.26 4.39 -3.21
N PHE G 262 22.49 5.49 -3.93
CA PHE G 262 21.62 6.64 -3.73
C PHE G 262 20.27 6.51 -4.44
N LYS G 263 20.16 5.63 -5.43
CA LYS G 263 18.83 5.26 -5.92
C LYS G 263 18.06 4.53 -4.82
N ARG G 264 18.71 3.62 -4.10
CA ARG G 264 18.04 2.88 -3.05
C ARG G 264 17.73 3.78 -1.84
N ARG G 265 18.68 4.62 -1.45
CA ARG G 265 18.55 5.40 -0.22
C ARG G 265 17.41 6.40 -0.31
N LEU G 266 17.22 7.01 -1.47
CA LEU G 266 16.16 8.00 -1.66
C LEU G 266 14.80 7.37 -1.95
N GLY G 267 14.72 6.04 -2.00
CA GLY G 267 13.48 5.39 -2.33
C GLY G 267 13.15 5.37 -3.81
N LEU G 268 14.08 5.80 -4.66
CA LEU G 268 13.86 5.84 -6.10
C LEU G 268 13.68 4.43 -6.68
N GLY H 20 0.85 22.05 -6.48
CA GLY H 20 0.53 20.69 -6.13
C GLY H 20 1.03 20.29 -4.75
N PRO H 21 1.04 18.99 -4.47
CA PRO H 21 1.49 18.52 -3.15
C PRO H 21 2.99 18.63 -2.97
N GLY H 22 3.46 19.84 -2.66
CA GLY H 22 4.88 20.08 -2.46
C GLY H 22 5.53 20.77 -3.64
N GLY H 23 5.71 22.09 -3.53
CA GLY H 23 6.31 22.87 -4.58
C GLY H 23 6.99 24.12 -4.08
N THR H 24 6.76 25.24 -4.75
CA THR H 24 7.30 26.54 -4.36
C THR H 24 6.14 27.51 -4.21
N MET H 25 6.26 28.41 -3.23
CA MET H 25 5.21 29.40 -2.99
C MET H 25 4.86 30.20 -4.24
N ALA H 26 5.84 30.46 -5.10
CA ALA H 26 5.57 31.14 -6.37
C ALA H 26 5.07 30.20 -7.45
N ALA H 27 5.37 28.90 -7.36
CA ALA H 27 4.90 27.94 -8.35
C ALA H 27 3.43 27.59 -8.15
N GLU H 28 2.95 27.60 -6.91
CA GLU H 28 1.55 27.25 -6.65
C GLU H 28 0.60 28.27 -7.27
N GLU H 29 0.92 29.56 -7.16
CA GLU H 29 0.08 30.59 -7.76
C GLU H 29 0.05 30.44 -9.29
N MET H 30 1.20 30.15 -9.89
CA MET H 30 1.24 29.94 -11.33
C MET H 30 0.44 28.71 -11.74
N GLU H 31 0.50 27.65 -10.93
CA GLU H 31 -0.31 26.47 -11.21
C GLU H 31 -1.80 26.79 -11.15
N LYS H 32 -2.21 27.59 -10.15
CA LYS H 32 -3.60 28.01 -10.06
C LYS H 32 -4.02 28.82 -11.29
N ILE H 33 -3.15 29.75 -11.71
CA ILE H 33 -3.45 30.54 -12.91
C ILE H 33 -3.58 29.65 -14.13
N PHE H 34 -2.69 28.67 -14.27
CA PHE H 34 -2.74 27.76 -15.41
C PHE H 34 -4.03 26.95 -15.43
N ARG H 35 -4.43 26.43 -14.27
CA ARG H 35 -5.67 25.65 -14.21
C ARG H 35 -6.88 26.52 -14.53
N ASP H 36 -6.92 27.73 -14.00
CA ASP H 36 -8.04 28.63 -14.28
C ASP H 36 -8.11 28.97 -15.76
N LYS H 37 -6.96 29.28 -16.38
CA LYS H 37 -6.95 29.61 -17.80
C LYS H 37 -7.37 28.42 -18.65
N LEU H 38 -6.92 27.22 -18.30
CA LEU H 38 -7.33 26.02 -19.04
C LEU H 38 -8.82 25.80 -18.95
N PHE H 39 -9.39 25.93 -17.75
CA PHE H 39 -10.82 25.73 -17.57
C PHE H 39 -11.63 26.74 -18.38
N HIS H 40 -11.24 28.02 -18.32
CA HIS H 40 -12.00 29.03 -19.05
C HIS H 40 -11.77 28.95 -20.55
N LEU H 41 -10.61 28.48 -20.98
CA LEU H 41 -10.39 28.22 -22.40
C LEU H 41 -11.30 27.11 -22.89
N HIS H 42 -11.46 26.05 -22.11
CA HIS H 42 -12.40 25.01 -22.51
C HIS H 42 -13.82 25.55 -22.56
N GLN H 43 -14.20 26.40 -21.60
CA GLN H 43 -15.50 27.04 -21.65
C GLN H 43 -15.70 27.83 -22.95
N LYS H 44 -14.71 28.66 -23.30
CA LYS H 44 -14.82 29.48 -24.49
C LYS H 44 -14.86 28.63 -25.76
N LEU H 45 -14.06 27.57 -25.82
CA LEU H 45 -14.09 26.68 -26.97
C LEU H 45 -15.45 26.00 -27.11
N ASP H 46 -16.03 25.57 -25.99
CA ASP H 46 -17.35 24.95 -26.03
C ASP H 46 -18.41 25.94 -26.48
N GLU H 47 -18.35 27.18 -25.97
CA GLU H 47 -19.31 28.19 -26.37
C GLU H 47 -19.19 28.53 -27.84
N ALA H 48 -17.96 28.56 -28.37
CA ALA H 48 -17.73 28.92 -29.76
C ALA H 48 -18.27 27.88 -30.74
N GLY H 49 -18.63 26.70 -30.27
CA GLY H 49 -19.17 25.68 -31.15
C GLY H 49 -18.15 25.09 -32.09
N LYS H 50 -17.15 24.39 -31.54
CA LYS H 50 -16.11 23.76 -32.32
C LYS H 50 -16.21 22.24 -32.22
N SER H 51 -15.60 21.56 -33.18
CA SER H 51 -15.58 20.11 -33.18
C SER H 51 -14.67 19.59 -32.07
N ALA H 52 -14.81 18.30 -31.76
CA ALA H 52 -14.03 17.70 -30.68
C ALA H 52 -12.54 17.71 -31.00
N GLU H 53 -12.19 17.39 -32.25
CA GLU H 53 -10.77 17.37 -32.62
C GLU H 53 -10.17 18.77 -32.58
N GLU H 54 -10.93 19.78 -32.98
CA GLU H 54 -10.45 21.15 -32.90
C GLU H 54 -10.24 21.57 -31.45
N ILE H 55 -11.15 21.17 -30.56
CA ILE H 55 -11.00 21.48 -29.14
C ILE H 55 -9.76 20.80 -28.58
N ALA H 56 -9.53 19.54 -28.96
CA ALA H 56 -8.34 18.83 -28.50
C ALA H 56 -7.07 19.51 -29.01
N LYS H 57 -7.07 19.94 -30.27
CA LYS H 57 -5.92 20.64 -30.83
C LYS H 57 -5.65 21.94 -30.07
N ALA H 58 -6.70 22.70 -29.79
CA ALA H 58 -6.53 23.97 -29.07
C ALA H 58 -6.02 23.73 -27.66
N VAL H 59 -6.52 22.70 -26.99
CA VAL H 59 -6.09 22.41 -25.63
C VAL H 59 -4.62 22.01 -25.61
N GLU H 60 -4.21 21.15 -26.55
CA GLU H 60 -2.81 20.75 -26.62
C GLU H 60 -1.91 21.94 -26.92
N LEU H 61 -2.32 22.81 -27.84
CA LEU H 61 -1.53 24.00 -28.16
C LEU H 61 -1.39 24.91 -26.94
N PHE H 62 -2.49 25.12 -26.22
CA PHE H 62 -2.44 25.98 -25.05
C PHE H 62 -1.52 25.40 -23.98
N VAL H 63 -1.61 24.09 -23.73
CA VAL H 63 -0.75 23.48 -22.73
C VAL H 63 0.72 23.61 -23.14
N GLY H 64 1.01 23.38 -24.42
CA GLY H 64 2.37 23.50 -24.89
C GLY H 64 2.95 24.88 -24.72
N LEU H 65 2.15 25.91 -25.04
CA LEU H 65 2.66 27.29 -24.91
C LEU H 65 2.76 27.71 -23.45
N ALA H 66 1.77 27.33 -22.65
CA ALA H 66 1.77 27.71 -21.23
C ALA H 66 2.89 27.04 -20.47
N MET H 67 3.33 25.85 -20.91
CA MET H 67 4.49 25.23 -20.25
C MET H 67 5.75 26.08 -20.44
N ARG H 68 5.97 26.58 -21.65
CA ARG H 68 7.12 27.46 -21.88
C ARG H 68 7.01 28.74 -21.08
N ALA H 69 5.81 29.34 -21.05
CA ALA H 69 5.62 30.56 -20.26
C ALA H 69 5.87 30.30 -18.78
N PHE H 70 5.39 29.16 -18.28
CA PHE H 70 5.61 28.79 -16.88
C PHE H 70 7.08 28.62 -16.57
N ASP H 71 7.82 27.96 -17.47
CA ASP H 71 9.24 27.78 -17.26
C ASP H 71 9.96 29.12 -17.19
N TYR H 72 9.64 30.02 -18.12
CA TYR H 72 10.33 31.31 -18.17
C TYR H 72 10.01 32.14 -16.94
N ALA H 73 8.74 32.19 -16.53
CA ALA H 73 8.36 32.97 -15.36
C ALA H 73 8.94 32.37 -14.09
N LEU H 74 9.01 31.04 -13.99
CA LEU H 74 9.61 30.42 -12.82
C LEU H 74 11.10 30.74 -12.75
N HIS H 75 11.80 30.86 -13.82
CA HIS H 75 13.17 31.25 -13.79
C HIS H 75 13.32 32.65 -13.40
N ILE H 76 12.45 33.52 -13.85
CA ILE H 76 12.54 34.91 -13.39
C ILE H 76 12.30 34.99 -11.88
N ALA H 77 11.29 34.26 -11.38
CA ALA H 77 11.00 34.28 -9.95
C ALA H 77 12.15 33.72 -9.14
N GLU H 78 12.78 32.63 -9.61
CA GLU H 78 13.91 32.07 -8.90
C GLU H 78 15.10 33.00 -8.91
N ARG H 79 15.34 33.69 -10.04
CA ARG H 79 16.40 34.68 -10.09
C ARG H 79 16.14 35.81 -9.08
N GLY H 80 14.88 36.24 -8.97
CA GLY H 80 14.56 37.27 -7.99
C GLY H 80 14.76 36.81 -6.56
N LYS H 81 14.33 35.58 -6.26
CA LYS H 81 14.48 35.06 -4.91
C LYS H 81 15.95 34.85 -4.55
N GLU H 82 16.78 34.46 -5.53
CA GLU H 82 18.19 34.24 -5.27
C GLU H 82 18.88 35.54 -4.85
N MET H 83 18.55 36.64 -5.54
CA MET H 83 19.05 37.96 -5.14
C MET H 83 18.18 38.50 -4.01
N GLY H 84 18.35 39.78 -3.68
CA GLY H 84 17.56 40.40 -2.65
C GLY H 84 16.46 41.27 -3.19
N ILE H 85 15.78 40.79 -4.24
CA ILE H 85 14.74 41.57 -4.91
C ILE H 85 13.42 40.81 -4.85
N PRO H 86 12.59 41.02 -3.82
CA PRO H 86 11.27 40.38 -3.80
C PRO H 86 10.35 40.87 -4.91
N THR H 87 10.64 41.99 -5.56
CA THR H 87 9.79 42.49 -6.63
C THR H 87 9.78 41.56 -7.83
N LEU H 88 10.93 40.94 -8.12
CA LEU H 88 11.03 40.11 -9.32
C LEU H 88 10.12 38.89 -9.26
N VAL H 89 9.80 38.41 -8.05
CA VAL H 89 8.84 37.31 -7.93
C VAL H 89 7.47 37.74 -8.45
N GLU H 90 7.02 38.92 -8.01
CA GLU H 90 5.74 39.44 -8.49
C GLU H 90 5.78 39.72 -9.98
N MET H 91 6.90 40.22 -10.48
CA MET H 91 7.02 40.45 -11.92
C MET H 91 6.94 39.14 -12.70
N GLY H 92 7.53 38.06 -12.16
CA GLY H 92 7.40 36.76 -12.80
C GLY H 92 5.98 36.25 -12.80
N LYS H 93 5.26 36.44 -11.69
CA LYS H 93 3.85 36.05 -11.66
C LYS H 93 3.03 36.82 -12.69
N ILE H 94 3.26 38.13 -12.80
CA ILE H 94 2.56 38.94 -13.80
C ILE H 94 2.89 38.44 -15.19
N LEU H 95 4.17 38.15 -15.45
CA LEU H 95 4.59 37.66 -16.76
C LEU H 95 3.90 36.36 -17.10
N PHE H 96 3.82 35.43 -16.14
CA PHE H 96 3.14 34.17 -16.44
C PHE H 96 1.66 34.39 -16.69
N LYS H 97 1.02 35.27 -15.92
CA LYS H 97 -0.41 35.54 -16.12
C LYS H 97 -0.66 36.02 -17.55
N TYR H 98 0.14 36.98 -18.01
CA TYR H 98 -0.10 37.51 -19.34
C TYR H 98 0.36 36.56 -20.44
N GLY H 99 1.38 35.75 -20.18
CA GLY H 99 1.77 34.72 -21.14
C GLY H 99 0.69 33.66 -21.29
N ALA H 100 0.06 33.27 -20.19
CA ALA H 100 -1.06 32.33 -20.26
C ALA H 100 -2.24 32.94 -20.99
N LYS H 101 -2.50 34.24 -20.77
CA LYS H 101 -3.55 34.92 -21.53
C LYS H 101 -3.25 34.89 -23.02
N LEU H 102 -2.01 35.19 -23.40
CA LEU H 102 -1.63 35.17 -24.81
C LEU H 102 -1.73 33.77 -25.40
N ALA H 103 -1.31 32.76 -24.63
CA ALA H 103 -1.39 31.38 -25.11
C ALA H 103 -2.85 30.96 -25.32
N ALA H 104 -3.73 31.33 -24.40
CA ALA H 104 -5.14 31.01 -24.56
C ALA H 104 -5.72 31.71 -25.78
N GLU H 105 -5.35 32.97 -26.00
CA GLU H 105 -5.84 33.68 -27.18
C GLU H 105 -5.32 33.04 -28.47
N LEU H 106 -4.05 32.63 -28.48
CA LEU H 106 -3.50 31.97 -29.67
C LEU H 106 -4.20 30.65 -29.95
N ALA H 107 -4.48 29.87 -28.89
CA ALA H 107 -5.20 28.61 -29.07
C ALA H 107 -6.62 28.86 -29.57
N LEU H 108 -7.29 29.89 -29.05
CA LEU H 108 -8.64 30.18 -29.48
C LEU H 108 -8.69 30.73 -30.90
N ALA H 109 -7.61 31.36 -31.36
CA ALA H 109 -7.59 31.93 -32.70
C ALA H 109 -7.33 30.88 -33.78
N GLY H 110 -6.96 29.66 -33.41
CA GLY H 110 -6.71 28.62 -34.39
C GLY H 110 -5.39 28.72 -35.09
N LYS H 111 -4.42 29.44 -34.54
CA LYS H 111 -3.11 29.56 -35.15
C LYS H 111 -2.40 28.20 -35.16
N SER H 112 -1.55 28.00 -36.16
CA SER H 112 -0.79 26.78 -36.27
C SER H 112 0.27 26.71 -35.17
N GLU H 113 0.88 25.53 -35.02
CA GLU H 113 1.85 25.33 -33.95
C GLU H 113 3.09 26.19 -34.15
N GLU H 114 3.58 26.28 -35.39
CA GLU H 114 4.79 27.06 -35.65
C GLU H 114 4.57 28.54 -35.40
N GLU H 115 3.45 29.08 -35.88
CA GLU H 115 3.15 30.49 -35.66
C GLU H 115 2.98 30.79 -34.18
N ALA H 116 2.28 29.92 -33.46
CA ALA H 116 2.09 30.13 -32.03
C ALA H 116 3.43 30.09 -31.29
N ARG H 117 4.30 29.15 -31.65
CA ARG H 117 5.61 29.08 -31.00
C ARG H 117 6.44 30.32 -31.29
N ALA H 118 6.42 30.80 -32.53
CA ALA H 118 7.15 32.02 -32.86
C ALA H 118 6.62 33.21 -32.10
N ALA H 119 5.28 33.34 -32.01
CA ALA H 119 4.69 34.44 -31.26
C ALA H 119 5.07 34.38 -29.79
N MET H 120 5.04 33.19 -29.20
CA MET H 120 5.43 33.06 -27.80
C MET H 120 6.90 33.43 -27.59
N ASP H 121 7.77 33.02 -28.51
CA ASP H 121 9.18 33.36 -28.40
C ASP H 121 9.40 34.87 -28.46
N ARG H 122 8.72 35.53 -29.41
CA ARG H 122 8.85 36.99 -29.51
C ARG H 122 8.31 37.67 -28.26
N PHE H 123 7.20 37.16 -27.72
CA PHE H 123 6.64 37.72 -26.49
C PHE H 123 7.63 37.62 -25.34
N LEU H 124 8.26 36.45 -25.18
CA LEU H 124 9.21 36.28 -24.09
C LEU H 124 10.43 37.18 -24.27
N SER H 125 10.93 37.30 -25.50
CA SER H 125 12.07 38.17 -25.75
C SER H 125 11.75 39.63 -25.40
N LEU H 126 10.59 40.11 -25.84
CA LEU H 126 10.24 41.50 -25.58
C LEU H 126 9.93 41.73 -24.09
N SER H 127 9.41 40.72 -23.41
CA SER H 127 9.23 40.82 -21.97
C SER H 127 10.58 40.94 -21.26
N ASP H 128 11.58 40.19 -21.73
CA ASP H 128 12.93 40.36 -21.19
C ASP H 128 13.44 41.76 -21.45
N TYR H 129 13.19 42.30 -22.64
CA TYR H 129 13.56 43.68 -22.95
C TYR H 129 12.99 44.65 -21.92
N LEU H 130 11.68 44.55 -21.68
CA LEU H 130 11.03 45.44 -20.72
C LEU H 130 11.57 45.24 -19.30
N LEU H 131 11.80 43.99 -18.91
CA LEU H 131 12.32 43.72 -17.57
C LEU H 131 13.70 44.33 -17.38
N GLU H 132 14.59 44.19 -18.37
CA GLU H 132 15.91 44.78 -18.25
C GLU H 132 15.86 46.30 -18.25
N ARG H 133 14.88 46.89 -18.96
CA ARG H 133 14.75 48.34 -18.89
C ARG H 133 14.20 48.79 -17.53
N LEU H 134 13.38 47.96 -16.88
CA LEU H 134 12.76 48.35 -15.62
C LEU H 134 13.60 48.01 -14.38
N LEU H 135 14.63 47.16 -14.51
CA LEU H 135 15.42 46.79 -13.35
C LEU H 135 16.05 47.96 -12.59
N PRO H 136 16.66 48.97 -13.25
CA PRO H 136 17.23 50.08 -12.45
C PRO H 136 16.21 50.79 -11.58
N TYR H 137 14.98 50.94 -12.06
CA TYR H 137 13.94 51.55 -11.24
C TYR H 137 13.63 50.71 -10.01
N ILE H 138 13.64 49.38 -10.17
CA ILE H 138 13.44 48.51 -9.02
C ILE H 138 14.56 48.70 -8.01
N GLU H 139 15.80 48.77 -8.49
CA GLU H 139 16.92 48.96 -7.58
C GLU H 139 16.81 50.29 -6.83
N LEU H 140 16.47 51.36 -7.54
CA LEU H 140 16.34 52.66 -6.90
C LEU H 140 15.18 52.67 -5.90
N ALA H 141 14.06 52.05 -6.25
CA ALA H 141 12.91 52.01 -5.35
C ALA H 141 13.23 51.22 -4.09
N GLU H 142 13.92 50.09 -4.21
CA GLU H 142 14.24 49.28 -3.04
C GLU H 142 15.36 49.88 -2.21
N ARG H 143 16.23 50.70 -2.82
CA ARG H 143 17.23 51.41 -2.02
C ARG H 143 16.60 52.38 -1.04
N MET H 144 15.56 53.09 -1.47
CA MET H 144 14.89 54.09 -0.64
C MET H 144 13.77 53.50 0.21
N LYS H 145 13.52 52.19 0.10
CA LYS H 145 12.53 51.50 0.93
C LYS H 145 11.14 52.15 0.81
N SER H 146 10.71 52.37 -0.43
CA SER H 146 9.43 52.98 -0.70
C SER H 146 8.46 51.95 -1.27
N PRO H 147 7.46 51.51 -0.50
CA PRO H 147 6.46 50.58 -1.08
C PRO H 147 5.68 51.18 -2.24
N ALA H 148 5.43 52.48 -2.22
CA ALA H 148 4.69 53.11 -3.31
C ALA H 148 5.45 53.02 -4.63
N LEU H 149 6.77 53.22 -4.59
CA LEU H 149 7.56 53.13 -5.82
C LEU H 149 7.59 51.70 -6.35
N GLN H 150 7.67 50.71 -5.45
CA GLN H 150 7.63 49.31 -5.89
C GLN H 150 6.28 48.98 -6.52
N GLU H 151 5.19 49.46 -5.92
CA GLU H 151 3.88 49.26 -6.51
C GLU H 151 3.77 49.93 -7.87
N LEU H 152 4.35 51.12 -8.01
CA LEU H 152 4.33 51.81 -9.30
C LEU H 152 5.08 51.02 -10.36
N VAL H 153 6.25 50.47 -9.99
CA VAL H 153 7.02 49.68 -10.95
C VAL H 153 6.26 48.43 -11.35
N LEU H 154 5.63 47.76 -10.38
CA LEU H 154 4.83 46.58 -10.69
C LEU H 154 3.67 46.92 -11.63
N TYR H 155 2.99 48.05 -11.37
CA TYR H 155 1.89 48.45 -12.22
C TYR H 155 2.36 48.79 -13.63
N ALA H 156 3.52 49.45 -13.74
CA ALA H 156 4.08 49.74 -15.06
C ALA H 156 4.41 48.46 -15.81
N PHE H 157 4.98 47.47 -15.11
CA PHE H 157 5.25 46.19 -15.75
C PHE H 157 3.97 45.52 -16.20
N LYS H 158 2.91 45.60 -15.40
CA LYS H 158 1.62 45.03 -15.79
C LYS H 158 1.09 45.68 -17.06
N GLU H 159 1.12 47.01 -17.11
CA GLU H 159 0.62 47.72 -18.29
C GLU H 159 1.47 47.40 -19.53
N GLY H 160 2.80 47.34 -19.36
CA GLY H 160 3.66 46.98 -20.46
C GLY H 160 3.39 45.57 -20.96
N MET H 161 3.13 44.64 -20.04
CA MET H 161 2.78 43.28 -20.44
C MET H 161 1.46 43.26 -21.21
N LYS H 162 0.48 44.04 -20.77
CA LYS H 162 -0.78 44.14 -21.50
C LYS H 162 -0.55 44.62 -22.93
N LEU H 163 0.19 45.73 -23.06
CA LEU H 163 0.45 46.29 -24.38
C LEU H 163 1.22 45.31 -25.26
N LEU H 164 2.23 44.64 -24.68
CA LEU H 164 3.02 43.69 -25.45
C LEU H 164 2.19 42.52 -25.92
N ALA H 165 1.34 41.98 -25.05
CA ALA H 165 0.48 40.87 -25.45
C ALA H 165 -0.48 41.28 -26.56
N GLU H 166 -1.07 42.47 -26.44
CA GLU H 166 -1.98 42.95 -27.47
C GLU H 166 -1.25 43.13 -28.80
N LEU H 167 -0.04 43.70 -28.77
CA LEU H 167 0.70 43.92 -30.00
C LEU H 167 1.12 42.61 -30.65
N ILE H 168 1.56 41.63 -29.84
CA ILE H 168 1.93 40.33 -30.38
C ILE H 168 0.72 39.64 -30.98
N LEU H 169 -0.44 39.74 -30.33
CA LEU H 169 -1.67 39.17 -30.87
C LEU H 169 -2.02 39.82 -32.20
N ALA H 170 -1.89 41.14 -32.30
CA ALA H 170 -2.26 41.85 -33.51
C ALA H 170 -1.32 41.56 -34.68
N GLY H 171 -0.18 40.93 -34.43
CA GLY H 171 0.74 40.59 -35.51
C GLY H 171 1.55 41.76 -35.99
N LYS H 172 2.38 42.33 -35.12
CA LYS H 172 3.22 43.46 -35.45
C LYS H 172 4.69 43.05 -35.38
N SER H 173 5.53 43.82 -36.08
CA SER H 173 6.95 43.52 -36.12
C SER H 173 7.60 43.87 -34.79
N ASP H 174 8.82 43.35 -34.61
CA ASP H 174 9.56 43.57 -33.37
C ASP H 174 10.11 44.99 -33.24
N GLU H 175 10.11 45.77 -34.32
CA GLU H 175 10.59 47.14 -34.27
C GLU H 175 9.53 48.11 -33.77
N GLU H 176 8.29 47.97 -34.27
CA GLU H 176 7.20 48.81 -33.79
C GLU H 176 6.94 48.58 -32.31
N ILE H 177 6.98 47.32 -31.88
CA ILE H 177 6.76 47.01 -30.47
C ILE H 177 7.84 47.62 -29.61
N GLN H 178 9.10 47.55 -30.05
CA GLN H 178 10.19 48.13 -29.28
C GLN H 178 10.10 49.65 -29.24
N ALA H 179 9.67 50.28 -30.33
CA ALA H 179 9.47 51.73 -30.31
C ALA H 179 8.37 52.12 -29.34
N LYS H 180 7.27 51.38 -29.34
CA LYS H 180 6.18 51.65 -28.40
C LYS H 180 6.64 51.46 -26.96
N LEU H 181 7.43 50.42 -26.70
CA LEU H 181 7.97 50.22 -25.36
C LEU H 181 8.90 51.35 -24.96
N ASP H 182 9.70 51.86 -25.90
CA ASP H 182 10.56 52.99 -25.61
C ASP H 182 9.75 54.22 -25.22
N ALA H 183 8.68 54.51 -25.97
CA ALA H 183 7.84 55.65 -25.62
C ALA H 183 7.19 55.46 -24.26
N PHE H 184 6.70 54.24 -23.98
CA PHE H 184 6.08 53.98 -22.68
C PHE H 184 7.06 54.16 -21.55
N LEU H 185 8.30 53.71 -21.73
CA LEU H 185 9.32 53.90 -20.69
C LEU H 185 9.69 55.37 -20.54
N ALA H 186 9.70 56.12 -21.63
CA ALA H 186 9.94 57.56 -21.54
C ALA H 186 8.88 58.24 -20.69
N GLY H 187 7.61 57.84 -20.86
CA GLY H 187 6.57 58.36 -19.99
C GLY H 187 6.69 57.89 -18.55
N PHE H 188 7.06 56.63 -18.37
CA PHE H 188 7.17 56.08 -17.02
C PHE H 188 8.30 56.73 -16.24
N ASP H 189 9.34 57.22 -16.94
CA ASP H 189 10.40 57.94 -16.23
C ASP H 189 9.85 59.17 -15.52
N VAL H 190 9.04 59.96 -16.23
CA VAL H 190 8.43 61.14 -15.62
C VAL H 190 7.46 60.74 -14.53
N ALA H 191 6.67 59.67 -14.75
CA ALA H 191 5.74 59.22 -13.72
C ALA H 191 6.48 58.82 -12.45
N PHE H 192 7.58 58.09 -12.59
CA PHE H 192 8.38 57.66 -11.45
C PHE H 192 9.00 58.85 -10.72
N GLU H 193 9.49 59.82 -11.47
CA GLU H 193 10.06 61.02 -10.84
C GLU H 193 9.01 61.75 -10.02
N PHE H 194 7.81 61.93 -10.60
CA PHE H 194 6.73 62.60 -9.87
C PHE H 194 6.38 61.84 -8.59
N THR H 195 6.19 60.52 -8.71
CA THR H 195 5.80 59.73 -7.55
C THR H 195 6.86 59.76 -6.47
N LEU H 196 8.13 59.66 -6.85
CA LEU H 196 9.22 59.72 -5.88
C LEU H 196 9.26 61.07 -5.17
N ASP H 197 9.12 62.16 -5.93
CA ASP H 197 9.16 63.48 -5.33
C ASP H 197 8.04 63.66 -4.31
N ILE H 198 6.83 63.21 -4.65
CA ILE H 198 5.73 63.33 -3.70
C ILE H 198 5.95 62.42 -2.48
N ASP H 199 6.38 61.19 -2.72
CA ASP H 199 6.44 60.19 -1.66
C ASP H 199 7.53 60.49 -0.65
N VAL H 200 8.63 61.11 -1.07
CA VAL H 200 9.70 61.42 -0.12
C VAL H 200 9.17 62.36 0.97
N ILE H 201 8.53 63.46 0.55
CA ILE H 201 8.00 64.41 1.52
C ILE H 201 6.78 63.85 2.23
N GLY H 202 6.04 62.94 1.59
CA GLY H 202 4.94 62.30 2.28
C GLY H 202 5.40 61.42 3.43
N ARG H 203 6.50 60.69 3.23
CA ARG H 203 7.03 59.83 4.28
C ARG H 203 7.75 60.63 5.36
N GLU H 204 8.47 61.69 4.96
CA GLU H 204 9.23 62.45 5.95
C GLU H 204 8.31 63.21 6.90
N LEU H 205 7.20 63.73 6.40
CA LEU H 205 6.26 64.51 7.20
C LEU H 205 5.25 63.64 7.94
N ASP H 206 5.26 62.33 7.69
CA ASP H 206 4.35 61.38 8.35
C ASP H 206 2.89 61.74 8.05
N ILE H 207 2.55 61.72 6.76
CA ILE H 207 1.19 61.96 6.30
C ILE H 207 0.84 60.89 5.27
N PRO H 208 0.11 59.85 5.64
CA PRO H 208 -0.20 58.78 4.68
C PRO H 208 -1.04 59.23 3.50
N GLU H 209 -1.81 60.33 3.66
CA GLU H 209 -2.62 60.83 2.55
C GLU H 209 -1.73 61.27 1.40
N LEU H 210 -0.58 61.87 1.70
CA LEU H 210 0.34 62.28 0.65
C LEU H 210 0.88 61.08 -0.12
N VAL H 211 1.19 59.99 0.60
CA VAL H 211 1.68 58.77 -0.06
C VAL H 211 0.59 58.17 -0.94
N GLU H 212 -0.65 58.13 -0.45
CA GLU H 212 -1.75 57.62 -1.26
C GLU H 212 -1.95 58.46 -2.52
N PHE H 213 -1.89 59.78 -2.37
CA PHE H 213 -2.00 60.68 -3.52
C PHE H 213 -0.86 60.42 -4.51
N ALA H 214 0.36 60.24 -4.00
CA ALA H 214 1.50 59.96 -4.87
C ALA H 214 1.27 58.70 -5.67
N LEU H 215 0.84 57.62 -5.02
CA LEU H 215 0.62 56.35 -5.71
C LEU H 215 -0.48 56.49 -6.75
N GLU H 216 -1.60 57.12 -6.39
CA GLU H 216 -2.72 57.23 -7.31
C GLU H 216 -2.36 58.08 -8.54
N LYS H 217 -1.69 59.21 -8.32
CA LYS H 217 -1.37 60.08 -9.45
C LYS H 217 -0.24 59.52 -10.29
N GLY H 218 0.69 58.77 -9.69
CA GLY H 218 1.66 58.05 -10.49
C GLY H 218 1.02 56.99 -11.36
N LYS H 219 0.02 56.29 -10.81
CA LYS H 219 -0.72 55.34 -11.63
C LYS H 219 -1.44 56.03 -12.77
N GLU H 220 -2.02 57.21 -12.50
CA GLU H 220 -2.67 57.97 -13.57
C GLU H 220 -1.67 58.38 -14.65
N LEU H 221 -0.49 58.81 -14.24
CA LEU H 221 0.54 59.19 -15.21
C LEU H 221 0.99 57.99 -16.04
N VAL H 222 1.10 56.81 -15.41
CA VAL H 222 1.44 55.60 -16.16
C VAL H 222 0.33 55.25 -17.14
N LYS H 223 -0.93 55.39 -16.71
CA LYS H 223 -2.06 55.22 -17.63
C LYS H 223 -1.90 56.11 -18.86
N LEU H 224 -1.64 57.39 -18.63
CA LEU H 224 -1.54 58.33 -19.75
C LEU H 224 -0.37 57.99 -20.65
N ALA H 225 0.77 57.61 -20.05
CA ALA H 225 1.94 57.24 -20.85
C ALA H 225 1.66 56.02 -21.72
N LEU H 226 1.00 55.01 -21.16
CA LEU H 226 0.66 53.83 -21.94
C LEU H 226 -0.33 54.16 -23.05
N GLU H 227 -1.32 55.01 -22.76
CA GLU H 227 -2.27 55.40 -23.79
C GLU H 227 -1.58 56.16 -24.93
N LEU H 228 -0.64 57.04 -24.58
CA LEU H 228 0.12 57.76 -25.61
C LEU H 228 0.99 56.81 -26.42
N ALA H 229 1.63 55.86 -25.76
CA ALA H 229 2.49 54.90 -26.47
C ALA H 229 1.67 54.04 -27.43
N ARG H 230 0.49 53.62 -27.01
CA ARG H 230 -0.36 52.81 -27.88
C ARG H 230 -0.80 53.59 -29.11
N ALA H 231 -1.00 54.90 -28.98
CA ALA H 231 -1.42 55.73 -30.10
C ALA H 231 -0.35 55.90 -31.16
N GLY H 232 0.89 55.53 -30.87
CA GLY H 232 1.98 55.64 -31.83
C GLY H 232 2.84 56.87 -31.72
N LYS H 233 2.72 57.64 -30.64
CA LYS H 233 3.50 58.86 -30.49
C LYS H 233 4.96 58.52 -30.19
N SER H 234 5.85 59.43 -30.59
CA SER H 234 7.27 59.28 -30.30
C SER H 234 7.51 59.56 -28.81
N PRO H 235 8.64 59.09 -28.27
CA PRO H 235 8.88 59.30 -26.83
C PRO H 235 8.90 60.75 -26.40
N GLU H 236 9.27 61.68 -27.28
CA GLU H 236 9.33 63.08 -26.88
C GLU H 236 7.94 63.65 -26.60
N GLU H 237 6.97 63.36 -27.47
CA GLU H 237 5.60 63.84 -27.24
C GLU H 237 5.00 63.22 -25.99
N VAL H 238 5.26 61.93 -25.77
CA VAL H 238 4.79 61.28 -24.54
C VAL H 238 5.40 61.94 -23.32
N LYS H 239 6.71 62.23 -23.38
CA LYS H 239 7.37 62.89 -22.26
C LYS H 239 6.75 64.26 -21.98
N ALA H 240 6.50 65.03 -23.04
CA ALA H 240 5.95 66.37 -22.85
C ALA H 240 4.54 66.32 -22.26
N ALA H 241 3.69 65.42 -22.78
CA ALA H 241 2.32 65.34 -22.28
C ALA H 241 2.29 64.84 -20.83
N VAL H 242 3.11 63.84 -20.51
CA VAL H 242 3.17 63.35 -19.14
C VAL H 242 3.70 64.43 -18.21
N LYS H 243 4.65 65.25 -18.69
CA LYS H 243 5.17 66.34 -17.88
C LYS H 243 4.09 67.38 -17.59
N ALA H 244 3.28 67.72 -18.59
CA ALA H 244 2.20 68.68 -18.37
C ALA H 244 1.18 68.14 -17.37
N ARG H 245 0.78 66.88 -17.54
CA ARG H 245 -0.16 66.27 -16.61
C ARG H 245 0.43 66.22 -15.20
N GLY H 246 1.72 65.92 -15.10
CA GLY H 246 2.37 65.92 -13.81
C GLY H 246 2.43 67.29 -13.15
N GLU H 247 2.58 68.34 -13.96
CA GLU H 247 2.51 69.70 -13.41
C GLU H 247 1.14 69.99 -12.82
N GLU H 248 0.07 69.62 -13.54
CA GLU H 248 -1.27 69.80 -13.00
C GLU H 248 -1.46 69.00 -11.71
N LEU H 249 -1.02 67.75 -11.71
CA LEU H 249 -1.14 66.93 -10.51
C LEU H 249 -0.28 67.46 -9.37
N HIS H 250 0.82 68.14 -9.69
CA HIS H 250 1.65 68.73 -8.66
C HIS H 250 0.97 69.94 -8.03
N LYS H 251 0.24 70.72 -8.82
CA LYS H 251 -0.57 71.78 -8.24
C LYS H 251 -1.62 71.21 -7.30
N GLU H 252 -2.28 70.12 -7.73
CA GLU H 252 -3.25 69.46 -6.84
C GLU H 252 -2.58 68.96 -5.57
N PHE H 253 -1.36 68.41 -5.69
CA PHE H 253 -0.61 67.96 -4.53
C PHE H 253 -0.28 69.11 -3.60
N GLU H 254 0.08 70.27 -4.15
CA GLU H 254 0.37 71.42 -3.31
C GLU H 254 -0.86 71.81 -2.49
N LYS H 255 -2.02 71.84 -3.13
CA LYS H 255 -3.25 72.14 -2.40
C LYS H 255 -3.50 71.13 -1.28
N LEU H 256 -3.41 69.83 -1.62
CA LEU H 256 -3.69 68.79 -0.64
C LEU H 256 -2.69 68.81 0.51
N ALA H 257 -1.40 69.03 0.20
CA ALA H 257 -0.37 69.08 1.22
C ALA H 257 -0.58 70.26 2.16
N LEU H 258 -0.93 71.43 1.61
CA LEU H 258 -1.23 72.57 2.48
C LEU H 258 -2.39 72.25 3.40
N LYS H 259 -3.46 71.66 2.86
CA LYS H 259 -4.61 71.33 3.69
C LYS H 259 -4.25 70.35 4.80
N GLU H 260 -3.50 69.30 4.46
CA GLU H 260 -3.14 68.30 5.46
C GLU H 260 -2.19 68.87 6.52
N TYR H 261 -1.23 69.69 6.09
CA TYR H 261 -0.30 70.28 7.06
C TYR H 261 -1.02 71.21 8.02
N PHE H 262 -1.99 72.00 7.52
CA PHE H 262 -2.70 72.88 8.42
C PHE H 262 -3.70 72.11 9.28
N LYS H 263 -4.17 70.95 8.82
CA LYS H 263 -4.93 70.07 9.69
C LYS H 263 -4.08 69.55 10.84
N ARG H 264 -2.86 69.12 10.54
CA ARG H 264 -1.99 68.58 11.59
C ARG H 264 -1.52 69.67 12.54
N ARG H 265 -1.23 70.87 12.03
CA ARG H 265 -0.64 71.92 12.85
C ARG H 265 -1.62 72.44 13.89
N LEU H 266 -2.90 72.52 13.54
CA LEU H 266 -3.91 73.05 14.45
C LEU H 266 -4.41 72.03 15.46
N GLY H 267 -3.89 70.81 15.43
CA GLY H 267 -4.32 69.78 16.35
C GLY H 267 -5.63 69.11 16.00
N LEU H 268 -6.19 69.41 14.84
CA LEU H 268 -7.45 68.82 14.41
C LEU H 268 -7.28 67.33 14.10
N GLY I 20 20.25 -56.90 -19.62
CA GLY I 20 19.02 -57.66 -19.63
C GLY I 20 17.78 -56.78 -19.77
N PRO I 21 16.93 -57.08 -20.76
CA PRO I 21 15.72 -56.27 -20.95
C PRO I 21 14.72 -56.43 -19.82
N GLY I 22 14.40 -57.67 -19.47
CA GLY I 22 13.45 -57.92 -18.40
C GLY I 22 14.15 -58.11 -17.06
N GLY I 23 14.08 -57.10 -16.21
CA GLY I 23 14.75 -57.17 -14.92
C GLY I 23 14.07 -56.38 -13.82
N THR I 24 14.87 -55.93 -12.87
CA THR I 24 14.38 -55.18 -11.72
C THR I 24 14.87 -53.74 -11.81
N MET I 25 14.02 -52.80 -11.36
CA MET I 25 14.33 -51.38 -11.42
C MET I 25 15.68 -51.08 -10.78
N ALA I 26 16.01 -51.80 -9.70
CA ALA I 26 17.29 -51.65 -9.02
C ALA I 26 18.41 -52.47 -9.64
N ALA I 27 18.09 -53.59 -10.29
CA ALA I 27 19.12 -54.47 -10.81
C ALA I 27 19.76 -53.92 -12.09
N GLU I 28 19.06 -53.06 -12.81
CA GLU I 28 19.62 -52.50 -14.05
C GLU I 28 20.86 -51.67 -13.78
N GLU I 29 20.81 -50.82 -12.74
CA GLU I 29 21.97 -50.02 -12.39
C GLU I 29 23.14 -50.89 -11.93
N MET I 30 22.83 -51.97 -11.20
CA MET I 30 23.88 -52.91 -10.81
C MET I 30 24.53 -53.55 -12.03
N GLU I 31 23.72 -53.93 -13.03
CA GLU I 31 24.28 -54.49 -14.25
C GLU I 31 25.15 -53.47 -14.98
N LYS I 32 24.70 -52.21 -15.02
CA LYS I 32 25.50 -51.17 -15.64
C LYS I 32 26.83 -50.98 -14.93
N ILE I 33 26.81 -50.98 -13.59
CA ILE I 33 28.04 -50.84 -12.82
C ILE I 33 28.97 -52.01 -13.09
N PHE I 34 28.42 -53.23 -13.15
CA PHE I 34 29.23 -54.40 -13.41
C PHE I 34 29.90 -54.32 -14.78
N ARG I 35 29.14 -53.92 -15.80
CA ARG I 35 29.71 -53.82 -17.15
C ARG I 35 30.79 -52.74 -17.21
N ASP I 36 30.54 -51.60 -16.56
CA ASP I 36 31.53 -50.52 -16.55
C ASP I 36 32.82 -50.96 -15.86
N LYS I 37 32.68 -51.63 -14.71
CA LYS I 37 33.86 -52.10 -13.98
C LYS I 37 34.62 -53.15 -14.78
N LEU I 38 33.91 -54.05 -15.47
CA LEU I 38 34.59 -55.03 -16.30
C LEU I 38 35.36 -54.37 -17.42
N PHE I 39 34.74 -53.39 -18.09
CA PHE I 39 35.41 -52.70 -19.19
C PHE I 39 36.66 -52.00 -18.71
N HIS I 40 36.58 -51.28 -17.58
CA HIS I 40 37.75 -50.56 -17.11
C HIS I 40 38.79 -51.48 -16.50
N LEU I 41 38.39 -52.62 -15.96
CA LEU I 41 39.36 -53.63 -15.53
C LEU I 41 40.14 -54.17 -16.71
N HIS I 42 39.46 -54.42 -17.84
CA HIS I 42 40.16 -54.87 -19.03
C HIS I 42 41.11 -53.79 -19.53
N GLN I 43 40.69 -52.53 -19.49
CA GLN I 43 41.58 -51.43 -19.88
C GLN I 43 42.82 -51.39 -19.00
N LYS I 44 42.63 -51.53 -17.68
CA LYS I 44 43.77 -51.49 -16.77
C LYS I 44 44.70 -52.67 -16.99
N LEU I 45 44.14 -53.85 -17.25
CA LEU I 45 44.96 -55.02 -17.54
C LEU I 45 45.77 -54.83 -18.81
N ASP I 46 45.16 -54.26 -19.85
CA ASP I 46 45.90 -53.99 -21.07
C ASP I 46 47.00 -52.96 -20.84
N GLU I 47 46.71 -51.92 -20.06
CA GLU I 47 47.73 -50.91 -19.77
C GLU I 47 48.90 -51.51 -18.99
N ALA I 48 48.60 -52.40 -18.04
CA ALA I 48 49.64 -52.99 -17.21
C ALA I 48 50.58 -53.90 -18.00
N GLY I 49 50.17 -54.34 -19.19
CA GLY I 49 50.99 -55.21 -19.99
C GLY I 49 51.13 -56.61 -19.41
N LYS I 50 50.02 -57.34 -19.38
CA LYS I 50 49.99 -58.71 -18.87
C LYS I 50 49.75 -59.69 -20.01
N SER I 51 50.07 -60.95 -19.76
CA SER I 51 49.86 -61.99 -20.74
C SER I 51 48.36 -62.28 -20.91
N ALA I 52 48.02 -62.93 -22.02
CA ALA I 52 46.62 -63.21 -22.32
C ALA I 52 46.01 -64.14 -21.27
N GLU I 53 46.76 -65.16 -20.84
CA GLU I 53 46.25 -66.08 -19.83
C GLU I 53 46.06 -65.36 -18.49
N GLU I 54 46.96 -64.43 -18.15
CA GLU I 54 46.79 -63.65 -16.92
C GLU I 54 45.56 -62.77 -17.02
N ILE I 55 45.32 -62.16 -18.18
CA ILE I 55 44.13 -61.34 -18.36
C ILE I 55 42.87 -62.18 -18.22
N ALA I 56 42.86 -63.38 -18.80
CA ALA I 56 41.71 -64.26 -18.66
C ALA I 56 41.48 -64.66 -17.21
N LYS I 57 42.56 -64.98 -16.49
CA LYS I 57 42.42 -65.34 -15.08
C LYS I 57 41.86 -64.18 -14.26
N ALA I 58 42.37 -62.97 -14.51
CA ALA I 58 41.86 -61.81 -13.79
C ALA I 58 40.40 -61.56 -14.11
N VAL I 59 40.01 -61.71 -15.37
CA VAL I 59 38.63 -61.47 -15.77
C VAL I 59 37.69 -62.47 -15.10
N GLU I 60 38.07 -63.76 -15.11
CA GLU I 60 37.20 -64.76 -14.51
C GLU I 60 37.12 -64.59 -13.00
N LEU I 61 38.24 -64.22 -12.35
CA LEU I 61 38.21 -63.96 -10.92
C LEU I 61 37.29 -62.77 -10.60
N PHE I 62 37.39 -61.70 -11.37
CA PHE I 62 36.54 -60.54 -11.14
C PHE I 62 35.07 -60.88 -11.33
N VAL I 63 34.75 -61.65 -12.37
CA VAL I 63 33.35 -62.04 -12.59
C VAL I 63 32.86 -62.90 -11.43
N GLY I 64 33.67 -63.85 -10.97
CA GLY I 64 33.26 -64.70 -9.87
C GLY I 64 32.98 -63.92 -8.60
N LEU I 65 33.83 -62.94 -8.28
CA LEU I 65 33.60 -62.16 -7.07
C LEU I 65 32.42 -61.20 -7.24
N ALA I 66 32.30 -60.59 -8.42
CA ALA I 66 31.25 -59.61 -8.65
C ALA I 66 29.87 -60.25 -8.69
N MET I 67 29.77 -61.51 -9.11
CA MET I 67 28.47 -62.17 -9.06
C MET I 67 27.98 -62.35 -7.63
N ARG I 68 28.88 -62.74 -6.72
CA ARG I 68 28.51 -62.85 -5.32
C ARG I 68 28.13 -61.50 -4.74
N ALA I 69 28.91 -60.46 -5.05
CA ALA I 69 28.57 -59.13 -4.56
C ALA I 69 27.22 -58.68 -5.10
N PHE I 70 26.95 -58.96 -6.38
CA PHE I 70 25.68 -58.61 -7.00
C PHE I 70 24.51 -59.31 -6.31
N ASP I 71 24.66 -60.61 -6.05
CA ASP I 71 23.59 -61.35 -5.38
C ASP I 71 23.33 -60.80 -3.99
N TYR I 72 24.39 -60.48 -3.25
CA TYR I 72 24.23 -59.99 -1.88
C TYR I 72 23.55 -58.63 -1.86
N ALA I 73 23.99 -57.73 -2.76
CA ALA I 73 23.38 -56.40 -2.83
C ALA I 73 21.94 -56.48 -3.32
N LEU I 74 21.65 -57.39 -4.25
CA LEU I 74 20.27 -57.57 -4.70
C LEU I 74 19.39 -58.06 -3.56
N HIS I 75 19.87 -58.91 -2.69
CA HIS I 75 19.08 -59.34 -1.55
C HIS I 75 18.85 -58.22 -0.59
N ILE I 76 19.84 -57.38 -0.38
CA ILE I 76 19.62 -56.24 0.51
C ILE I 76 18.60 -55.28 -0.10
N ALA I 77 18.70 -55.01 -1.41
CA ALA I 77 17.76 -54.11 -2.06
C ALA I 77 16.34 -54.67 -2.05
N GLU I 78 16.20 -55.97 -2.29
CA GLU I 78 14.87 -56.58 -2.24
C GLU I 78 14.30 -56.55 -0.83
N ARG I 79 15.13 -56.78 0.18
CA ARG I 79 14.66 -56.67 1.55
C ARG I 79 14.17 -55.26 1.86
N GLY I 80 14.90 -54.25 1.37
CA GLY I 80 14.44 -52.88 1.56
C GLY I 80 13.16 -52.58 0.81
N LYS I 81 13.01 -53.13 -0.39
CA LYS I 81 11.80 -52.92 -1.17
C LYS I 81 10.58 -53.58 -0.53
N GLU I 82 10.78 -54.74 0.10
CA GLU I 82 9.65 -55.43 0.72
C GLU I 82 9.06 -54.61 1.86
N MET I 83 9.91 -54.00 2.69
CA MET I 83 9.47 -53.07 3.71
C MET I 83 9.28 -51.70 3.09
N GLY I 84 9.08 -50.68 3.93
CA GLY I 84 8.87 -49.34 3.44
C GLY I 84 10.10 -48.45 3.57
N ILE I 85 11.27 -48.98 3.25
CA ILE I 85 12.51 -48.25 3.40
C ILE I 85 13.19 -48.08 2.04
N PRO I 86 12.92 -46.98 1.32
CA PRO I 86 13.64 -46.73 0.06
C PRO I 86 15.14 -46.52 0.25
N THR I 87 15.59 -46.19 1.46
CA THR I 87 17.00 -45.97 1.70
C THR I 87 17.80 -47.25 1.55
N LEU I 88 17.20 -48.41 1.85
CA LEU I 88 17.91 -49.67 1.77
C LEU I 88 18.27 -50.02 0.33
N VAL I 89 17.44 -49.62 -0.64
CA VAL I 89 17.77 -49.87 -2.04
C VAL I 89 19.03 -49.10 -2.44
N GLU I 90 19.09 -47.82 -2.08
CA GLU I 90 20.27 -47.02 -2.38
C GLU I 90 21.50 -47.57 -1.66
N MET I 91 21.33 -48.02 -0.42
CA MET I 91 22.47 -48.57 0.31
C MET I 91 22.94 -49.89 -0.31
N GLY I 92 22.02 -50.70 -0.84
CA GLY I 92 22.43 -51.88 -1.56
C GLY I 92 23.18 -51.56 -2.84
N LYS I 93 22.73 -50.53 -3.57
CA LYS I 93 23.46 -50.10 -4.75
C LYS I 93 24.88 -49.64 -4.39
N ILE I 94 25.01 -48.87 -3.30
CA ILE I 94 26.32 -48.42 -2.85
C ILE I 94 27.20 -49.62 -2.49
N LEU I 95 26.63 -50.59 -1.78
CA LEU I 95 27.37 -51.78 -1.39
C LEU I 95 27.85 -52.54 -2.61
N PHE I 96 27.00 -52.70 -3.63
CA PHE I 96 27.44 -53.39 -4.83
C PHE I 96 28.53 -52.61 -5.55
N LYS I 97 28.40 -51.29 -5.62
CA LYS I 97 29.43 -50.49 -6.28
C LYS I 97 30.79 -50.71 -5.64
N TYR I 98 30.84 -50.64 -4.31
CA TYR I 98 32.13 -50.77 -3.65
C TYR I 98 32.61 -52.22 -3.60
N GLY I 99 31.70 -53.20 -3.59
CA GLY I 99 32.12 -54.58 -3.72
C GLY I 99 32.71 -54.88 -5.08
N ALA I 100 32.12 -54.31 -6.14
CA ALA I 100 32.69 -54.45 -7.48
C ALA I 100 34.05 -53.78 -7.57
N LYS I 101 34.20 -52.61 -6.93
CA LYS I 101 35.50 -51.96 -6.89
C LYS I 101 36.53 -52.84 -6.19
N LEU I 102 36.16 -53.43 -5.06
CA LEU I 102 37.07 -54.32 -4.34
C LEU I 102 37.42 -55.54 -5.17
N ALA I 103 36.43 -56.12 -5.87
CA ALA I 103 36.70 -57.27 -6.71
C ALA I 103 37.65 -56.93 -7.86
N ALA I 104 37.45 -55.77 -8.48
CA ALA I 104 38.34 -55.35 -9.55
C ALA I 104 39.75 -55.15 -9.03
N GLU I 105 39.89 -54.54 -7.84
CA GLU I 105 41.22 -54.35 -7.26
C GLU I 105 41.87 -55.69 -6.93
N LEU I 106 41.10 -56.64 -6.40
CA LEU I 106 41.64 -57.96 -6.09
C LEU I 106 42.10 -58.67 -7.35
N ALA I 107 41.31 -58.59 -8.42
CA ALA I 107 41.72 -59.20 -9.69
C ALA I 107 42.97 -58.54 -10.26
N LEU I 108 43.05 -57.21 -10.16
CA LEU I 108 44.22 -56.50 -10.66
C LEU I 108 45.46 -56.81 -9.83
N ALA I 109 45.30 -57.10 -8.55
CA ALA I 109 46.43 -57.40 -7.68
C ALA I 109 47.03 -58.77 -7.93
N GLY I 110 46.36 -59.64 -8.67
CA GLY I 110 46.88 -60.96 -8.96
C GLY I 110 46.72 -61.98 -7.86
N LYS I 111 45.86 -61.71 -6.87
CA LYS I 111 45.64 -62.66 -5.80
C LYS I 111 44.97 -63.92 -6.32
N SER I 112 45.21 -65.03 -5.63
CA SER I 112 44.62 -66.30 -6.03
C SER I 112 43.13 -66.33 -5.67
N GLU I 113 42.46 -67.38 -6.13
CA GLU I 113 41.01 -67.48 -5.97
C GLU I 113 40.61 -67.58 -4.50
N GLU I 114 41.35 -68.37 -3.72
CA GLU I 114 40.95 -68.62 -2.33
C GLU I 114 41.03 -67.35 -1.49
N GLU I 115 42.15 -66.63 -1.57
CA GLU I 115 42.30 -65.42 -0.79
C GLU I 115 41.30 -64.35 -1.22
N ALA I 116 41.04 -64.23 -2.53
CA ALA I 116 40.06 -63.27 -3.01
C ALA I 116 38.67 -63.60 -2.50
N ARG I 117 38.30 -64.88 -2.52
CA ARG I 117 36.98 -65.28 -2.02
C ARG I 117 36.86 -65.01 -0.52
N ALA I 118 37.93 -65.31 0.24
CA ALA I 118 37.90 -65.03 1.67
C ALA I 118 37.77 -63.53 1.94
N ALA I 119 38.50 -62.71 1.18
CA ALA I 119 38.41 -61.26 1.35
C ALA I 119 37.01 -60.76 1.03
N MET I 120 36.39 -61.29 -0.02
CA MET I 120 35.02 -60.90 -0.34
C MET I 120 34.05 -61.31 0.77
N ASP I 121 34.24 -62.50 1.35
CA ASP I 121 33.40 -62.93 2.46
C ASP I 121 33.53 -61.98 3.65
N ARG I 122 34.76 -61.62 4.00
CA ARG I 122 34.97 -60.70 5.12
C ARG I 122 34.37 -59.34 4.83
N PHE I 123 34.51 -58.86 3.59
CA PHE I 123 33.92 -57.58 3.20
C PHE I 123 32.40 -57.61 3.35
N LEU I 124 31.77 -58.69 2.90
CA LEU I 124 30.31 -58.80 3.02
C LEU I 124 29.88 -58.84 4.48
N SER I 125 30.59 -59.60 5.32
CA SER I 125 30.23 -59.67 6.73
C SER I 125 30.36 -58.31 7.41
N LEU I 126 31.45 -57.59 7.14
CA LEU I 126 31.64 -56.29 7.78
C LEU I 126 30.66 -55.25 7.23
N SER I 127 30.28 -55.37 5.96
CA SER I 127 29.24 -54.49 5.42
C SER I 127 27.91 -54.75 6.13
N ASP I 128 27.64 -55.98 6.49
CA ASP I 128 26.43 -56.28 7.24
C ASP I 128 26.54 -55.68 8.61
N TYR I 129 27.71 -55.78 9.21
CA TYR I 129 27.92 -55.16 10.51
C TYR I 129 27.58 -53.67 10.47
N LEU I 130 28.14 -52.96 9.49
CA LEU I 130 27.88 -51.52 9.37
C LEU I 130 26.41 -51.24 9.08
N LEU I 131 25.78 -52.06 8.25
CA LEU I 131 24.37 -51.85 7.94
C LEU I 131 23.49 -52.02 9.17
N GLU I 132 23.78 -53.05 9.98
CA GLU I 132 23.01 -53.26 11.20
C GLU I 132 23.21 -52.09 12.16
N ARG I 133 24.44 -51.56 12.24
CA ARG I 133 24.66 -50.41 13.11
C ARG I 133 23.96 -49.15 12.58
N LEU I 134 23.77 -49.04 11.26
CA LEU I 134 23.18 -47.86 10.67
C LEU I 134 21.66 -47.90 10.56
N LEU I 135 21.05 -49.08 10.68
CA LEU I 135 19.61 -49.20 10.50
C LEU I 135 18.78 -48.33 11.45
N PRO I 136 19.07 -48.26 12.77
CA PRO I 136 18.24 -47.40 13.64
C PRO I 136 18.23 -45.95 13.22
N TYR I 137 19.35 -45.43 12.70
CA TYR I 137 19.37 -44.07 12.20
C TYR I 137 18.45 -43.90 11.01
N ILE I 138 18.40 -44.91 10.13
CA ILE I 138 17.48 -44.86 9.00
C ILE I 138 16.04 -44.81 9.49
N GLU I 139 15.72 -45.64 10.50
CA GLU I 139 14.37 -45.64 11.05
C GLU I 139 14.02 -44.27 11.64
N LEU I 140 14.94 -43.71 12.43
CA LEU I 140 14.68 -42.41 13.05
C LEU I 140 14.53 -41.31 11.99
N ALA I 141 15.37 -41.34 10.95
CA ALA I 141 15.29 -40.32 9.91
C ALA I 141 13.98 -40.43 9.14
N GLU I 142 13.53 -41.66 8.83
CA GLU I 142 12.28 -41.83 8.10
C GLU I 142 11.07 -41.52 8.95
N ARG I 143 11.19 -41.63 10.28
CA ARG I 143 10.07 -41.28 11.16
C ARG I 143 9.75 -39.79 11.07
N MET I 144 10.77 -38.94 10.96
CA MET I 144 10.57 -37.50 10.92
C MET I 144 10.48 -36.94 9.50
N LYS I 145 10.49 -37.80 8.48
CA LYS I 145 10.36 -37.37 7.08
C LYS I 145 11.40 -36.31 6.72
N SER I 146 12.66 -36.61 7.01
CA SER I 146 13.75 -35.67 6.77
C SER I 146 14.63 -36.17 5.64
N PRO I 147 14.54 -35.57 4.44
CA PRO I 147 15.45 -35.96 3.36
C PRO I 147 16.92 -35.70 3.69
N ALA I 148 17.20 -34.64 4.44
CA ALA I 148 18.59 -34.33 4.78
C ALA I 148 19.21 -35.43 5.63
N LEU I 149 18.45 -35.96 6.59
CA LEU I 149 18.96 -37.04 7.44
C LEU I 149 19.18 -38.32 6.64
N GLN I 150 18.29 -38.60 5.70
CA GLN I 150 18.47 -39.77 4.84
C GLN I 150 19.73 -39.62 3.97
N GLU I 151 19.95 -38.44 3.41
CA GLU I 151 21.16 -38.20 2.65
C GLU I 151 22.40 -38.32 3.52
N LEU I 152 22.33 -37.85 4.76
CA LEU I 152 23.45 -38.00 5.69
C LEU I 152 23.75 -39.45 5.97
N VAL I 153 22.71 -40.27 6.17
CA VAL I 153 22.93 -41.69 6.43
C VAL I 153 23.54 -42.37 5.20
N LEU I 154 23.05 -42.01 4.01
CA LEU I 154 23.63 -42.57 2.79
C LEU I 154 25.10 -42.20 2.65
N TYR I 155 25.43 -40.94 2.95
CA TYR I 155 26.83 -40.49 2.87
C TYR I 155 27.69 -41.23 3.87
N ALA I 156 27.17 -41.43 5.09
CA ALA I 156 27.93 -42.18 6.09
C ALA I 156 28.17 -43.62 5.66
N PHE I 157 27.16 -44.25 5.06
CA PHE I 157 27.34 -45.61 4.56
C PHE I 157 28.37 -45.65 3.44
N LYS I 158 28.36 -44.65 2.56
CA LYS I 158 29.34 -44.60 1.49
C LYS I 158 30.76 -44.46 2.04
N GLU I 159 30.95 -43.58 3.03
CA GLU I 159 32.27 -43.42 3.62
C GLU I 159 32.72 -44.69 4.33
N GLY I 160 31.80 -45.34 5.05
CA GLY I 160 32.13 -46.59 5.69
C GLY I 160 32.51 -47.67 4.70
N MET I 161 31.81 -47.72 3.56
CA MET I 161 32.16 -48.67 2.51
C MET I 161 33.55 -48.38 1.96
N LYS I 162 33.88 -47.11 1.74
CA LYS I 162 35.22 -46.76 1.28
C LYS I 162 36.28 -47.24 2.26
N LEU I 163 36.09 -46.93 3.55
CA LEU I 163 37.06 -47.31 4.56
C LEU I 163 37.18 -48.83 4.65
N LEU I 164 36.06 -49.54 4.59
CA LEU I 164 36.07 -50.99 4.68
C LEU I 164 36.80 -51.60 3.49
N ALA I 165 36.55 -51.10 2.28
CA ALA I 165 37.25 -51.62 1.12
C ALA I 165 38.75 -51.38 1.23
N GLU I 166 39.15 -50.17 1.67
CA GLU I 166 40.57 -49.88 1.84
C GLU I 166 41.21 -50.81 2.86
N LEU I 167 40.54 -51.03 3.99
CA LEU I 167 41.12 -51.89 5.04
C LEU I 167 41.19 -53.34 4.58
N ILE I 168 40.17 -53.82 3.87
CA ILE I 168 40.20 -55.20 3.38
C ILE I 168 41.32 -55.37 2.37
N LEU I 169 41.51 -54.39 1.49
CA LEU I 169 42.63 -54.44 0.54
C LEU I 169 43.97 -54.44 1.27
N ALA I 170 44.10 -53.62 2.31
CA ALA I 170 45.35 -53.51 3.04
C ALA I 170 45.72 -54.79 3.80
N GLY I 171 44.78 -55.73 3.95
CA GLY I 171 45.07 -56.96 4.64
C GLY I 171 45.05 -56.83 6.15
N LYS I 172 43.94 -56.33 6.68
CA LYS I 172 43.76 -56.15 8.11
C LYS I 172 42.79 -57.18 8.66
N SER I 173 43.00 -57.55 9.92
CA SER I 173 42.12 -58.52 10.57
C SER I 173 40.78 -57.86 10.93
N ASP I 174 39.80 -58.70 11.23
CA ASP I 174 38.45 -58.24 11.49
C ASP I 174 38.31 -57.46 12.79
N GLU I 175 39.30 -57.52 13.68
CA GLU I 175 39.23 -56.80 14.94
C GLU I 175 39.52 -55.31 14.77
N GLU I 176 40.61 -54.98 14.08
CA GLU I 176 40.95 -53.59 13.84
C GLU I 176 39.90 -52.91 12.97
N ILE I 177 39.38 -53.64 11.97
CA ILE I 177 38.35 -53.08 11.11
C ILE I 177 37.10 -52.77 11.92
N GLN I 178 36.70 -53.68 12.80
CA GLN I 178 35.53 -53.44 13.64
C GLN I 178 35.75 -52.28 14.59
N ALA I 179 36.96 -52.15 15.15
CA ALA I 179 37.25 -51.01 16.01
C ALA I 179 37.18 -49.69 15.25
N LYS I 180 37.73 -49.66 14.03
CA LYS I 180 37.65 -48.45 13.22
C LYS I 180 36.20 -48.11 12.88
N LEU I 181 35.39 -49.13 12.56
CA LEU I 181 33.98 -48.89 12.29
C LEU I 181 33.27 -48.35 13.52
N ASP I 182 33.62 -48.87 14.70
CA ASP I 182 33.02 -48.37 15.94
C ASP I 182 33.35 -46.90 16.17
N ALA I 183 34.61 -46.52 15.95
CA ALA I 183 34.98 -45.12 16.09
C ALA I 183 34.25 -44.24 15.07
N PHE I 184 34.14 -44.73 13.84
CA PHE I 184 33.42 -43.97 12.81
C PHE I 184 31.97 -43.77 13.19
N LEU I 185 31.32 -44.80 13.73
CA LEU I 185 29.93 -44.68 14.16
C LEU I 185 29.80 -43.75 15.37
N ALA I 186 30.80 -43.76 16.25
CA ALA I 186 30.79 -42.82 17.37
C ALA I 186 30.81 -41.38 16.89
N GLY I 187 31.62 -41.09 15.87
CA GLY I 187 31.59 -39.76 15.28
C GLY I 187 30.29 -39.46 14.56
N PHE I 188 29.77 -40.46 13.84
CA PHE I 188 28.54 -40.25 13.08
C PHE I 188 27.35 -39.96 13.99
N ASP I 189 27.35 -40.49 15.22
CA ASP I 189 26.27 -40.17 16.14
C ASP I 189 26.20 -38.66 16.40
N VAL I 190 27.34 -38.05 16.69
CA VAL I 190 27.38 -36.60 16.92
C VAL I 190 27.01 -35.85 15.65
N ALA I 191 27.51 -36.31 14.50
CA ALA I 191 27.17 -35.64 13.25
C ALA I 191 25.66 -35.68 12.99
N PHE I 192 25.04 -36.83 13.24
CA PHE I 192 23.61 -36.99 13.05
C PHE I 192 22.83 -36.08 14.00
N GLU I 193 23.25 -36.01 15.26
CA GLU I 193 22.57 -35.13 16.22
C GLU I 193 22.64 -33.68 15.78
N PHE I 194 23.82 -33.23 15.34
CA PHE I 194 23.98 -31.86 14.87
C PHE I 194 23.07 -31.57 13.69
N THR I 195 23.09 -32.48 12.70
CA THR I 195 22.29 -32.27 11.49
C THR I 195 20.80 -32.24 11.83
N LEU I 196 20.34 -33.15 12.69
CA LEU I 196 18.93 -33.18 13.06
C LEU I 196 18.52 -31.92 13.80
N ASP I 197 19.37 -31.47 14.73
CA ASP I 197 19.08 -30.25 15.48
C ASP I 197 18.87 -29.08 14.54
N ILE I 198 19.79 -28.91 13.58
CA ILE I 198 19.64 -27.77 12.67
C ILE I 198 18.44 -27.98 11.74
N ASP I 199 18.24 -29.21 11.26
CA ASP I 199 17.25 -29.45 10.22
C ASP I 199 15.82 -29.26 10.72
N VAL I 200 15.56 -29.63 11.97
CA VAL I 200 14.20 -29.48 12.50
C VAL I 200 13.79 -28.01 12.47
N ILE I 201 14.63 -27.13 13.02
CA ILE I 201 14.29 -25.71 13.06
C ILE I 201 14.35 -25.11 11.66
N GLY I 202 15.19 -25.63 10.78
CA GLY I 202 15.20 -25.13 9.41
C GLY I 202 13.91 -25.44 8.68
N ARG I 203 13.36 -26.63 8.90
CA ARG I 203 12.11 -27.00 8.25
C ARG I 203 10.92 -26.28 8.86
N GLU I 204 10.91 -26.10 10.18
CA GLU I 204 9.76 -25.47 10.83
C GLU I 204 9.66 -23.99 10.49
N LEU I 205 10.79 -23.30 10.39
CA LEU I 205 10.78 -21.89 10.05
C LEU I 205 10.63 -21.64 8.55
N ASP I 206 10.67 -22.69 7.73
CA ASP I 206 10.59 -22.61 6.28
C ASP I 206 11.71 -21.69 5.78
N ILE I 207 12.94 -22.20 5.92
CA ILE I 207 14.14 -21.54 5.40
C ILE I 207 15.03 -22.62 4.80
N PRO I 208 15.00 -22.82 3.47
CA PRO I 208 15.81 -23.89 2.87
C PRO I 208 17.30 -23.74 3.08
N GLU I 209 17.79 -22.51 3.26
CA GLU I 209 19.21 -22.30 3.48
C GLU I 209 19.70 -23.01 4.74
N LEU I 210 18.87 -23.01 5.78
CA LEU I 210 19.24 -23.71 7.00
C LEU I 210 19.37 -25.21 6.78
N VAL I 211 18.46 -25.78 5.99
CA VAL I 211 18.53 -27.21 5.69
C VAL I 211 19.78 -27.53 4.87
N GLU I 212 20.09 -26.67 3.89
CA GLU I 212 21.31 -26.89 3.10
C GLU I 212 22.56 -26.79 3.97
N PHE I 213 22.60 -25.81 4.87
CA PHE I 213 23.71 -25.70 5.81
C PHE I 213 23.82 -26.93 6.69
N ALA I 214 22.68 -27.43 7.17
CA ALA I 214 22.68 -28.63 8.01
C ALA I 214 23.27 -29.82 7.27
N LEU I 215 22.82 -30.04 6.03
CA LEU I 215 23.33 -31.17 5.26
C LEU I 215 24.82 -31.04 4.99
N GLU I 216 25.26 -29.84 4.58
CA GLU I 216 26.67 -29.64 4.25
C GLU I 216 27.56 -29.83 5.47
N LYS I 217 27.17 -29.26 6.62
CA LYS I 217 28.01 -29.36 7.79
C LYS I 217 27.95 -30.75 8.42
N GLY I 218 26.83 -31.44 8.29
CA GLY I 218 26.79 -32.84 8.69
C GLY I 218 27.71 -33.70 7.85
N LYS I 219 27.75 -33.44 6.55
CA LYS I 219 28.70 -34.14 5.68
C LYS I 219 30.13 -33.85 6.10
N GLU I 220 30.42 -32.58 6.44
CA GLU I 220 31.76 -32.23 6.92
C GLU I 220 32.11 -32.99 8.21
N LEU I 221 31.16 -33.08 9.14
CA LEU I 221 31.40 -33.80 10.38
C LEU I 221 31.62 -35.28 10.13
N VAL I 222 30.84 -35.87 9.21
CA VAL I 222 31.03 -37.28 8.87
C VAL I 222 32.41 -37.50 8.25
N LYS I 223 32.84 -36.59 7.38
CA LYS I 223 34.18 -36.70 6.80
C LYS I 223 35.25 -36.62 7.88
N LEU I 224 35.09 -35.70 8.83
CA LEU I 224 36.07 -35.59 9.91
C LEU I 224 36.10 -36.85 10.76
N ALA I 225 34.93 -37.42 11.06
CA ALA I 225 34.87 -38.66 11.83
C ALA I 225 35.54 -39.80 11.09
N LEU I 226 35.32 -39.90 9.77
CA LEU I 226 35.97 -40.95 8.98
C LEU I 226 37.48 -40.77 8.99
N GLU I 227 37.95 -39.53 8.83
CA GLU I 227 39.39 -39.27 8.83
C GLU I 227 40.01 -39.64 10.18
N LEU I 228 39.32 -39.30 11.27
CA LEU I 228 39.83 -39.65 12.59
C LEU I 228 39.84 -41.16 12.81
N ALA I 229 38.79 -41.85 12.36
CA ALA I 229 38.74 -43.30 12.52
C ALA I 229 39.82 -43.99 11.69
N ARG I 230 40.14 -43.44 10.53
CA ARG I 230 41.21 -44.00 9.71
C ARG I 230 42.55 -43.91 10.42
N ALA I 231 42.79 -42.82 11.13
CA ALA I 231 44.05 -42.62 11.85
C ALA I 231 44.23 -43.57 13.02
N GLY I 232 43.18 -44.27 13.43
CA GLY I 232 43.28 -45.23 14.52
C GLY I 232 42.91 -44.71 15.89
N LYS I 233 42.25 -43.56 15.98
CA LYS I 233 41.86 -43.02 17.27
C LYS I 233 40.73 -43.85 17.88
N SER I 234 40.65 -43.80 19.21
CA SER I 234 39.57 -44.47 19.92
C SER I 234 38.25 -43.73 19.70
N PRO I 235 37.12 -44.39 19.93
CA PRO I 235 35.82 -43.71 19.74
C PRO I 235 35.65 -42.48 20.60
N GLU I 236 36.24 -42.45 21.80
CA GLU I 236 36.10 -41.28 22.67
C GLU I 236 36.76 -40.06 22.08
N GLU I 237 37.96 -40.20 21.53
CA GLU I 237 38.65 -39.08 20.91
C GLU I 237 37.88 -38.58 19.70
N VAL I 238 37.36 -39.49 18.89
CA VAL I 238 36.56 -39.11 17.74
C VAL I 238 35.32 -38.34 18.19
N LYS I 239 34.65 -38.82 19.22
CA LYS I 239 33.47 -38.14 19.74
C LYS I 239 33.81 -36.73 20.20
N ALA I 240 34.91 -36.58 20.94
CA ALA I 240 35.30 -35.27 21.45
C ALA I 240 35.61 -34.30 20.31
N ALA I 241 36.41 -34.75 19.35
CA ALA I 241 36.80 -33.85 18.25
C ALA I 241 35.61 -33.47 17.39
N VAL I 242 34.73 -34.44 17.10
CA VAL I 242 33.54 -34.13 16.32
C VAL I 242 32.63 -33.18 17.09
N LYS I 243 32.54 -33.33 18.41
CA LYS I 243 31.75 -32.41 19.20
C LYS I 243 32.29 -30.99 19.14
N ALA I 244 33.61 -30.84 19.23
CA ALA I 244 34.22 -29.51 19.14
C ALA I 244 33.95 -28.87 17.77
N ARG I 245 34.17 -29.64 16.71
CA ARG I 245 33.92 -29.11 15.37
C ARG I 245 32.44 -28.76 15.20
N GLY I 246 31.55 -29.56 15.77
CA GLY I 246 30.13 -29.26 15.73
C GLY I 246 29.77 -27.99 16.49
N GLU I 247 30.46 -27.73 17.60
CA GLU I 247 30.24 -26.47 18.32
C GLU I 247 30.64 -25.27 17.46
N GLU I 248 31.77 -25.37 16.77
CA GLU I 248 32.17 -24.28 15.88
C GLU I 248 31.15 -24.07 14.76
N LEU I 249 30.74 -25.18 14.12
CA LEU I 249 29.73 -25.08 13.08
C LEU I 249 28.39 -24.61 13.61
N HIS I 250 28.11 -24.85 14.89
CA HIS I 250 26.87 -24.34 15.48
C HIS I 250 26.92 -22.84 15.67
N LYS I 251 28.09 -22.30 16.03
CA LYS I 251 28.24 -20.85 16.05
C LYS I 251 28.01 -20.26 14.66
N GLU I 252 28.59 -20.90 13.64
CA GLU I 252 28.35 -20.44 12.27
C GLU I 252 26.86 -20.52 11.91
N PHE I 253 26.19 -21.58 12.34
CA PHE I 253 24.76 -21.72 12.10
C PHE I 253 23.97 -20.63 12.80
N GLU I 254 24.37 -20.26 14.01
CA GLU I 254 23.68 -19.18 14.71
C GLU I 254 23.77 -17.88 13.91
N LYS I 255 24.96 -17.57 13.41
CA LYS I 255 25.11 -16.37 12.58
C LYS I 255 24.21 -16.45 11.35
N LEU I 256 24.25 -17.57 10.64
CA LEU I 256 23.48 -17.70 9.41
C LEU I 256 21.97 -17.63 9.66
N ALA I 257 21.52 -18.27 10.74
CA ALA I 257 20.10 -18.26 11.09
C ALA I 257 19.64 -16.86 11.45
N LEU I 258 20.45 -16.11 12.21
CA LEU I 258 20.09 -14.73 12.50
C LEU I 258 19.96 -13.91 11.22
N LYS I 259 20.93 -14.07 10.31
CA LYS I 259 20.89 -13.31 9.06
C LYS I 259 19.64 -13.64 8.24
N GLU I 260 19.33 -14.93 8.11
CA GLU I 260 18.19 -15.34 7.30
C GLU I 260 16.87 -14.92 7.96
N TYR I 261 16.78 -15.01 9.29
CA TYR I 261 15.58 -14.57 9.98
C TYR I 261 15.34 -13.08 9.79
N PHE I 262 16.42 -12.29 9.83
CA PHE I 262 16.23 -10.85 9.63
C PHE I 262 15.96 -10.52 8.17
N LYS I 263 16.44 -11.34 7.23
CA LYS I 263 16.03 -11.17 5.84
C LYS I 263 14.53 -11.42 5.70
N ARG I 264 14.01 -12.47 6.32
CA ARG I 264 12.59 -12.78 6.20
C ARG I 264 11.72 -11.76 6.91
N ARG I 265 12.12 -11.35 8.12
CA ARG I 265 11.28 -10.48 8.94
C ARG I 265 11.12 -9.10 8.32
N LEU I 266 12.18 -8.58 7.70
CA LEU I 266 12.15 -7.24 7.12
C LEU I 266 11.55 -7.24 5.72
N GLY I 267 11.09 -8.37 5.21
CA GLY I 267 10.56 -8.44 3.87
C GLY I 267 11.62 -8.51 2.78
N LEU I 268 12.89 -8.62 3.15
CA LEU I 268 13.99 -8.66 2.19
C LEU I 268 13.95 -9.93 1.35
N GLY J 20 -11.85 27.04 1.94
CA GLY J 20 -11.18 25.87 2.48
C GLY J 20 -9.72 26.11 2.76
N PRO J 21 -8.92 25.03 2.77
CA PRO J 21 -7.49 25.17 3.04
C PRO J 21 -6.75 25.81 1.88
N GLY J 22 -6.84 27.13 1.78
CA GLY J 22 -6.22 27.85 0.68
C GLY J 22 -7.28 28.39 -0.27
N GLY J 23 -7.03 29.59 -0.78
CA GLY J 23 -7.95 30.24 -1.68
C GLY J 23 -7.91 31.74 -1.51
N THR J 24 -8.89 32.41 -2.08
CA THR J 24 -8.98 33.86 -2.08
C THR J 24 -9.70 34.33 -0.81
N MET J 25 -9.34 35.53 -0.34
CA MET J 25 -9.99 36.12 0.81
C MET J 25 -11.45 36.47 0.55
N ALA J 26 -11.89 36.46 -0.70
CA ALA J 26 -13.29 36.66 -1.04
C ALA J 26 -14.01 35.35 -1.33
N ALA J 27 -13.28 34.28 -1.65
CA ALA J 27 -13.93 33.00 -1.91
C ALA J 27 -14.34 32.30 -0.62
N GLU J 28 -13.65 32.57 0.49
CA GLU J 28 -13.99 31.93 1.75
C GLU J 28 -15.34 32.40 2.26
N GLU J 29 -15.64 33.69 2.14
CA GLU J 29 -16.94 34.20 2.56
C GLU J 29 -18.06 33.60 1.73
N MET J 30 -17.85 33.47 0.41
CA MET J 30 -18.86 32.85 -0.44
C MET J 30 -19.02 31.37 -0.11
N GLU J 31 -17.93 30.69 0.24
CA GLU J 31 -18.04 29.30 0.65
C GLU J 31 -18.86 29.16 1.93
N LYS J 32 -18.64 30.08 2.89
CA LYS J 32 -19.45 30.08 4.11
C LYS J 32 -20.91 30.33 3.81
N ILE J 33 -21.20 31.27 2.92
CA ILE J 33 -22.58 31.56 2.54
C ILE J 33 -23.21 30.33 1.88
N PHE J 34 -22.47 29.67 1.00
CA PHE J 34 -22.97 28.48 0.32
C PHE J 34 -23.28 27.37 1.31
N ARG J 35 -22.38 27.12 2.26
CA ARG J 35 -22.62 26.08 3.25
C ARG J 35 -23.82 26.40 4.12
N ASP J 36 -23.95 27.65 4.55
CA ASP J 36 -25.10 28.04 5.36
C ASP J 36 -26.40 27.87 4.60
N LYS J 37 -26.42 28.30 3.33
CA LYS J 37 -27.64 28.16 2.54
C LYS J 37 -27.99 26.70 2.30
N LEU J 38 -26.99 25.85 2.05
CA LEU J 38 -27.27 24.43 1.88
C LEU J 38 -27.84 23.81 3.14
N PHE J 39 -27.24 24.14 4.30
CA PHE J 39 -27.73 23.58 5.56
C PHE J 39 -29.17 24.00 5.84
N HIS J 40 -29.47 25.29 5.64
CA HIS J 40 -30.82 25.76 5.93
C HIS J 40 -31.83 25.29 4.87
N LEU J 41 -31.37 25.07 3.64
CA LEU J 41 -32.24 24.48 2.64
C LEU J 41 -32.61 23.05 3.00
N HIS J 42 -31.64 22.28 3.50
CA HIS J 42 -31.97 20.94 3.98
C HIS J 42 -32.95 21.00 5.15
N GLN J 43 -32.74 21.94 6.07
CA GLN J 43 -33.69 22.13 7.17
C GLN J 43 -35.09 22.40 6.65
N LYS J 44 -35.22 23.32 5.70
CA LYS J 44 -36.54 23.68 5.18
C LYS J 44 -37.18 22.52 4.42
N LEU J 45 -36.38 21.77 3.68
CA LEU J 45 -36.90 20.61 2.96
C LEU J 45 -37.42 19.55 3.93
N ASP J 46 -36.69 19.31 5.02
CA ASP J 46 -37.16 18.38 6.03
C ASP J 46 -38.44 18.89 6.69
N GLU J 47 -38.50 20.19 6.98
CA GLU J 47 -39.68 20.75 7.62
C GLU J 47 -40.90 20.67 6.70
N ALA J 48 -40.68 20.79 5.38
CA ALA J 48 -41.78 20.75 4.44
C ALA J 48 -42.37 19.36 4.27
N GLY J 49 -41.70 18.32 4.75
CA GLY J 49 -42.21 16.96 4.63
C GLY J 49 -42.18 16.45 3.21
N LYS J 50 -40.99 16.27 2.66
CA LYS J 50 -40.80 15.77 1.31
C LYS J 50 -40.11 14.42 1.33
N SER J 51 -40.28 13.67 0.23
CA SER J 51 -39.65 12.37 0.11
C SER J 51 -38.14 12.52 -0.07
N ALA J 52 -37.43 11.40 0.13
CA ALA J 52 -35.98 11.43 0.05
C ALA J 52 -35.50 11.77 -1.36
N GLU J 53 -36.16 11.22 -2.38
CA GLU J 53 -35.75 11.50 -3.75
C GLU J 53 -35.99 12.96 -4.12
N GLU J 54 -37.10 13.55 -3.63
CA GLU J 54 -37.34 14.97 -3.87
C GLU J 54 -36.30 15.83 -3.17
N ILE J 55 -35.90 15.45 -1.96
CA ILE J 55 -34.87 16.21 -1.25
C ILE J 55 -33.55 16.12 -1.99
N ALA J 56 -33.20 14.94 -2.50
CA ALA J 56 -31.98 14.80 -3.28
C ALA J 56 -32.03 15.64 -4.55
N LYS J 57 -33.17 15.63 -5.24
CA LYS J 57 -33.32 16.44 -6.45
C LYS J 57 -33.14 17.92 -6.14
N ALA J 58 -33.77 18.40 -5.07
CA ALA J 58 -33.68 19.81 -4.70
C ALA J 58 -32.25 20.17 -4.32
N VAL J 59 -31.56 19.29 -3.60
CA VAL J 59 -30.18 19.58 -3.19
C VAL J 59 -29.27 19.65 -4.41
N GLU J 60 -29.41 18.70 -5.34
CA GLU J 60 -28.60 18.74 -6.56
C GLU J 60 -28.88 19.99 -7.37
N LEU J 61 -30.15 20.37 -7.50
CA LEU J 61 -30.50 21.58 -8.25
C LEU J 61 -29.89 22.82 -7.60
N PHE J 62 -29.98 22.92 -6.28
CA PHE J 62 -29.42 24.07 -5.59
C PHE J 62 -27.92 24.14 -5.76
N VAL J 63 -27.23 23.00 -5.65
CA VAL J 63 -25.77 23.01 -5.83
C VAL J 63 -25.42 23.43 -7.23
N GLY J 64 -26.15 22.93 -8.23
CA GLY J 64 -25.88 23.29 -9.61
C GLY J 64 -26.05 24.78 -9.87
N LEU J 65 -27.11 25.38 -9.33
CA LEU J 65 -27.33 26.81 -9.57
C LEU J 65 -26.34 27.66 -8.77
N ALA J 66 -26.06 27.27 -7.52
CA ALA J 66 -25.14 28.03 -6.69
C ALA J 66 -23.72 27.98 -7.24
N MET J 67 -23.35 26.91 -7.94
CA MET J 67 -22.02 26.89 -8.56
C MET J 67 -21.90 27.96 -9.63
N ARG J 68 -22.92 28.13 -10.47
CA ARG J 68 -22.90 29.18 -11.48
C ARG J 68 -22.87 30.56 -10.83
N ALA J 69 -23.70 30.77 -9.79
CA ALA J 69 -23.69 32.06 -9.12
C ALA J 69 -22.33 32.34 -8.49
N PHE J 70 -21.72 31.32 -7.89
CA PHE J 70 -20.38 31.45 -7.30
C PHE J 70 -19.36 31.84 -8.35
N ASP J 71 -19.39 31.19 -9.51
CA ASP J 71 -18.45 31.51 -10.57
C ASP J 71 -18.61 32.97 -11.00
N TYR J 72 -19.86 33.40 -11.21
CA TYR J 72 -20.09 34.76 -11.71
C TYR J 72 -19.65 35.80 -10.68
N ALA J 73 -20.01 35.59 -9.42
CA ALA J 73 -19.64 36.54 -8.37
C ALA J 73 -18.13 36.56 -8.15
N LEU J 74 -17.48 35.40 -8.21
CA LEU J 74 -16.03 35.36 -8.09
C LEU J 74 -15.36 36.11 -9.22
N HIS J 75 -15.88 36.09 -10.41
CA HIS J 75 -15.28 36.84 -11.44
C HIS J 75 -15.49 38.29 -11.24
N ILE J 76 -16.66 38.70 -10.80
CA ILE J 76 -16.83 40.12 -10.50
C ILE J 76 -15.84 40.58 -9.44
N ALA J 77 -15.68 39.79 -8.38
CA ALA J 77 -14.76 40.16 -7.31
C ALA J 77 -13.32 40.22 -7.80
N GLU J 78 -12.92 39.26 -8.64
CA GLU J 78 -11.57 39.26 -9.19
C GLU J 78 -11.34 40.46 -10.11
N ARG J 79 -12.34 40.80 -10.93
CA ARG J 79 -12.23 41.98 -11.78
C ARG J 79 -12.10 43.25 -10.93
N GLY J 80 -12.83 43.32 -9.83
CA GLY J 80 -12.71 44.46 -8.95
C GLY J 80 -11.35 44.55 -8.28
N LYS J 81 -10.82 43.41 -7.83
CA LYS J 81 -9.50 43.40 -7.21
C LYS J 81 -8.40 43.75 -8.21
N GLU J 82 -8.56 43.33 -9.46
CA GLU J 82 -7.56 43.64 -10.48
C GLU J 82 -7.47 45.15 -10.70
N MET J 83 -8.61 45.83 -10.75
CA MET J 83 -8.64 47.27 -10.85
C MET J 83 -8.42 47.88 -9.46
N GLY J 84 -8.63 49.18 -9.33
CA GLY J 84 -8.47 49.86 -8.06
C GLY J 84 -9.79 50.14 -7.38
N ILE J 85 -10.71 49.18 -7.44
CA ILE J 85 -12.06 49.36 -6.91
C ILE J 85 -12.33 48.31 -5.83
N PRO J 86 -12.06 48.60 -4.56
CA PRO J 86 -12.43 47.65 -3.50
C PRO J 86 -13.93 47.45 -3.35
N THR J 87 -14.74 48.36 -3.88
CA THR J 87 -16.19 48.24 -3.77
C THR J 87 -16.73 47.04 -4.54
N LEU J 88 -16.09 46.71 -5.68
CA LEU J 88 -16.61 45.62 -6.52
C LEU J 88 -16.50 44.27 -5.83
N VAL J 89 -15.55 44.10 -4.91
CA VAL J 89 -15.47 42.86 -4.15
C VAL J 89 -16.71 42.70 -3.28
N GLU J 90 -17.12 43.76 -2.59
CA GLU J 90 -18.33 43.72 -1.79
C GLU J 90 -19.56 43.52 -2.67
N MET J 91 -19.58 44.15 -3.85
CA MET J 91 -20.68 43.93 -4.78
C MET J 91 -20.77 42.47 -5.19
N GLY J 92 -19.63 41.84 -5.44
CA GLY J 92 -19.63 40.42 -5.79
C GLY J 92 -20.13 39.55 -4.65
N LYS J 93 -19.74 39.87 -3.41
CA LYS J 93 -20.24 39.11 -2.28
C LYS J 93 -21.75 39.26 -2.14
N ILE J 94 -22.28 40.47 -2.29
CA ILE J 94 -23.72 40.69 -2.22
C ILE J 94 -24.43 39.92 -3.32
N LEU J 95 -23.87 39.96 -4.53
CA LEU J 95 -24.47 39.27 -5.66
C LEU J 95 -24.52 37.77 -5.41
N PHE J 96 -23.44 37.18 -4.88
CA PHE J 96 -23.47 35.76 -4.60
C PHE J 96 -24.47 35.43 -3.51
N LYS J 97 -24.56 36.26 -2.47
CA LYS J 97 -25.54 36.01 -1.41
C LYS J 97 -26.94 35.96 -1.98
N TYR J 98 -27.30 36.92 -2.83
CA TYR J 98 -28.67 36.94 -3.35
C TYR J 98 -28.90 35.90 -4.43
N GLY J 99 -27.86 35.54 -5.19
CA GLY J 99 -28.00 34.44 -6.13
C GLY J 99 -28.20 33.11 -5.43
N ALA J 100 -27.48 32.90 -4.32
CA ALA J 100 -27.68 31.69 -3.53
C ALA J 100 -29.08 31.66 -2.91
N LYS J 101 -29.57 32.81 -2.45
CA LYS J 101 -30.96 32.87 -1.97
C LYS J 101 -31.94 32.50 -3.08
N LEU J 102 -31.75 33.06 -4.26
CA LEU J 102 -32.64 32.76 -5.39
C LEU J 102 -32.58 31.28 -5.75
N ALA J 103 -31.37 30.70 -5.74
CA ALA J 103 -31.24 29.28 -6.04
C ALA J 103 -31.93 28.42 -4.99
N ALA J 104 -31.81 28.79 -3.72
CA ALA J 104 -32.48 28.03 -2.66
C ALA J 104 -33.99 28.08 -2.82
N GLU J 105 -34.55 29.25 -3.12
CA GLU J 105 -35.99 29.33 -3.36
C GLU J 105 -36.40 28.57 -4.61
N LEU J 106 -35.58 28.60 -5.66
CA LEU J 106 -35.90 27.83 -6.87
C LEU J 106 -35.92 26.34 -6.59
N ALA J 107 -34.95 25.85 -5.81
CA ALA J 107 -34.93 24.44 -5.45
C ALA J 107 -36.12 24.08 -4.56
N LEU J 108 -36.47 24.95 -3.61
CA LEU J 108 -37.59 24.68 -2.73
C LEU J 108 -38.92 24.70 -3.47
N ALA J 109 -39.04 25.51 -4.53
CA ALA J 109 -40.28 25.60 -5.28
C ALA J 109 -40.54 24.39 -6.15
N GLY J 110 -39.54 23.54 -6.39
CA GLY J 110 -39.74 22.35 -7.20
C GLY J 110 -39.65 22.57 -8.68
N LYS J 111 -39.09 23.69 -9.13
CA LYS J 111 -38.92 23.93 -10.55
C LYS J 111 -37.95 22.92 -11.15
N SER J 112 -38.16 22.61 -12.43
CA SER J 112 -37.30 21.67 -13.11
C SER J 112 -35.97 22.33 -13.45
N GLU J 113 -35.04 21.55 -14.00
CA GLU J 113 -33.69 22.04 -14.27
C GLU J 113 -33.68 23.16 -15.31
N GLU J 114 -34.47 23.05 -16.37
CA GLU J 114 -34.45 24.03 -17.44
C GLU J 114 -34.96 25.40 -16.99
N GLU J 115 -36.10 25.44 -16.31
CA GLU J 115 -36.63 26.72 -15.84
C GLU J 115 -35.71 27.35 -14.81
N ALA J 116 -35.15 26.55 -13.91
CA ALA J 116 -34.23 27.07 -12.92
C ALA J 116 -32.98 27.66 -13.57
N ARG J 117 -32.43 26.96 -14.57
CA ARG J 117 -31.26 27.45 -15.27
C ARG J 117 -31.57 28.75 -16.01
N ALA J 118 -32.74 28.81 -16.66
CA ALA J 118 -33.11 30.04 -17.36
C ALA J 118 -33.28 31.20 -16.39
N ALA J 119 -33.91 30.94 -15.23
CA ALA J 119 -34.09 31.99 -14.24
C ALA J 119 -32.74 32.48 -13.72
N MET J 120 -31.81 31.57 -13.47
CA MET J 120 -30.49 31.98 -13.00
C MET J 120 -29.77 32.82 -14.06
N ASP J 121 -29.87 32.42 -15.33
CA ASP J 121 -29.24 33.20 -16.39
C ASP J 121 -29.83 34.61 -16.48
N ARG J 122 -31.16 34.71 -16.40
CA ARG J 122 -31.80 36.03 -16.43
C ARG J 122 -31.37 36.88 -15.23
N PHE J 123 -31.30 36.26 -14.05
CA PHE J 123 -30.86 36.97 -12.86
C PHE J 123 -29.44 37.50 -13.02
N LEU J 124 -28.53 36.68 -13.54
CA LEU J 124 -27.16 37.12 -13.73
C LEU J 124 -27.06 38.25 -14.75
N SER J 125 -27.81 38.15 -15.86
CA SER J 125 -27.79 39.20 -16.86
C SER J 125 -28.32 40.51 -16.31
N LEU J 126 -29.42 40.46 -15.57
CA LEU J 126 -29.99 41.70 -15.04
C LEU J 126 -29.12 42.29 -13.93
N SER J 127 -28.44 41.44 -13.15
CA SER J 127 -27.49 41.96 -12.18
C SER J 127 -26.32 42.64 -12.88
N ASP J 128 -25.88 42.10 -14.01
CA ASP J 128 -24.87 42.79 -14.81
C ASP J 128 -25.38 44.15 -15.28
N TYR J 129 -26.62 44.20 -15.72
CA TYR J 129 -27.24 45.48 -16.10
C TYR J 129 -27.18 46.50 -14.96
N LEU J 130 -27.60 46.08 -13.77
CA LEU J 130 -27.59 46.99 -12.62
C LEU J 130 -26.17 47.42 -12.25
N LEU J 131 -25.21 46.48 -12.28
CA LEU J 131 -23.83 46.80 -11.95
C LEU J 131 -23.24 47.81 -12.94
N GLU J 132 -23.54 47.64 -14.23
CA GLU J 132 -23.05 48.59 -15.22
C GLU J 132 -23.67 49.97 -15.00
N ARG J 133 -24.95 50.01 -14.65
CA ARG J 133 -25.57 51.31 -14.38
C ARG J 133 -25.09 51.92 -13.06
N LEU J 134 -24.54 51.13 -12.15
CA LEU J 134 -24.06 51.66 -10.88
C LEU J 134 -22.57 52.02 -10.89
N LEU J 135 -21.80 51.51 -11.85
CA LEU J 135 -20.37 51.78 -11.87
C LEU J 135 -19.99 53.26 -11.87
N PRO J 136 -20.62 54.15 -12.65
CA PRO J 136 -20.22 55.56 -12.59
C PRO J 136 -20.33 56.17 -11.20
N TYR J 137 -21.35 55.78 -10.44
CA TYR J 137 -21.48 56.28 -9.07
C TYR J 137 -20.34 55.78 -8.19
N ILE J 138 -19.90 54.53 -8.42
CA ILE J 138 -18.74 54.02 -7.70
C ILE J 138 -17.51 54.85 -8.00
N GLU J 139 -17.30 55.16 -9.29
CA GLU J 139 -16.15 55.97 -9.67
C GLU J 139 -16.20 57.36 -9.02
N LEU J 140 -17.37 58.00 -9.06
CA LEU J 140 -17.51 59.32 -8.47
C LEU J 140 -17.29 59.28 -6.97
N ALA J 141 -17.82 58.26 -6.29
CA ALA J 141 -17.66 58.14 -4.85
C ALA J 141 -16.20 57.92 -4.47
N GLU J 142 -15.50 57.06 -5.20
CA GLU J 142 -14.10 56.79 -4.88
C GLU J 142 -13.17 57.93 -5.28
N ARG J 143 -13.59 58.79 -6.23
CA ARG J 143 -12.78 59.95 -6.56
C ARG J 143 -12.68 60.92 -5.38
N MET J 144 -13.79 61.13 -4.67
CA MET J 144 -13.83 62.08 -3.56
C MET J 144 -13.52 61.45 -2.22
N LYS J 145 -13.22 60.15 -2.18
CA LYS J 145 -12.80 59.46 -0.96
C LYS J 145 -13.84 59.60 0.15
N SER J 146 -15.09 59.33 -0.20
CA SER J 146 -16.19 59.44 0.75
C SER J 146 -16.69 58.06 1.13
N PRO J 147 -16.43 57.56 2.34
CA PRO J 147 -16.97 56.25 2.73
C PRO J 147 -18.49 56.21 2.74
N ALA J 148 -19.15 57.32 3.07
CA ALA J 148 -20.61 57.33 3.11
C ALA J 148 -21.20 57.07 1.73
N LEU J 149 -20.62 57.66 0.70
CA LEU J 149 -21.11 57.44 -0.66
C LEU J 149 -20.91 55.99 -1.09
N GLN J 150 -19.77 55.40 -0.73
CA GLN J 150 -19.52 54.00 -1.05
C GLN J 150 -20.53 53.10 -0.35
N GLU J 151 -20.81 53.37 0.92
CA GLU J 151 -21.82 52.60 1.64
C GLU J 151 -23.20 52.78 1.02
N LEU J 152 -23.51 53.99 0.56
CA LEU J 152 -24.79 54.22 -0.10
C LEU J 152 -24.90 53.42 -1.39
N VAL J 153 -23.82 53.38 -2.18
CA VAL J 153 -23.85 52.61 -3.42
C VAL J 153 -24.00 51.11 -3.13
N LEU J 154 -23.29 50.62 -2.10
CA LEU J 154 -23.44 49.22 -1.72
C LEU J 154 -24.86 48.91 -1.29
N TYR J 155 -25.47 49.81 -0.51
CA TYR J 155 -26.84 49.59 -0.06
C TYR J 155 -27.82 49.63 -1.23
N ALA J 156 -27.60 50.52 -2.19
CA ALA J 156 -28.43 50.56 -3.38
C ALA J 156 -28.31 49.26 -4.18
N PHE J 157 -27.10 48.74 -4.30
CA PHE J 157 -26.92 47.46 -4.99
C PHE J 157 -27.63 46.34 -4.25
N LYS J 158 -27.59 46.36 -2.91
CA LYS J 158 -28.28 45.34 -2.13
C LYS J 158 -29.79 45.40 -2.36
N GLU J 159 -30.35 46.60 -2.34
CA GLU J 159 -31.79 46.74 -2.57
C GLU J 159 -32.18 46.33 -3.98
N GLY J 160 -31.36 46.70 -4.98
CA GLY J 160 -31.61 46.26 -6.33
C GLY J 160 -31.55 44.76 -6.47
N MET J 161 -30.61 44.12 -5.77
CA MET J 161 -30.52 42.67 -5.79
C MET J 161 -31.77 42.04 -5.17
N LYS J 162 -32.25 42.61 -4.06
CA LYS J 162 -33.48 42.11 -3.46
C LYS J 162 -34.64 42.18 -4.44
N LEU J 163 -34.84 43.36 -5.04
CA LEU J 163 -35.94 43.54 -5.97
C LEU J 163 -35.82 42.61 -7.18
N LEU J 164 -34.61 42.48 -7.72
CA LEU J 164 -34.40 41.62 -8.88
C LEU J 164 -34.68 40.16 -8.55
N ALA J 165 -34.21 39.69 -7.39
CA ALA J 165 -34.48 38.31 -7.01
C ALA J 165 -35.97 38.07 -6.83
N GLU J 166 -36.67 39.01 -6.19
CA GLU J 166 -38.11 38.85 -6.00
C GLU J 166 -38.84 38.83 -7.34
N LEU J 167 -38.46 39.71 -8.26
CA LEU J 167 -39.12 39.77 -9.57
C LEU J 167 -38.85 38.52 -10.39
N ILE J 168 -37.62 38.02 -10.36
CA ILE J 168 -37.30 36.78 -11.08
C ILE J 168 -38.07 35.62 -10.49
N LEU J 169 -38.19 35.56 -9.15
CA LEU J 169 -38.96 34.51 -8.51
C LEU J 169 -40.43 34.57 -8.91
N ALA J 170 -40.99 35.78 -8.96
CA ALA J 170 -42.40 35.94 -9.31
C ALA J 170 -42.71 35.59 -10.76
N GLY J 171 -41.69 35.44 -11.60
CA GLY J 171 -41.92 35.08 -12.99
C GLY J 171 -42.36 36.26 -13.84
N LYS J 172 -41.51 37.27 -13.95
CA LYS J 172 -41.80 38.46 -14.74
C LYS J 172 -40.89 38.51 -15.96
N SER J 173 -41.33 39.26 -16.97
CA SER J 173 -40.57 39.39 -18.19
C SER J 173 -39.33 40.26 -17.97
N ASP J 174 -38.44 40.25 -18.96
CA ASP J 174 -37.19 40.99 -18.87
C ASP J 174 -37.39 42.49 -19.08
N GLU J 175 -38.53 42.92 -19.61
CA GLU J 175 -38.77 44.34 -19.84
C GLU J 175 -39.32 45.04 -18.60
N GLU J 176 -40.25 44.39 -17.89
CA GLU J 176 -40.78 44.96 -16.66
C GLU J 176 -39.68 45.14 -15.62
N ILE J 177 -38.80 44.13 -15.50
CA ILE J 177 -37.70 44.21 -14.54
C ILE J 177 -36.78 45.36 -14.89
N GLN J 178 -36.46 45.53 -16.18
CA GLN J 178 -35.58 46.61 -16.59
C GLN J 178 -36.22 47.97 -16.36
N ALA J 179 -37.53 48.10 -16.60
CA ALA J 179 -38.22 49.35 -16.32
C ALA J 179 -38.20 49.68 -14.83
N LYS J 180 -38.44 48.68 -13.98
CA LYS J 180 -38.39 48.89 -12.54
C LYS J 180 -36.99 49.29 -12.09
N LEU J 181 -35.96 48.66 -12.67
CA LEU J 181 -34.59 49.04 -12.34
C LEU J 181 -34.29 50.46 -12.79
N ASP J 182 -34.82 50.86 -13.96
CA ASP J 182 -34.64 52.23 -14.41
C ASP J 182 -35.26 53.23 -13.43
N ALA J 183 -36.47 52.95 -12.96
CA ALA J 183 -37.11 53.84 -11.98
C ALA J 183 -36.32 53.88 -10.68
N PHE J 184 -35.84 52.73 -10.23
CA PHE J 184 -35.05 52.69 -9.00
C PHE J 184 -33.76 53.49 -9.14
N LEU J 185 -33.09 53.40 -10.29
CA LEU J 185 -31.89 54.19 -10.50
C LEU J 185 -32.21 55.68 -10.61
N ALA J 186 -33.37 56.02 -11.18
CA ALA J 186 -33.78 57.42 -11.22
C ALA J 186 -33.92 57.98 -9.81
N GLY J 187 -34.52 57.21 -8.90
CA GLY J 187 -34.59 57.64 -7.52
C GLY J 187 -33.23 57.69 -6.84
N PHE J 188 -32.37 56.71 -7.14
CA PHE J 188 -31.06 56.66 -6.53
C PHE J 188 -30.19 57.82 -6.96
N ASP J 189 -30.43 58.38 -8.15
CA ASP J 189 -29.70 59.58 -8.56
C ASP J 189 -29.93 60.72 -7.59
N VAL J 190 -31.20 60.97 -7.25
CA VAL J 190 -31.54 62.04 -6.30
C VAL J 190 -30.98 61.70 -4.92
N ALA J 191 -31.08 60.44 -4.50
CA ALA J 191 -30.54 60.06 -3.20
C ALA J 191 -29.04 60.31 -3.12
N PHE J 192 -28.31 59.92 -4.17
CA PHE J 192 -26.88 60.13 -4.21
C PHE J 192 -26.52 61.61 -4.20
N GLU J 193 -27.26 62.42 -4.96
CA GLU J 193 -26.98 63.86 -4.98
C GLU J 193 -27.18 64.47 -3.59
N PHE J 194 -28.28 64.12 -2.93
CA PHE J 194 -28.53 64.62 -1.58
C PHE J 194 -27.42 64.21 -0.62
N THR J 195 -27.06 62.93 -0.63
CA THR J 195 -26.05 62.44 0.29
C THR J 195 -24.71 63.11 0.04
N LEU J 196 -24.32 63.26 -1.23
CA LEU J 196 -23.06 63.93 -1.56
C LEU J 196 -23.07 65.38 -1.10
N ASP J 197 -24.18 66.07 -1.36
CA ASP J 197 -24.30 67.47 -0.95
C ASP J 197 -24.04 67.60 0.53
N ILE J 198 -24.75 66.83 1.34
CA ILE J 198 -24.63 66.98 2.79
C ILE J 198 -23.25 66.52 3.25
N ASP J 199 -22.73 65.43 2.67
CA ASP J 199 -21.50 64.83 3.16
C ASP J 199 -20.29 65.72 2.88
N VAL J 200 -20.29 66.46 1.77
CA VAL J 200 -19.16 67.34 1.47
C VAL J 200 -18.98 68.37 2.59
N ILE J 201 -20.05 69.06 2.95
CA ILE J 201 -19.96 70.07 4.00
C ILE J 201 -19.76 69.41 5.37
N GLY J 202 -20.26 68.19 5.55
CA GLY J 202 -20.01 67.48 6.80
C GLY J 202 -18.54 67.17 6.99
N ARG J 203 -17.87 66.75 5.91
CA ARG J 203 -16.44 66.42 6.01
C ARG J 203 -15.60 67.68 6.10
N GLU J 204 -15.97 68.74 5.37
CA GLU J 204 -15.16 69.95 5.38
C GLU J 204 -15.22 70.65 6.74
N LEU J 205 -16.38 70.67 7.38
CA LEU J 205 -16.54 71.31 8.67
C LEU J 205 -16.11 70.44 9.83
N ASP J 206 -15.76 69.18 9.58
CA ASP J 206 -15.33 68.23 10.61
C ASP J 206 -16.40 68.05 11.68
N ILE J 207 -17.55 67.53 11.24
CA ILE J 207 -18.66 67.19 12.12
C ILE J 207 -19.18 65.82 11.74
N PRO J 208 -18.82 64.76 12.48
CA PRO J 208 -19.28 63.41 12.11
C PRO J 208 -20.79 63.23 12.15
N GLU J 209 -21.50 64.05 12.93
CA GLU J 209 -22.96 63.95 12.99
C GLU J 209 -23.57 64.25 11.62
N LEU J 210 -23.00 65.21 10.89
CA LEU J 210 -23.50 65.51 9.56
C LEU J 210 -23.30 64.34 8.62
N VAL J 211 -22.16 63.65 8.73
CA VAL J 211 -21.92 62.48 7.88
C VAL J 211 -22.89 61.36 8.22
N GLU J 212 -23.15 61.13 9.51
CA GLU J 212 -24.13 60.12 9.90
C GLU J 212 -25.51 60.46 9.38
N PHE J 213 -25.90 61.74 9.48
CA PHE J 213 -27.19 62.17 8.94
C PHE J 213 -27.25 61.96 7.44
N ALA J 214 -26.16 62.27 6.73
CA ALA J 214 -26.11 62.04 5.28
C ALA J 214 -26.36 60.58 4.95
N LEU J 215 -25.63 59.68 5.62
CA LEU J 215 -25.76 58.25 5.32
C LEU J 215 -27.17 57.76 5.62
N GLU J 216 -27.70 58.13 6.80
CA GLU J 216 -29.01 57.63 7.20
C GLU J 216 -30.12 58.14 6.28
N LYS J 217 -30.08 59.43 5.94
CA LYS J 217 -31.15 59.98 5.10
C LYS J 217 -31.00 59.54 3.65
N GLY J 218 -29.78 59.30 3.18
CA GLY J 218 -29.61 58.70 1.87
C GLY J 218 -30.17 57.29 1.83
N LYS J 219 -29.96 56.52 2.91
CA LYS J 219 -30.55 55.19 2.97
C LYS J 219 -32.08 55.27 2.98
N GLU J 220 -32.64 56.26 3.68
CA GLU J 220 -34.09 56.45 3.66
C GLU J 220 -34.58 56.78 2.25
N LEU J 221 -33.86 57.65 1.54
CA LEU J 221 -34.25 58.00 0.18
C LEU J 221 -34.16 56.81 -0.75
N VAL J 222 -33.13 55.97 -0.58
CA VAL J 222 -33.03 54.76 -1.40
C VAL J 222 -34.17 53.80 -1.07
N LYS J 223 -34.53 53.69 0.20
CA LYS J 223 -35.69 52.89 0.59
C LYS J 223 -36.94 53.37 -0.15
N LEU J 224 -37.18 54.69 -0.13
CA LEU J 224 -38.35 55.24 -0.78
C LEU J 224 -38.33 55.00 -2.28
N ALA J 225 -37.16 55.19 -2.91
CA ALA J 225 -37.05 54.96 -4.34
C ALA J 225 -37.34 53.51 -4.71
N LEU J 226 -36.80 52.57 -3.93
CA LEU J 226 -37.06 51.16 -4.20
C LEU J 226 -38.53 50.82 -4.01
N GLU J 227 -39.16 51.36 -2.95
CA GLU J 227 -40.57 51.10 -2.72
C GLU J 227 -41.42 51.65 -3.87
N LEU J 228 -41.09 52.84 -4.35
CA LEU J 228 -41.83 53.42 -5.47
C LEU J 228 -41.63 52.61 -6.75
N ALA J 229 -40.40 52.16 -7.00
CA ALA J 229 -40.13 51.36 -8.19
C ALA J 229 -40.88 50.03 -8.15
N ARG J 230 -40.95 49.41 -6.97
CA ARG J 230 -41.67 48.14 -6.84
C ARG J 230 -43.16 48.33 -7.09
N ALA J 231 -43.72 49.50 -6.76
CA ALA J 231 -45.13 49.75 -6.96
C ALA J 231 -45.50 49.94 -8.42
N GLY J 232 -44.54 50.09 -9.31
CA GLY J 232 -44.80 50.25 -10.73
C GLY J 232 -44.83 51.67 -11.23
N LYS J 233 -44.40 52.64 -10.43
CA LYS J 233 -44.40 54.03 -10.86
C LYS J 233 -43.35 54.26 -11.94
N SER J 234 -43.62 55.23 -12.81
CA SER J 234 -42.66 55.63 -13.82
C SER J 234 -41.47 56.31 -13.17
N PRO J 235 -40.32 56.35 -13.85
CA PRO J 235 -39.14 56.99 -13.26
C PRO J 235 -39.36 58.45 -12.89
N GLU J 236 -40.19 59.18 -13.63
CA GLU J 236 -40.43 60.59 -13.32
C GLU J 236 -41.15 60.75 -11.99
N GLU J 237 -42.15 59.91 -11.72
CA GLU J 237 -42.86 59.97 -10.45
C GLU J 237 -41.94 59.65 -9.28
N VAL J 238 -41.09 58.64 -9.44
CA VAL J 238 -40.12 58.30 -8.40
C VAL J 238 -39.17 59.46 -8.18
N LYS J 239 -38.70 60.08 -9.25
CA LYS J 239 -37.79 61.22 -9.12
C LYS J 239 -38.45 62.36 -8.35
N ALA J 240 -39.71 62.67 -8.69
CA ALA J 240 -40.41 63.78 -8.03
C ALA J 240 -40.62 63.49 -6.55
N ALA J 241 -41.06 62.27 -6.22
CA ALA J 241 -41.32 61.94 -4.82
C ALA J 241 -40.04 61.93 -4.01
N VAL J 242 -38.95 61.38 -4.56
CA VAL J 242 -37.68 61.37 -3.86
C VAL J 242 -37.16 62.79 -3.70
N LYS J 243 -37.40 63.66 -4.69
CA LYS J 243 -36.98 65.05 -4.56
C LYS J 243 -37.73 65.76 -3.44
N ALA J 244 -39.05 65.52 -3.32
CA ALA J 244 -39.81 66.14 -2.24
C ALA J 244 -39.33 65.64 -0.87
N ARG J 245 -39.13 64.33 -0.75
CA ARG J 245 -38.64 63.78 0.51
C ARG J 245 -37.25 64.33 0.83
N GLY J 246 -36.40 64.49 -0.19
CA GLY J 246 -35.09 65.08 0.02
C GLY J 246 -35.15 66.53 0.44
N GLU J 247 -36.13 67.28 -0.06
CA GLU J 247 -36.32 68.66 0.40
C GLU J 247 -36.67 68.69 1.89
N GLU J 248 -37.58 67.82 2.32
CA GLU J 248 -37.92 67.76 3.74
C GLU J 248 -36.70 67.37 4.57
N LEU J 249 -35.97 66.35 4.13
CA LEU J 249 -34.77 65.93 4.86
C LEU J 249 -33.70 67.01 4.84
N HIS J 250 -33.69 67.85 3.81
CA HIS J 250 -32.71 68.94 3.76
C HIS J 250 -33.06 70.04 4.75
N LYS J 251 -34.36 70.29 4.94
CA LYS J 251 -34.75 71.20 6.02
C LYS J 251 -34.32 70.65 7.38
N GLU J 252 -34.52 69.34 7.59
CA GLU J 252 -34.05 68.72 8.82
C GLU J 252 -32.53 68.85 8.96
N PHE J 253 -31.81 68.66 7.86
CA PHE J 253 -30.36 68.80 7.87
C PHE J 253 -29.95 70.23 8.21
N GLU J 254 -30.67 71.21 7.70
CA GLU J 254 -30.36 72.60 8.03
C GLU J 254 -30.50 72.84 9.53
N LYS J 255 -31.59 72.33 10.11
CA LYS J 255 -31.76 72.46 11.56
C LYS J 255 -30.60 71.81 12.31
N LEU J 256 -30.28 70.57 11.95
CA LEU J 256 -29.22 69.85 12.67
C LEU J 256 -27.87 70.52 12.49
N ALA J 257 -27.57 71.00 11.29
CA ALA J 257 -26.30 71.67 11.03
C ALA J 257 -26.18 72.95 11.82
N LEU J 258 -27.25 73.74 11.89
CA LEU J 258 -27.21 74.95 12.71
C LEU J 258 -26.96 74.61 14.18
N LYS J 259 -27.66 73.59 14.69
CA LYS J 259 -27.48 73.20 16.08
C LYS J 259 -26.04 72.76 16.35
N GLU J 260 -25.48 71.92 15.48
CA GLU J 260 -24.13 71.42 15.68
C GLU J 260 -23.09 72.53 15.57
N TYR J 261 -23.26 73.43 14.58
CA TYR J 261 -22.29 74.50 14.42
C TYR J 261 -22.32 75.45 15.61
N PHE J 262 -23.51 75.74 16.15
CA PHE J 262 -23.57 76.60 17.33
C PHE J 262 -23.07 75.88 18.58
N LYS J 263 -23.21 74.56 18.63
CA LYS J 263 -22.58 73.81 19.72
C LYS J 263 -21.07 73.92 19.67
N ARG J 264 -20.49 73.78 18.47
CA ARG J 264 -19.03 73.82 18.35
C ARG J 264 -18.50 75.23 18.53
N ARG J 265 -19.21 76.23 18.02
CA ARG J 265 -18.71 77.60 18.06
C ARG J 265 -18.70 78.15 19.49
N LEU J 266 -19.65 77.72 20.32
CA LEU J 266 -19.77 78.22 21.68
C LEU J 266 -18.83 77.51 22.66
N GLY J 267 -18.06 76.53 22.20
CA GLY J 267 -17.16 75.82 23.06
C GLY J 267 -17.78 74.71 23.88
N LEU J 268 -19.05 74.40 23.65
CA LEU J 268 -19.74 73.35 24.39
C LEU J 268 -19.17 71.97 24.04
N GLY K 20 9.80 -68.61 -19.29
CA GLY K 20 9.65 -69.01 -20.69
C GLY K 20 8.92 -67.99 -21.53
N PRO K 21 8.86 -68.22 -22.84
CA PRO K 21 8.18 -67.28 -23.73
C PRO K 21 6.66 -67.39 -23.64
N GLY K 22 5.96 -66.51 -24.34
CA GLY K 22 4.50 -66.49 -24.31
C GLY K 22 3.95 -66.21 -22.92
N GLY K 23 3.02 -67.05 -22.47
CA GLY K 23 2.41 -66.90 -21.17
C GLY K 23 1.61 -65.63 -21.03
N THR K 24 1.45 -65.14 -19.80
CA THR K 24 0.70 -63.92 -19.53
C THR K 24 1.57 -62.93 -18.75
N MET K 25 0.97 -61.82 -18.33
CA MET K 25 1.67 -60.83 -17.54
C MET K 25 1.90 -61.27 -16.10
N ALA K 26 0.95 -62.03 -15.52
CA ALA K 26 1.05 -62.47 -14.14
C ALA K 26 1.83 -63.76 -13.97
N ALA K 27 1.84 -64.62 -14.99
CA ALA K 27 2.55 -65.90 -14.87
C ALA K 27 4.06 -65.75 -14.93
N GLU K 28 4.55 -64.72 -15.62
CA GLU K 28 6.00 -64.52 -15.72
C GLU K 28 6.61 -64.21 -14.37
N GLU K 29 5.97 -63.33 -13.59
CA GLU K 29 6.51 -63.00 -12.26
C GLU K 29 6.45 -64.20 -11.34
N MET K 30 5.40 -65.02 -11.44
CA MET K 30 5.32 -66.24 -10.64
C MET K 30 6.42 -67.21 -11.03
N GLU K 31 6.71 -67.32 -12.34
CA GLU K 31 7.80 -68.18 -12.78
C GLU K 31 9.14 -67.68 -12.24
N LYS K 32 9.35 -66.37 -12.25
CA LYS K 32 10.57 -65.81 -11.69
C LYS K 32 10.68 -66.13 -10.20
N ILE K 33 9.57 -65.99 -9.46
CA ILE K 33 9.58 -66.31 -8.04
C ILE K 33 9.92 -67.79 -7.82
N PHE K 34 9.33 -68.67 -8.64
CA PHE K 34 9.60 -70.10 -8.52
C PHE K 34 11.07 -70.40 -8.78
N ARG K 35 11.65 -69.81 -9.82
CA ARG K 35 13.06 -70.05 -10.11
C ARG K 35 13.96 -69.54 -8.99
N ASP K 36 13.66 -68.35 -8.45
CA ASP K 36 14.44 -67.81 -7.35
C ASP K 36 14.37 -68.71 -6.12
N LYS K 37 13.16 -69.18 -5.79
CA LYS K 37 13.00 -70.03 -4.63
C LYS K 37 13.72 -71.35 -4.81
N LEU K 38 13.66 -71.94 -6.01
CA LEU K 38 14.38 -73.18 -6.27
C LEU K 38 15.88 -72.98 -6.14
N PHE K 39 16.41 -71.90 -6.69
CA PHE K 39 17.85 -71.64 -6.62
C PHE K 39 18.30 -71.48 -5.17
N HIS K 40 17.55 -70.70 -4.38
CA HIS K 40 17.95 -70.49 -3.00
C HIS K 40 17.72 -71.71 -2.12
N LEU K 41 16.73 -72.53 -2.46
CA LEU K 41 16.55 -73.81 -1.77
C LEU K 41 17.75 -74.72 -2.02
N HIS K 42 18.24 -74.77 -3.27
CA HIS K 42 19.42 -75.57 -3.55
C HIS K 42 20.63 -75.03 -2.80
N GLN K 43 20.78 -73.71 -2.74
CA GLN K 43 21.87 -73.13 -1.96
C GLN K 43 21.79 -73.52 -0.49
N LYS K 44 20.58 -73.44 0.09
CA LYS K 44 20.41 -73.79 1.49
C LYS K 44 20.70 -75.27 1.74
N LEU K 45 20.27 -76.14 0.82
CA LEU K 45 20.55 -77.56 0.96
C LEU K 45 22.04 -77.85 0.89
N ASP K 46 22.74 -77.16 -0.03
CA ASP K 46 24.20 -77.34 -0.12
C ASP K 46 24.89 -76.84 1.14
N GLU K 47 24.43 -75.71 1.69
CA GLU K 47 25.03 -75.18 2.90
C GLU K 47 24.79 -76.11 4.08
N ALA K 48 23.61 -76.71 4.16
CA ALA K 48 23.28 -77.61 5.26
C ALA K 48 24.11 -78.89 5.23
N GLY K 49 24.73 -79.21 4.10
CA GLY K 49 25.52 -80.42 3.99
C GLY K 49 24.70 -81.68 4.00
N LYS K 50 23.91 -81.90 2.96
CA LYS K 50 23.06 -83.07 2.83
C LYS K 50 23.55 -83.96 1.68
N SER K 51 23.12 -85.21 1.70
CA SER K 51 23.51 -86.17 0.68
C SER K 51 22.83 -85.84 -0.64
N ALA K 52 23.35 -86.43 -1.72
CA ALA K 52 22.82 -86.16 -3.05
C ALA K 52 21.37 -86.61 -3.18
N GLU K 53 21.05 -87.81 -2.66
CA GLU K 53 19.68 -88.30 -2.76
C GLU K 53 18.73 -87.47 -1.91
N GLU K 54 19.19 -86.99 -0.75
CA GLU K 54 18.38 -86.11 0.06
C GLU K 54 18.10 -84.79 -0.66
N ILE K 55 19.12 -84.25 -1.33
CA ILE K 55 18.93 -83.02 -2.11
C ILE K 55 17.93 -83.26 -3.23
N ALA K 56 18.04 -84.40 -3.92
CA ALA K 56 17.13 -84.69 -5.02
C ALA K 56 15.69 -84.83 -4.53
N LYS K 57 15.49 -85.54 -3.41
CA LYS K 57 14.14 -85.72 -2.91
C LYS K 57 13.56 -84.40 -2.40
N ALA K 58 14.38 -83.56 -1.78
CA ALA K 58 13.91 -82.25 -1.36
C ALA K 58 13.52 -81.40 -2.57
N VAL K 59 14.32 -81.46 -3.64
CA VAL K 59 14.02 -80.67 -4.82
C VAL K 59 12.72 -81.13 -5.46
N GLU K 60 12.53 -82.44 -5.59
CA GLU K 60 11.30 -82.92 -6.23
C GLU K 60 10.07 -82.64 -5.36
N LEU K 61 10.21 -82.74 -4.03
CA LEU K 61 9.10 -82.39 -3.16
C LEU K 61 8.74 -80.91 -3.28
N PHE K 62 9.77 -80.04 -3.31
CA PHE K 62 9.51 -78.61 -3.47
C PHE K 62 8.84 -78.31 -4.79
N VAL K 63 9.29 -78.94 -5.87
CA VAL K 63 8.67 -78.72 -7.17
C VAL K 63 7.22 -79.19 -7.17
N GLY K 64 6.96 -80.35 -6.56
CA GLY K 64 5.60 -80.86 -6.51
C GLY K 64 4.65 -79.94 -5.76
N LEU K 65 5.11 -79.40 -4.63
CA LEU K 65 4.25 -78.48 -3.87
C LEU K 65 4.10 -77.14 -4.59
N ALA K 66 5.19 -76.64 -5.17
CA ALA K 66 5.15 -75.34 -5.84
C ALA K 66 4.30 -75.36 -7.08
N MET K 67 4.20 -76.51 -7.77
CA MET K 67 3.32 -76.59 -8.92
C MET K 67 1.86 -76.39 -8.51
N ARG K 68 1.45 -77.04 -7.41
CA ARG K 68 0.09 -76.86 -6.90
C ARG K 68 -0.16 -75.42 -6.48
N ALA K 69 0.82 -74.82 -5.78
CA ALA K 69 0.67 -73.42 -5.38
C ALA K 69 0.57 -72.51 -6.59
N PHE K 70 1.37 -72.78 -7.62
CA PHE K 70 1.32 -72.00 -8.85
C PHE K 70 -0.03 -72.11 -9.53
N ASP K 71 -0.58 -73.33 -9.62
CA ASP K 71 -1.88 -73.50 -10.24
C ASP K 71 -2.96 -72.75 -9.47
N TYR K 72 -2.92 -72.83 -8.14
CA TYR K 72 -3.93 -72.15 -7.33
C TYR K 72 -3.86 -70.64 -7.50
N ALA K 73 -2.64 -70.08 -7.44
CA ALA K 73 -2.48 -68.64 -7.59
C ALA K 73 -2.83 -68.18 -8.99
N LEU K 74 -2.51 -68.98 -10.00
CA LEU K 74 -2.89 -68.63 -11.36
C LEU K 74 -4.41 -68.62 -11.53
N HIS K 75 -5.10 -69.51 -10.90
CA HIS K 75 -6.54 -69.45 -10.97
C HIS K 75 -6.99 -68.18 -10.36
N ILE K 76 -6.56 -67.91 -9.14
CA ILE K 76 -7.04 -66.72 -8.46
C ILE K 76 -6.78 -65.46 -9.30
N ALA K 77 -5.58 -65.37 -9.88
CA ALA K 77 -5.25 -64.22 -10.71
C ALA K 77 -6.13 -64.15 -11.95
N GLU K 78 -6.42 -65.29 -12.57
CA GLU K 78 -7.29 -65.31 -13.74
C GLU K 78 -8.71 -64.90 -13.35
N ARG K 79 -9.19 -65.37 -12.20
CA ARG K 79 -10.52 -64.95 -11.73
C ARG K 79 -10.56 -63.43 -11.52
N GLY K 80 -9.49 -62.87 -10.95
CA GLY K 80 -9.45 -61.43 -10.77
C GLY K 80 -9.40 -60.68 -12.09
N LYS K 81 -8.64 -61.19 -13.06
CA LYS K 81 -8.53 -60.53 -14.35
C LYS K 81 -9.83 -60.59 -15.13
N GLU K 82 -10.59 -61.69 -15.00
CA GLU K 82 -11.87 -61.79 -15.70
C GLU K 82 -12.84 -60.73 -15.21
N MET K 83 -12.88 -60.50 -13.90
CA MET K 83 -13.68 -59.42 -13.33
C MET K 83 -12.89 -58.11 -13.47
N GLY K 84 -13.38 -57.06 -12.80
CA GLY K 84 -12.71 -55.77 -12.85
C GLY K 84 -11.95 -55.46 -11.58
N ILE K 85 -11.24 -56.45 -11.03
CA ILE K 85 -10.53 -56.29 -9.77
C ILE K 85 -9.05 -56.52 -9.98
N PRO K 86 -8.26 -55.47 -10.27
CA PRO K 86 -6.80 -55.65 -10.37
C PRO K 86 -6.14 -56.08 -9.07
N THR K 87 -6.80 -55.87 -7.93
CA THR K 87 -6.22 -56.25 -6.64
C THR K 87 -6.09 -57.76 -6.52
N LEU K 88 -7.01 -58.51 -7.12
CA LEU K 88 -6.97 -59.97 -7.01
C LEU K 88 -5.72 -60.55 -7.68
N VAL K 89 -5.23 -59.91 -8.74
CA VAL K 89 -4.02 -60.41 -9.40
C VAL K 89 -2.82 -60.27 -8.47
N GLU K 90 -2.66 -59.08 -7.87
CA GLU K 90 -1.56 -58.87 -6.94
C GLU K 90 -1.65 -59.79 -5.75
N MET K 91 -2.87 -60.03 -5.26
CA MET K 91 -3.04 -60.90 -4.10
C MET K 91 -2.80 -62.37 -4.46
N GLY K 92 -3.10 -62.76 -5.70
CA GLY K 92 -2.70 -64.08 -6.17
C GLY K 92 -1.19 -64.23 -6.24
N LYS K 93 -0.49 -63.19 -6.69
CA LYS K 93 0.97 -63.22 -6.68
C LYS K 93 1.51 -63.35 -5.27
N ILE K 94 0.91 -62.61 -4.32
CA ILE K 94 1.32 -62.71 -2.91
C ILE K 94 1.10 -64.13 -2.40
N LEU K 95 -0.06 -64.70 -2.71
CA LEU K 95 -0.35 -66.06 -2.28
C LEU K 95 0.65 -67.05 -2.83
N PHE K 96 1.02 -66.90 -4.11
CA PHE K 96 2.01 -67.80 -4.67
C PHE K 96 3.37 -67.62 -4.00
N LYS K 97 3.75 -66.38 -3.71
CA LYS K 97 5.03 -66.13 -3.07
C LYS K 97 5.11 -66.86 -1.73
N TYR K 98 4.09 -66.70 -0.90
CA TYR K 98 4.15 -67.35 0.41
C TYR K 98 3.90 -68.85 0.35
N GLY K 99 3.15 -69.33 -0.65
CA GLY K 99 3.04 -70.76 -0.85
C GLY K 99 4.36 -71.38 -1.26
N ALA K 100 5.11 -70.70 -2.13
CA ALA K 100 6.44 -71.18 -2.50
C ALA K 100 7.39 -71.14 -1.30
N LYS K 101 7.28 -70.10 -0.47
CA LYS K 101 8.08 -70.07 0.75
C LYS K 101 7.76 -71.25 1.66
N LEU K 102 6.47 -71.54 1.85
CA LEU K 102 6.08 -72.67 2.69
C LEU K 102 6.56 -73.98 2.10
N ALA K 103 6.47 -74.13 0.79
CA ALA K 103 6.97 -75.34 0.14
C ALA K 103 8.48 -75.50 0.33
N ALA K 104 9.22 -74.39 0.23
CA ALA K 104 10.66 -74.45 0.44
C ALA K 104 10.99 -74.88 1.86
N GLU K 105 10.28 -74.33 2.85
CA GLU K 105 10.53 -74.74 4.23
C GLU K 105 10.15 -76.20 4.46
N LEU K 106 9.04 -76.64 3.86
CA LEU K 106 8.64 -78.05 3.99
C LEU K 106 9.68 -78.98 3.40
N ALA K 107 10.22 -78.63 2.22
CA ALA K 107 11.28 -79.44 1.63
C ALA K 107 12.54 -79.42 2.48
N LEU K 108 12.88 -78.27 3.04
CA LEU K 108 14.06 -78.17 3.89
C LEU K 108 13.93 -79.00 5.15
N ALA K 109 12.73 -79.05 5.75
CA ALA K 109 12.53 -79.82 6.96
C ALA K 109 12.61 -81.32 6.75
N GLY K 110 12.56 -81.79 5.51
CA GLY K 110 12.67 -83.22 5.24
C GLY K 110 11.41 -84.02 5.51
N LYS K 111 10.26 -83.37 5.60
CA LYS K 111 9.01 -84.09 5.81
C LYS K 111 8.66 -84.93 4.60
N SER K 112 7.92 -86.01 4.84
CA SER K 112 7.52 -86.90 3.75
C SER K 112 6.47 -86.23 2.87
N GLU K 113 6.19 -86.87 1.73
CA GLU K 113 5.30 -86.29 0.74
C GLU K 113 3.88 -86.13 1.27
N GLU K 114 3.37 -87.08 2.04
CA GLU K 114 2.00 -87.03 2.54
C GLU K 114 1.75 -85.85 3.46
N GLU K 115 2.62 -85.66 4.46
CA GLU K 115 2.44 -84.55 5.39
C GLU K 115 2.59 -83.21 4.68
N ALA K 116 3.56 -83.11 3.77
CA ALA K 116 3.74 -81.87 3.02
C ALA K 116 2.52 -81.55 2.16
N ARG K 117 1.97 -82.57 1.49
CA ARG K 117 0.77 -82.36 0.67
C ARG K 117 -0.41 -81.93 1.53
N ALA K 118 -0.59 -82.57 2.69
CA ALA K 118 -1.69 -82.20 3.58
C ALA K 118 -1.52 -80.76 4.08
N ALA K 119 -0.28 -80.38 4.44
CA ALA K 119 -0.04 -79.02 4.90
C ALA K 119 -0.31 -78.01 3.80
N MET K 120 0.08 -78.32 2.56
CA MET K 120 -0.19 -77.42 1.45
C MET K 120 -1.68 -77.28 1.21
N ASP K 121 -2.39 -78.39 1.32
CA ASP K 121 -3.83 -78.35 1.17
C ASP K 121 -4.45 -77.44 2.20
N ARG K 122 -4.09 -77.61 3.47
CA ARG K 122 -4.63 -76.78 4.53
C ARG K 122 -4.28 -75.32 4.33
N PHE K 123 -3.05 -75.04 3.88
CA PHE K 123 -2.65 -73.66 3.61
C PHE K 123 -3.51 -73.05 2.52
N LEU K 124 -3.76 -73.79 1.44
CA LEU K 124 -4.60 -73.27 0.37
C LEU K 124 -6.02 -73.00 0.85
N SER K 125 -6.58 -73.92 1.63
CA SER K 125 -7.94 -73.72 2.14
C SER K 125 -8.02 -72.49 3.04
N LEU K 126 -7.05 -72.32 3.93
CA LEU K 126 -7.10 -71.18 4.84
C LEU K 126 -6.82 -69.87 4.11
N SER K 127 -5.99 -69.89 3.06
CA SER K 127 -5.82 -68.70 2.24
C SER K 127 -7.11 -68.32 1.53
N ASP K 128 -7.90 -69.32 1.15
CA ASP K 128 -9.19 -69.04 0.54
C ASP K 128 -10.12 -68.44 1.56
N TYR K 129 -10.06 -68.96 2.77
CA TYR K 129 -10.87 -68.39 3.86
C TYR K 129 -10.57 -66.91 4.04
N LEU K 130 -9.28 -66.57 4.15
CA LEU K 130 -8.88 -65.18 4.30
C LEU K 130 -9.30 -64.35 3.08
N LEU K 131 -9.23 -64.96 1.89
CA LEU K 131 -9.63 -64.27 0.66
C LEU K 131 -11.11 -63.88 0.69
N GLU K 132 -11.97 -64.83 1.08
CA GLU K 132 -13.38 -64.53 1.16
C GLU K 132 -13.66 -63.48 2.22
N ARG K 133 -12.96 -63.53 3.35
CA ARG K 133 -13.16 -62.51 4.37
C ARG K 133 -12.67 -61.14 3.91
N LEU K 134 -11.68 -61.09 3.01
CA LEU K 134 -11.14 -59.81 2.57
C LEU K 134 -11.80 -59.24 1.33
N LEU K 135 -12.58 -60.04 0.59
CA LEU K 135 -13.20 -59.55 -0.63
C LEU K 135 -14.08 -58.32 -0.45
N PRO K 136 -14.98 -58.24 0.55
CA PRO K 136 -15.82 -57.04 0.67
C PRO K 136 -15.04 -55.76 0.86
N TYR K 137 -13.90 -55.81 1.56
CA TYR K 137 -13.09 -54.61 1.71
C TYR K 137 -12.50 -54.18 0.37
N ILE K 138 -12.12 -55.14 -0.47
CA ILE K 138 -11.64 -54.80 -1.81
C ILE K 138 -12.76 -54.13 -2.61
N GLU K 139 -13.97 -54.67 -2.53
CA GLU K 139 -15.10 -54.07 -3.24
C GLU K 139 -15.35 -52.64 -2.76
N LEU K 140 -15.34 -52.44 -1.44
CA LEU K 140 -15.59 -51.11 -0.89
C LEU K 140 -14.49 -50.13 -1.28
N ALA K 141 -13.22 -50.59 -1.26
CA ALA K 141 -12.12 -49.72 -1.65
C ALA K 141 -12.20 -49.34 -3.12
N GLU K 142 -12.58 -50.29 -3.98
CA GLU K 142 -12.68 -49.98 -5.41
C GLU K 142 -13.87 -49.07 -5.70
N ARG K 143 -14.94 -49.16 -4.88
CA ARG K 143 -16.08 -48.28 -5.08
C ARG K 143 -15.71 -46.82 -4.85
N MET K 144 -14.90 -46.54 -3.84
CA MET K 144 -14.46 -45.18 -3.55
C MET K 144 -13.24 -44.75 -4.35
N LYS K 145 -12.69 -45.62 -5.19
CA LYS K 145 -11.51 -45.31 -5.99
C LYS K 145 -10.36 -44.81 -5.11
N SER K 146 -10.02 -45.57 -4.08
CA SER K 146 -8.98 -45.16 -3.17
C SER K 146 -7.78 -46.07 -3.26
N PRO K 147 -6.68 -45.57 -3.84
CA PRO K 147 -5.44 -46.37 -3.87
C PRO K 147 -4.91 -46.72 -2.50
N ALA K 148 -5.07 -45.84 -1.51
CA ALA K 148 -4.57 -46.11 -0.17
C ALA K 148 -5.28 -47.30 0.46
N LEU K 149 -6.59 -47.39 0.27
CA LEU K 149 -7.33 -48.52 0.83
C LEU K 149 -6.96 -49.83 0.15
N GLN K 150 -6.72 -49.78 -1.16
CA GLN K 150 -6.26 -50.98 -1.87
C GLN K 150 -4.90 -51.42 -1.36
N GLU K 151 -3.99 -50.47 -1.14
CA GLU K 151 -2.68 -50.80 -0.57
C GLU K 151 -2.83 -51.39 0.82
N LEU K 152 -3.75 -50.84 1.62
CA LEU K 152 -3.99 -51.38 2.96
C LEU K 152 -4.49 -52.82 2.89
N VAL K 153 -5.40 -53.10 1.97
CA VAL K 153 -5.91 -54.46 1.83
C VAL K 153 -4.81 -55.41 1.39
N LEU K 154 -3.95 -54.96 0.45
CA LEU K 154 -2.82 -55.78 0.03
C LEU K 154 -1.89 -56.08 1.20
N TYR K 155 -1.60 -55.07 2.02
CA TYR K 155 -0.74 -55.27 3.17
C TYR K 155 -1.36 -56.23 4.18
N ALA K 156 -2.67 -56.10 4.41
CA ALA K 156 -3.35 -57.00 5.34
C ALA K 156 -3.31 -58.44 4.83
N PHE K 157 -3.51 -58.64 3.52
CA PHE K 157 -3.41 -59.98 2.96
C PHE K 157 -1.99 -60.53 3.11
N LYS K 158 -0.99 -59.68 2.90
CA LYS K 158 0.40 -60.13 3.04
C LYS K 158 0.69 -60.57 4.47
N GLU K 159 0.26 -59.78 5.46
CA GLU K 159 0.47 -60.17 6.85
C GLU K 159 -0.30 -61.44 7.20
N GLY K 160 -1.52 -61.59 6.68
CA GLY K 160 -2.27 -62.80 6.91
C GLY K 160 -1.59 -64.03 6.33
N MET K 161 -1.02 -63.90 5.13
CA MET K 161 -0.28 -65.00 4.54
C MET K 161 0.96 -65.34 5.38
N LYS K 162 1.66 -64.32 5.87
CA LYS K 162 2.82 -64.58 6.72
C LYS K 162 2.42 -65.36 7.96
N LEU K 163 1.36 -64.91 8.65
CA LEU K 163 0.91 -65.60 9.86
C LEU K 163 0.44 -67.01 9.55
N LEU K 164 -0.28 -67.19 8.44
CA LEU K 164 -0.77 -68.51 8.08
C LEU K 164 0.37 -69.47 7.77
N ALA K 165 1.39 -68.99 7.04
CA ALA K 165 2.54 -69.84 6.76
C ALA K 165 3.27 -70.21 8.05
N GLU K 166 3.43 -69.25 8.96
CA GLU K 166 4.08 -69.54 10.23
C GLU K 166 3.31 -70.59 11.03
N LEU K 167 1.98 -70.46 11.08
CA LEU K 167 1.17 -71.41 11.84
C LEU K 167 1.18 -72.79 11.21
N ILE K 168 1.12 -72.85 9.87
CA ILE K 168 1.17 -74.15 9.19
C ILE K 168 2.51 -74.82 9.42
N LEU K 169 3.60 -74.06 9.37
CA LEU K 169 4.91 -74.62 9.68
C LEU K 169 4.98 -75.12 11.11
N ALA K 170 4.41 -74.36 12.06
CA ALA K 170 4.44 -74.74 13.46
C ALA K 170 3.61 -75.97 13.76
N GLY K 171 2.77 -76.41 12.82
CA GLY K 171 1.95 -77.60 13.04
C GLY K 171 0.78 -77.36 13.95
N LYS K 172 -0.12 -76.46 13.54
CA LYS K 172 -1.30 -76.11 14.31
C LYS K 172 -2.56 -76.62 13.63
N SER K 173 -3.59 -76.84 14.43
CA SER K 173 -4.85 -77.36 13.92
C SER K 173 -5.59 -76.28 13.13
N ASP K 174 -6.65 -76.72 12.44
CA ASP K 174 -7.48 -75.83 11.64
C ASP K 174 -8.53 -75.10 12.45
N GLU K 175 -8.36 -75.00 13.77
CA GLU K 175 -9.23 -74.21 14.62
C GLU K 175 -8.50 -73.02 15.24
N GLU K 176 -7.29 -73.24 15.76
CA GLU K 176 -6.49 -72.13 16.27
C GLU K 176 -6.16 -71.15 15.15
N ILE K 177 -5.85 -71.66 13.97
CA ILE K 177 -5.54 -70.80 12.83
C ILE K 177 -6.75 -69.94 12.47
N GLN K 178 -7.94 -70.54 12.45
CA GLN K 178 -9.14 -69.78 12.14
C GLN K 178 -9.43 -68.73 13.21
N ALA K 179 -9.24 -69.08 14.48
CA ALA K 179 -9.44 -68.10 15.55
C ALA K 179 -8.48 -66.92 15.41
N LYS K 180 -7.21 -67.22 15.11
CA LYS K 180 -6.24 -66.14 14.91
C LYS K 180 -6.61 -65.28 13.71
N LEU K 181 -7.08 -65.90 12.64
CA LEU K 181 -7.49 -65.14 11.46
C LEU K 181 -8.67 -64.23 11.77
N ASP K 182 -9.64 -64.73 12.54
CA ASP K 182 -10.77 -63.90 12.94
C ASP K 182 -10.33 -62.72 13.80
N ALA K 183 -9.41 -62.95 14.73
CA ALA K 183 -8.89 -61.83 15.53
C ALA K 183 -8.18 -60.81 14.66
N PHE K 184 -7.37 -61.27 13.71
CA PHE K 184 -6.67 -60.37 12.81
C PHE K 184 -7.65 -59.55 11.97
N LEU K 185 -8.72 -60.18 11.48
CA LEU K 185 -9.71 -59.46 10.70
C LEU K 185 -10.49 -58.48 11.56
N ALA K 186 -10.73 -58.82 12.84
CA ALA K 186 -11.38 -57.89 13.76
C ALA K 186 -10.54 -56.63 13.93
N GLY K 187 -9.22 -56.79 14.06
CA GLY K 187 -8.36 -55.62 14.09
C GLY K 187 -8.33 -54.86 12.77
N PHE K 188 -8.32 -55.60 11.66
CA PHE K 188 -8.25 -54.96 10.36
C PHE K 188 -9.50 -54.14 10.06
N ASP K 189 -10.64 -54.49 10.63
CA ASP K 189 -11.82 -53.68 10.42
C ASP K 189 -11.63 -52.27 10.99
N VAL K 190 -11.10 -52.16 12.20
CA VAL K 190 -10.83 -50.85 12.78
C VAL K 190 -9.76 -50.13 11.98
N ALA K 191 -8.71 -50.84 11.57
CA ALA K 191 -7.65 -50.21 10.79
C ALA K 191 -8.20 -49.63 9.48
N PHE K 192 -9.05 -50.40 8.79
CA PHE K 192 -9.65 -49.95 7.54
C PHE K 192 -10.55 -48.75 7.77
N GLU K 193 -11.35 -48.76 8.84
CA GLU K 193 -12.22 -47.62 9.11
C GLU K 193 -11.41 -46.35 9.36
N PHE K 194 -10.35 -46.46 10.17
CA PHE K 194 -9.49 -45.31 10.44
C PHE K 194 -8.85 -44.78 9.17
N THR K 195 -8.31 -45.68 8.34
CA THR K 195 -7.65 -45.26 7.11
C THR K 195 -8.63 -44.58 6.16
N LEU K 196 -9.84 -45.15 6.01
CA LEU K 196 -10.84 -44.56 5.13
C LEU K 196 -11.26 -43.19 5.63
N ASP K 197 -11.47 -43.06 6.94
CA ASP K 197 -11.88 -41.78 7.52
C ASP K 197 -10.85 -40.70 7.19
N ILE K 198 -9.57 -41.01 7.38
CA ILE K 198 -8.54 -40.00 7.11
C ILE K 198 -8.43 -39.74 5.61
N ASP K 199 -8.52 -40.81 4.80
CA ASP K 199 -8.21 -40.71 3.38
C ASP K 199 -9.27 -39.89 2.65
N VAL K 200 -10.53 -40.02 3.04
CA VAL K 200 -11.59 -39.26 2.36
C VAL K 200 -11.34 -37.77 2.49
N ILE K 201 -11.10 -37.30 3.72
CA ILE K 201 -10.88 -35.88 3.94
C ILE K 201 -9.55 -35.43 3.35
N GLY K 202 -8.55 -36.31 3.32
CA GLY K 202 -7.29 -35.95 2.69
C GLY K 202 -7.44 -35.75 1.19
N ARG K 203 -8.25 -36.58 0.54
CA ARG K 203 -8.45 -36.46 -0.91
C ARG K 203 -9.33 -35.26 -1.25
N GLU K 204 -10.38 -35.01 -0.48
CA GLU K 204 -11.27 -33.92 -0.81
C GLU K 204 -10.61 -32.55 -0.62
N LEU K 205 -9.75 -32.42 0.40
CA LEU K 205 -9.03 -31.17 0.62
C LEU K 205 -7.80 -31.03 -0.26
N ASP K 206 -7.42 -32.08 -1.00
CA ASP K 206 -6.24 -32.09 -1.85
C ASP K 206 -4.98 -31.79 -1.04
N ILE K 207 -4.69 -32.70 -0.10
CA ILE K 207 -3.48 -32.63 0.70
C ILE K 207 -2.85 -34.03 0.71
N PRO K 208 -1.83 -34.29 -0.13
CA PRO K 208 -1.27 -35.65 -0.19
C PRO K 208 -0.65 -36.12 1.12
N GLU K 209 -0.19 -35.19 1.97
CA GLU K 209 0.40 -35.58 3.25
C GLU K 209 -0.61 -36.32 4.11
N LEU K 210 -1.88 -35.91 4.06
CA LEU K 210 -2.91 -36.59 4.84
C LEU K 210 -3.12 -38.02 4.34
N VAL K 211 -3.08 -38.24 3.03
CA VAL K 211 -3.24 -39.58 2.50
C VAL K 211 -2.04 -40.45 2.86
N GLU K 212 -0.83 -39.88 2.81
CA GLU K 212 0.35 -40.62 3.23
C GLU K 212 0.27 -41.00 4.71
N PHE K 213 -0.18 -40.06 5.55
CA PHE K 213 -0.37 -40.35 6.96
C PHE K 213 -1.41 -41.46 7.15
N ALA K 214 -2.50 -41.40 6.40
CA ALA K 214 -3.53 -42.43 6.49
C ALA K 214 -2.96 -43.80 6.17
N LEU K 215 -2.22 -43.90 5.06
CA LEU K 215 -1.65 -45.19 4.67
C LEU K 215 -0.67 -45.70 5.72
N GLU K 216 0.23 -44.83 6.18
CA GLU K 216 1.26 -45.25 7.14
C GLU K 216 0.64 -45.71 8.45
N LYS K 217 -0.32 -44.95 8.97
CA LYS K 217 -0.91 -45.30 10.26
C LYS K 217 -1.85 -46.48 10.14
N GLY K 218 -2.51 -46.66 8.99
CA GLY K 218 -3.27 -47.87 8.78
C GLY K 218 -2.39 -49.09 8.73
N LYS K 219 -1.22 -48.99 8.11
CA LYS K 219 -0.26 -50.09 8.13
C LYS K 219 0.20 -50.38 9.56
N GLU K 220 0.44 -49.33 10.35
CA GLU K 220 0.81 -49.53 11.74
C GLU K 220 -0.29 -50.25 12.51
N LEU K 221 -1.54 -49.87 12.30
CA LEU K 221 -2.66 -50.51 12.98
C LEU K 221 -2.80 -51.97 12.56
N VAL K 222 -2.59 -52.26 11.26
CA VAL K 222 -2.66 -53.64 10.80
C VAL K 222 -1.54 -54.47 11.42
N LYS K 223 -0.34 -53.90 11.52
CA LYS K 223 0.76 -54.60 12.19
C LYS K 223 0.42 -54.89 13.65
N LEU K 224 -0.15 -53.90 14.35
CA LEU K 224 -0.52 -54.11 15.74
C LEU K 224 -1.58 -55.19 15.87
N ALA K 225 -2.57 -55.18 14.98
CA ALA K 225 -3.62 -56.20 15.02
C ALA K 225 -3.04 -57.60 14.78
N LEU K 226 -2.13 -57.72 13.81
CA LEU K 226 -1.50 -59.01 13.55
C LEU K 226 -0.68 -59.48 14.74
N GLU K 227 0.06 -58.56 15.37
CA GLU K 227 0.85 -58.92 16.54
C GLU K 227 -0.04 -59.39 17.69
N LEU K 228 -1.17 -58.72 17.89
CA LEU K 228 -2.11 -59.14 18.93
C LEU K 228 -2.71 -60.50 18.60
N ALA K 229 -3.05 -60.73 17.33
CA ALA K 229 -3.63 -62.02 16.94
C ALA K 229 -2.63 -63.15 17.12
N ARG K 230 -1.35 -62.88 16.84
CA ARG K 230 -0.33 -63.91 17.02
C ARG K 230 -0.21 -64.34 18.47
N ALA K 231 -0.33 -63.38 19.40
CA ALA K 231 -0.22 -63.69 20.82
C ALA K 231 -1.37 -64.52 21.35
N GLY K 232 -2.44 -64.69 20.58
CA GLY K 232 -3.56 -65.51 21.01
C GLY K 232 -4.72 -64.77 21.65
N LYS K 233 -4.78 -63.45 21.52
CA LYS K 233 -5.86 -62.68 22.11
C LYS K 233 -7.18 -62.94 21.37
N SER K 234 -8.27 -62.74 22.09
CA SER K 234 -9.60 -62.84 21.48
C SER K 234 -9.85 -61.64 20.57
N PRO K 235 -10.79 -61.76 19.62
CA PRO K 235 -11.06 -60.63 18.73
C PRO K 235 -11.49 -59.37 19.45
N GLU K 236 -12.18 -59.49 20.59
CA GLU K 236 -12.61 -58.30 21.32
C GLU K 236 -11.43 -57.51 21.86
N GLU K 237 -10.44 -58.20 22.43
CA GLU K 237 -9.25 -57.52 22.94
C GLU K 237 -8.48 -56.84 21.83
N VAL K 238 -8.35 -57.52 20.68
CA VAL K 238 -7.68 -56.92 19.53
C VAL K 238 -8.43 -55.68 19.08
N LYS K 239 -9.77 -55.76 19.02
CA LYS K 239 -10.56 -54.60 18.62
C LYS K 239 -10.34 -53.44 19.56
N ALA K 240 -10.35 -53.70 20.87
CA ALA K 240 -10.17 -52.62 21.85
C ALA K 240 -8.80 -51.97 21.73
N ALA K 241 -7.74 -52.80 21.61
CA ALA K 241 -6.39 -52.25 21.54
C ALA K 241 -6.19 -51.46 20.26
N VAL K 242 -6.68 -51.98 19.13
CA VAL K 242 -6.55 -51.25 17.88
C VAL K 242 -7.35 -49.96 17.92
N LYS K 243 -8.50 -49.96 18.59
CA LYS K 243 -9.29 -48.74 18.72
C LYS K 243 -8.54 -47.68 19.54
N ALA K 244 -7.89 -48.09 20.63
CA ALA K 244 -7.12 -47.14 21.43
C ALA K 244 -5.96 -46.56 20.63
N ARG K 245 -5.21 -47.43 19.95
CA ARG K 245 -4.10 -46.95 19.13
C ARG K 245 -4.59 -46.03 18.03
N GLY K 246 -5.74 -46.34 17.43
CA GLY K 246 -6.33 -45.48 16.43
C GLY K 246 -6.74 -44.13 16.97
N GLU K 247 -7.22 -44.08 18.21
CA GLU K 247 -7.53 -42.79 18.83
C GLU K 247 -6.27 -41.95 19.00
N GLU K 248 -5.17 -42.56 19.45
CA GLU K 248 -3.92 -41.81 19.56
C GLU K 248 -3.46 -41.30 18.20
N LEU K 249 -3.49 -42.17 17.19
CA LEU K 249 -3.10 -41.76 15.84
C LEU K 249 -4.05 -40.71 15.28
N HIS K 250 -5.31 -40.72 15.70
CA HIS K 250 -6.27 -39.71 15.29
C HIS K 250 -5.93 -38.34 15.88
N LYS K 251 -5.48 -38.31 17.14
CA LYS K 251 -5.00 -37.05 17.69
C LYS K 251 -3.80 -36.53 16.90
N GLU K 252 -2.87 -37.43 16.58
CA GLU K 252 -1.73 -37.02 15.75
C GLU K 252 -2.20 -36.50 14.40
N PHE K 253 -3.20 -37.14 13.80
CA PHE K 253 -3.74 -36.69 12.52
C PHE K 253 -4.37 -35.32 12.65
N GLU K 254 -5.06 -35.06 13.76
CA GLU K 254 -5.65 -33.73 13.95
C GLU K 254 -4.57 -32.66 13.96
N LYS K 255 -3.47 -32.92 14.68
CA LYS K 255 -2.36 -31.96 14.69
C LYS K 255 -1.82 -31.75 13.28
N LEU K 256 -1.55 -32.83 12.57
CA LEU K 256 -0.96 -32.72 11.23
C LEU K 256 -1.89 -32.02 10.26
N ALA K 257 -3.19 -32.33 10.33
CA ALA K 257 -4.17 -31.71 9.44
C ALA K 257 -4.28 -30.22 9.71
N LEU K 258 -4.28 -29.81 10.98
CA LEU K 258 -4.30 -28.38 11.28
C LEU K 258 -3.06 -27.69 10.72
N LYS K 259 -1.89 -28.30 10.90
CA LYS K 259 -0.65 -27.70 10.40
C LYS K 259 -0.70 -27.54 8.88
N GLU K 260 -1.11 -28.59 8.17
CA GLU K 260 -1.14 -28.54 6.71
C GLU K 260 -2.20 -27.56 6.20
N TYR K 261 -3.36 -27.52 6.86
CA TYR K 261 -4.40 -26.59 6.44
C TYR K 261 -3.95 -25.14 6.62
N PHE K 262 -3.24 -24.84 7.72
CA PHE K 262 -2.77 -23.47 7.89
C PHE K 262 -1.58 -23.16 6.99
N LYS K 263 -0.81 -24.18 6.59
CA LYS K 263 0.19 -23.95 5.55
C LYS K 263 -0.48 -23.57 4.23
N ARG K 264 -1.56 -24.27 3.87
CA ARG K 264 -2.23 -23.98 2.61
C ARG K 264 -2.96 -22.64 2.64
N ARG K 265 -3.63 -22.34 3.75
CA ARG K 265 -4.47 -21.14 3.82
C ARG K 265 -3.63 -19.87 3.78
N LEU K 266 -2.45 -19.89 4.39
CA LEU K 266 -1.58 -18.72 4.42
C LEU K 266 -0.74 -18.56 3.17
N GLY K 267 -0.88 -19.45 2.19
CA GLY K 267 -0.05 -19.41 1.01
C GLY K 267 1.34 -19.97 1.19
N LEU K 268 1.64 -20.54 2.34
CA LEU K 268 2.97 -21.08 2.64
C LEU K 268 3.30 -22.24 1.72
N GLY L 20 -13.75 30.08 17.79
CA GLY L 20 -12.52 29.54 17.25
C GLY L 20 -11.96 30.37 16.10
N PRO L 21 -10.96 29.81 15.39
CA PRO L 21 -10.38 30.54 14.26
C PRO L 21 -11.40 30.87 13.19
N GLY L 22 -11.65 32.16 12.97
CA GLY L 22 -12.65 32.59 12.01
C GLY L 22 -13.91 33.10 12.69
N GLY L 23 -15.06 32.56 12.30
CA GLY L 23 -16.32 32.94 12.89
C GLY L 23 -16.64 34.40 12.64
N THR L 24 -17.39 34.98 13.58
CA THR L 24 -17.76 36.38 13.51
C THR L 24 -17.54 37.03 14.88
N MET L 25 -17.83 38.32 14.96
CA MET L 25 -17.66 39.05 16.20
C MET L 25 -18.75 38.75 17.23
N ALA L 26 -19.84 38.11 16.83
CA ALA L 26 -20.90 37.74 17.75
C ALA L 26 -20.90 36.26 18.11
N ALA L 27 -20.35 35.41 17.26
CA ALA L 27 -20.31 33.98 17.54
C ALA L 27 -19.24 33.62 18.57
N GLU L 28 -18.17 34.41 18.66
CA GLU L 28 -17.11 34.11 19.62
C GLU L 28 -17.58 34.30 21.06
N GLU L 29 -18.36 35.35 21.31
CA GLU L 29 -18.91 35.56 22.65
C GLU L 29 -19.83 34.42 23.04
N MET L 30 -20.68 33.98 22.11
CA MET L 30 -21.57 32.86 22.41
C MET L 30 -20.79 31.57 22.62
N GLU L 31 -19.70 31.38 21.87
CA GLU L 31 -18.86 30.21 22.10
C GLU L 31 -18.23 30.23 23.49
N LYS L 32 -17.78 31.42 23.92
CA LYS L 32 -17.23 31.54 25.27
C LYS L 32 -18.29 31.24 26.32
N ILE L 33 -19.51 31.76 26.13
CA ILE L 33 -20.60 31.48 27.06
C ILE L 33 -20.90 29.99 27.11
N PHE L 34 -20.91 29.34 25.95
CA PHE L 34 -21.20 27.91 25.88
C PHE L 34 -20.13 27.10 26.61
N ARG L 35 -18.85 27.44 26.40
CA ARG L 35 -17.79 26.72 27.08
C ARG L 35 -17.85 26.91 28.59
N ASP L 36 -18.11 28.15 29.03
CA ASP L 36 -18.22 28.41 30.46
C ASP L 36 -19.38 27.63 31.07
N LYS L 37 -20.54 27.62 30.41
CA LYS L 37 -21.69 26.91 30.92
C LYS L 37 -21.45 25.41 30.96
N LEU L 38 -20.80 24.86 29.95
CA LEU L 38 -20.48 23.44 29.96
C LEU L 38 -19.54 23.09 31.11
N PHE L 39 -18.50 23.89 31.31
CA PHE L 39 -17.55 23.64 32.39
C PHE L 39 -18.24 23.68 33.75
N HIS L 40 -19.06 24.70 33.98
CA HIS L 40 -19.71 24.81 35.29
C HIS L 40 -20.82 23.78 35.46
N LEU L 41 -21.45 23.35 34.36
CA LEU L 41 -22.40 22.26 34.44
C LEU L 41 -21.72 20.96 34.85
N HIS L 42 -20.55 20.67 34.30
CA HIS L 42 -19.80 19.49 34.73
C HIS L 42 -19.41 19.61 36.20
N GLN L 43 -19.00 20.81 36.63
CA GLN L 43 -18.71 21.03 38.05
C GLN L 43 -19.91 20.70 38.92
N LYS L 44 -21.08 21.23 38.56
CA LYS L 44 -22.28 21.01 39.36
C LYS L 44 -22.68 19.54 39.35
N LEU L 45 -22.55 18.86 38.21
CA LEU L 45 -22.86 17.44 38.14
C LEU L 45 -21.95 16.64 39.06
N ASP L 46 -20.65 16.96 39.06
CA ASP L 46 -19.72 16.27 39.95
C ASP L 46 -20.07 16.55 41.41
N GLU L 47 -20.41 17.80 41.74
CA GLU L 47 -20.77 18.12 43.12
C GLU L 47 -22.05 17.42 43.55
N ALA L 48 -22.97 17.18 42.60
CA ALA L 48 -24.24 16.55 42.94
C ALA L 48 -24.08 15.06 43.25
N GLY L 49 -22.94 14.46 42.92
CA GLY L 49 -22.73 13.05 43.18
C GLY L 49 -23.58 12.15 42.29
N LYS L 50 -23.29 12.15 41.00
CA LYS L 50 -24.04 11.36 40.04
C LYS L 50 -23.12 10.34 39.37
N SER L 51 -23.71 9.31 38.79
CA SER L 51 -22.95 8.28 38.11
C SER L 51 -22.38 8.81 36.80
N ALA L 52 -21.42 8.06 36.25
CA ALA L 52 -20.76 8.48 35.03
C ALA L 52 -21.73 8.52 33.85
N GLU L 53 -22.62 7.52 33.75
CA GLU L 53 -23.57 7.49 32.65
C GLU L 53 -24.59 8.61 32.79
N GLU L 54 -24.99 8.95 34.02
CA GLU L 54 -25.88 10.08 34.22
C GLU L 54 -25.22 11.39 33.82
N ILE L 55 -23.93 11.54 34.14
CA ILE L 55 -23.20 12.74 33.76
C ILE L 55 -23.09 12.84 32.24
N ALA L 56 -22.82 11.71 31.58
CA ALA L 56 -22.76 11.72 30.12
C ALA L 56 -24.10 12.09 29.51
N LYS L 57 -25.20 11.54 30.06
CA LYS L 57 -26.52 11.88 29.56
C LYS L 57 -26.81 13.36 29.73
N ALA L 58 -26.48 13.92 30.90
CA ALA L 58 -26.72 15.34 31.15
C ALA L 58 -25.90 16.21 30.20
N VAL L 59 -24.64 15.84 29.97
CA VAL L 59 -23.79 16.61 29.08
C VAL L 59 -24.34 16.58 27.65
N GLU L 60 -24.75 15.40 27.18
CA GLU L 60 -25.30 15.29 25.84
C GLU L 60 -26.59 16.10 25.70
N LEU L 61 -27.46 16.03 26.71
CA LEU L 61 -28.71 16.81 26.66
C LEU L 61 -28.42 18.31 26.63
N PHE L 62 -27.48 18.76 27.47
CA PHE L 62 -27.15 20.18 27.50
C PHE L 62 -26.58 20.64 26.17
N VAL L 63 -25.69 19.86 25.56
CA VAL L 63 -25.13 20.25 24.28
C VAL L 63 -26.22 20.30 23.22
N GLY L 64 -27.12 19.31 23.21
CA GLY L 64 -28.19 19.30 22.24
C GLY L 64 -29.08 20.52 22.33
N LEU L 65 -29.44 20.92 23.55
CA LEU L 65 -30.28 22.10 23.71
C LEU L 65 -29.52 23.39 23.40
N ALA L 66 -28.25 23.45 23.81
CA ALA L 66 -27.48 24.67 23.65
C ALA L 66 -27.15 24.94 22.18
N MET L 67 -26.99 23.91 21.36
CA MET L 67 -26.77 24.16 19.94
C MET L 67 -28.01 24.78 19.29
N ARG L 68 -29.20 24.32 19.67
CA ARG L 68 -30.43 24.94 19.17
C ARG L 68 -30.53 26.40 19.61
N ALA L 69 -30.26 26.67 20.88
CA ALA L 69 -30.28 28.04 21.36
C ALA L 69 -29.26 28.90 20.63
N PHE L 70 -28.07 28.35 20.40
CA PHE L 70 -27.02 29.06 19.68
C PHE L 70 -27.46 29.40 18.26
N ASP L 71 -28.07 28.44 17.57
CA ASP L 71 -28.55 28.70 16.21
C ASP L 71 -29.59 29.83 16.21
N TYR L 72 -30.53 29.78 17.15
CA TYR L 72 -31.59 30.77 17.16
C TYR L 72 -31.04 32.16 17.46
N ALA L 73 -30.15 32.26 18.46
CA ALA L 73 -29.58 33.56 18.81
C ALA L 73 -28.67 34.09 17.70
N LEU L 74 -27.93 33.20 17.03
CA LEU L 74 -27.11 33.63 15.92
C LEU L 74 -27.96 34.17 14.78
N HIS L 75 -29.13 33.63 14.54
CA HIS L 75 -29.98 34.16 13.50
C HIS L 75 -30.54 35.47 13.90
N ILE L 76 -30.87 35.64 15.15
CA ILE L 76 -31.33 36.97 15.59
C ILE L 76 -30.21 38.01 15.42
N ALA L 77 -28.99 37.65 15.83
CA ALA L 77 -27.88 38.59 15.71
C ALA L 77 -27.57 38.93 14.26
N GLU L 78 -27.62 37.93 13.37
CA GLU L 78 -27.38 38.18 11.96
C GLU L 78 -28.47 39.06 11.35
N ARG L 79 -29.73 38.83 11.73
CA ARG L 79 -30.82 39.68 11.26
C ARG L 79 -30.61 41.11 11.73
N GLY L 80 -30.17 41.29 12.97
CA GLY L 80 -29.89 42.63 13.46
C GLY L 80 -28.74 43.30 12.74
N LYS L 81 -27.69 42.53 12.43
CA LYS L 81 -26.53 43.09 11.73
C LYS L 81 -26.89 43.46 10.30
N GLU L 82 -27.79 42.71 9.66
CA GLU L 82 -28.16 43.01 8.28
C GLU L 82 -28.84 44.38 8.17
N MET L 83 -29.72 44.70 9.11
CA MET L 83 -30.37 46.00 9.14
C MET L 83 -29.59 46.95 10.05
N GLY L 84 -30.14 48.14 10.27
CA GLY L 84 -29.44 49.16 11.04
C GLY L 84 -29.76 49.14 12.52
N ILE L 85 -29.80 47.96 13.12
CA ILE L 85 -30.14 47.82 14.54
C ILE L 85 -29.01 47.10 15.27
N PRO L 86 -28.02 47.84 15.78
CA PRO L 86 -26.98 47.19 16.61
C PRO L 86 -27.52 46.61 17.92
N THR L 87 -28.70 47.05 18.36
CA THR L 87 -29.27 46.53 19.61
C THR L 87 -29.64 45.06 19.49
N LEU L 88 -30.02 44.62 18.29
CA LEU L 88 -30.45 43.24 18.11
C LEU L 88 -29.31 42.25 18.33
N VAL L 89 -28.07 42.66 18.05
CA VAL L 89 -26.94 41.78 18.32
C VAL L 89 -26.82 41.52 19.82
N GLU L 90 -26.89 42.58 20.62
CA GLU L 90 -26.81 42.43 22.06
C GLU L 90 -27.99 41.63 22.59
N MET L 91 -29.18 41.84 22.02
CA MET L 91 -30.34 41.09 22.47
C MET L 91 -30.20 39.61 22.13
N GLY L 92 -29.60 39.30 20.98
CA GLY L 92 -29.31 37.90 20.65
C GLY L 92 -28.32 37.28 21.61
N LYS L 93 -27.29 38.05 22.00
CA LYS L 93 -26.34 37.54 22.98
C LYS L 93 -27.02 37.26 24.32
N ILE L 94 -27.90 38.16 24.76
CA ILE L 94 -28.65 37.96 26.00
C ILE L 94 -29.52 36.71 25.89
N LEU L 95 -30.19 36.55 24.76
CA LEU L 95 -31.06 35.39 24.56
C LEU L 95 -30.26 34.10 24.61
N PHE L 96 -29.10 34.07 23.97
CA PHE L 96 -28.28 32.86 24.04
C PHE L 96 -27.81 32.59 25.46
N LYS L 97 -27.41 33.63 26.18
CA LYS L 97 -26.96 33.43 27.56
C LYS L 97 -28.05 32.77 28.39
N TYR L 98 -29.27 33.30 28.29
CA TYR L 98 -30.34 32.74 29.13
C TYR L 98 -30.85 31.40 28.62
N GLY L 99 -30.79 31.17 27.30
CA GLY L 99 -31.11 29.85 26.79
C GLY L 99 -30.12 28.79 27.24
N ALA L 100 -28.83 29.14 27.26
CA ALA L 100 -27.82 28.22 27.79
C ALA L 100 -28.03 27.97 29.27
N LYS L 101 -28.40 29.02 30.03
CA LYS L 101 -28.72 28.82 31.43
C LYS L 101 -29.88 27.85 31.61
N LEU L 102 -30.95 28.04 30.83
CA LEU L 102 -32.11 27.16 30.92
C LEU L 102 -31.75 25.73 30.52
N ALA L 103 -30.92 25.57 29.49
CA ALA L 103 -30.49 24.24 29.07
C ALA L 103 -29.68 23.57 30.17
N ALA L 104 -28.81 24.33 30.85
CA ALA L 104 -28.04 23.76 31.95
C ALA L 104 -28.95 23.32 33.09
N GLU L 105 -29.96 24.12 33.41
CA GLU L 105 -30.90 23.71 34.46
C GLU L 105 -31.69 22.47 34.05
N LEU L 106 -32.11 22.39 32.79
CA LEU L 106 -32.85 21.23 32.32
C LEU L 106 -31.99 19.98 32.38
N ALA L 107 -30.72 20.08 31.97
CA ALA L 107 -29.82 18.94 32.05
C ALA L 107 -29.57 18.53 33.49
N LEU L 108 -29.41 19.50 34.39
CA LEU L 108 -29.16 19.19 35.80
C LEU L 108 -30.39 18.58 36.45
N ALA L 109 -31.59 18.89 35.96
CA ALA L 109 -32.81 18.37 36.55
C ALA L 109 -33.15 16.96 36.10
N GLY L 110 -32.40 16.41 35.15
CA GLY L 110 -32.65 15.04 34.71
C GLY L 110 -33.87 14.87 33.82
N LYS L 111 -34.32 15.92 33.15
CA LYS L 111 -35.47 15.81 32.27
C LYS L 111 -35.15 14.93 31.07
N SER L 112 -36.18 14.30 30.51
CA SER L 112 -36.00 13.44 29.35
C SER L 112 -35.69 14.27 28.11
N GLU L 113 -35.25 13.58 27.05
CA GLU L 113 -34.85 14.25 25.83
C GLU L 113 -36.01 14.89 25.08
N GLU L 114 -37.25 14.52 25.40
CA GLU L 114 -38.43 15.11 24.77
C GLU L 114 -39.00 16.29 25.55
N GLU L 115 -39.10 16.16 26.87
CA GLU L 115 -39.57 17.28 27.68
C GLU L 115 -38.63 18.47 27.58
N ALA L 116 -37.32 18.21 27.59
CA ALA L 116 -36.35 19.29 27.46
C ALA L 116 -36.47 19.98 26.12
N ARG L 117 -36.64 19.20 25.05
CA ARG L 117 -36.79 19.79 23.72
C ARG L 117 -38.05 20.63 23.63
N ALA L 118 -39.16 20.14 24.18
CA ALA L 118 -40.40 20.91 24.18
C ALA L 118 -40.24 22.20 24.97
N ALA L 119 -39.58 22.13 26.13
CA ALA L 119 -39.36 23.32 26.94
C ALA L 119 -38.50 24.34 26.21
N MET L 120 -37.44 23.88 25.53
CA MET L 120 -36.60 24.80 24.78
C MET L 120 -37.36 25.43 23.63
N ASP L 121 -38.21 24.66 22.95
CA ASP L 121 -39.02 25.21 21.88
C ASP L 121 -39.97 26.30 22.39
N ARG L 122 -40.62 26.03 23.52
CA ARG L 122 -41.51 27.03 24.12
C ARG L 122 -40.73 28.28 24.52
N PHE L 123 -39.54 28.09 25.09
CA PHE L 123 -38.70 29.22 25.47
C PHE L 123 -38.35 30.09 24.26
N LEU L 124 -37.95 29.45 23.16
CA LEU L 124 -37.60 30.19 21.96
C LEU L 124 -38.80 30.94 21.38
N SER L 125 -39.97 30.28 21.34
CA SER L 125 -41.15 30.95 20.81
C SER L 125 -41.56 32.14 21.67
N LEU L 126 -41.50 31.99 22.99
CA LEU L 126 -41.89 33.10 23.85
C LEU L 126 -40.88 34.23 23.83
N SER L 127 -39.59 33.91 23.66
CA SER L 127 -38.60 34.97 23.47
C SER L 127 -38.85 35.71 22.16
N ASP L 128 -39.27 35.00 21.11
CA ASP L 128 -39.66 35.65 19.88
C ASP L 128 -40.83 36.60 20.13
N TYR L 129 -41.81 36.15 20.91
CA TYR L 129 -42.93 37.01 21.29
C TYR L 129 -42.45 38.29 21.95
N LEU L 130 -41.57 38.17 22.95
CA LEU L 130 -41.08 39.35 23.65
C LEU L 130 -40.28 40.27 22.74
N LEU L 131 -39.45 39.69 21.86
CA LEU L 131 -38.67 40.50 20.93
C LEU L 131 -39.57 41.29 19.99
N GLU L 132 -40.62 40.66 19.46
CA GLU L 132 -41.53 41.38 18.58
C GLU L 132 -42.30 42.45 19.33
N ARG L 133 -42.63 42.21 20.60
CA ARG L 133 -43.31 43.25 21.37
C ARG L 133 -42.36 44.36 21.80
N LEU L 134 -41.04 44.13 21.77
CA LEU L 134 -40.08 45.16 22.15
C LEU L 134 -39.50 45.93 20.98
N LEU L 135 -39.62 45.41 19.76
CA LEU L 135 -39.01 46.07 18.60
C LEU L 135 -39.42 47.54 18.39
N PRO L 136 -40.71 47.92 18.51
CA PRO L 136 -41.03 49.34 18.32
C PRO L 136 -40.30 50.27 19.26
N TYR L 137 -40.07 49.85 20.50
CA TYR L 137 -39.31 50.68 21.43
C TYR L 137 -37.86 50.83 20.97
N ILE L 138 -37.29 49.77 20.40
CA ILE L 138 -35.94 49.88 19.84
C ILE L 138 -35.91 50.89 18.70
N GLU L 139 -36.91 50.83 17.82
CA GLU L 139 -36.96 51.79 16.72
C GLU L 139 -37.07 53.22 17.23
N LEU L 140 -37.94 53.45 18.22
CA LEU L 140 -38.10 54.78 18.78
C LEU L 140 -36.81 55.25 19.46
N ALA L 141 -36.14 54.36 20.18
CA ALA L 141 -34.90 54.72 20.86
C ALA L 141 -33.81 55.10 19.87
N GLU L 142 -33.65 54.33 18.80
CA GLU L 142 -32.62 54.66 17.82
C GLU L 142 -33.00 55.86 16.95
N ARG L 143 -34.29 56.18 16.85
CA ARG L 143 -34.67 57.37 16.09
C ARG L 143 -34.12 58.64 16.75
N MET L 144 -34.18 58.72 18.07
CA MET L 144 -33.71 59.90 18.80
C MET L 144 -32.26 59.80 19.26
N LYS L 145 -31.56 58.72 18.92
CA LYS L 145 -30.14 58.57 19.21
C LYS L 145 -29.84 58.71 20.70
N SER L 146 -30.63 58.02 21.52
CA SER L 146 -30.47 58.09 22.97
C SER L 146 -29.86 56.79 23.48
N PRO L 147 -28.61 56.80 23.93
CA PRO L 147 -28.02 55.57 24.51
C PRO L 147 -28.75 55.08 25.74
N ALA L 148 -29.30 55.99 26.56
CA ALA L 148 -30.00 55.59 27.76
C ALA L 148 -31.23 54.75 27.44
N LEU L 149 -31.97 55.14 26.40
CA LEU L 149 -33.16 54.38 26.01
C LEU L 149 -32.78 52.99 25.51
N GLN L 150 -31.69 52.89 24.74
CA GLN L 150 -31.23 51.59 24.28
C GLN L 150 -30.80 50.71 25.44
N GLU L 151 -30.10 51.29 26.42
CA GLU L 151 -29.72 50.53 27.61
C GLU L 151 -30.94 50.07 28.39
N LEU L 152 -31.96 50.92 28.49
CA LEU L 152 -33.19 50.54 29.17
C LEU L 152 -33.89 49.39 28.44
N VAL L 153 -33.92 49.44 27.10
CA VAL L 153 -34.53 48.36 26.34
C VAL L 153 -33.77 47.05 26.56
N LEU L 154 -32.44 47.12 26.55
CA LEU L 154 -31.63 45.92 26.81
C LEU L 154 -31.90 45.37 28.20
N TYR L 155 -31.99 46.25 29.20
CA TYR L 155 -32.28 45.81 30.56
C TYR L 155 -33.65 45.16 30.66
N ALA L 156 -34.65 45.73 29.98
CA ALA L 156 -35.98 45.14 29.98
C ALA L 156 -35.97 43.77 29.32
N PHE L 157 -35.24 43.62 28.22
CA PHE L 157 -35.14 42.32 27.58
C PHE L 157 -34.46 41.31 28.50
N LYS L 158 -33.42 41.73 29.21
CA LYS L 158 -32.75 40.83 30.14
C LYS L 158 -33.68 40.39 31.27
N GLU L 159 -34.46 41.32 31.83
CA GLU L 159 -35.41 40.95 32.88
C GLU L 159 -36.50 40.03 32.36
N GLY L 160 -37.00 40.30 31.15
CA GLY L 160 -37.99 39.41 30.55
C GLY L 160 -37.43 38.02 30.32
N MET L 161 -36.17 37.94 29.88
CA MET L 161 -35.54 36.63 29.71
C MET L 161 -35.41 35.90 31.04
N LYS L 162 -35.03 36.61 32.09
CA LYS L 162 -34.95 35.99 33.42
C LYS L 162 -36.31 35.41 33.82
N LEU L 163 -37.36 36.22 33.73
CA LEU L 163 -38.68 35.77 34.15
C LEU L 163 -39.16 34.61 33.28
N LEU L 164 -38.91 34.69 31.97
CA LEU L 164 -39.36 33.66 31.05
C LEU L 164 -38.66 32.33 31.32
N ALA L 165 -37.34 32.36 31.55
CA ALA L 165 -36.62 31.14 31.86
C ALA L 165 -37.10 30.55 33.18
N GLU L 166 -37.32 31.40 34.20
CA GLU L 166 -37.81 30.88 35.47
C GLU L 166 -39.18 30.24 35.32
N LEU L 167 -40.08 30.87 34.56
CA LEU L 167 -41.41 30.31 34.35
C LEU L 167 -41.36 29.01 33.58
N ILE L 168 -40.53 28.93 32.54
CA ILE L 168 -40.40 27.69 31.77
C ILE L 168 -39.86 26.57 32.66
N LEU L 169 -38.87 26.88 33.50
CA LEU L 169 -38.38 25.89 34.44
C LEU L 169 -39.47 25.43 35.40
N ALA L 170 -40.27 26.37 35.91
CA ALA L 170 -41.31 26.02 36.87
C ALA L 170 -42.42 25.17 36.24
N GLY L 171 -42.49 25.11 34.92
CA GLY L 171 -43.49 24.29 34.26
C GLY L 171 -44.87 24.92 34.25
N LYS L 172 -44.99 26.08 33.59
CA LYS L 172 -46.26 26.78 33.48
C LYS L 172 -46.75 26.75 32.04
N SER L 173 -48.05 26.96 31.88
CA SER L 173 -48.66 26.93 30.57
C SER L 173 -48.26 28.16 29.76
N ASP L 174 -48.50 28.09 28.45
CA ASP L 174 -48.13 29.17 27.55
C ASP L 174 -48.99 30.42 27.72
N GLU L 175 -50.13 30.31 28.38
CA GLU L 175 -51.01 31.46 28.54
C GLU L 175 -50.65 32.31 29.76
N GLU L 176 -50.29 31.66 30.87
CA GLU L 176 -49.86 32.41 32.05
C GLU L 176 -48.59 33.19 31.76
N ILE L 177 -47.65 32.58 31.04
CA ILE L 177 -46.41 33.26 30.70
C ILE L 177 -46.69 34.47 29.82
N GLN L 178 -47.59 34.33 28.84
CA GLN L 178 -47.92 35.45 27.97
C GLN L 178 -48.63 36.56 28.74
N ALA L 179 -49.50 36.21 29.69
CA ALA L 179 -50.15 37.23 30.49
C ALA L 179 -49.15 37.98 31.36
N LYS L 180 -48.20 37.25 31.96
CA LYS L 180 -47.17 37.91 32.75
C LYS L 180 -46.30 38.82 31.89
N LEU L 181 -45.97 38.37 30.67
CA LEU L 181 -45.21 39.23 29.76
C LEU L 181 -46.00 40.47 29.38
N ASP L 182 -47.31 40.33 29.19
CA ASP L 182 -48.15 41.49 28.87
C ASP L 182 -48.13 42.50 30.02
N ALA L 183 -48.26 42.02 31.26
CA ALA L 183 -48.21 42.93 32.40
C ALA L 183 -46.85 43.61 32.51
N PHE L 184 -45.77 42.84 32.30
CA PHE L 184 -44.43 43.40 32.38
C PHE L 184 -44.23 44.48 31.31
N LEU L 185 -44.72 44.25 30.10
CA LEU L 185 -44.60 45.26 29.05
C LEU L 185 -45.47 46.46 29.32
N ALA L 186 -46.63 46.26 29.96
CA ALA L 186 -47.46 47.39 30.36
C ALA L 186 -46.71 48.29 31.34
N GLY L 187 -46.00 47.70 32.29
CA GLY L 187 -45.16 48.49 33.18
C GLY L 187 -43.98 49.13 32.45
N PHE L 188 -43.38 48.39 31.53
CA PHE L 188 -42.22 48.91 30.80
C PHE L 188 -42.58 50.11 29.93
N ASP L 189 -43.82 50.17 29.45
CA ASP L 189 -44.23 51.34 28.67
C ASP L 189 -44.14 52.61 29.50
N VAL L 190 -44.65 52.56 30.74
CA VAL L 190 -44.57 53.71 31.63
C VAL L 190 -43.11 54.02 31.97
N ALA L 191 -42.32 52.97 32.24
CA ALA L 191 -40.91 53.19 32.54
C ALA L 191 -40.18 53.88 31.38
N PHE L 192 -40.44 53.43 30.16
CA PHE L 192 -39.81 54.02 28.98
C PHE L 192 -40.24 55.47 28.79
N GLU L 193 -41.53 55.76 28.99
CA GLU L 193 -41.99 57.14 28.85
C GLU L 193 -41.33 58.04 29.87
N PHE L 194 -41.23 57.60 31.12
CA PHE L 194 -40.57 58.41 32.15
C PHE L 194 -39.11 58.65 31.80
N THR L 195 -38.40 57.59 31.41
CA THR L 195 -36.98 57.73 31.08
C THR L 195 -36.78 58.66 29.89
N LEU L 196 -37.61 58.53 28.86
CA LEU L 196 -37.49 59.41 27.69
C LEU L 196 -37.78 60.86 28.07
N ASP L 197 -38.81 61.07 28.86
CA ASP L 197 -39.15 62.42 29.30
C ASP L 197 -37.96 63.07 29.97
N ILE L 198 -37.40 62.41 30.96
CA ILE L 198 -36.29 63.01 31.71
C ILE L 198 -35.06 63.16 30.81
N ASP L 199 -34.79 62.16 29.98
CA ASP L 199 -33.55 62.12 29.21
C ASP L 199 -33.51 63.18 28.12
N VAL L 200 -34.65 63.53 27.53
CA VAL L 200 -34.65 64.55 26.50
C VAL L 200 -34.15 65.88 27.06
N ILE L 201 -34.72 66.31 28.19
CA ILE L 201 -34.29 67.56 28.79
C ILE L 201 -32.90 67.43 29.38
N GLY L 202 -32.51 66.23 29.82
CA GLY L 202 -31.14 66.04 30.29
C GLY L 202 -30.11 66.25 29.18
N ARG L 203 -30.42 65.75 27.98
CA ARG L 203 -29.49 65.90 26.87
C ARG L 203 -29.51 67.32 26.31
N GLU L 204 -30.69 67.94 26.25
CA GLU L 204 -30.78 69.28 25.67
C GLU L 204 -30.08 70.31 26.54
N LEU L 205 -30.20 70.20 27.86
CA LEU L 205 -29.56 71.14 28.77
C LEU L 205 -28.08 70.84 28.99
N ASP L 206 -27.57 69.72 28.47
CA ASP L 206 -26.18 69.31 28.62
C ASP L 206 -25.83 69.19 30.10
N ILE L 207 -26.49 68.23 30.75
CA ILE L 207 -26.21 67.87 32.14
C ILE L 207 -26.18 66.35 32.23
N PRO L 208 -25.00 65.73 32.27
CA PRO L 208 -24.95 64.25 32.29
C PRO L 208 -25.63 63.64 33.49
N GLU L 209 -25.61 64.32 34.66
CA GLU L 209 -26.23 63.77 35.85
C GLU L 209 -27.72 63.49 35.64
N LEU L 210 -28.39 64.34 34.85
CA LEU L 210 -29.79 64.09 34.53
C LEU L 210 -29.94 62.79 33.73
N VAL L 211 -29.00 62.53 32.82
CA VAL L 211 -29.06 61.29 32.04
C VAL L 211 -28.83 60.08 32.94
N GLU L 212 -27.87 60.17 33.87
CA GLU L 212 -27.67 59.06 34.80
C GLU L 212 -28.89 58.83 35.66
N PHE L 213 -29.52 59.91 36.12
CA PHE L 213 -30.76 59.78 36.90
C PHE L 213 -31.84 59.12 36.07
N ALA L 214 -31.98 59.52 34.81
CA ALA L 214 -32.98 58.91 33.92
C ALA L 214 -32.74 57.41 33.81
N LEU L 215 -31.51 57.00 33.51
CA LEU L 215 -31.22 55.59 33.32
C LEU L 215 -31.46 54.80 34.60
N GLU L 216 -30.97 55.31 35.74
CA GLU L 216 -31.10 54.58 36.99
C GLU L 216 -32.56 54.44 37.42
N LYS L 217 -33.33 55.53 37.32
CA LYS L 217 -34.73 55.46 37.75
C LYS L 217 -35.58 54.67 36.77
N GLY L 218 -35.25 54.69 35.48
CA GLY L 218 -35.93 53.81 34.55
C GLY L 218 -35.64 52.35 34.83
N LYS L 219 -34.40 52.03 35.19
CA LYS L 219 -34.09 50.67 35.61
C LYS L 219 -34.87 50.28 36.85
N GLU L 220 -34.99 51.20 37.81
CA GLU L 220 -35.80 50.93 39.00
C GLU L 220 -37.25 50.66 38.63
N LEU L 221 -37.82 51.46 37.72
CA LEU L 221 -39.20 51.26 37.30
C LEU L 221 -39.37 49.92 36.58
N VAL L 222 -38.41 49.55 35.75
CA VAL L 222 -38.48 48.27 35.05
C VAL L 222 -38.40 47.12 36.04
N LYS L 223 -37.52 47.23 37.05
CA LYS L 223 -37.45 46.22 38.09
C LYS L 223 -38.76 46.10 38.85
N LEU L 224 -39.37 47.23 39.19
CA LEU L 224 -40.65 47.20 39.88
C LEU L 224 -41.73 46.54 39.03
N ALA L 225 -41.76 46.87 37.73
CA ALA L 225 -42.73 46.26 36.84
C ALA L 225 -42.53 44.75 36.74
N LEU L 226 -41.28 44.31 36.66
CA LEU L 226 -40.99 42.88 36.60
C LEU L 226 -41.44 42.18 37.89
N GLU L 227 -41.16 42.79 39.04
CA GLU L 227 -41.58 42.19 40.31
C GLU L 227 -43.10 42.12 40.39
N LEU L 228 -43.80 43.16 39.94
CA LEU L 228 -45.25 43.16 39.95
C LEU L 228 -45.81 42.08 39.03
N ALA L 229 -45.24 41.95 37.84
CA ALA L 229 -45.71 40.94 36.88
C ALA L 229 -45.47 39.54 37.42
N ARG L 230 -44.32 39.30 38.07
CA ARG L 230 -44.05 37.99 38.64
C ARG L 230 -45.03 37.64 39.74
N ALA L 231 -45.61 38.65 40.41
CA ALA L 231 -46.57 38.41 41.48
C ALA L 231 -47.94 38.04 40.96
N GLY L 232 -48.19 38.16 39.67
CA GLY L 232 -49.48 37.80 39.10
C GLY L 232 -50.48 38.92 38.95
N LYS L 233 -50.07 40.17 39.10
CA LYS L 233 -50.99 41.29 38.95
C LYS L 233 -51.40 41.47 37.50
N SER L 234 -52.59 42.03 37.30
CA SER L 234 -53.05 42.37 35.97
C SER L 234 -52.24 43.55 35.42
N PRO L 235 -52.20 43.72 34.10
CA PRO L 235 -51.42 44.84 33.54
C PRO L 235 -51.87 46.20 34.04
N GLU L 236 -53.16 46.38 34.35
CA GLU L 236 -53.63 47.67 34.84
C GLU L 236 -53.03 48.02 36.20
N GLU L 237 -52.97 47.03 37.11
CA GLU L 237 -52.38 47.27 38.42
C GLU L 237 -50.90 47.60 38.31
N VAL L 238 -50.18 46.87 37.45
CA VAL L 238 -48.77 47.17 37.22
C VAL L 238 -48.61 48.58 36.67
N LYS L 239 -49.46 48.96 35.72
CA LYS L 239 -49.40 50.31 35.16
C LYS L 239 -49.61 51.37 36.23
N ALA L 240 -50.61 51.16 37.09
CA ALA L 240 -50.91 52.15 38.13
C ALA L 240 -49.76 52.27 39.13
N ALA L 241 -49.21 51.14 39.57
CA ALA L 241 -48.12 51.19 40.54
C ALA L 241 -46.87 51.82 39.94
N VAL L 242 -46.54 51.47 38.69
CA VAL L 242 -45.38 52.07 38.04
C VAL L 242 -45.59 53.55 37.83
N LYS L 243 -46.83 53.97 37.53
CA LYS L 243 -47.12 55.40 37.38
C LYS L 243 -46.93 56.15 38.69
N ALA L 244 -47.38 55.57 39.81
CA ALA L 244 -47.19 56.22 41.10
C ALA L 244 -45.71 56.34 41.44
N ARG L 245 -44.96 55.25 41.25
CA ARG L 245 -43.52 55.30 41.52
C ARG L 245 -42.83 56.31 40.61
N GLY L 246 -43.26 56.39 39.34
CA GLY L 246 -42.71 57.37 38.44
C GLY L 246 -43.03 58.79 38.84
N GLU L 247 -44.20 59.03 39.41
CA GLU L 247 -44.52 60.36 39.92
C GLU L 247 -43.58 60.74 41.07
N GLU L 248 -43.35 59.82 42.00
CA GLU L 248 -42.42 60.10 43.09
C GLU L 248 -41.02 60.38 42.55
N LEU L 249 -40.54 59.52 41.65
CA LEU L 249 -39.22 59.71 41.05
C LEU L 249 -39.14 60.99 40.23
N HIS L 250 -40.27 61.44 39.65
CA HIS L 250 -40.27 62.70 38.92
C HIS L 250 -40.15 63.88 39.88
N LYS L 251 -40.74 63.77 41.06
CA LYS L 251 -40.51 64.80 42.09
C LYS L 251 -39.03 64.86 42.47
N GLU L 252 -38.41 63.70 42.69
CA GLU L 252 -36.98 63.69 42.96
C GLU L 252 -36.18 64.27 41.79
N PHE L 253 -36.60 63.97 40.56
CA PHE L 253 -35.94 64.52 39.38
C PHE L 253 -36.06 66.03 39.33
N GLU L 254 -37.22 66.57 39.70
CA GLU L 254 -37.39 68.01 39.74
C GLU L 254 -36.41 68.64 40.74
N LYS L 255 -36.30 68.03 41.93
CA LYS L 255 -35.33 68.52 42.91
C LYS L 255 -33.91 68.52 42.33
N LEU L 256 -33.50 67.39 41.76
CA LEU L 256 -32.13 67.27 41.24
C LEU L 256 -31.88 68.23 40.09
N ALA L 257 -32.86 68.37 39.19
CA ALA L 257 -32.70 69.27 38.04
C ALA L 257 -32.58 70.72 38.50
N LEU L 258 -33.40 71.13 39.47
CA LEU L 258 -33.27 72.49 39.99
C LEU L 258 -31.89 72.70 40.61
N LYS L 259 -31.42 71.73 41.40
CA LYS L 259 -30.11 71.85 42.02
C LYS L 259 -29.00 71.97 40.99
N GLU L 260 -29.04 71.12 39.95
CA GLU L 260 -27.99 71.14 38.94
C GLU L 260 -28.03 72.42 38.11
N TYR L 261 -29.24 72.87 37.75
CA TYR L 261 -29.34 74.10 36.96
C TYR L 261 -28.85 75.31 37.75
N PHE L 262 -29.15 75.36 39.05
CA PHE L 262 -28.66 76.48 39.84
C PHE L 262 -27.16 76.37 40.12
N LYS L 263 -26.62 75.15 40.15
CA LYS L 263 -25.17 74.99 40.22
C LYS L 263 -24.50 75.52 38.96
N ARG L 264 -25.05 75.19 37.79
CA ARG L 264 -24.43 75.63 36.54
C ARG L 264 -24.62 77.12 36.31
N ARG L 265 -25.78 77.67 36.70
CA ARG L 265 -26.07 79.07 36.46
C ARG L 265 -25.14 79.98 37.25
N LEU L 266 -24.82 79.60 38.48
CA LEU L 266 -23.97 80.41 39.35
C LEU L 266 -22.48 80.23 39.08
N GLY L 267 -22.12 79.39 38.11
CA GLY L 267 -20.71 79.15 37.81
C GLY L 267 -20.03 78.11 38.67
N LEU L 268 -20.78 77.42 39.51
CA LEU L 268 -20.20 76.39 40.38
C LEU L 268 -19.83 75.14 39.58
N GLY M 20 1.02 -75.56 -30.79
CA GLY M 20 0.79 -75.56 -32.23
C GLY M 20 1.63 -74.55 -32.96
N PRO M 21 2.76 -74.98 -33.54
CA PRO M 21 3.63 -74.05 -34.26
C PRO M 21 3.18 -73.86 -35.71
N GLY M 22 3.08 -72.62 -36.14
CA GLY M 22 2.67 -72.29 -37.49
C GLY M 22 1.24 -71.78 -37.66
N GLY M 23 0.52 -71.54 -36.57
CA GLY M 23 -0.83 -71.01 -36.64
C GLY M 23 -0.85 -69.49 -36.69
N THR M 24 -2.07 -68.95 -36.75
CA THR M 24 -2.26 -67.51 -36.78
C THR M 24 -2.34 -66.97 -35.36
N MET M 25 -2.49 -65.65 -35.23
CA MET M 25 -2.52 -65.03 -33.90
C MET M 25 -3.75 -65.46 -33.11
N ALA M 26 -4.91 -65.52 -33.75
CA ALA M 26 -6.15 -65.87 -33.04
C ALA M 26 -6.24 -67.35 -32.71
N ALA M 27 -5.59 -68.22 -33.49
CA ALA M 27 -5.68 -69.65 -33.24
C ALA M 27 -4.88 -70.10 -32.03
N GLU M 28 -3.78 -69.41 -31.72
CA GLU M 28 -2.96 -69.81 -30.58
C GLU M 28 -3.72 -69.67 -29.26
N GLU M 29 -4.43 -68.55 -29.09
CA GLU M 29 -5.19 -68.35 -27.86
C GLU M 29 -6.29 -69.39 -27.72
N MET M 30 -6.98 -69.70 -28.81
CA MET M 30 -8.02 -70.72 -28.76
C MET M 30 -7.43 -72.10 -28.46
N GLU M 31 -6.25 -72.40 -29.01
CA GLU M 31 -5.59 -73.67 -28.69
C GLU M 31 -5.23 -73.73 -27.21
N LYS M 32 -4.73 -72.63 -26.65
CA LYS M 32 -4.43 -72.58 -25.22
C LYS M 32 -5.70 -72.80 -24.39
N ILE M 33 -6.80 -72.16 -24.78
CA ILE M 33 -8.06 -72.33 -24.07
C ILE M 33 -8.50 -73.79 -24.12
N PHE M 34 -8.40 -74.41 -25.30
CA PHE M 34 -8.80 -75.81 -25.45
C PHE M 34 -7.96 -76.73 -24.57
N ARG M 35 -6.64 -76.52 -24.55
CA ARG M 35 -5.77 -77.35 -23.72
C ARG M 35 -6.09 -77.17 -22.24
N ASP M 36 -6.30 -75.94 -21.81
CA ASP M 36 -6.62 -75.69 -20.41
C ASP M 36 -7.94 -76.33 -20.03
N LYS M 37 -8.96 -76.22 -20.88
CA LYS M 37 -10.25 -76.82 -20.60
C LYS M 37 -10.15 -78.33 -20.54
N LEU M 38 -9.40 -78.94 -21.46
CA LEU M 38 -9.24 -80.38 -21.44
C LEU M 38 -8.53 -80.84 -20.16
N PHE M 39 -7.47 -80.13 -19.77
CA PHE M 39 -6.72 -80.50 -18.57
C PHE M 39 -7.62 -80.43 -17.34
N HIS M 40 -8.40 -79.36 -17.21
CA HIS M 40 -9.24 -79.21 -16.02
C HIS M 40 -10.45 -80.14 -16.07
N LEU M 41 -10.94 -80.48 -17.26
CA LEU M 41 -11.97 -81.51 -17.37
C LEU M 41 -11.45 -82.85 -16.90
N HIS M 42 -10.21 -83.20 -17.27
CA HIS M 42 -9.62 -84.43 -16.79
C HIS M 42 -9.45 -84.41 -15.27
N GLN M 43 -9.03 -83.27 -14.72
CA GLN M 43 -8.94 -83.14 -13.26
C GLN M 43 -10.30 -83.38 -12.61
N LYS M 44 -11.35 -82.77 -13.14
CA LYS M 44 -12.68 -82.91 -12.55
C LYS M 44 -13.19 -84.34 -12.68
N LEU M 45 -12.89 -85.00 -13.79
CA LEU M 45 -13.28 -86.40 -13.96
C LEU M 45 -12.57 -87.29 -12.95
N ASP M 46 -11.29 -87.04 -12.71
CA ASP M 46 -10.58 -87.79 -11.67
C ASP M 46 -11.16 -87.52 -10.29
N GLU M 47 -11.49 -86.26 -10.00
CA GLU M 47 -12.04 -85.93 -8.69
C GLU M 47 -13.40 -86.57 -8.47
N ALA M 48 -14.23 -86.63 -9.51
CA ALA M 48 -15.54 -87.24 -9.40
C ALA M 48 -15.49 -88.74 -9.14
N GLY M 49 -14.34 -89.38 -9.42
CA GLY M 49 -14.22 -90.80 -9.22
C GLY M 49 -15.01 -91.61 -10.22
N LYS M 50 -14.62 -91.55 -11.49
CA LYS M 50 -15.30 -92.26 -12.56
C LYS M 50 -14.38 -93.34 -13.14
N SER M 51 -15.01 -94.30 -13.83
CA SER M 51 -14.27 -95.39 -14.42
C SER M 51 -13.43 -94.92 -15.60
N ALA M 52 -12.46 -95.75 -15.99
CA ALA M 52 -11.54 -95.37 -17.07
C ALA M 52 -12.28 -95.22 -18.39
N GLU M 53 -13.19 -96.14 -18.70
CA GLU M 53 -13.93 -96.04 -19.96
C GLU M 53 -14.84 -94.81 -19.97
N GLU M 54 -15.44 -94.49 -18.83
CA GLU M 54 -16.25 -93.27 -18.74
C GLU M 54 -15.38 -92.03 -18.95
N ILE M 55 -14.17 -92.03 -18.39
CA ILE M 55 -13.26 -90.91 -18.60
C ILE M 55 -12.91 -90.78 -20.08
N ALA M 56 -12.63 -91.91 -20.73
CA ALA M 56 -12.27 -91.88 -22.15
C ALA M 56 -13.43 -91.37 -23.01
N LYS M 57 -14.64 -91.84 -22.73
CA LYS M 57 -15.79 -91.40 -23.53
C LYS M 57 -16.08 -89.92 -23.29
N ALA M 58 -15.94 -89.44 -22.04
CA ALA M 58 -16.12 -88.03 -21.77
C ALA M 58 -15.08 -87.20 -22.51
N VAL M 59 -13.82 -87.66 -22.51
CA VAL M 59 -12.76 -86.92 -23.17
C VAL M 59 -13.02 -86.84 -24.68
N GLU M 60 -13.41 -87.97 -25.29
CA GLU M 60 -13.64 -87.96 -26.73
C GLU M 60 -14.85 -87.10 -27.10
N LEU M 61 -15.90 -87.15 -26.28
CA LEU M 61 -17.07 -86.28 -26.52
C LEU M 61 -16.70 -84.81 -26.40
N PHE M 62 -15.91 -84.46 -25.39
CA PHE M 62 -15.49 -83.07 -25.22
C PHE M 62 -14.64 -82.61 -26.40
N VAL M 63 -13.72 -83.46 -26.85
CA VAL M 63 -12.89 -83.10 -28.00
C VAL M 63 -13.74 -82.91 -29.24
N GLY M 64 -14.70 -83.82 -29.46
CA GLY M 64 -15.55 -83.70 -30.64
C GLY M 64 -16.38 -82.43 -30.64
N LEU M 65 -16.93 -82.05 -29.49
CA LEU M 65 -17.71 -80.82 -29.44
C LEU M 65 -16.81 -79.58 -29.55
N ALA M 66 -15.65 -79.61 -28.89
CA ALA M 66 -14.76 -78.46 -28.90
C ALA M 66 -14.19 -78.23 -30.29
N MET M 67 -14.02 -79.28 -31.10
CA MET M 67 -13.54 -79.07 -32.46
C MET M 67 -14.54 -78.26 -33.29
N ARG M 68 -15.83 -78.60 -33.17
CA ARG M 68 -16.85 -77.82 -33.88
C ARG M 68 -16.91 -76.39 -33.37
N ALA M 69 -16.85 -76.22 -32.06
CA ALA M 69 -16.85 -74.86 -31.50
C ALA M 69 -15.64 -74.06 -31.99
N PHE M 70 -14.47 -74.71 -32.03
CA PHE M 70 -13.26 -74.06 -32.50
C PHE M 70 -13.39 -73.67 -33.97
N ASP M 71 -13.95 -74.55 -34.80
CA ASP M 71 -14.13 -74.23 -36.21
C ASP M 71 -15.06 -73.04 -36.39
N TYR M 72 -16.18 -73.02 -35.66
CA TYR M 72 -17.12 -71.90 -35.79
C TYR M 72 -16.48 -70.59 -35.33
N ALA M 73 -15.80 -70.61 -34.19
CA ALA M 73 -15.17 -69.39 -33.69
C ALA M 73 -14.06 -68.92 -34.62
N LEU M 74 -13.29 -69.84 -35.19
CA LEU M 74 -12.25 -69.46 -36.15
C LEU M 74 -12.87 -68.83 -37.39
N HIS M 75 -13.98 -69.39 -37.86
CA HIS M 75 -14.68 -68.77 -38.99
C HIS M 75 -15.09 -67.34 -38.67
N ILE M 76 -15.64 -67.13 -37.48
CA ILE M 76 -16.07 -65.79 -37.09
C ILE M 76 -14.89 -64.84 -37.00
N ALA M 77 -13.78 -65.31 -36.41
CA ALA M 77 -12.60 -64.47 -36.27
C ALA M 77 -12.02 -64.10 -37.64
N GLU M 78 -11.97 -65.05 -38.56
CA GLU M 78 -11.46 -64.75 -39.90
C GLU M 78 -12.39 -63.80 -40.64
N ARG M 79 -13.71 -63.96 -40.46
CA ARG M 79 -14.65 -63.01 -41.06
C ARG M 79 -14.42 -61.60 -40.53
N GLY M 80 -14.18 -61.47 -39.22
CA GLY M 80 -13.90 -60.17 -38.67
C GLY M 80 -12.58 -59.60 -39.15
N LYS M 81 -11.55 -60.44 -39.26
CA LYS M 81 -10.25 -59.97 -39.72
C LYS M 81 -10.26 -59.56 -41.18
N GLU M 82 -11.08 -60.22 -42.01
CA GLU M 82 -11.16 -59.86 -43.42
C GLU M 82 -11.69 -58.44 -43.59
N MET M 83 -12.73 -58.08 -42.84
CA MET M 83 -13.26 -56.73 -42.85
C MET M 83 -12.43 -55.85 -41.92
N GLY M 84 -12.91 -54.64 -41.65
CA GLY M 84 -12.21 -53.72 -40.78
C GLY M 84 -12.78 -53.67 -39.38
N ILE M 85 -13.15 -54.83 -38.83
CA ILE M 85 -13.76 -54.91 -37.51
C ILE M 85 -12.89 -55.74 -36.59
N PRO M 86 -11.95 -55.12 -35.87
CA PRO M 86 -11.14 -55.89 -34.90
C PRO M 86 -11.94 -56.49 -33.77
N THR M 87 -13.11 -55.93 -33.45
CA THR M 87 -13.91 -56.43 -32.33
C THR M 87 -14.37 -57.85 -32.56
N LEU M 88 -14.60 -58.25 -33.81
CA LEU M 88 -15.11 -59.58 -34.09
C LEU M 88 -14.11 -60.66 -33.73
N VAL M 89 -12.81 -60.35 -33.75
CA VAL M 89 -11.81 -61.35 -33.35
C VAL M 89 -11.95 -61.67 -31.86
N GLU M 90 -12.02 -60.63 -31.02
CA GLU M 90 -12.21 -60.86 -29.59
C GLU M 90 -13.55 -61.53 -29.32
N MET M 91 -14.58 -61.17 -30.08
CA MET M 91 -15.89 -61.74 -29.83
C MET M 91 -15.96 -63.21 -30.24
N GLY M 92 -15.21 -63.58 -31.29
CA GLY M 92 -15.06 -64.98 -31.63
C GLY M 92 -14.29 -65.75 -30.58
N LYS M 93 -13.26 -65.13 -30.00
CA LYS M 93 -12.54 -65.77 -28.89
C LYS M 93 -13.48 -66.01 -27.72
N ILE M 94 -14.33 -65.04 -27.40
CA ILE M 94 -15.31 -65.22 -26.32
C ILE M 94 -16.26 -66.36 -26.65
N LEU M 95 -16.74 -66.40 -27.90
CA LEU M 95 -17.63 -67.48 -28.31
C LEU M 95 -16.97 -68.83 -28.13
N PHE M 96 -15.70 -68.96 -28.53
CA PHE M 96 -15.01 -70.23 -28.36
C PHE M 96 -14.84 -70.57 -26.89
N LYS M 97 -14.53 -69.58 -26.06
CA LYS M 97 -14.33 -69.85 -24.63
C LYS M 97 -15.58 -70.45 -24.01
N TYR M 98 -16.73 -69.82 -24.23
CA TYR M 98 -17.95 -70.39 -23.65
C TYR M 98 -18.48 -71.61 -24.39
N GLY M 99 -18.14 -71.78 -25.67
CA GLY M 99 -18.45 -73.04 -26.33
C GLY M 99 -17.67 -74.20 -25.73
N ALA M 100 -16.39 -73.99 -25.44
CA ALA M 100 -15.59 -75.01 -24.78
C ALA M 100 -16.08 -75.26 -23.37
N LYS M 101 -16.50 -74.21 -22.66
CA LYS M 101 -17.09 -74.41 -21.34
C LYS M 101 -18.34 -75.27 -21.41
N LEU M 102 -19.23 -74.98 -22.36
CA LEU M 102 -20.44 -75.77 -22.52
C LEU M 102 -20.11 -77.22 -22.89
N ALA M 103 -19.12 -77.41 -23.76
CA ALA M 103 -18.71 -78.76 -24.12
C ALA M 103 -18.18 -79.52 -22.92
N ALA M 104 -17.40 -78.85 -22.07
CA ALA M 104 -16.88 -79.50 -20.87
C ALA M 104 -18.02 -79.89 -19.93
N GLU M 105 -19.00 -79.01 -19.74
CA GLU M 105 -20.13 -79.37 -18.89
C GLU M 105 -20.94 -80.52 -19.48
N LEU M 106 -21.12 -80.53 -20.81
CA LEU M 106 -21.84 -81.61 -21.45
C LEU M 106 -21.12 -82.94 -21.27
N ALA M 107 -19.79 -82.93 -21.43
CA ALA M 107 -19.01 -84.15 -21.22
C ALA M 107 -19.09 -84.61 -19.77
N LEU M 108 -19.03 -83.67 -18.83
CA LEU M 108 -19.10 -84.03 -17.42
C LEU M 108 -20.46 -84.60 -17.04
N ALA M 109 -21.54 -84.08 -17.63
CA ALA M 109 -22.88 -84.53 -17.27
C ALA M 109 -23.19 -85.92 -17.80
N GLY M 110 -22.35 -86.49 -18.65
CA GLY M 110 -22.59 -87.81 -19.18
C GLY M 110 -23.66 -87.90 -20.25
N LYS M 111 -23.94 -86.80 -20.93
CA LYS M 111 -24.92 -86.83 -22.01
C LYS M 111 -24.44 -87.68 -23.17
N SER M 112 -25.38 -88.22 -23.93
CA SER M 112 -25.05 -89.05 -25.08
C SER M 112 -24.47 -88.19 -26.20
N GLU M 113 -23.84 -88.86 -27.17
CA GLU M 113 -23.19 -88.17 -28.27
C GLU M 113 -24.17 -87.43 -29.18
N GLU M 114 -25.46 -87.73 -29.10
CA GLU M 114 -26.47 -87.06 -29.92
C GLU M 114 -27.06 -85.84 -29.22
N GLU M 115 -27.42 -85.99 -27.94
CA GLU M 115 -27.96 -84.85 -27.19
C GLU M 115 -26.93 -83.72 -27.09
N ALA M 116 -25.67 -84.08 -26.81
CA ALA M 116 -24.62 -83.07 -26.72
C ALA M 116 -24.41 -82.36 -28.05
N ARG M 117 -24.42 -83.11 -29.15
CA ARG M 117 -24.25 -82.50 -30.47
C ARG M 117 -25.41 -81.57 -30.79
N ALA M 118 -26.64 -81.98 -30.49
CA ALA M 118 -27.79 -81.12 -30.73
C ALA M 118 -27.71 -79.85 -29.89
N ALA M 119 -27.31 -79.99 -28.61
CA ALA M 119 -27.17 -78.82 -27.75
C ALA M 119 -26.11 -77.87 -28.28
N MET M 120 -24.98 -78.41 -28.77
CA MET M 120 -23.95 -77.56 -29.33
C MET M 120 -24.42 -76.84 -30.58
N ASP M 121 -25.18 -77.54 -31.44
CA ASP M 121 -25.71 -76.90 -32.64
C ASP M 121 -26.67 -75.76 -32.28
N ARG M 122 -27.55 -75.99 -31.31
CA ARG M 122 -28.47 -74.94 -30.88
C ARG M 122 -27.70 -73.76 -30.28
N PHE M 123 -26.66 -74.05 -29.49
CA PHE M 123 -25.84 -72.98 -28.92
C PHE M 123 -25.18 -72.15 -30.00
N LEU M 124 -24.64 -72.80 -31.04
CA LEU M 124 -24.01 -72.07 -32.13
C LEU M 124 -25.02 -71.22 -32.88
N SER M 125 -26.22 -71.77 -33.14
CA SER M 125 -27.23 -71.00 -33.84
C SER M 125 -27.64 -69.76 -33.04
N LEU M 126 -27.86 -69.93 -31.74
CA LEU M 126 -28.27 -68.79 -30.92
C LEU M 126 -27.14 -67.78 -30.75
N SER M 127 -25.89 -68.23 -30.72
CA SER M 127 -24.77 -67.30 -30.72
C SER M 127 -24.71 -66.50 -32.01
N ASP M 128 -25.01 -67.14 -33.14
CA ASP M 128 -25.09 -66.40 -34.40
C ASP M 128 -26.23 -65.38 -34.36
N TYR M 129 -27.35 -65.75 -33.74
CA TYR M 129 -28.45 -64.80 -33.56
C TYR M 129 -27.99 -63.58 -32.78
N LEU M 130 -27.32 -63.80 -31.65
CA LEU M 130 -26.82 -62.67 -30.86
C LEU M 130 -25.77 -61.87 -31.62
N LEU M 131 -24.97 -62.54 -32.45
CA LEU M 131 -24.02 -61.85 -33.31
C LEU M 131 -24.73 -60.89 -34.25
N GLU M 132 -25.77 -61.36 -34.92
CA GLU M 132 -26.52 -60.52 -35.85
C GLU M 132 -27.15 -59.34 -35.12
N ARG M 133 -27.68 -59.59 -33.91
CA ARG M 133 -28.30 -58.51 -33.16
C ARG M 133 -27.27 -57.48 -32.69
N LEU M 134 -26.04 -57.91 -32.41
CA LEU M 134 -25.04 -57.00 -31.85
C LEU M 134 -24.18 -56.30 -32.89
N LEU M 135 -24.17 -56.77 -34.14
CA LEU M 135 -23.31 -56.16 -35.16
C LEU M 135 -23.55 -54.66 -35.38
N PRO M 136 -24.78 -54.17 -35.49
CA PRO M 136 -24.96 -52.72 -35.70
C PRO M 136 -24.36 -51.87 -34.60
N TYR M 137 -24.40 -52.34 -33.35
CA TYR M 137 -23.78 -51.59 -32.26
C TYR M 137 -22.26 -51.53 -32.44
N ILE M 138 -21.66 -52.62 -32.92
CA ILE M 138 -20.22 -52.60 -33.21
C ILE M 138 -19.92 -51.58 -34.30
N GLU M 139 -20.74 -51.56 -35.35
CA GLU M 139 -20.52 -50.58 -36.42
C GLU M 139 -20.64 -49.15 -35.89
N LEU M 140 -21.66 -48.88 -35.08
CA LEU M 140 -21.85 -47.54 -34.54
C LEU M 140 -20.68 -47.15 -33.61
N ALA M 141 -20.21 -48.09 -32.80
CA ALA M 141 -19.09 -47.81 -31.91
C ALA M 141 -17.82 -47.52 -32.69
N GLU M 142 -17.58 -48.28 -33.76
CA GLU M 142 -16.37 -48.05 -34.56
C GLU M 142 -16.48 -46.76 -35.36
N ARG M 143 -17.69 -46.32 -35.69
CA ARG M 143 -17.85 -45.06 -36.42
C ARG M 143 -17.39 -43.88 -35.58
N MET M 144 -17.71 -43.88 -34.29
CA MET M 144 -17.33 -42.79 -33.39
C MET M 144 -15.95 -42.97 -32.78
N LYS M 145 -15.24 -44.06 -33.10
CA LYS M 145 -13.92 -44.34 -32.55
C LYS M 145 -13.92 -44.28 -31.03
N SER M 146 -14.81 -45.06 -30.43
CA SER M 146 -14.99 -45.05 -28.98
C SER M 146 -14.51 -46.37 -28.39
N PRO M 147 -13.35 -46.41 -27.73
CA PRO M 147 -12.93 -47.65 -27.07
C PRO M 147 -13.89 -48.10 -25.98
N ALA M 148 -14.51 -47.16 -25.27
CA ALA M 148 -15.45 -47.51 -24.22
C ALA M 148 -16.67 -48.24 -24.78
N LEU M 149 -17.17 -47.78 -25.92
CA LEU M 149 -18.33 -48.44 -26.53
C LEU M 149 -17.97 -49.83 -27.02
N GLN M 150 -16.77 -50.00 -27.58
CA GLN M 150 -16.33 -51.33 -28.00
C GLN M 150 -16.20 -52.26 -26.79
N GLU M 151 -15.65 -51.76 -25.69
CA GLU M 151 -15.57 -52.56 -24.48
C GLU M 151 -16.96 -52.93 -23.97
N LEU M 152 -17.90 -51.99 -24.03
CA LEU M 152 -19.27 -52.28 -23.61
C LEU M 152 -19.90 -53.36 -24.48
N VAL M 153 -19.69 -53.29 -25.80
CA VAL M 153 -20.24 -54.31 -26.69
C VAL M 153 -19.62 -55.68 -26.39
N LEU M 154 -18.31 -55.71 -26.16
CA LEU M 154 -17.64 -56.96 -25.82
C LEU M 154 -18.21 -57.54 -24.53
N TYR M 155 -18.40 -56.69 -23.52
CA TYR M 155 -18.92 -57.16 -22.24
C TYR M 155 -20.36 -57.66 -22.38
N ALA M 156 -21.17 -56.97 -23.18
CA ALA M 156 -22.53 -57.44 -23.42
C ALA M 156 -22.55 -58.78 -24.12
N PHE M 157 -21.66 -58.97 -25.11
CA PHE M 157 -21.59 -60.27 -25.77
C PHE M 157 -21.15 -61.36 -24.81
N LYS M 158 -20.21 -61.03 -23.91
CA LYS M 158 -19.76 -62.00 -22.92
C LYS M 158 -20.92 -62.42 -22.00
N GLU M 159 -21.69 -61.43 -21.53
CA GLU M 159 -22.84 -61.75 -20.67
C GLU M 159 -23.88 -62.56 -21.41
N GLY M 160 -24.14 -62.22 -22.67
CA GLY M 160 -25.08 -62.99 -23.46
C GLY M 160 -24.63 -64.42 -23.68
N MET M 161 -23.32 -64.62 -23.91
CA MET M 161 -22.79 -65.96 -24.05
C MET M 161 -22.94 -66.75 -22.75
N LYS M 162 -22.67 -66.12 -21.61
CA LYS M 162 -22.86 -66.78 -20.33
C LYS M 162 -24.31 -67.22 -20.15
N LEU M 163 -25.25 -66.30 -20.41
CA LEU M 163 -26.66 -66.63 -20.25
C LEU M 163 -27.09 -67.73 -21.20
N LEU M 164 -26.62 -67.67 -22.45
CA LEU M 164 -26.98 -68.69 -23.43
C LEU M 164 -26.46 -70.06 -23.04
N ALA M 165 -25.21 -70.12 -22.57
CA ALA M 165 -24.65 -71.40 -22.14
C ALA M 165 -25.41 -71.95 -20.94
N GLU M 166 -25.76 -71.08 -19.99
CA GLU M 166 -26.53 -71.52 -18.82
C GLU M 166 -27.89 -72.06 -19.24
N LEU M 167 -28.57 -71.37 -20.14
CA LEU M 167 -29.89 -71.83 -20.59
C LEU M 167 -29.81 -73.13 -21.37
N ILE M 168 -28.78 -73.28 -22.21
CA ILE M 168 -28.61 -74.52 -22.96
C ILE M 168 -28.33 -75.68 -22.00
N LEU M 169 -27.49 -75.46 -21.00
CA LEU M 169 -27.23 -76.49 -20.01
C LEU M 169 -28.50 -76.85 -19.24
N ALA M 170 -29.32 -75.85 -18.93
CA ALA M 170 -30.57 -76.09 -18.23
C ALA M 170 -31.61 -76.83 -19.07
N GLY M 171 -31.37 -76.96 -20.38
CA GLY M 171 -32.29 -77.68 -21.23
C GLY M 171 -33.58 -76.96 -21.51
N LYS M 172 -33.51 -75.83 -22.20
CA LYS M 172 -34.68 -75.02 -22.53
C LYS M 172 -34.82 -74.92 -24.05
N SER M 173 -36.07 -74.75 -24.49
CA SER M 173 -36.35 -74.62 -25.91
C SER M 173 -35.83 -73.29 -26.44
N ASP M 174 -35.79 -73.19 -27.77
CA ASP M 174 -35.28 -71.99 -28.43
C ASP M 174 -36.17 -70.77 -28.23
N GLU M 175 -37.47 -70.95 -28.01
CA GLU M 175 -38.38 -69.82 -27.86
C GLU M 175 -38.09 -68.99 -26.62
N GLU M 176 -37.98 -69.65 -25.47
CA GLU M 176 -37.68 -68.93 -24.23
C GLU M 176 -36.29 -68.30 -24.28
N ILE M 177 -35.32 -69.02 -24.85
CA ILE M 177 -33.98 -68.48 -24.99
C ILE M 177 -33.99 -67.22 -25.85
N GLN M 178 -34.72 -67.26 -26.96
CA GLN M 178 -34.80 -66.09 -27.84
C GLN M 178 -35.50 -64.93 -27.15
N ALA M 179 -36.56 -65.22 -26.39
CA ALA M 179 -37.24 -64.15 -25.66
C ALA M 179 -36.31 -63.50 -24.63
N LYS M 180 -35.54 -64.32 -23.91
CA LYS M 180 -34.57 -63.77 -22.96
C LYS M 180 -33.51 -62.94 -23.66
N LEU M 181 -33.06 -63.38 -24.84
CA LEU M 181 -32.08 -62.63 -25.59
C LEU M 181 -32.64 -61.28 -26.03
N ASP M 182 -33.89 -61.26 -26.49
CA ASP M 182 -34.51 -59.99 -26.88
C ASP M 182 -34.65 -59.05 -25.68
N ALA M 183 -35.02 -59.57 -24.51
CA ALA M 183 -35.09 -58.72 -23.33
C ALA M 183 -33.72 -58.16 -22.97
N PHE M 184 -32.69 -59.00 -23.03
CA PHE M 184 -31.34 -58.55 -22.73
C PHE M 184 -30.89 -57.46 -23.71
N LEU M 185 -31.21 -57.64 -24.99
CA LEU M 185 -30.84 -56.63 -25.98
C LEU M 185 -31.63 -55.34 -25.78
N ALA M 186 -32.89 -55.44 -25.36
CA ALA M 186 -33.67 -54.24 -25.06
C ALA M 186 -33.02 -53.45 -23.93
N GLY M 187 -32.54 -54.13 -22.90
CA GLY M 187 -31.80 -53.43 -21.85
C GLY M 187 -30.47 -52.87 -22.35
N PHE M 188 -29.77 -53.65 -23.17
CA PHE M 188 -28.46 -53.22 -23.66
C PHE M 188 -28.56 -51.99 -24.54
N ASP M 189 -29.68 -51.81 -25.25
CA ASP M 189 -29.85 -50.60 -26.05
C ASP M 189 -29.78 -49.36 -25.18
N VAL M 190 -30.53 -49.36 -24.07
CA VAL M 190 -30.53 -48.22 -23.17
C VAL M 190 -29.15 -48.04 -22.54
N ALA M 191 -28.52 -49.16 -22.15
CA ALA M 191 -27.17 -49.05 -21.59
C ALA M 191 -26.20 -48.41 -22.57
N PHE M 192 -26.28 -48.83 -23.84
CA PHE M 192 -25.40 -48.29 -24.87
C PHE M 192 -25.64 -46.80 -25.09
N GLU M 193 -26.90 -46.38 -25.14
CA GLU M 193 -27.18 -44.95 -25.32
C GLU M 193 -26.65 -44.14 -24.15
N PHE M 194 -26.85 -44.62 -22.92
CA PHE M 194 -26.33 -43.92 -21.75
C PHE M 194 -24.81 -43.79 -21.81
N THR M 195 -24.13 -44.90 -22.11
CA THR M 195 -22.68 -44.88 -22.18
C THR M 195 -22.18 -43.94 -23.28
N LEU M 196 -22.81 -43.96 -24.45
CA LEU M 196 -22.39 -43.09 -25.53
C LEU M 196 -22.61 -41.63 -25.19
N ASP M 197 -23.75 -41.34 -24.58
CA ASP M 197 -24.04 -39.97 -24.18
C ASP M 197 -22.92 -39.46 -23.30
N ILE M 198 -22.60 -40.20 -22.24
CA ILE M 198 -21.57 -39.73 -21.32
C ILE M 198 -20.21 -39.68 -22.01
N ASP M 199 -19.86 -40.66 -22.81
CA ASP M 199 -18.51 -40.72 -23.39
C ASP M 199 -18.21 -39.68 -24.44
N VAL M 200 -19.22 -39.23 -25.16
CA VAL M 200 -18.96 -38.17 -26.12
C VAL M 200 -18.50 -36.90 -25.39
N ILE M 201 -19.24 -36.49 -24.36
CA ILE M 201 -18.89 -35.27 -23.64
C ILE M 201 -17.63 -35.47 -22.82
N GLY M 202 -17.38 -36.69 -22.32
CA GLY M 202 -16.14 -36.95 -21.61
C GLY M 202 -14.92 -36.81 -22.50
N ARG M 203 -15.03 -37.27 -23.76
CA ARG M 203 -13.92 -37.19 -24.69
C ARG M 203 -13.72 -35.77 -25.20
N GLU M 204 -14.80 -35.04 -25.47
CA GLU M 204 -14.64 -33.69 -26.01
C GLU M 204 -14.10 -32.71 -24.98
N LEU M 205 -14.40 -32.93 -23.69
CA LEU M 205 -13.87 -32.07 -22.65
C LEU M 205 -12.49 -32.50 -22.17
N ASP M 206 -12.00 -33.67 -22.61
CA ASP M 206 -10.71 -34.22 -22.22
C ASP M 206 -10.67 -34.40 -20.68
N ILE M 207 -11.53 -35.31 -20.24
CA ILE M 207 -11.57 -35.71 -18.83
C ILE M 207 -11.69 -37.23 -18.80
N PRO M 208 -10.59 -37.96 -18.55
CA PRO M 208 -10.68 -39.43 -18.56
C PRO M 208 -11.62 -39.99 -17.49
N GLU M 209 -11.82 -39.27 -16.38
CA GLU M 209 -12.71 -39.76 -15.33
C GLU M 209 -14.12 -39.94 -15.85
N LEU M 210 -14.57 -39.04 -16.73
CA LEU M 210 -15.92 -39.17 -17.28
C LEU M 210 -16.04 -40.43 -18.13
N VAL M 211 -15.02 -40.75 -18.93
CA VAL M 211 -15.06 -41.95 -19.75
C VAL M 211 -15.03 -43.20 -18.88
N GLU M 212 -14.21 -43.20 -17.83
CA GLU M 212 -14.18 -44.33 -16.92
C GLU M 212 -15.53 -44.53 -16.23
N PHE M 213 -16.14 -43.43 -15.79
CA PHE M 213 -17.47 -43.50 -15.19
C PHE M 213 -18.48 -44.06 -16.18
N ALA M 214 -18.41 -43.61 -17.43
CA ALA M 214 -19.33 -44.12 -18.46
C ALA M 214 -19.17 -45.62 -18.63
N LEU M 215 -17.92 -46.09 -18.68
CA LEU M 215 -17.69 -47.53 -18.87
C LEU M 215 -18.24 -48.33 -17.68
N GLU M 216 -17.92 -47.90 -16.46
CA GLU M 216 -18.36 -48.65 -15.28
C GLU M 216 -19.89 -48.67 -15.18
N LYS M 217 -20.54 -47.53 -15.41
CA LYS M 217 -21.99 -47.48 -15.26
C LYS M 217 -22.70 -48.18 -16.40
N GLY M 218 -22.12 -48.16 -17.61
CA GLY M 218 -22.67 -48.97 -18.68
C GLY M 218 -22.56 -50.45 -18.39
N LYS M 219 -21.45 -50.88 -17.80
CA LYS M 219 -21.32 -52.28 -17.38
C LYS M 219 -22.35 -52.62 -16.31
N GLU M 220 -22.59 -51.71 -15.38
CA GLU M 220 -23.62 -51.93 -14.36
C GLU M 220 -24.99 -52.08 -15.00
N LEU M 221 -25.31 -51.23 -15.97
CA LEU M 221 -26.61 -51.31 -16.64
C LEU M 221 -26.74 -52.60 -17.43
N VAL M 222 -25.66 -53.04 -18.07
CA VAL M 222 -25.69 -54.31 -18.79
C VAL M 222 -25.91 -55.47 -17.84
N LYS M 223 -25.26 -55.44 -16.68
CA LYS M 223 -25.48 -56.47 -15.67
C LYS M 223 -26.93 -56.48 -15.19
N LEU M 224 -27.49 -55.30 -14.95
CA LEU M 224 -28.88 -55.22 -14.52
C LEU M 224 -29.81 -55.77 -15.59
N ALA M 225 -29.56 -55.43 -16.86
CA ALA M 225 -30.39 -55.94 -17.94
C ALA M 225 -30.30 -57.45 -18.04
N LEU M 226 -29.10 -58.00 -17.90
CA LEU M 226 -28.93 -59.46 -17.95
C LEU M 226 -29.65 -60.13 -16.79
N GLU M 227 -29.56 -59.54 -15.59
CA GLU M 227 -30.24 -60.11 -14.43
C GLU M 227 -31.75 -60.09 -14.62
N LEU M 228 -32.28 -58.99 -15.17
CA LEU M 228 -33.72 -58.91 -15.41
C LEU M 228 -34.15 -59.91 -16.48
N ALA M 229 -33.35 -60.06 -17.54
CA ALA M 229 -33.70 -61.02 -18.59
C ALA M 229 -33.67 -62.45 -18.07
N ARG M 230 -32.73 -62.75 -17.16
CA ARG M 230 -32.66 -64.08 -16.58
C ARG M 230 -33.93 -64.40 -15.78
N ALA M 231 -34.45 -63.42 -15.06
CA ALA M 231 -35.64 -63.62 -14.25
C ALA M 231 -36.91 -63.86 -15.07
N GLY M 232 -36.85 -63.62 -16.38
CA GLY M 232 -38.01 -63.83 -17.23
C GLY M 232 -38.87 -62.62 -17.48
N LYS M 233 -38.39 -61.42 -17.17
CA LYS M 233 -39.17 -60.21 -17.40
C LYS M 233 -39.29 -59.94 -18.90
N SER M 234 -40.39 -59.26 -19.26
CA SER M 234 -40.59 -58.86 -20.64
C SER M 234 -39.62 -57.75 -21.01
N PRO M 235 -39.36 -57.56 -22.31
CA PRO M 235 -38.42 -56.50 -22.71
C PRO M 235 -38.84 -55.11 -22.26
N GLU M 236 -40.15 -54.84 -22.15
CA GLU M 236 -40.61 -53.53 -21.73
C GLU M 236 -40.22 -53.25 -20.27
N GLU M 237 -40.41 -54.24 -19.39
CA GLU M 237 -40.04 -54.07 -18.00
C GLU M 237 -38.54 -53.88 -17.85
N VAL M 238 -37.75 -54.65 -18.59
CA VAL M 238 -36.31 -54.49 -18.58
C VAL M 238 -35.91 -53.09 -19.03
N LYS M 239 -36.54 -52.62 -20.11
CA LYS M 239 -36.24 -51.27 -20.61
C LYS M 239 -36.56 -50.21 -19.56
N ALA M 240 -37.72 -50.34 -18.90
CA ALA M 240 -38.12 -49.34 -17.92
C ALA M 240 -37.17 -49.33 -16.72
N ALA M 241 -36.82 -50.51 -16.20
CA ALA M 241 -35.94 -50.58 -15.05
C ALA M 241 -34.53 -50.07 -15.38
N VAL M 242 -34.01 -50.44 -16.56
CA VAL M 242 -32.71 -49.95 -16.96
C VAL M 242 -32.74 -48.44 -17.16
N LYS M 243 -33.86 -47.91 -17.66
CA LYS M 243 -33.99 -46.46 -17.82
C LYS M 243 -33.96 -45.75 -16.47
N ALA M 244 -34.67 -46.29 -15.48
CA ALA M 244 -34.66 -45.68 -14.14
C ALA M 244 -33.25 -45.71 -13.55
N ARG M 245 -32.58 -46.86 -13.62
CA ARG M 245 -31.23 -46.95 -13.09
C ARG M 245 -30.29 -46.01 -13.83
N GLY M 246 -30.46 -45.86 -15.14
CA GLY M 246 -29.66 -44.93 -15.90
C GLY M 246 -29.92 -43.48 -15.51
N GLU M 247 -31.15 -43.14 -15.16
CA GLU M 247 -31.43 -41.80 -14.66
C GLU M 247 -30.70 -41.54 -13.35
N GLU M 248 -30.70 -42.50 -12.44
CA GLU M 248 -29.97 -42.34 -11.19
C GLU M 248 -28.47 -42.18 -11.45
N LEU M 249 -27.91 -43.05 -12.29
CA LEU M 249 -26.51 -42.93 -12.64
C LEU M 249 -26.20 -41.63 -13.38
N HIS M 250 -27.19 -41.08 -14.09
CA HIS M 250 -27.00 -39.80 -14.76
C HIS M 250 -26.93 -38.65 -13.77
N LYS M 251 -27.72 -38.72 -12.70
CA LYS M 251 -27.57 -37.73 -11.63
C LYS M 251 -26.18 -37.82 -11.01
N GLU M 252 -25.71 -39.05 -10.75
CA GLU M 252 -24.36 -39.21 -10.24
C GLU M 252 -23.33 -38.65 -11.21
N PHE M 253 -23.53 -38.87 -12.51
CA PHE M 253 -22.62 -38.34 -13.52
C PHE M 253 -22.63 -36.81 -13.52
N GLU M 254 -23.80 -36.21 -13.33
CA GLU M 254 -23.86 -34.75 -13.26
C GLU M 254 -23.00 -34.23 -12.10
N LYS M 255 -23.13 -34.87 -10.94
CA LYS M 255 -22.29 -34.46 -9.81
C LYS M 255 -20.81 -34.60 -10.12
N LEU M 256 -20.42 -35.75 -10.68
CA LEU M 256 -19.01 -35.99 -10.96
C LEU M 256 -18.47 -35.03 -12.02
N ALA M 257 -19.27 -34.76 -13.06
CA ALA M 257 -18.85 -33.85 -14.11
C ALA M 257 -18.68 -32.44 -13.58
N LEU M 258 -19.60 -31.98 -12.72
CA LEU M 258 -19.44 -30.67 -12.11
C LEU M 258 -18.15 -30.60 -11.30
N LYS M 259 -17.90 -31.63 -10.49
CA LYS M 259 -16.70 -31.64 -9.66
C LYS M 259 -15.43 -31.60 -10.50
N GLU M 260 -15.37 -32.42 -11.54
CA GLU M 260 -14.16 -32.48 -12.37
C GLU M 260 -13.98 -31.19 -13.17
N TYR M 261 -15.07 -30.62 -13.69
CA TYR M 261 -14.96 -29.37 -14.43
C TYR M 261 -14.47 -28.25 -13.53
N PHE M 262 -14.93 -28.21 -12.28
CA PHE M 262 -14.46 -27.15 -11.39
C PHE M 262 -13.04 -27.41 -10.90
N LYS M 263 -12.61 -28.67 -10.85
CA LYS M 263 -11.21 -28.96 -10.61
C LYS M 263 -10.35 -28.43 -11.75
N ARG M 264 -10.79 -28.64 -12.99
CA ARG M 264 -9.99 -28.19 -14.14
C ARG M 264 -9.99 -26.67 -14.28
N ARG M 265 -11.15 -26.04 -14.09
CA ARG M 265 -11.27 -24.60 -14.32
C ARG M 265 -10.45 -23.81 -13.30
N LEU M 266 -10.40 -24.29 -12.06
CA LEU M 266 -9.66 -23.60 -11.01
C LEU M 266 -8.16 -23.91 -11.03
N GLY M 267 -7.70 -24.74 -11.95
CA GLY M 267 -6.31 -25.14 -11.97
C GLY M 267 -5.96 -26.25 -11.01
N LEU M 268 -6.95 -26.81 -10.30
CA LEU M 268 -6.72 -27.86 -9.32
C LEU M 268 -6.24 -29.14 -9.99
N GLY N 20 -4.31 37.41 28.67
CA GLY N 20 -3.66 37.11 27.40
C GLY N 20 -4.33 37.78 26.21
N PRO N 21 -4.12 37.22 25.01
CA PRO N 21 -4.73 37.81 23.82
C PRO N 21 -6.23 37.58 23.74
N GLY N 22 -6.96 38.08 24.74
CA GLY N 22 -8.40 37.92 24.79
C GLY N 22 -8.93 38.21 26.18
N GLY N 23 -9.89 37.39 26.64
CA GLY N 23 -10.43 37.55 27.97
C GLY N 23 -11.20 38.83 28.17
N THR N 24 -11.38 39.24 29.42
CA THR N 24 -12.10 40.44 29.79
C THR N 24 -11.14 41.50 30.30
N MET N 25 -11.68 42.63 30.73
CA MET N 25 -10.87 43.72 31.27
C MET N 25 -10.53 43.53 32.74
N ALA N 26 -11.08 42.52 33.40
CA ALA N 26 -10.74 42.21 34.78
C ALA N 26 -9.85 40.99 34.91
N ALA N 27 -9.91 40.05 33.97
CA ALA N 27 -9.08 38.86 34.03
C ALA N 27 -7.62 39.16 33.71
N GLU N 28 -7.36 40.23 32.95
CA GLU N 28 -5.98 40.58 32.63
C GLU N 28 -5.21 41.02 33.87
N GLU N 29 -5.86 41.79 34.75
CA GLU N 29 -5.20 42.22 35.98
C GLU N 29 -4.86 41.03 36.86
N MET N 30 -5.80 40.09 37.00
CA MET N 30 -5.53 38.89 37.79
C MET N 30 -4.44 38.03 37.14
N GLU N 31 -4.41 37.98 35.81
CA GLU N 31 -3.34 37.24 35.14
C GLU N 31 -1.98 37.87 35.43
N LYS N 32 -1.91 39.20 35.40
CA LYS N 32 -0.66 39.88 35.71
C LYS N 32 -0.24 39.62 37.15
N ILE N 33 -1.20 39.67 38.09
CA ILE N 33 -0.90 39.39 39.49
C ILE N 33 -0.39 37.96 39.65
N PHE N 34 -1.03 37.02 38.96
CA PHE N 34 -0.62 35.61 39.04
C PHE N 34 0.80 35.43 38.51
N ARG N 35 1.11 36.04 37.37
CA ARG N 35 2.47 35.92 36.82
C ARG N 35 3.50 36.53 37.75
N ASP N 36 3.20 37.71 38.31
CA ASP N 36 4.13 38.34 39.23
C ASP N 36 4.37 37.48 40.47
N LYS N 37 3.29 36.93 41.03
CA LYS N 37 3.42 36.10 42.21
C LYS N 37 4.20 34.82 41.91
N LEU N 38 3.97 34.22 40.74
CA LEU N 38 4.72 33.02 40.36
C LEU N 38 6.22 33.34 40.23
N PHE N 39 6.54 34.45 39.57
CA PHE N 39 7.94 34.83 39.41
C PHE N 39 8.61 35.05 40.76
N HIS N 40 7.96 35.79 41.65
CA HIS N 40 8.59 36.07 42.93
C HIS N 40 8.60 34.86 43.85
N LEU N 41 7.64 33.96 43.70
CA LEU N 41 7.69 32.70 44.45
C LEU N 41 8.88 31.85 44.01
N HIS N 42 9.13 31.77 42.71
CA HIS N 42 10.31 31.05 42.25
C HIS N 42 11.59 31.71 42.75
N GLN N 43 11.63 33.05 42.73
CA GLN N 43 12.80 33.75 43.26
C GLN N 43 13.02 33.43 44.74
N LYS N 44 11.94 33.46 45.53
CA LYS N 44 12.07 33.17 46.96
C LYS N 44 12.48 31.73 47.19
N LEU N 45 11.96 30.79 46.39
CA LEU N 45 12.36 29.39 46.52
C LEU N 45 13.83 29.21 46.23
N ASP N 46 14.34 29.88 45.19
CA ASP N 46 15.77 29.80 44.89
C ASP N 46 16.58 30.43 46.02
N GLU N 47 16.12 31.55 46.57
CA GLU N 47 16.82 32.20 47.67
C GLU N 47 16.88 31.29 48.89
N ALA N 48 15.80 30.55 49.15
CA ALA N 48 15.76 29.69 50.33
C ALA N 48 16.68 28.48 50.21
N GLY N 49 17.18 28.18 49.02
CA GLY N 49 18.07 27.06 48.83
C GLY N 49 17.39 25.72 48.98
N LYS N 50 16.50 25.38 48.06
CA LYS N 50 15.75 24.13 48.08
C LYS N 50 16.09 23.29 46.87
N SER N 51 15.81 22.00 46.98
CA SER N 51 16.08 21.07 45.87
C SER N 51 15.11 21.31 44.72
N ALA N 52 15.46 20.76 43.55
CA ALA N 52 14.64 20.96 42.37
C ALA N 52 13.26 20.33 42.53
N GLU N 53 13.18 19.15 43.12
CA GLU N 53 11.90 18.49 43.31
C GLU N 53 11.00 19.29 44.26
N GLU N 54 11.60 19.84 45.33
CA GLU N 54 10.83 20.67 46.25
C GLU N 54 10.31 21.92 45.55
N ILE N 55 11.14 22.54 44.70
CA ILE N 55 10.72 23.73 43.96
C ILE N 55 9.58 23.39 43.02
N ALA N 56 9.67 22.25 42.33
CA ALA N 56 8.58 21.84 41.44
C ALA N 56 7.31 21.59 42.22
N LYS N 57 7.41 20.93 43.38
CA LYS N 57 6.23 20.69 44.20
C LYS N 57 5.59 22.00 44.64
N ALA N 58 6.41 22.97 45.08
CA ALA N 58 5.88 24.26 45.50
C ALA N 58 5.20 24.97 44.34
N VAL N 59 5.80 24.93 43.14
CA VAL N 59 5.22 25.60 42.00
C VAL N 59 3.87 24.98 41.63
N GLU N 60 3.81 23.65 41.59
CA GLU N 60 2.54 22.99 41.29
C GLU N 60 1.47 23.30 42.33
N LEU N 61 1.84 23.29 43.61
CA LEU N 61 0.87 23.61 44.66
C LEU N 61 0.36 25.03 44.53
N PHE N 62 1.27 25.98 44.27
CA PHE N 62 0.87 27.37 44.13
C PHE N 62 -0.07 27.55 42.94
N VAL N 63 0.25 26.92 41.81
CA VAL N 63 -0.61 27.04 40.63
C VAL N 63 -1.99 26.45 40.92
N GLY N 64 -2.02 25.29 41.58
CA GLY N 64 -3.30 24.68 41.90
C GLY N 64 -4.17 25.55 42.79
N LEU N 65 -3.57 26.18 43.80
CA LEU N 65 -4.36 27.02 44.71
C LEU N 65 -4.76 28.33 44.03
N ALA N 66 -3.84 28.93 43.27
CA ALA N 66 -4.14 30.19 42.60
C ALA N 66 -5.19 30.03 41.53
N MET N 67 -5.31 28.85 40.93
CA MET N 67 -6.38 28.64 39.95
C MET N 67 -7.76 28.73 40.62
N ARG N 68 -7.91 28.11 41.79
CA ARG N 68 -9.17 28.21 42.53
C ARG N 68 -9.44 29.65 42.95
N ALA N 69 -8.41 30.33 43.45
CA ALA N 69 -8.60 31.73 43.85
C ALA N 69 -9.01 32.59 42.65
N PHE N 70 -8.38 32.35 41.49
CA PHE N 70 -8.72 33.08 40.28
C PHE N 70 -10.16 32.83 39.87
N ASP N 71 -10.60 31.56 39.94
CA ASP N 71 -11.98 31.25 39.59
C ASP N 71 -12.97 31.97 40.50
N TYR N 72 -12.71 31.94 41.81
CA TYR N 72 -13.63 32.57 42.76
C TYR N 72 -13.69 34.07 42.55
N ALA N 73 -12.52 34.71 42.39
CA ALA N 73 -12.49 36.15 42.20
C ALA N 73 -13.12 36.56 40.87
N LEU N 74 -12.90 35.79 39.82
CA LEU N 74 -13.53 36.08 38.53
C LEU N 74 -15.04 35.96 38.62
N HIS N 75 -15.56 35.05 39.39
CA HIS N 75 -17.00 34.96 39.54
C HIS N 75 -17.54 36.08 40.35
N ILE N 76 -16.81 36.54 41.34
CA ILE N 76 -17.27 37.73 42.07
C ILE N 76 -17.28 38.96 41.15
N ALA N 77 -16.22 39.13 40.36
CA ALA N 77 -16.16 40.27 39.45
C ALA N 77 -17.26 40.21 38.40
N GLU N 78 -17.53 39.02 37.86
CA GLU N 78 -18.62 38.89 36.88
C GLU N 78 -19.97 39.19 37.51
N ARG N 79 -20.19 38.73 38.75
CA ARG N 79 -21.42 39.05 39.45
C ARG N 79 -21.57 40.55 39.63
N GLY N 80 -20.47 41.24 39.99
CA GLY N 80 -20.52 42.68 40.12
C GLY N 80 -20.80 43.38 38.81
N LYS N 81 -20.22 42.88 37.72
CA LYS N 81 -20.46 43.47 36.40
C LYS N 81 -21.90 43.28 35.96
N GLU N 82 -22.48 42.11 36.25
CA GLU N 82 -23.85 41.84 35.80
C GLU N 82 -24.86 42.78 36.47
N MET N 83 -24.59 43.19 37.70
CA MET N 83 -25.41 44.18 38.39
C MET N 83 -24.75 45.55 38.27
N GLY N 84 -25.26 46.51 39.02
CA GLY N 84 -24.78 47.88 38.91
C GLY N 84 -23.80 48.30 39.99
N ILE N 85 -22.88 47.42 40.36
CA ILE N 85 -21.87 47.70 41.36
C ILE N 85 -20.49 47.54 40.72
N PRO N 86 -19.87 48.64 40.27
CA PRO N 86 -18.46 48.56 39.86
C PRO N 86 -17.51 48.28 41.01
N THR N 87 -17.95 48.46 42.26
CA THR N 87 -17.08 48.20 43.41
C THR N 87 -16.75 46.72 43.54
N LEU N 88 -17.69 45.84 43.17
CA LEU N 88 -17.46 44.40 43.31
C LEU N 88 -16.33 43.93 42.41
N VAL N 89 -16.10 44.58 41.27
CA VAL N 89 -14.99 44.20 40.40
C VAL N 89 -13.66 44.46 41.10
N GLU N 90 -13.51 45.66 41.66
CA GLU N 90 -12.27 46.00 42.37
C GLU N 90 -12.09 45.12 43.59
N MET N 91 -13.18 44.78 44.28
CA MET N 91 -13.06 43.95 45.47
C MET N 91 -12.73 42.51 45.11
N GLY N 92 -13.21 42.02 43.96
CA GLY N 92 -12.76 40.73 43.47
C GLY N 92 -11.29 40.74 43.11
N LYS N 93 -10.81 41.83 42.52
CA LYS N 93 -9.37 41.95 42.26
C LYS N 93 -8.57 41.90 43.55
N ILE N 94 -9.03 42.62 44.59
CA ILE N 94 -8.36 42.59 45.89
C ILE N 94 -8.35 41.18 46.46
N LEU N 95 -9.49 40.50 46.36
CA LEU N 95 -9.58 39.13 46.87
C LEU N 95 -8.61 38.20 46.15
N PHE N 96 -8.51 38.33 44.82
CA PHE N 96 -7.56 37.48 44.11
C PHE N 96 -6.13 37.80 44.51
N LYS N 97 -5.81 39.09 44.67
CA LYS N 97 -4.47 39.46 45.09
C LYS N 97 -4.10 38.79 46.40
N TYR N 98 -5.00 38.86 47.38
CA TYR N 98 -4.66 38.30 48.68
C TYR N 98 -4.75 36.78 48.69
N GLY N 99 -5.62 36.18 47.87
CA GLY N 99 -5.62 34.73 47.74
C GLY N 99 -4.35 34.21 47.10
N ALA N 100 -3.83 34.92 46.10
CA ALA N 100 -2.55 34.55 45.51
C ALA N 100 -1.42 34.70 46.51
N LYS N 101 -1.46 35.77 47.32
CA LYS N 101 -0.46 35.92 48.38
C LYS N 101 -0.52 34.74 49.36
N LEU N 102 -1.71 34.36 49.78
CA LEU N 102 -1.86 33.23 50.70
C LEU N 102 -1.39 31.93 50.08
N ALA N 103 -1.72 31.71 48.80
CA ALA N 103 -1.28 30.50 48.11
C ALA N 103 0.24 30.44 48.01
N ALA N 104 0.88 31.58 47.71
CA ALA N 104 2.33 31.62 47.66
C ALA N 104 2.94 31.33 49.01
N GLU N 105 2.37 31.88 50.08
CA GLU N 105 2.87 31.59 51.42
C GLU N 105 2.71 30.12 51.78
N LEU N 106 1.56 29.52 51.42
CA LEU N 106 1.35 28.11 51.69
C LEU N 106 2.34 27.24 50.94
N ALA N 107 2.59 27.57 49.66
CA ALA N 107 3.56 26.81 48.89
C ALA N 107 4.97 26.95 49.47
N LEU N 108 5.32 28.17 49.90
CA LEU N 108 6.64 28.38 50.49
C LEU N 108 6.80 27.65 51.81
N ALA N 109 5.72 27.53 52.59
CA ALA N 109 5.78 26.86 53.88
C ALA N 109 5.94 25.34 53.77
N GLY N 110 5.78 24.78 52.57
CA GLY N 110 5.94 23.35 52.39
C GLY N 110 4.77 22.51 52.84
N LYS N 111 3.58 23.10 52.99
CA LYS N 111 2.41 22.34 53.38
C LYS N 111 2.03 21.35 52.28
N SER N 112 1.43 20.24 52.70
CA SER N 112 0.99 19.24 51.74
C SER N 112 -0.26 19.72 51.02
N GLU N 113 -0.62 19.00 49.95
CA GLU N 113 -1.70 19.43 49.07
C GLU N 113 -3.06 19.39 49.74
N GLU N 114 -3.22 18.65 50.85
CA GLU N 114 -4.51 18.55 51.51
C GLU N 114 -4.75 19.72 52.46
N GLU N 115 -3.79 20.03 53.33
CA GLU N 115 -3.95 21.15 54.24
C GLU N 115 -4.02 22.47 53.48
N ALA N 116 -3.24 22.59 52.40
CA ALA N 116 -3.29 23.81 51.59
C ALA N 116 -4.67 23.99 50.97
N ARG N 117 -5.25 22.91 50.44
CA ARG N 117 -6.59 23.00 49.86
C ARG N 117 -7.62 23.36 50.92
N ALA N 118 -7.53 22.74 52.10
CA ALA N 118 -8.48 23.06 53.17
C ALA N 118 -8.36 24.52 53.59
N ALA N 119 -7.12 25.02 53.73
CA ALA N 119 -6.91 26.41 54.10
C ALA N 119 -7.45 27.36 53.06
N MET N 120 -7.24 27.04 51.78
CA MET N 120 -7.77 27.90 50.72
C MET N 120 -9.30 27.91 50.72
N ASP N 121 -9.92 26.76 50.96
CA ASP N 121 -11.38 26.71 51.04
C ASP N 121 -11.89 27.54 52.22
N ARG N 122 -11.24 27.44 53.37
CA ARG N 122 -11.64 28.24 54.53
C ARG N 122 -11.48 29.73 54.24
N PHE N 123 -10.37 30.10 53.60
CA PHE N 123 -10.15 31.50 53.24
C PHE N 123 -11.24 32.02 52.32
N LEU N 124 -11.61 31.23 51.31
CA LEU N 124 -12.66 31.65 50.38
C LEU N 124 -14.00 31.79 51.08
N SER N 125 -14.33 30.84 51.97
CA SER N 125 -15.60 30.92 52.70
C SER N 125 -15.65 32.16 53.59
N LEU N 126 -14.55 32.45 54.29
CA LEU N 126 -14.56 33.63 55.16
C LEU N 126 -14.56 34.92 54.37
N SER N 127 -13.93 34.94 53.19
CA SER N 127 -14.05 36.11 52.32
C SER N 127 -15.49 36.29 51.85
N ASP N 128 -16.18 35.18 51.58
CA ASP N 128 -17.61 35.24 51.27
C ASP N 128 -18.40 35.87 52.42
N TYR N 129 -18.08 35.46 53.65
CA TYR N 129 -18.72 36.03 54.83
C TYR N 129 -18.51 37.54 54.89
N LEU N 130 -17.26 37.98 54.70
CA LEU N 130 -16.98 39.41 54.74
C LEU N 130 -17.66 40.15 53.60
N LEU N 131 -17.75 39.53 52.43
CA LEU N 131 -18.45 40.12 51.29
C LEU N 131 -19.91 40.41 51.63
N GLU N 132 -20.61 39.40 52.13
CA GLU N 132 -22.02 39.58 52.44
C GLU N 132 -22.23 40.46 53.66
N ARG N 133 -21.23 40.60 54.53
CA ARG N 133 -21.35 41.56 55.62
C ARG N 133 -21.09 42.99 55.15
N LEU N 134 -20.32 43.17 54.07
CA LEU N 134 -20.00 44.51 53.60
C LEU N 134 -20.92 45.01 52.49
N LEU N 135 -21.71 44.14 51.88
CA LEU N 135 -22.58 44.57 50.78
C LEU N 135 -23.55 45.69 51.14
N PRO N 136 -24.25 45.69 52.28
CA PRO N 136 -25.15 46.82 52.57
C PRO N 136 -24.44 48.16 52.60
N TYR N 137 -23.21 48.21 53.12
CA TYR N 137 -22.46 49.45 53.11
C TYR N 137 -22.15 49.87 51.69
N ILE N 138 -21.87 48.90 50.81
CA ILE N 138 -21.62 49.22 49.41
C ILE N 138 -22.85 49.86 48.78
N GLU N 139 -24.03 49.27 49.02
CA GLU N 139 -25.23 49.83 48.41
C GLU N 139 -25.57 51.20 48.99
N LEU N 140 -25.35 51.40 50.29
CA LEU N 140 -25.58 52.71 50.89
C LEU N 140 -24.63 53.76 50.32
N ALA N 141 -23.36 53.39 50.13
CA ALA N 141 -22.40 54.33 49.56
C ALA N 141 -22.75 54.66 48.12
N GLU N 142 -23.19 53.67 47.35
CA GLU N 142 -23.52 53.92 45.95
C GLU N 142 -24.82 54.70 45.81
N ARG N 143 -25.71 54.60 46.79
CA ARG N 143 -26.94 55.38 46.74
C ARG N 143 -26.67 56.88 46.82
N MET N 144 -25.72 57.28 47.66
CA MET N 144 -25.41 58.70 47.86
C MET N 144 -24.36 59.22 46.90
N LYS N 145 -23.86 58.38 45.98
CA LYS N 145 -22.91 58.79 44.95
C LYS N 145 -21.68 59.45 45.57
N SER N 146 -21.14 58.81 46.61
CA SER N 146 -19.97 59.33 47.31
C SER N 146 -18.75 58.50 46.98
N PRO N 147 -17.80 59.01 46.19
CA PRO N 147 -16.56 58.24 45.95
C PRO N 147 -15.76 57.97 47.20
N ALA N 148 -15.80 58.88 48.18
CA ALA N 148 -15.04 58.69 49.41
C ALA N 148 -15.55 57.47 50.18
N LEU N 149 -16.86 57.29 50.23
CA LEU N 149 -17.42 56.13 50.94
C LEU N 149 -17.07 54.83 50.21
N GLN N 150 -17.08 54.84 48.88
CA GLN N 150 -16.66 53.66 48.13
C GLN N 150 -15.20 53.33 48.38
N GLU N 151 -14.34 54.35 48.42
CA GLU N 151 -12.94 54.14 48.75
C GLU N 151 -12.79 53.58 50.16
N LEU N 152 -13.58 54.08 51.11
CA LEU N 152 -13.51 53.58 52.48
C LEU N 152 -13.91 52.11 52.54
N VAL N 153 -14.96 51.72 51.80
CA VAL N 153 -15.38 50.33 51.79
C VAL N 153 -14.31 49.45 51.14
N LEU N 154 -13.70 49.92 50.05
CA LEU N 154 -12.60 49.19 49.43
C LEU N 154 -11.46 48.98 50.43
N TYR N 155 -11.11 50.03 51.17
CA TYR N 155 -10.03 49.93 52.14
C TYR N 155 -10.37 48.99 53.29
N ALA N 156 -11.62 49.03 53.76
CA ALA N 156 -12.06 48.11 54.79
C ALA N 156 -11.95 46.67 54.30
N PHE N 157 -12.34 46.41 53.06
CA PHE N 157 -12.21 45.06 52.51
C PHE N 157 -10.75 44.65 52.41
N LYS N 158 -9.87 45.57 52.02
CA LYS N 158 -8.45 45.25 51.88
C LYS N 158 -7.84 44.85 53.22
N GLU N 159 -8.05 45.66 54.26
CA GLU N 159 -7.57 45.29 55.60
C GLU N 159 -8.26 44.03 56.14
N GLY N 160 -9.54 43.83 55.84
CA GLY N 160 -10.17 42.58 56.23
C GLY N 160 -9.51 41.37 55.58
N MET N 161 -9.18 41.49 54.30
CA MET N 161 -8.46 40.42 53.60
C MET N 161 -7.08 40.20 54.20
N LYS N 162 -6.38 41.28 54.55
CA LYS N 162 -5.08 41.16 55.21
C LYS N 162 -5.20 40.35 56.50
N LEU N 163 -6.14 40.74 57.37
CA LEU N 163 -6.29 40.04 58.65
C LEU N 163 -6.71 38.60 58.44
N LEU N 164 -7.62 38.35 57.49
CA LEU N 164 -8.08 36.99 57.24
C LEU N 164 -6.95 36.11 56.74
N ALA N 165 -6.13 36.62 55.81
CA ALA N 165 -5.01 35.85 55.31
C ALA N 165 -4.00 35.55 56.41
N GLU N 166 -3.71 36.55 57.25
CA GLU N 166 -2.76 36.33 58.34
C GLU N 166 -3.28 35.28 59.32
N LEU N 167 -4.57 35.35 59.66
CA LEU N 167 -5.15 34.38 60.59
C LEU N 167 -5.17 32.98 60.00
N ILE N 168 -5.52 32.86 58.72
CA ILE N 168 -5.51 31.55 58.07
C ILE N 168 -4.10 30.98 58.04
N LEU N 169 -3.10 31.82 57.75
CA LEU N 169 -1.72 31.36 57.76
C LEU N 169 -1.31 30.89 59.16
N ALA N 170 -1.71 31.63 60.19
CA ALA N 170 -1.33 31.27 61.55
C ALA N 170 -1.98 29.98 62.01
N GLY N 171 -3.02 29.52 61.33
CA GLY N 171 -3.67 28.28 61.70
C GLY N 171 -4.63 28.42 62.87
N LYS N 172 -5.67 29.23 62.70
CA LYS N 172 -6.68 29.45 63.72
C LYS N 172 -8.02 28.89 63.26
N SER N 173 -8.87 28.57 64.24
CA SER N 173 -10.18 28.03 63.94
C SER N 173 -11.09 29.12 63.37
N ASP N 174 -12.16 28.68 62.71
CA ASP N 174 -13.08 29.60 62.06
C ASP N 174 -13.84 30.49 63.02
N GLU N 175 -14.13 30.03 64.24
CA GLU N 175 -14.87 30.82 65.21
C GLU N 175 -14.10 32.06 65.65
N GLU N 176 -12.80 31.92 65.94
CA GLU N 176 -11.99 33.07 66.31
C GLU N 176 -11.91 34.07 65.16
N ILE N 177 -11.73 33.57 63.94
CA ILE N 177 -11.67 34.46 62.78
C ILE N 177 -12.98 35.22 62.62
N GLN N 178 -14.11 34.52 62.78
CA GLN N 178 -15.41 35.16 62.63
C GLN N 178 -15.64 36.20 63.73
N ALA N 179 -15.21 35.91 64.96
CA ALA N 179 -15.33 36.89 66.03
C ALA N 179 -14.48 38.13 65.76
N LYS N 180 -13.26 37.92 65.28
CA LYS N 180 -12.39 39.05 64.94
C LYS N 180 -13.00 39.88 63.81
N LEU N 181 -13.59 39.22 62.82
CA LEU N 181 -14.26 39.94 61.75
C LEU N 181 -15.44 40.73 62.27
N ASP N 182 -16.15 40.16 63.23
CA ASP N 182 -17.28 40.85 63.82
C ASP N 182 -16.83 42.12 64.53
N ALA N 183 -15.75 42.03 65.29
CA ALA N 183 -15.22 43.22 65.97
C ALA N 183 -14.75 44.26 64.96
N PHE N 184 -14.08 43.82 63.90
CA PHE N 184 -13.59 44.75 62.88
C PHE N 184 -14.75 45.47 62.20
N LEU N 185 -15.82 44.74 61.90
CA LEU N 185 -16.99 45.38 61.27
C LEU N 185 -17.72 46.29 62.24
N ALA N 186 -17.72 45.96 63.54
CA ALA N 186 -18.29 46.85 64.53
C ALA N 186 -17.55 48.19 64.55
N GLY N 187 -16.21 48.14 64.47
CA GLY N 187 -15.45 49.38 64.34
C GLY N 187 -15.69 50.08 63.03
N PHE N 188 -15.81 49.32 61.93
CA PHE N 188 -16.02 49.92 60.63
C PHE N 188 -17.36 50.62 60.53
N ASP N 189 -18.35 50.18 61.30
CA ASP N 189 -19.63 50.89 61.32
C ASP N 189 -19.45 52.33 61.79
N VAL N 190 -18.71 52.52 62.89
CA VAL N 190 -18.44 53.86 63.39
C VAL N 190 -17.60 54.64 62.40
N ALA N 191 -16.60 54.00 61.81
CA ALA N 191 -15.77 54.68 60.83
C ALA N 191 -16.60 55.17 59.64
N PHE N 192 -17.49 54.32 59.14
CA PHE N 192 -18.33 54.66 58.01
C PHE N 192 -19.29 55.79 58.34
N GLU N 193 -19.91 55.75 59.53
CA GLU N 193 -20.84 56.82 59.89
C GLU N 193 -20.10 58.15 60.02
N PHE N 194 -18.91 58.14 60.62
CA PHE N 194 -18.13 59.36 60.72
C PHE N 194 -17.78 59.90 59.34
N THR N 195 -17.29 59.03 58.46
CA THR N 195 -16.89 59.48 57.13
C THR N 195 -18.09 60.03 56.35
N LEU N 196 -19.24 59.38 56.45
CA LEU N 196 -20.43 59.86 55.77
C LEU N 196 -20.87 61.21 56.31
N ASP N 197 -20.84 61.37 57.63
CA ASP N 197 -21.25 62.63 58.25
C ASP N 197 -20.37 63.77 57.74
N ILE N 198 -19.05 63.55 57.71
CA ILE N 198 -18.15 64.59 57.22
C ILE N 198 -18.37 64.84 55.73
N ASP N 199 -18.51 63.78 54.95
CA ASP N 199 -18.51 63.89 53.49
C ASP N 199 -19.77 64.58 52.98
N VAL N 200 -20.92 64.38 53.63
CA VAL N 200 -22.14 65.03 53.17
C VAL N 200 -21.98 66.54 53.20
N ILE N 201 -21.53 67.08 54.33
CA ILE N 201 -21.36 68.52 54.45
C ILE N 201 -20.18 69.00 53.60
N GLY N 202 -19.16 68.15 53.42
CA GLY N 202 -18.05 68.54 52.56
C GLY N 202 -18.48 68.71 51.11
N ARG N 203 -19.33 67.81 50.62
CA ARG N 203 -19.79 67.90 49.23
C ARG N 203 -20.83 68.99 49.07
N GLU N 204 -21.71 69.18 50.06
CA GLU N 204 -22.75 70.19 49.93
C GLU N 204 -22.18 71.60 49.95
N LEU N 205 -21.16 71.85 50.78
CA LEU N 205 -20.57 73.17 50.88
C LEU N 205 -19.53 73.45 49.80
N ASP N 206 -19.21 72.46 48.96
CA ASP N 206 -18.26 72.62 47.86
C ASP N 206 -16.87 72.99 48.38
N ILE N 207 -16.35 72.12 49.24
CA ILE N 207 -14.98 72.27 49.77
C ILE N 207 -14.29 70.92 49.67
N PRO N 208 -13.44 70.68 48.67
CA PRO N 208 -12.79 69.37 48.54
C PRO N 208 -11.92 69.00 49.72
N GLU N 209 -11.32 69.98 50.40
CA GLU N 209 -10.45 69.68 51.54
C GLU N 209 -11.21 68.91 52.62
N LEU N 210 -12.49 69.23 52.81
CA LEU N 210 -13.30 68.48 53.76
C LEU N 210 -13.44 67.02 53.32
N VAL N 211 -13.59 66.78 52.02
CA VAL N 211 -13.70 65.42 51.52
C VAL N 211 -12.39 64.65 51.74
N GLU N 212 -11.26 65.28 51.46
CA GLU N 212 -9.97 64.62 51.71
C GLU N 212 -9.79 64.32 53.19
N PHE N 213 -10.15 65.27 54.06
CA PHE N 213 -10.07 65.04 55.49
C PHE N 213 -10.95 63.88 55.91
N ALA N 214 -12.17 63.82 55.37
CA ALA N 214 -13.09 62.73 55.70
C ALA N 214 -12.50 61.39 55.30
N LEU N 215 -11.95 61.29 54.09
CA LEU N 215 -11.39 60.04 53.62
C LEU N 215 -10.19 59.63 54.48
N GLU N 216 -9.29 60.58 54.77
CA GLU N 216 -8.09 60.26 55.54
C GLU N 216 -8.46 59.80 56.95
N LYS N 217 -9.37 60.51 57.61
CA LYS N 217 -9.71 60.16 58.98
C LYS N 217 -10.56 58.89 59.04
N GLY N 218 -11.37 58.62 58.01
CA GLY N 218 -12.05 57.35 57.94
C GLY N 218 -11.09 56.19 57.77
N LYS N 219 -10.06 56.37 56.96
CA LYS N 219 -9.03 55.35 56.83
C LYS N 219 -8.31 55.14 58.16
N GLU N 220 -8.02 56.23 58.87
CA GLU N 220 -7.39 56.11 60.18
C GLU N 220 -8.28 55.33 61.16
N LEU N 221 -9.58 55.63 61.16
CA LEU N 221 -10.51 54.92 62.04
C LEU N 221 -10.59 53.45 61.67
N VAL N 222 -10.60 53.13 60.38
CA VAL N 222 -10.65 51.74 59.95
C VAL N 222 -9.38 51.00 60.38
N LYS N 223 -8.23 51.65 60.24
CA LYS N 223 -6.98 51.04 60.71
C LYS N 223 -7.02 50.80 62.21
N LEU N 224 -7.52 51.78 62.98
CA LEU N 224 -7.61 51.60 64.43
C LEU N 224 -8.53 50.44 64.78
N ALA N 225 -9.67 50.34 64.09
CA ALA N 225 -10.58 49.23 64.34
C ALA N 225 -9.95 47.89 64.00
N LEU N 226 -9.17 47.84 62.91
CA LEU N 226 -8.49 46.61 62.55
C LEU N 226 -7.47 46.20 63.61
N GLU N 227 -6.68 47.16 64.11
CA GLU N 227 -5.72 46.81 65.16
C GLU N 227 -6.40 46.38 66.44
N LEU N 228 -7.51 47.03 66.80
CA LEU N 228 -8.25 46.59 67.99
C LEU N 228 -8.80 45.18 67.81
N ALA N 229 -9.32 44.86 66.61
CA ALA N 229 -9.84 43.53 66.36
C ALA N 229 -8.74 42.48 66.39
N ARG N 230 -7.57 42.81 65.84
CA ARG N 230 -6.46 41.85 65.83
C ARG N 230 -5.99 41.53 67.25
N ALA N 231 -6.06 42.50 68.16
CA ALA N 231 -5.64 42.27 69.54
C ALA N 231 -6.58 41.35 70.30
N GLY N 232 -7.75 41.05 69.76
CA GLY N 232 -8.69 40.16 70.42
C GLY N 232 -9.78 40.83 71.23
N LYS N 233 -9.94 42.14 71.12
CA LYS N 233 -10.96 42.83 71.89
C LYS N 233 -12.35 42.47 71.39
N SER N 234 -13.32 42.57 72.29
CA SER N 234 -14.71 42.34 71.93
C SER N 234 -15.21 43.49 71.05
N PRO N 235 -16.26 43.25 70.26
CA PRO N 235 -16.76 44.32 69.38
C PRO N 235 -17.18 45.58 70.12
N GLU N 236 -17.66 45.46 71.36
CA GLU N 236 -18.05 46.64 72.13
C GLU N 236 -16.85 47.52 72.44
N GLU N 237 -15.73 46.92 72.83
CA GLU N 237 -14.53 47.70 73.11
C GLU N 237 -14.02 48.41 71.85
N VAL N 238 -14.04 47.71 70.73
CA VAL N 238 -13.65 48.33 69.45
C VAL N 238 -14.57 49.49 69.13
N LYS N 239 -15.88 49.30 69.32
CA LYS N 239 -16.83 50.37 69.06
C LYS N 239 -16.54 51.59 69.92
N ALA N 240 -16.27 51.36 71.22
CA ALA N 240 -16.01 52.49 72.13
C ALA N 240 -14.73 53.22 71.75
N ALA N 241 -13.67 52.48 71.45
CA ALA N 241 -12.40 53.12 71.10
C ALA N 241 -12.51 53.90 69.80
N VAL N 242 -13.18 53.32 68.80
CA VAL N 242 -13.35 54.02 67.52
C VAL N 242 -14.24 55.24 67.71
N LYS N 243 -15.24 55.16 68.58
CA LYS N 243 -16.09 56.31 68.84
C LYS N 243 -15.32 57.45 69.50
N ALA N 244 -14.45 57.12 70.46
CA ALA N 244 -13.63 58.16 71.09
C ALA N 244 -12.69 58.82 70.09
N ARG N 245 -12.03 57.99 69.27
CA ARG N 245 -11.12 58.54 68.26
C ARG N 245 -11.90 59.39 67.25
N GLY N 246 -13.12 58.96 66.91
CA GLY N 246 -13.95 59.74 66.02
C GLY N 246 -14.38 61.07 66.63
N GLU N 247 -14.62 61.09 67.94
CA GLU N 247 -14.94 62.36 68.60
C GLU N 247 -13.76 63.33 68.51
N GLU N 248 -12.55 62.84 68.77
CA GLU N 248 -11.37 63.69 68.64
C GLU N 248 -11.20 64.19 67.21
N LEU N 249 -11.33 63.28 66.24
CA LEU N 249 -11.20 63.68 64.84
C LEU N 249 -12.32 64.61 64.43
N HIS N 250 -13.49 64.52 65.07
CA HIS N 250 -14.58 65.43 64.75
C HIS N 250 -14.32 66.83 65.29
N LYS N 251 -13.67 66.92 66.45
CA LYS N 251 -13.22 68.24 66.92
C LYS N 251 -12.20 68.84 65.94
N GLU N 252 -11.27 68.01 65.47
CA GLU N 252 -10.28 68.47 64.49
C GLU N 252 -11.01 68.93 63.22
N PHE N 253 -12.00 68.16 62.78
CA PHE N 253 -12.80 68.53 61.63
C PHE N 253 -13.52 69.85 61.83
N GLU N 254 -14.06 70.08 63.03
CA GLU N 254 -14.74 71.34 63.30
C GLU N 254 -13.78 72.51 63.13
N LYS N 255 -12.57 72.38 63.68
CA LYS N 255 -11.56 73.42 63.48
C LYS N 255 -11.29 73.65 61.99
N LEU N 256 -11.02 72.57 61.25
CA LEU N 256 -10.65 72.70 59.84
C LEU N 256 -11.79 73.29 59.01
N ALA N 257 -13.03 72.84 59.26
CA ALA N 257 -14.18 73.34 58.52
C ALA N 257 -14.42 74.81 58.81
N LEU N 258 -14.27 75.21 60.08
CA LEU N 258 -14.42 76.63 60.41
C LEU N 258 -13.37 77.47 59.69
N LYS N 259 -12.12 77.01 59.67
CA LYS N 259 -11.07 77.73 58.96
C LYS N 259 -11.39 77.83 57.47
N GLU N 260 -11.82 76.73 56.85
CA GLU N 260 -12.11 76.74 55.43
C GLU N 260 -13.30 77.63 55.10
N TYR N 261 -14.32 77.63 55.96
CA TYR N 261 -15.48 78.49 55.72
C TYR N 261 -15.10 79.96 55.83
N PHE N 262 -14.26 80.32 56.80
CA PHE N 262 -13.80 81.71 56.85
C PHE N 262 -12.91 82.06 55.66
N LYS N 263 -12.11 81.11 55.18
CA LYS N 263 -11.30 81.38 53.99
C LYS N 263 -12.19 81.65 52.77
N ARG N 264 -13.24 80.85 52.60
CA ARG N 264 -14.12 81.03 51.45
C ARG N 264 -14.97 82.29 51.58
N ARG N 265 -15.48 82.58 52.78
CA ARG N 265 -16.39 83.70 52.97
C ARG N 265 -15.71 85.03 52.70
N LEU N 266 -14.46 85.19 53.16
CA LEU N 266 -13.73 86.43 52.97
C LEU N 266 -13.14 86.58 51.58
N GLY N 267 -13.32 85.59 50.71
CA GLY N 267 -12.76 85.64 49.37
C GLY N 267 -11.32 85.18 49.25
N LEU N 268 -10.75 84.64 50.32
CA LEU N 268 -9.37 84.16 50.29
C LEU N 268 -9.27 82.87 49.49
N GLY O 20 3.72 -78.59 -46.03
CA GLY O 20 4.79 -79.06 -46.90
C GLY O 20 6.17 -78.66 -46.43
N PRO O 21 7.04 -79.63 -46.18
CA PRO O 21 8.41 -79.32 -45.74
C PRO O 21 9.22 -78.73 -46.88
N GLY O 22 9.65 -77.49 -46.72
CA GLY O 22 10.40 -76.81 -47.75
C GLY O 22 9.50 -75.99 -48.67
N GLY O 23 10.08 -74.95 -49.26
CA GLY O 23 9.34 -74.06 -50.12
C GLY O 23 9.48 -72.61 -49.72
N THR O 24 9.10 -71.70 -50.62
CA THR O 24 9.20 -70.27 -50.34
C THR O 24 8.16 -69.86 -49.30
N MET O 25 8.36 -68.67 -48.74
CA MET O 25 7.45 -68.16 -47.72
C MET O 25 6.04 -67.97 -48.28
N ALA O 26 5.94 -67.43 -49.50
CA ALA O 26 4.63 -67.19 -50.10
C ALA O 26 3.91 -68.49 -50.47
N ALA O 27 4.66 -69.57 -50.70
CA ALA O 27 4.03 -70.83 -51.09
C ALA O 27 3.32 -71.52 -49.94
N GLU O 28 3.82 -71.36 -48.70
CA GLU O 28 3.20 -72.01 -47.56
C GLU O 28 1.79 -71.47 -47.31
N GLU O 29 1.63 -70.14 -47.38
CA GLU O 29 0.31 -69.55 -47.20
C GLU O 29 -0.66 -70.02 -48.27
N MET O 30 -0.18 -70.11 -49.51
CA MET O 30 -1.03 -70.58 -50.60
C MET O 30 -1.41 -72.04 -50.40
N GLU O 31 -0.48 -72.87 -49.93
CA GLU O 31 -0.81 -74.26 -49.63
C GLU O 31 -1.86 -74.35 -48.53
N LYS O 32 -1.73 -73.52 -47.49
CA LYS O 32 -2.73 -73.50 -46.43
C LYS O 32 -4.10 -73.10 -46.98
N ILE O 33 -4.14 -72.08 -47.85
CA ILE O 33 -5.39 -71.66 -48.44
C ILE O 33 -6.00 -72.79 -49.26
N PHE O 34 -5.18 -73.48 -50.04
CA PHE O 34 -5.68 -74.59 -50.86
C PHE O 34 -6.25 -75.70 -50.00
N ARG O 35 -5.55 -76.07 -48.92
CA ARG O 35 -6.05 -77.12 -48.04
C ARG O 35 -7.36 -76.71 -47.37
N ASP O 36 -7.45 -75.46 -46.92
CA ASP O 36 -8.67 -74.98 -46.30
C ASP O 36 -9.85 -75.00 -47.28
N LYS O 37 -9.60 -74.54 -48.51
CA LYS O 37 -10.66 -74.53 -49.51
C LYS O 37 -11.10 -75.94 -49.87
N LEU O 38 -10.16 -76.87 -49.99
CA LEU O 38 -10.51 -78.26 -50.29
C LEU O 38 -11.34 -78.86 -49.16
N PHE O 39 -10.94 -78.63 -47.91
CA PHE O 39 -11.66 -79.19 -46.78
C PHE O 39 -13.09 -78.65 -46.72
N HIS O 40 -13.25 -77.33 -46.93
CA HIS O 40 -14.58 -76.76 -46.85
C HIS O 40 -15.43 -77.13 -48.07
N LEU O 41 -14.80 -77.32 -49.23
CA LEU O 41 -15.54 -77.83 -50.39
C LEU O 41 -16.05 -79.24 -50.12
N HIS O 42 -15.23 -80.09 -49.49
CA HIS O 42 -15.70 -81.42 -49.13
C HIS O 42 -16.85 -81.35 -48.14
N GLN O 43 -16.76 -80.44 -47.16
CA GLN O 43 -17.87 -80.26 -46.22
C GLN O 43 -19.14 -79.85 -46.96
N LYS O 44 -19.03 -78.91 -47.89
CA LYS O 44 -20.20 -78.44 -48.63
C LYS O 44 -20.80 -79.55 -49.48
N LEU O 45 -19.95 -80.35 -50.12
CA LEU O 45 -20.45 -81.46 -50.93
C LEU O 45 -21.14 -82.50 -50.06
N ASP O 46 -20.58 -82.80 -48.88
CA ASP O 46 -21.22 -83.74 -47.97
C ASP O 46 -22.57 -83.22 -47.53
N GLU O 47 -22.64 -81.92 -47.18
CA GLU O 47 -23.89 -81.33 -46.73
C GLU O 47 -24.93 -81.36 -47.85
N ALA O 48 -24.51 -81.10 -49.08
CA ALA O 48 -25.45 -81.06 -50.20
C ALA O 48 -26.08 -82.43 -50.47
N GLY O 49 -25.45 -83.50 -50.00
CA GLY O 49 -25.98 -84.83 -50.24
C GLY O 49 -25.86 -85.28 -51.67
N LYS O 50 -24.61 -85.48 -52.13
CA LYS O 50 -24.33 -85.90 -53.48
C LYS O 50 -23.73 -87.30 -53.49
N SER O 51 -23.76 -87.91 -54.68
CA SER O 51 -23.23 -89.26 -54.83
C SER O 51 -21.71 -89.26 -54.70
N ALA O 52 -21.16 -90.44 -54.43
CA ALA O 52 -19.71 -90.56 -54.26
C ALA O 52 -18.97 -90.22 -55.55
N GLU O 53 -19.48 -90.67 -56.70
CA GLU O 53 -18.83 -90.36 -57.98
C GLU O 53 -18.88 -88.86 -58.26
N GLU O 54 -20.01 -88.22 -57.96
CA GLU O 54 -20.10 -86.77 -58.13
C GLU O 54 -19.12 -86.03 -57.22
N ILE O 55 -18.99 -86.51 -55.98
CA ILE O 55 -18.04 -85.90 -55.06
C ILE O 55 -16.62 -86.05 -55.59
N ALA O 56 -16.28 -87.23 -56.10
CA ALA O 56 -14.94 -87.45 -56.63
C ALA O 56 -14.66 -86.57 -57.84
N LYS O 57 -15.64 -86.44 -58.74
CA LYS O 57 -15.42 -85.60 -59.92
C LYS O 57 -15.32 -84.13 -59.54
N ALA O 58 -16.11 -83.69 -58.57
CA ALA O 58 -15.98 -82.32 -58.08
C ALA O 58 -14.62 -82.07 -57.47
N VAL O 59 -14.13 -83.04 -56.68
CA VAL O 59 -12.83 -82.88 -56.03
C VAL O 59 -11.72 -82.80 -57.08
N GLU O 60 -11.76 -83.68 -58.08
CA GLU O 60 -10.71 -83.68 -59.09
C GLU O 60 -10.76 -82.41 -59.94
N LEU O 61 -11.96 -81.93 -60.27
CA LEU O 61 -12.08 -80.68 -61.01
C LEU O 61 -11.53 -79.51 -60.21
N PHE O 62 -11.86 -79.45 -58.92
CA PHE O 62 -11.37 -78.37 -58.07
C PHE O 62 -9.85 -78.40 -57.96
N VAL O 63 -9.29 -79.60 -57.79
CA VAL O 63 -7.83 -79.71 -57.71
C VAL O 63 -7.19 -79.28 -59.03
N GLY O 64 -7.76 -79.70 -60.16
CA GLY O 64 -7.21 -79.33 -61.44
C GLY O 64 -7.20 -77.84 -61.69
N LEU O 65 -8.30 -77.17 -61.31
CA LEU O 65 -8.35 -75.72 -61.50
C LEU O 65 -7.45 -74.99 -60.50
N ALA O 66 -7.43 -75.46 -59.25
CA ALA O 66 -6.62 -74.82 -58.22
C ALA O 66 -5.14 -74.95 -58.51
N MET O 67 -4.71 -76.03 -59.16
CA MET O 67 -3.30 -76.16 -59.52
C MET O 67 -2.89 -75.08 -60.51
N ARG O 68 -3.71 -74.82 -61.52
CA ARG O 68 -3.41 -73.75 -62.47
C ARG O 68 -3.42 -72.39 -61.77
N ALA O 69 -4.41 -72.15 -60.90
CA ALA O 69 -4.44 -70.89 -60.17
C ALA O 69 -3.20 -70.72 -59.30
N PHE O 70 -2.80 -71.79 -58.62
CA PHE O 70 -1.61 -71.76 -57.77
C PHE O 70 -0.36 -71.46 -58.59
N ASP O 71 -0.22 -72.11 -59.75
CA ASP O 71 0.96 -71.87 -60.59
C ASP O 71 1.00 -70.41 -61.06
N TYR O 72 -0.14 -69.89 -61.50
CA TYR O 72 -0.18 -68.51 -61.98
C TYR O 72 0.15 -67.52 -60.86
N ALA O 73 -0.47 -67.70 -59.69
CA ALA O 73 -0.23 -66.78 -58.58
C ALA O 73 1.20 -66.89 -58.08
N LEU O 74 1.78 -68.09 -58.07
CA LEU O 74 3.18 -68.24 -57.68
C LEU O 74 4.10 -67.55 -58.67
N HIS O 75 3.77 -67.65 -59.97
CA HIS O 75 4.58 -66.93 -60.96
C HIS O 75 4.53 -65.43 -60.71
N ILE O 76 3.34 -64.89 -60.42
CA ILE O 76 3.22 -63.47 -60.13
C ILE O 76 4.01 -63.10 -58.88
N ALA O 77 3.94 -63.96 -57.84
CA ALA O 77 4.66 -63.68 -56.61
C ALA O 77 6.17 -63.68 -56.83
N GLU O 78 6.69 -64.63 -57.60
CA GLU O 78 8.12 -64.64 -57.90
C GLU O 78 8.52 -63.44 -58.74
N ARG O 79 7.66 -63.03 -59.68
CA ARG O 79 7.95 -61.83 -60.46
C ARG O 79 8.05 -60.62 -59.56
N GLY O 80 7.16 -60.49 -58.58
CA GLY O 80 7.26 -59.40 -57.63
C GLY O 80 8.47 -59.49 -56.74
N LYS O 81 8.84 -60.72 -56.34
CA LYS O 81 9.98 -60.91 -55.46
C LYS O 81 11.30 -60.59 -56.16
N GLU O 82 11.39 -60.84 -57.47
CA GLU O 82 12.61 -60.53 -58.20
C GLU O 82 12.91 -59.03 -58.15
N MET O 83 11.89 -58.21 -58.34
CA MET O 83 12.04 -56.77 -58.27
C MET O 83 11.90 -56.31 -56.81
N GLY O 84 11.83 -54.99 -56.61
CA GLY O 84 11.71 -54.45 -55.27
C GLY O 84 10.28 -54.09 -54.90
N ILE O 85 9.33 -54.97 -55.24
CA ILE O 85 7.91 -54.69 -55.06
C ILE O 85 7.30 -55.73 -54.14
N PRO O 86 7.31 -55.51 -52.82
CA PRO O 86 6.62 -56.45 -51.91
C PRO O 86 5.12 -56.49 -52.10
N THR O 87 4.53 -55.47 -52.72
CA THR O 87 3.08 -55.44 -52.91
C THR O 87 2.62 -56.54 -53.85
N LEU O 88 3.45 -56.91 -54.83
CA LEU O 88 3.05 -57.92 -55.81
C LEU O 88 2.90 -59.29 -55.17
N VAL O 89 3.65 -59.59 -54.10
CA VAL O 89 3.48 -60.86 -53.41
C VAL O 89 2.09 -60.94 -52.79
N GLU O 90 1.66 -59.86 -52.12
CA GLU O 90 0.32 -59.83 -51.55
C GLU O 90 -0.74 -59.90 -52.62
N MET O 91 -0.52 -59.22 -53.75
CA MET O 91 -1.49 -59.27 -54.84
C MET O 91 -1.59 -60.69 -55.41
N GLY O 92 -0.45 -61.39 -55.51
CA GLY O 92 -0.49 -62.77 -55.94
C GLY O 92 -1.23 -63.67 -54.96
N LYS O 93 -1.04 -63.45 -53.66
CA LYS O 93 -1.80 -64.20 -52.67
C LYS O 93 -3.30 -63.96 -52.82
N ILE O 94 -3.70 -62.71 -53.02
CA ILE O 94 -5.11 -62.39 -53.22
C ILE O 94 -5.64 -63.07 -54.47
N LEU O 95 -4.86 -63.03 -55.55
CA LEU O 95 -5.26 -63.68 -56.80
C LEU O 95 -5.45 -65.18 -56.59
N PHE O 96 -4.55 -65.82 -55.87
CA PHE O 96 -4.70 -67.25 -55.62
C PHE O 96 -5.93 -67.54 -54.77
N LYS O 97 -6.16 -66.72 -53.73
CA LYS O 97 -7.32 -66.94 -52.87
C LYS O 97 -8.61 -66.87 -53.68
N TYR O 98 -8.74 -65.87 -54.53
CA TYR O 98 -9.98 -65.72 -55.28
C TYR O 98 -10.08 -66.73 -56.42
N GLY O 99 -8.95 -67.15 -57.00
CA GLY O 99 -8.99 -68.23 -57.97
C GLY O 99 -9.42 -69.54 -57.35
N ALA O 100 -8.94 -69.84 -56.14
CA ALA O 100 -9.37 -71.03 -55.43
C ALA O 100 -10.85 -70.96 -55.09
N LYS O 101 -11.33 -69.78 -54.67
CA LYS O 101 -12.76 -69.62 -54.43
C LYS O 101 -13.58 -69.87 -55.69
N LEU O 102 -13.13 -69.32 -56.82
CA LEU O 102 -13.84 -69.53 -58.08
C LEU O 102 -13.82 -71.00 -58.48
N ALA O 103 -12.68 -71.68 -58.27
CA ALA O 103 -12.61 -73.11 -58.57
C ALA O 103 -13.57 -73.90 -57.70
N ALA O 104 -13.67 -73.55 -56.42
CA ALA O 104 -14.60 -74.23 -55.54
C ALA O 104 -16.05 -74.04 -56.00
N GLU O 105 -16.40 -72.81 -56.38
CA GLU O 105 -17.76 -72.58 -56.88
C GLU O 105 -18.02 -73.34 -58.18
N LEU O 106 -17.02 -73.39 -59.07
CA LEU O 106 -17.18 -74.13 -60.32
C LEU O 106 -17.38 -75.62 -60.05
N ALA O 107 -16.61 -76.18 -59.12
CA ALA O 107 -16.78 -77.58 -58.75
C ALA O 107 -18.15 -77.84 -58.14
N LEU O 108 -18.62 -76.91 -57.29
CA LEU O 108 -19.92 -77.09 -56.66
C LEU O 108 -21.05 -76.98 -57.67
N ALA O 109 -20.90 -76.15 -58.70
CA ALA O 109 -21.95 -75.93 -59.68
C ALA O 109 -22.14 -77.12 -60.61
N GLY O 110 -21.25 -78.10 -60.58
CA GLY O 110 -21.38 -79.24 -61.47
C GLY O 110 -20.91 -78.99 -62.89
N LYS O 111 -20.12 -77.95 -63.11
CA LYS O 111 -19.64 -77.64 -64.45
C LYS O 111 -18.68 -78.71 -64.93
N SER O 112 -18.64 -78.90 -66.25
CA SER O 112 -17.80 -79.92 -66.86
C SER O 112 -16.34 -79.43 -66.92
N GLU O 113 -15.46 -80.32 -67.36
CA GLU O 113 -14.03 -80.05 -67.36
C GLU O 113 -13.61 -79.02 -68.40
N GLU O 114 -14.49 -78.66 -69.33
CA GLU O 114 -14.14 -77.73 -70.40
C GLU O 114 -14.61 -76.31 -70.12
N GLU O 115 -15.88 -76.15 -69.73
CA GLU O 115 -16.37 -74.81 -69.38
C GLU O 115 -15.65 -74.25 -68.16
N ALA O 116 -15.37 -75.11 -67.18
CA ALA O 116 -14.62 -74.66 -66.01
C ALA O 116 -13.22 -74.20 -66.39
N ARG O 117 -12.54 -74.95 -67.27
CA ARG O 117 -11.21 -74.55 -67.70
C ARG O 117 -11.24 -73.23 -68.47
N ALA O 118 -12.24 -73.07 -69.35
CA ALA O 118 -12.37 -71.82 -70.09
C ALA O 118 -12.62 -70.65 -69.14
N ALA O 119 -13.49 -70.84 -68.16
CA ALA O 119 -13.77 -69.78 -67.19
C ALA O 119 -12.52 -69.43 -66.39
N MET O 120 -11.74 -70.44 -65.99
CA MET O 120 -10.50 -70.18 -65.27
C MET O 120 -9.51 -69.40 -66.13
N ASP O 121 -9.39 -69.76 -67.41
CA ASP O 121 -8.48 -69.03 -68.30
C ASP O 121 -8.91 -67.59 -68.47
N ARG O 122 -10.21 -67.35 -68.65
CA ARG O 122 -10.70 -65.98 -68.77
C ARG O 122 -10.46 -65.20 -67.48
N PHE O 123 -10.67 -65.84 -66.34
CA PHE O 123 -10.42 -65.19 -65.05
C PHE O 123 -8.95 -64.81 -64.92
N LEU O 124 -8.04 -65.69 -65.31
CA LEU O 124 -6.62 -65.38 -65.23
C LEU O 124 -6.25 -64.24 -66.16
N SER O 125 -6.79 -64.23 -67.38
CA SER O 125 -6.50 -63.14 -68.32
C SER O 125 -6.99 -61.81 -67.78
N LEU O 126 -8.21 -61.77 -67.24
CA LEU O 126 -8.74 -60.52 -66.72
C LEU O 126 -8.02 -60.09 -65.44
N SER O 127 -7.54 -61.04 -64.64
CA SER O 127 -6.71 -60.69 -63.50
C SER O 127 -5.40 -60.07 -63.95
N ASP O 128 -4.80 -60.58 -65.03
CA ASP O 128 -3.63 -59.93 -65.60
C ASP O 128 -3.94 -58.52 -66.07
N TYR O 129 -5.10 -58.34 -66.71
CA TYR O 129 -5.52 -57.00 -67.13
C TYR O 129 -5.57 -56.04 -65.94
N LEU O 130 -6.23 -56.46 -64.87
CA LEU O 130 -6.33 -55.62 -63.67
C LEU O 130 -4.96 -55.37 -63.05
N LEU O 131 -4.10 -56.39 -63.04
CA LEU O 131 -2.76 -56.24 -62.48
C LEU O 131 -1.96 -55.18 -63.25
N GLU O 132 -2.02 -55.24 -64.58
CA GLU O 132 -1.30 -54.26 -65.40
C GLU O 132 -1.87 -52.86 -65.19
N ARG O 133 -3.20 -52.76 -65.06
CA ARG O 133 -3.79 -51.44 -64.85
C ARG O 133 -3.44 -50.88 -63.47
N LEU O 134 -3.23 -51.75 -62.48
CA LEU O 134 -2.92 -51.30 -61.13
C LEU O 134 -1.43 -51.11 -60.86
N LEU O 135 -0.56 -51.63 -61.73
CA LEU O 135 0.88 -51.51 -61.49
C LEU O 135 1.38 -50.07 -61.38
N PRO O 136 0.99 -49.13 -62.25
CA PRO O 136 1.51 -47.75 -62.08
C PRO O 136 1.16 -47.13 -60.74
N TYR O 137 -0.02 -47.44 -60.18
CA TYR O 137 -0.36 -46.93 -58.86
C TYR O 137 0.55 -47.53 -57.80
N ILE O 138 0.91 -48.81 -57.94
CA ILE O 138 1.87 -49.42 -57.02
C ILE O 138 3.20 -48.70 -57.10
N GLU O 139 3.67 -48.40 -58.32
CA GLU O 139 4.94 -47.70 -58.47
C GLU O 139 4.89 -46.31 -57.84
N LEU O 140 3.78 -45.59 -58.07
CA LEU O 140 3.64 -44.25 -57.49
C LEU O 140 3.59 -44.30 -55.97
N ALA O 141 2.89 -45.28 -55.41
CA ALA O 141 2.81 -45.41 -53.96
C ALA O 141 4.17 -45.75 -53.37
N GLU O 142 4.93 -46.63 -54.03
CA GLU O 142 6.23 -47.01 -53.50
C GLU O 142 7.26 -45.89 -53.65
N ARG O 143 7.07 -45.02 -54.65
CA ARG O 143 8.00 -43.90 -54.83
C ARG O 143 7.95 -42.96 -53.63
N MET O 144 6.77 -42.68 -53.11
CA MET O 144 6.60 -41.76 -51.99
C MET O 144 6.61 -42.45 -50.63
N LYS O 145 6.87 -43.76 -50.59
CA LYS O 145 6.98 -44.51 -49.34
C LYS O 145 5.77 -44.31 -48.44
N SER O 146 4.60 -44.57 -49.01
CA SER O 146 3.34 -44.36 -48.30
C SER O 146 2.65 -45.70 -48.05
N PRO O 147 2.67 -46.24 -46.83
CA PRO O 147 1.95 -47.49 -46.57
C PRO O 147 0.46 -47.40 -46.81
N ALA O 148 -0.14 -46.23 -46.56
CA ALA O 148 -1.59 -46.09 -46.75
C ALA O 148 -1.98 -46.29 -48.20
N LEU O 149 -1.19 -45.75 -49.13
CA LEU O 149 -1.50 -45.94 -50.55
C LEU O 149 -1.30 -47.38 -50.97
N GLN O 150 -0.30 -48.06 -50.41
CA GLN O 150 -0.11 -49.47 -50.69
C GLN O 150 -1.31 -50.29 -50.21
N GLU O 151 -1.80 -50.01 -49.01
CA GLU O 151 -2.99 -50.69 -48.51
C GLU O 151 -4.20 -50.38 -49.38
N LEU O 152 -4.32 -49.14 -49.86
CA LEU O 152 -5.41 -48.77 -50.75
C LEU O 152 -5.37 -49.56 -52.05
N VAL O 153 -4.17 -49.71 -52.63
CA VAL O 153 -4.05 -50.46 -53.88
C VAL O 153 -4.37 -51.94 -53.64
N LEU O 154 -3.90 -52.49 -52.51
CA LEU O 154 -4.23 -53.89 -52.19
C LEU O 154 -5.73 -54.08 -52.04
N TYR O 155 -6.40 -53.15 -51.35
CA TYR O 155 -7.84 -53.25 -51.16
C TYR O 155 -8.58 -53.12 -52.48
N ALA O 156 -8.13 -52.22 -53.35
CA ALA O 156 -8.73 -52.10 -54.68
C ALA O 156 -8.57 -53.37 -55.48
N PHE O 157 -7.39 -54.00 -55.42
CA PHE O 157 -7.19 -55.26 -56.10
C PHE O 157 -8.11 -56.34 -55.55
N LYS O 158 -8.29 -56.38 -54.23
CA LYS O 158 -9.20 -57.35 -53.63
C LYS O 158 -10.63 -57.15 -54.11
N GLU O 159 -11.10 -55.90 -54.15
CA GLU O 159 -12.46 -55.64 -54.63
C GLU O 159 -12.60 -55.98 -56.11
N GLY O 160 -11.58 -55.67 -56.92
CA GLY O 160 -11.60 -56.07 -58.31
C GLY O 160 -11.66 -57.57 -58.49
N MET O 161 -10.92 -58.31 -57.65
CA MET O 161 -10.98 -59.76 -57.69
C MET O 161 -12.37 -60.27 -57.34
N LYS O 162 -12.99 -59.68 -56.31
CA LYS O 162 -14.36 -60.05 -55.96
C LYS O 162 -15.29 -59.86 -57.15
N LEU O 163 -15.26 -58.67 -57.75
CA LEU O 163 -16.15 -58.37 -58.87
C LEU O 163 -15.88 -59.29 -60.05
N LEU O 164 -14.61 -59.54 -60.36
CA LEU O 164 -14.27 -60.38 -61.49
C LEU O 164 -14.72 -61.82 -61.26
N ALA O 165 -14.52 -62.36 -60.07
CA ALA O 165 -14.97 -63.71 -59.78
C ALA O 165 -16.49 -63.81 -59.87
N GLU O 166 -17.21 -62.80 -59.34
CA GLU O 166 -18.66 -62.82 -59.41
C GLU O 166 -19.14 -62.78 -60.86
N LEU O 167 -18.52 -61.92 -61.68
CA LEU O 167 -18.93 -61.81 -63.08
C LEU O 167 -18.62 -63.09 -63.85
N ILE O 168 -17.47 -63.71 -63.60
CA ILE O 168 -17.11 -64.95 -64.29
C ILE O 168 -18.08 -66.06 -63.90
N LEU O 169 -18.42 -66.16 -62.61
CA LEU O 169 -19.38 -67.17 -62.17
C LEU O 169 -20.75 -66.92 -62.77
N ALA O 170 -21.15 -65.65 -62.89
CA ALA O 170 -22.44 -65.32 -63.48
C ALA O 170 -22.50 -65.59 -64.97
N GLY O 171 -21.38 -65.87 -65.62
CA GLY O 171 -21.37 -66.17 -67.03
C GLY O 171 -21.53 -64.95 -67.92
N LYS O 172 -20.57 -64.05 -67.86
CA LYS O 172 -20.59 -62.81 -68.63
C LYS O 172 -19.44 -62.79 -69.63
N SER O 173 -19.67 -62.10 -70.75
CA SER O 173 -18.66 -62.00 -71.78
C SER O 173 -17.51 -61.09 -71.33
N ASP O 174 -16.40 -61.17 -72.05
CA ASP O 174 -15.21 -60.40 -71.71
C ASP O 174 -15.36 -58.91 -71.97
N GLU O 175 -16.42 -58.48 -72.67
CA GLU O 175 -16.61 -57.07 -72.95
C GLU O 175 -17.24 -56.34 -71.77
N GLU O 176 -18.34 -56.87 -71.23
CA GLU O 176 -18.99 -56.24 -70.08
C GLU O 176 -18.07 -56.27 -68.85
N ILE O 177 -17.37 -57.39 -68.66
CA ILE O 177 -16.42 -57.48 -67.54
C ILE O 177 -15.34 -56.42 -67.67
N GLN O 178 -14.79 -56.27 -68.88
CA GLN O 178 -13.77 -55.25 -69.09
C GLN O 178 -14.32 -53.84 -68.85
N ALA O 179 -15.52 -53.57 -69.35
CA ALA O 179 -16.11 -52.24 -69.15
C ALA O 179 -16.30 -51.94 -67.67
N LYS O 180 -16.77 -52.93 -66.90
CA LYS O 180 -16.87 -52.76 -65.46
C LYS O 180 -15.50 -52.51 -64.84
N LEU O 181 -14.46 -53.17 -65.37
CA LEU O 181 -13.12 -52.99 -64.84
C LEU O 181 -12.62 -51.55 -65.04
N ASP O 182 -12.80 -51.00 -66.25
CA ASP O 182 -12.41 -49.61 -66.44
C ASP O 182 -13.28 -48.65 -65.63
N ALA O 183 -14.56 -48.93 -65.42
CA ALA O 183 -15.36 -48.08 -64.56
C ALA O 183 -14.80 -48.08 -63.13
N PHE O 184 -14.47 -49.26 -62.63
CA PHE O 184 -13.90 -49.37 -61.28
C PHE O 184 -12.57 -48.65 -61.19
N LEU O 185 -11.74 -48.76 -62.22
CA LEU O 185 -10.45 -48.07 -62.22
C LEU O 185 -10.61 -46.56 -62.31
N ALA O 186 -11.62 -46.09 -63.04
CA ALA O 186 -11.91 -44.66 -63.09
C ALA O 186 -12.28 -44.13 -61.72
N GLY O 187 -13.09 -44.89 -60.98
CA GLY O 187 -13.36 -44.50 -59.60
C GLY O 187 -12.12 -44.56 -58.71
N PHE O 188 -11.32 -45.60 -58.89
CA PHE O 188 -10.12 -45.77 -58.07
C PHE O 188 -9.11 -44.66 -58.31
N ASP O 189 -9.11 -44.05 -59.48
CA ASP O 189 -8.21 -42.94 -59.69
C ASP O 189 -8.54 -41.77 -58.76
N VAL O 190 -9.80 -41.40 -58.67
CA VAL O 190 -10.19 -40.34 -57.75
C VAL O 190 -9.94 -40.75 -56.30
N ALA O 191 -10.24 -42.00 -55.97
CA ALA O 191 -10.00 -42.47 -54.60
C ALA O 191 -8.53 -42.37 -54.23
N PHE O 192 -7.65 -42.79 -55.14
CA PHE O 192 -6.21 -42.73 -54.90
C PHE O 192 -5.74 -41.29 -54.78
N GLU O 193 -6.24 -40.40 -55.64
CA GLU O 193 -5.83 -39.00 -55.55
C GLU O 193 -6.24 -38.39 -54.21
N PHE O 194 -7.47 -38.65 -53.78
CA PHE O 194 -7.95 -38.12 -52.49
C PHE O 194 -7.10 -38.65 -51.35
N THR O 195 -6.85 -39.96 -51.33
CA THR O 195 -6.07 -40.57 -50.26
C THR O 195 -4.66 -40.01 -50.22
N LEU O 196 -4.02 -39.86 -51.39
CA LEU O 196 -2.67 -39.33 -51.44
C LEU O 196 -2.62 -37.88 -50.96
N ASP O 197 -3.59 -37.07 -51.39
CA ASP O 197 -3.63 -35.68 -50.99
C ASP O 197 -3.73 -35.56 -49.47
N ILE O 198 -4.59 -36.36 -48.85
CA ILE O 198 -4.69 -36.29 -47.39
C ILE O 198 -3.43 -36.85 -46.72
N ASP O 199 -2.90 -37.95 -47.26
CA ASP O 199 -1.83 -38.68 -46.61
C ASP O 199 -0.54 -37.85 -46.58
N VAL O 200 -0.26 -37.11 -47.65
CA VAL O 200 0.98 -36.32 -47.69
C VAL O 200 1.00 -35.32 -46.54
N ILE O 201 -0.08 -34.55 -46.39
CA ILE O 201 -0.11 -33.53 -45.34
C ILE O 201 -0.23 -34.18 -43.97
N GLY O 202 -0.87 -35.35 -43.86
CA GLY O 202 -0.93 -36.03 -42.59
C GLY O 202 0.43 -36.51 -42.12
N ARG O 203 1.25 -37.00 -43.05
CA ARG O 203 2.59 -37.47 -42.69
C ARG O 203 3.52 -36.30 -42.41
N GLU O 204 3.41 -35.22 -43.20
CA GLU O 204 4.31 -34.08 -43.01
C GLU O 204 4.07 -33.39 -41.68
N LEU O 205 2.81 -33.28 -41.26
CA LEU O 205 2.48 -32.66 -39.98
C LEU O 205 2.64 -33.60 -38.80
N ASP O 206 2.89 -34.89 -39.05
CA ASP O 206 3.04 -35.91 -38.01
C ASP O 206 1.78 -35.98 -37.15
N ILE O 207 0.68 -36.35 -37.80
CA ILE O 207 -0.59 -36.59 -37.12
C ILE O 207 -1.17 -37.90 -37.62
N PRO O 208 -1.01 -39.01 -36.88
CA PRO O 208 -1.48 -40.31 -37.39
C PRO O 208 -2.97 -40.37 -37.65
N GLU O 209 -3.76 -39.56 -36.93
CA GLU O 209 -5.21 -39.56 -37.15
C GLU O 209 -5.54 -39.16 -38.58
N LEU O 210 -4.79 -38.23 -39.16
CA LEU O 210 -5.02 -37.84 -40.55
C LEU O 210 -4.76 -39.00 -41.50
N VAL O 211 -3.70 -39.77 -41.27
CA VAL O 211 -3.40 -40.91 -42.13
C VAL O 211 -4.48 -41.98 -41.99
N GLU O 212 -4.95 -42.23 -40.76
CA GLU O 212 -6.01 -43.20 -40.56
C GLU O 212 -7.29 -42.76 -41.27
N PHE O 213 -7.63 -41.47 -41.16
CA PHE O 213 -8.80 -40.94 -41.87
C PHE O 213 -8.64 -41.09 -43.37
N ALA O 214 -7.44 -40.81 -43.89
CA ALA O 214 -7.19 -40.97 -45.32
C ALA O 214 -7.42 -42.41 -45.76
N LEU O 215 -6.90 -43.37 -45.01
CA LEU O 215 -7.06 -44.77 -45.37
C LEU O 215 -8.53 -45.18 -45.34
N GLU O 216 -9.24 -44.80 -44.27
CA GLU O 216 -10.64 -45.19 -44.14
C GLU O 216 -11.50 -44.59 -45.26
N LYS O 217 -11.29 -43.31 -45.56
CA LYS O 217 -12.13 -42.66 -46.56
C LYS O 217 -11.75 -43.10 -47.97
N GLY O 218 -10.47 -43.42 -48.21
CA GLY O 218 -10.11 -44.01 -49.48
C GLY O 218 -10.74 -45.37 -49.67
N LYS O 219 -10.79 -46.17 -48.61
CA LYS O 219 -11.49 -47.45 -48.70
C LYS O 219 -12.98 -47.24 -48.98
N GLU O 220 -13.58 -46.24 -48.35
CA GLU O 220 -14.98 -45.93 -48.63
C GLU O 220 -15.19 -45.54 -50.08
N LEU O 221 -14.30 -44.72 -50.63
CA LEU O 221 -14.42 -44.29 -52.02
C LEU O 221 -14.22 -45.47 -52.97
N VAL O 222 -13.30 -46.38 -52.64
CA VAL O 222 -13.10 -47.57 -53.46
C VAL O 222 -14.35 -48.45 -53.44
N LYS O 223 -14.96 -48.61 -52.26
CA LYS O 223 -16.20 -49.37 -52.17
C LYS O 223 -17.30 -48.74 -53.01
N LEU O 224 -17.43 -47.40 -52.94
CA LEU O 224 -18.45 -46.73 -53.73
C LEU O 224 -18.20 -46.90 -55.22
N ALA O 225 -16.94 -46.80 -55.65
CA ALA O 225 -16.60 -47.00 -57.06
C ALA O 225 -16.93 -48.42 -57.51
N LEU O 226 -16.63 -49.41 -56.67
CA LEU O 226 -16.95 -50.79 -57.01
C LEU O 226 -18.45 -51.01 -57.11
N GLU O 227 -19.21 -50.41 -56.19
CA GLU O 227 -20.66 -50.53 -56.24
C GLU O 227 -21.23 -49.89 -57.50
N LEU O 228 -20.70 -48.73 -57.88
CA LEU O 228 -21.15 -48.08 -59.10
C LEU O 228 -20.79 -48.90 -60.33
N ALA O 229 -19.60 -49.48 -60.37
CA ALA O 229 -19.19 -50.30 -61.51
C ALA O 229 -20.04 -51.55 -61.62
N ARG O 230 -20.41 -52.15 -60.47
CA ARG O 230 -21.24 -53.35 -60.50
C ARG O 230 -22.60 -53.07 -61.10
N ALA O 231 -23.18 -51.91 -60.78
CA ALA O 231 -24.50 -51.56 -61.30
C ALA O 231 -24.51 -51.29 -62.80
N GLY O 232 -23.35 -51.17 -63.42
CA GLY O 232 -23.26 -50.94 -64.85
C GLY O 232 -23.14 -49.49 -65.27
N LYS O 233 -22.85 -48.58 -64.34
CA LYS O 233 -22.71 -47.18 -64.69
C LYS O 233 -21.46 -46.97 -65.55
N SER O 234 -21.53 -45.98 -66.42
CA SER O 234 -20.40 -45.62 -67.26
C SER O 234 -19.29 -45.02 -66.40
N PRO O 235 -18.03 -45.08 -66.87
CA PRO O 235 -16.93 -44.53 -66.06
C PRO O 235 -17.09 -43.07 -65.71
N GLU O 236 -17.73 -42.27 -66.57
CA GLU O 236 -17.92 -40.86 -66.28
C GLU O 236 -18.83 -40.66 -65.07
N GLU O 237 -19.94 -41.41 -65.01
CA GLU O 237 -20.85 -41.29 -63.86
C GLU O 237 -20.17 -41.73 -62.58
N VAL O 238 -19.39 -42.82 -62.65
CA VAL O 238 -18.65 -43.28 -61.48
C VAL O 238 -17.67 -42.20 -61.02
N LYS O 239 -16.96 -41.59 -61.97
CA LYS O 239 -16.02 -40.53 -61.62
C LYS O 239 -16.73 -39.37 -60.96
N ALA O 240 -17.87 -38.95 -61.49
CA ALA O 240 -18.60 -37.82 -60.93
C ALA O 240 -19.07 -38.12 -59.51
N ALA O 241 -19.65 -39.30 -59.30
CA ALA O 241 -20.17 -39.64 -57.98
C ALA O 241 -19.04 -39.77 -56.96
N VAL O 242 -17.93 -40.40 -57.35
CA VAL O 242 -16.79 -40.54 -56.45
C VAL O 242 -16.21 -39.16 -56.13
N LYS O 243 -16.20 -38.26 -57.12
CA LYS O 243 -15.71 -36.91 -56.86
C LYS O 243 -16.59 -36.17 -55.87
N ALA O 244 -17.92 -36.29 -55.99
CA ALA O 244 -18.81 -35.64 -55.03
C ALA O 244 -18.61 -36.20 -53.62
N ARG O 245 -18.54 -37.52 -53.50
CA ARG O 245 -18.29 -38.12 -52.20
C ARG O 245 -16.94 -37.68 -51.65
N GLY O 246 -15.95 -37.53 -52.52
CA GLY O 246 -14.65 -37.05 -52.08
C GLY O 246 -14.70 -35.62 -51.58
N GLU O 247 -15.53 -34.77 -52.20
CA GLU O 247 -15.69 -33.41 -51.69
C GLU O 247 -16.30 -33.42 -50.29
N GLU O 248 -17.31 -34.26 -50.07
CA GLU O 248 -17.89 -34.37 -48.73
C GLU O 248 -16.87 -34.85 -47.72
N LEU O 249 -16.15 -35.91 -48.04
CA LEU O 249 -15.13 -36.42 -47.13
C LEU O 249 -13.99 -35.43 -46.95
N HIS O 250 -13.76 -34.56 -47.93
CA HIS O 250 -12.74 -33.53 -47.80
C HIS O 250 -13.17 -32.45 -46.82
N LYS O 251 -14.45 -32.09 -46.82
CA LYS O 251 -14.95 -31.18 -45.79
C LYS O 251 -14.80 -31.81 -44.41
N GLU O 252 -15.13 -33.09 -44.28
CA GLU O 252 -14.93 -33.79 -43.01
C GLU O 252 -13.46 -33.77 -42.60
N PHE O 253 -12.56 -33.97 -43.56
CA PHE O 253 -11.12 -33.94 -43.28
C PHE O 253 -10.68 -32.56 -42.84
N GLU O 254 -11.24 -31.51 -43.44
CA GLU O 254 -10.90 -30.16 -43.00
C GLU O 254 -11.26 -29.96 -41.54
N LYS O 255 -12.47 -30.39 -41.15
CA LYS O 255 -12.86 -30.27 -39.75
C LYS O 255 -11.91 -31.06 -38.84
N LEU O 256 -11.61 -32.30 -39.20
CA LEU O 256 -10.75 -33.13 -38.36
C LEU O 256 -9.34 -32.57 -38.27
N ALA O 257 -8.80 -32.08 -39.38
CA ALA O 257 -7.46 -31.52 -39.38
C ALA O 257 -7.39 -30.27 -38.53
N LEU O 258 -8.40 -29.41 -38.60
CA LEU O 258 -8.42 -28.22 -37.75
C LEU O 258 -8.45 -28.63 -36.27
N LYS O 259 -9.29 -29.61 -35.93
CA LYS O 259 -9.38 -30.05 -34.54
C LYS O 259 -8.05 -30.61 -34.04
N GLU O 260 -7.41 -31.46 -34.84
CA GLU O 260 -6.14 -32.06 -34.41
C GLU O 260 -5.02 -31.03 -34.33
N TYR O 261 -4.98 -30.09 -35.29
CA TYR O 261 -3.96 -29.07 -35.26
C TYR O 261 -4.11 -28.19 -34.02
N PHE O 262 -5.35 -27.86 -33.64
CA PHE O 262 -5.54 -27.05 -32.44
C PHE O 262 -5.28 -27.85 -31.17
N LYS O 263 -5.51 -29.16 -31.20
CA LYS O 263 -5.10 -29.99 -30.08
C LYS O 263 -3.58 -29.97 -29.90
N ARG O 264 -2.84 -30.09 -31.00
CA ARG O 264 -1.38 -30.09 -30.91
C ARG O 264 -0.84 -28.72 -30.52
N ARG O 265 -1.42 -27.65 -31.08
CA ARG O 265 -0.87 -26.32 -30.87
C ARG O 265 -1.06 -25.85 -29.43
N LEU O 266 -2.17 -26.24 -28.80
CA LEU O 266 -2.44 -25.84 -27.43
C LEU O 266 -1.81 -26.76 -26.40
N GLY O 267 -1.05 -27.76 -26.82
CA GLY O 267 -0.42 -28.69 -25.90
C GLY O 267 -1.31 -29.78 -25.38
N LEU O 268 -2.52 -29.91 -25.90
CA LEU O 268 -3.44 -30.97 -25.47
C LEU O 268 -2.95 -32.33 -25.96
N GLY P 20 5.99 50.31 27.19
CA GLY P 20 5.29 49.69 26.09
C GLY P 20 3.78 49.68 26.27
N PRO P 21 3.09 48.86 25.47
CA PRO P 21 1.63 48.77 25.61
C PRO P 21 1.21 48.30 27.00
N GLY P 22 0.07 48.83 27.49
CA GLY P 22 -0.35 48.54 28.83
C GLY P 22 0.64 49.03 29.87
N GLY P 23 1.05 48.14 30.77
CA GLY P 23 2.06 48.47 31.76
C GLY P 23 1.54 49.36 32.87
N THR P 24 2.47 49.84 33.69
CA THR P 24 2.18 50.66 34.85
C THR P 24 2.49 52.12 34.53
N MET P 25 1.72 53.02 35.15
CA MET P 25 1.89 54.46 34.91
C MET P 25 3.27 54.97 35.32
N ALA P 26 4.01 54.22 36.15
CA ALA P 26 5.38 54.58 36.49
C ALA P 26 6.42 53.74 35.79
N ALA P 27 6.05 52.56 35.29
CA ALA P 27 6.99 51.71 34.56
C ALA P 27 7.36 52.32 33.21
N GLU P 28 6.47 53.12 32.63
CA GLU P 28 6.76 53.76 31.34
C GLU P 28 7.92 54.74 31.46
N GLU P 29 7.95 55.54 32.53
CA GLU P 29 9.03 56.49 32.72
C GLU P 29 10.37 55.76 32.88
N MET P 30 10.37 54.67 33.66
CA MET P 30 11.60 53.91 33.83
C MET P 30 12.03 53.25 32.52
N GLU P 31 11.07 52.79 31.72
CA GLU P 31 11.41 52.25 30.41
C GLU P 31 12.05 53.31 29.52
N LYS P 32 11.50 54.53 29.54
CA LYS P 32 12.09 55.61 28.76
C LYS P 32 13.51 55.93 29.23
N ILE P 33 13.71 55.97 30.55
CA ILE P 33 15.05 56.23 31.08
C ILE P 33 16.01 55.12 30.66
N PHE P 34 15.56 53.87 30.71
CA PHE P 34 16.41 52.74 30.30
C PHE P 34 16.79 52.83 28.83
N ARG P 35 15.82 53.15 27.97
CA ARG P 35 16.12 53.29 26.54
C ARG P 35 17.10 54.42 26.28
N ASP P 36 16.90 55.56 26.95
CA ASP P 36 17.82 56.69 26.77
C ASP P 36 19.22 56.34 27.23
N LYS P 37 19.34 55.68 28.39
CA LYS P 37 20.65 55.29 28.89
C LYS P 37 21.33 54.30 27.97
N LEU P 38 20.58 53.33 27.44
CA LEU P 38 21.16 52.37 26.51
C LEU P 38 21.67 53.06 25.24
N PHE P 39 20.86 53.98 24.69
CA PHE P 39 21.24 54.68 23.48
C PHE P 39 22.51 55.51 23.69
N HIS P 40 22.55 56.26 24.79
CA HIS P 40 23.72 57.11 25.03
C HIS P 40 24.94 56.28 25.44
N LEU P 41 24.73 55.12 26.06
CA LEU P 41 25.84 54.21 26.35
C LEU P 41 26.46 53.68 25.06
N HIS P 42 25.61 53.30 24.09
CA HIS P 42 26.15 52.87 22.82
C HIS P 42 26.89 54.00 22.12
N GLN P 43 26.35 55.23 22.19
CA GLN P 43 27.06 56.38 21.63
C GLN P 43 28.44 56.54 22.27
N LYS P 44 28.50 56.47 23.60
CA LYS P 44 29.77 56.64 24.30
C LYS P 44 30.74 55.53 23.96
N LEU P 45 30.26 54.29 23.85
CA LEU P 45 31.12 53.17 23.49
C LEU P 45 31.70 53.36 22.10
N ASP P 46 30.88 53.82 21.15
CA ASP P 46 31.39 54.11 19.80
C ASP P 46 32.41 55.25 19.84
N GLU P 47 32.15 56.27 20.65
CA GLU P 47 33.07 57.40 20.74
C GLU P 47 34.41 56.97 21.33
N ALA P 48 34.39 56.07 22.30
CA ALA P 48 35.62 55.61 22.95
C ALA P 48 36.48 54.75 22.04
N GLY P 49 35.95 54.27 20.92
CA GLY P 49 36.73 53.45 20.00
C GLY P 49 37.04 52.08 20.55
N LYS P 50 36.01 51.26 20.70
CA LYS P 50 36.16 49.91 21.23
C LYS P 50 35.75 48.89 20.18
N SER P 51 36.20 47.65 20.37
CA SER P 51 35.89 46.58 19.45
C SER P 51 34.42 46.17 19.57
N ALA P 52 33.96 45.40 18.58
CA ALA P 52 32.56 44.97 18.57
C ALA P 52 32.27 44.05 19.75
N GLU P 53 33.19 43.15 20.07
CA GLU P 53 32.98 42.23 21.20
C GLU P 53 32.93 43.00 22.51
N GLU P 54 33.80 44.00 22.67
CA GLU P 54 33.77 44.83 23.88
C GLU P 54 32.45 45.57 23.99
N ILE P 55 31.95 46.12 22.88
CA ILE P 55 30.68 46.84 22.90
C ILE P 55 29.54 45.90 23.27
N ALA P 56 29.54 44.69 22.71
CA ALA P 56 28.49 43.73 23.04
C ALA P 56 28.56 43.33 24.52
N LYS P 57 29.77 43.12 25.05
CA LYS P 57 29.91 42.79 26.45
C LYS P 57 29.40 43.92 27.34
N ALA P 58 29.74 45.16 27.00
CA ALA P 58 29.28 46.30 27.79
C ALA P 58 27.75 46.41 27.74
N VAL P 59 27.16 46.21 26.56
CA VAL P 59 25.71 46.30 26.44
C VAL P 59 25.03 45.23 27.28
N GLU P 60 25.53 43.99 27.21
CA GLU P 60 24.95 42.92 28.00
C GLU P 60 25.07 43.19 29.49
N LEU P 61 26.24 43.67 29.93
CA LEU P 61 26.44 43.97 31.35
C LEU P 61 25.48 45.08 31.80
N PHE P 62 25.35 46.13 30.99
CA PHE P 62 24.45 47.23 31.35
C PHE P 62 23.01 46.75 31.44
N VAL P 63 22.57 45.93 30.48
CA VAL P 63 21.20 45.42 30.54
C VAL P 63 21.00 44.57 31.79
N GLY P 64 21.97 43.71 32.11
CA GLY P 64 21.86 42.88 33.29
C GLY P 64 21.74 43.66 34.57
N LEU P 65 22.53 44.73 34.71
CA LEU P 65 22.46 45.55 35.92
C LEU P 65 21.19 46.40 35.95
N ALA P 66 20.81 46.96 34.81
CA ALA P 66 19.65 47.84 34.76
C ALA P 66 18.36 47.08 35.01
N MET P 67 18.29 45.79 34.66
CA MET P 67 17.10 45.01 34.97
C MET P 67 16.93 44.86 36.49
N ARG P 68 18.01 44.60 37.21
CA ARG P 68 17.93 44.52 38.66
C ARG P 68 17.52 45.86 39.27
N ALA P 69 18.13 46.96 38.78
CA ALA P 69 17.75 48.27 39.28
C ALA P 69 16.27 48.56 39.00
N PHE P 70 15.80 48.18 37.81
CA PHE P 70 14.41 48.37 37.43
C PHE P 70 13.48 47.60 38.37
N ASP P 71 13.83 46.34 38.66
CA ASP P 71 13.00 45.55 39.56
C ASP P 71 12.92 46.19 40.94
N TYR P 72 14.07 46.63 41.48
CA TYR P 72 14.08 47.19 42.82
C TYR P 72 13.27 48.49 42.87
N ALA P 73 13.47 49.37 41.89
CA ALA P 73 12.74 50.63 41.87
C ALA P 73 11.25 50.42 41.64
N LEU P 74 10.88 49.45 40.81
CA LEU P 74 9.47 49.15 40.60
C LEU P 74 8.83 48.62 41.87
N HIS P 75 9.52 47.86 42.69
CA HIS P 75 8.96 47.41 43.94
C HIS P 75 8.84 48.54 44.91
N ILE P 76 9.77 49.48 44.89
CA ILE P 76 9.60 50.67 45.73
C ILE P 76 8.37 51.46 45.31
N ALA P 77 8.20 51.67 44.01
CA ALA P 77 7.06 52.44 43.51
C ALA P 77 5.75 51.74 43.81
N GLU P 78 5.69 50.41 43.65
CA GLU P 78 4.47 49.67 43.95
C GLU P 78 4.14 49.73 45.43
N ARG P 79 5.16 49.61 46.29
CA ARG P 79 4.93 49.74 47.72
C ARG P 79 4.40 51.12 48.07
N GLY P 80 4.95 52.16 47.44
CA GLY P 80 4.46 53.51 47.69
C GLY P 80 3.03 53.69 47.23
N LYS P 81 2.68 53.14 46.06
CA LYS P 81 1.30 53.24 45.57
C LYS P 81 0.33 52.46 46.44
N GLU P 82 0.77 51.34 47.00
CA GLU P 82 -0.12 50.54 47.86
C GLU P 82 -0.54 51.33 49.10
N MET P 83 0.39 52.05 49.71
CA MET P 83 0.08 52.93 50.82
C MET P 83 -0.35 54.30 50.28
N GLY P 84 -0.46 55.29 51.16
CA GLY P 84 -0.90 56.61 50.76
C GLY P 84 0.24 57.59 50.60
N ILE P 85 1.34 57.16 50.00
CA ILE P 85 2.53 57.99 49.84
C ILE P 85 2.88 58.13 48.37
N PRO P 86 2.35 59.15 47.67
CA PRO P 86 2.78 59.39 46.29
C PRO P 86 4.25 59.77 46.16
N THR P 87 4.88 60.22 47.25
CA THR P 87 6.29 60.60 47.20
C THR P 87 7.19 59.40 46.90
N LEU P 88 6.80 58.21 47.36
CA LEU P 88 7.62 57.02 47.15
C LEU P 88 7.71 56.65 45.69
N VAL P 89 6.69 56.95 44.90
CA VAL P 89 6.75 56.66 43.46
C VAL P 89 7.83 57.50 42.80
N GLU P 90 7.83 58.81 43.09
CA GLU P 90 8.85 59.69 42.53
C GLU P 90 10.24 59.30 43.03
N MET P 91 10.33 58.88 44.29
CA MET P 91 11.63 58.51 44.84
C MET P 91 12.14 57.20 44.21
N GLY P 92 11.23 56.27 43.90
CA GLY P 92 11.64 55.09 43.16
C GLY P 92 12.09 55.41 41.75
N LYS P 93 11.42 56.38 41.10
CA LYS P 93 11.87 56.82 39.79
C LYS P 93 13.27 57.42 39.86
N ILE P 94 13.53 58.24 40.88
CA ILE P 94 14.86 58.81 41.07
C ILE P 94 15.89 57.71 41.29
N LEU P 95 15.55 56.72 42.12
CA LEU P 95 16.46 55.62 42.38
C LEU P 95 16.78 54.85 41.11
N PHE P 96 15.76 54.58 40.27
CA PHE P 96 16.05 53.88 39.02
C PHE P 96 16.91 54.71 38.10
N LYS P 97 16.66 56.02 38.02
CA LYS P 97 17.48 56.88 37.19
C LYS P 97 18.95 56.79 37.59
N TYR P 98 19.21 56.89 38.89
CA TYR P 98 20.61 56.89 39.31
C TYR P 98 21.23 55.48 39.27
N GLY P 99 20.42 54.44 39.47
CA GLY P 99 20.93 53.09 39.30
C GLY P 99 21.30 52.79 37.86
N ALA P 100 20.48 53.27 36.92
CA ALA P 100 20.81 53.14 35.50
C ALA P 100 22.07 53.92 35.16
N LYS P 101 22.22 55.11 35.75
CA LYS P 101 23.45 55.87 35.54
C LYS P 101 24.66 55.10 36.04
N LEU P 102 24.56 54.53 37.24
CA LEU P 102 25.67 53.76 37.80
C LEU P 102 25.97 52.53 36.95
N ALA P 103 24.94 51.85 36.47
CA ALA P 103 25.14 50.68 35.61
C ALA P 103 25.83 51.07 34.31
N ALA P 104 25.43 52.20 33.72
CA ALA P 104 26.08 52.65 32.50
C ALA P 104 27.55 52.98 32.75
N GLU P 105 27.85 53.63 33.88
CA GLU P 105 29.25 53.93 34.19
C GLU P 105 30.06 52.65 34.41
N LEU P 106 29.47 51.67 35.10
CA LEU P 106 30.16 50.41 35.33
C LEU P 106 30.43 49.68 34.01
N ALA P 107 29.45 49.67 33.11
CA ALA P 107 29.65 49.04 31.81
C ALA P 107 30.71 49.76 31.00
N LEU P 108 30.71 51.10 31.03
CA LEU P 108 31.71 51.87 30.31
C LEU P 108 33.11 51.66 30.89
N ALA P 109 33.21 51.41 32.20
CA ALA P 109 34.51 51.21 32.83
C ALA P 109 35.11 49.85 32.52
N GLY P 110 34.36 48.95 31.89
CA GLY P 110 34.89 47.64 31.57
C GLY P 110 35.04 46.70 32.75
N LYS P 111 34.28 46.92 33.82
CA LYS P 111 34.36 46.09 35.00
C LYS P 111 33.83 44.68 34.70
N SER P 112 34.34 43.71 35.45
CA SER P 112 33.88 42.33 35.30
C SER P 112 32.47 42.18 35.84
N GLU P 113 31.83 41.08 35.46
CA GLU P 113 30.44 40.86 35.85
C GLU P 113 30.29 40.74 37.37
N GLU P 114 31.21 40.02 38.02
CA GLU P 114 31.10 39.82 39.46
C GLU P 114 31.22 41.15 40.21
N GLU P 115 32.19 41.97 39.82
CA GLU P 115 32.37 43.26 40.47
C GLU P 115 31.17 44.17 40.22
N ALA P 116 30.62 44.14 39.00
CA ALA P 116 29.44 44.94 38.70
C ALA P 116 28.24 44.50 39.54
N ARG P 117 28.04 43.19 39.68
CA ARG P 117 26.95 42.70 40.50
C ARG P 117 27.12 43.11 41.95
N ALA P 118 28.35 43.00 42.47
CA ALA P 118 28.60 43.41 43.85
C ALA P 118 28.33 44.90 44.05
N ALA P 119 28.77 45.73 43.11
CA ALA P 119 28.53 47.16 43.20
C ALA P 119 27.05 47.48 43.15
N MET P 120 26.31 46.80 42.27
CA MET P 120 24.86 47.00 42.19
C MET P 120 24.18 46.61 43.50
N ASP P 121 24.59 45.49 44.10
CA ASP P 121 24.02 45.06 45.37
C ASP P 121 24.29 46.06 46.47
N ARG P 122 25.53 46.56 46.56
CA ARG P 122 25.85 47.56 47.57
C ARG P 122 25.05 48.83 47.36
N PHE P 123 24.90 49.26 46.10
CA PHE P 123 24.11 50.45 45.79
C PHE P 123 22.67 50.28 46.26
N LEU P 124 22.06 49.13 45.98
CA LEU P 124 20.68 48.91 46.40
C LEU P 124 20.55 48.85 47.91
N SER P 125 21.50 48.20 48.59
CA SER P 125 21.44 48.13 50.05
C SER P 125 21.55 49.52 50.68
N LEU P 126 22.47 50.34 50.19
CA LEU P 126 22.61 51.68 50.76
C LEU P 126 21.44 52.57 50.36
N SER P 127 20.82 52.31 49.22
CA SER P 127 19.59 53.00 48.87
C SER P 127 18.48 52.66 49.87
N ASP P 128 18.39 51.39 50.27
CA ASP P 128 17.46 51.01 51.34
C ASP P 128 17.78 51.73 52.64
N TYR P 129 19.07 51.84 52.96
CA TYR P 129 19.49 52.60 54.14
C TYR P 129 18.94 54.02 54.10
N LEU P 130 19.15 54.73 52.99
CA LEU P 130 18.67 56.11 52.88
C LEU P 130 17.15 56.17 52.88
N LEU P 131 16.49 55.17 52.29
CA LEU P 131 15.04 55.09 52.31
C LEU P 131 14.51 55.05 53.73
N GLU P 132 15.04 54.15 54.55
CA GLU P 132 14.55 54.03 55.92
C GLU P 132 14.95 55.24 56.77
N ARG P 133 16.06 55.89 56.44
CA ARG P 133 16.42 57.09 57.18
C ARG P 133 15.61 58.31 56.76
N LEU P 134 14.99 58.29 55.57
CA LEU P 134 14.20 59.42 55.09
C LEU P 134 12.69 59.23 55.27
N LEU P 135 12.22 58.02 55.50
CA LEU P 135 10.77 57.79 55.62
C LEU P 135 10.09 58.65 56.69
N PRO P 136 10.61 58.79 57.92
CA PRO P 136 9.92 59.65 58.89
C PRO P 136 9.73 61.08 58.43
N TYR P 137 10.70 61.64 57.70
CA TYR P 137 10.55 62.98 57.17
C TYR P 137 9.44 63.05 56.14
N ILE P 138 9.31 61.99 55.32
CA ILE P 138 8.20 61.95 54.37
C ILE P 138 6.87 61.92 55.10
N GLU P 139 6.78 61.13 56.18
CA GLU P 139 5.54 61.08 56.95
C GLU P 139 5.22 62.44 57.57
N LEU P 140 6.23 63.11 58.12
CA LEU P 140 6.02 64.43 58.71
C LEU P 140 5.57 65.44 57.67
N ALA P 141 6.21 65.42 56.49
CA ALA P 141 5.84 66.35 55.43
C ALA P 141 4.41 66.10 54.95
N GLU P 142 4.02 64.84 54.81
CA GLU P 142 2.69 64.51 54.33
C GLU P 142 1.61 64.73 55.39
N ARG P 143 1.98 64.73 56.67
CA ARG P 143 0.98 64.89 57.72
C ARG P 143 0.30 66.26 57.64
N MET P 144 1.07 67.32 57.42
CA MET P 144 0.52 68.67 57.40
C MET P 144 0.45 69.26 55.99
N LYS P 145 0.54 68.42 54.96
CA LYS P 145 0.25 68.81 53.57
C LYS P 145 1.09 70.02 53.14
N SER P 146 2.40 69.82 53.11
CA SER P 146 3.33 70.87 52.68
C SER P 146 4.04 70.41 51.41
N PRO P 147 3.68 70.95 50.24
CA PRO P 147 4.40 70.58 49.01
C PRO P 147 5.87 70.94 49.05
N ALA P 148 6.23 72.05 49.69
CA ALA P 148 7.63 72.45 49.75
C ALA P 148 8.46 71.43 50.52
N LEU P 149 7.92 70.91 51.62
CA LEU P 149 8.64 69.89 52.38
C LEU P 149 8.82 68.61 51.58
N GLN P 150 7.78 68.21 50.83
CA GLN P 150 7.90 67.03 49.98
C GLN P 150 8.96 67.23 48.89
N GLU P 151 8.99 68.42 48.28
CA GLU P 151 10.02 68.70 47.29
C GLU P 151 11.41 68.69 47.91
N LEU P 152 11.53 69.21 49.13
CA LEU P 152 12.82 69.20 49.82
C LEU P 152 13.27 67.77 50.10
N VAL P 153 12.35 66.91 50.53
CA VAL P 153 12.70 65.51 50.77
C VAL P 153 13.12 64.83 49.47
N LEU P 154 12.38 65.08 48.39
CA LEU P 154 12.74 64.51 47.09
C LEU P 154 14.13 64.97 46.66
N TYR P 155 14.44 66.25 46.85
CA TYR P 155 15.69 66.80 46.37
C TYR P 155 16.86 66.30 47.22
N ALA P 156 16.64 66.15 48.53
CA ALA P 156 17.65 65.54 49.39
C ALA P 156 17.90 64.09 49.00
N PHE P 157 16.84 63.35 48.66
CA PHE P 157 17.03 62.00 48.17
C PHE P 157 17.83 61.98 46.88
N LYS P 158 17.57 62.93 45.98
CA LYS P 158 18.33 63.01 44.74
C LYS P 158 19.81 63.26 45.01
N GLU P 159 20.11 64.20 45.92
CA GLU P 159 21.51 64.48 46.23
C GLU P 159 22.18 63.31 46.92
N GLY P 160 21.46 62.62 47.81
CA GLY P 160 22.01 61.42 48.42
C GLY P 160 22.29 60.33 47.41
N MET P 161 21.40 60.18 46.42
CA MET P 161 21.64 59.23 45.35
C MET P 161 22.88 59.60 44.54
N LYS P 162 23.06 60.89 44.26
CA LYS P 162 24.25 61.36 43.56
C LYS P 162 25.51 60.97 44.33
N LEU P 163 25.55 61.32 45.62
CA LEU P 163 26.73 61.03 46.44
C LEU P 163 26.96 59.53 46.53
N LEU P 164 25.89 58.75 46.70
CA LEU P 164 26.03 57.31 46.84
C LEU P 164 26.56 56.67 45.56
N ALA P 165 26.06 57.08 44.41
CA ALA P 165 26.56 56.56 43.14
C ALA P 165 28.02 56.92 42.94
N GLU P 166 28.39 58.16 43.27
CA GLU P 166 29.79 58.56 43.13
C GLU P 166 30.69 57.74 44.04
N LEU P 167 30.26 57.53 45.29
CA LEU P 167 31.08 56.75 46.23
C LEU P 167 31.21 55.30 45.79
N ILE P 168 30.12 54.70 45.31
CA ILE P 168 30.18 53.33 44.83
C ILE P 168 31.10 53.22 43.63
N LEU P 169 31.04 54.21 42.72
CA LEU P 169 31.93 54.22 41.57
C LEU P 169 33.38 54.32 42.00
N ALA P 170 33.67 55.18 42.98
CA ALA P 170 35.05 55.35 43.44
C ALA P 170 35.60 54.11 44.13
N GLY P 171 34.73 53.19 44.58
CA GLY P 171 35.17 51.99 45.24
C GLY P 171 35.57 52.20 46.68
N LYS P 172 34.62 52.62 47.50
CA LYS P 172 34.84 52.86 48.92
C LYS P 172 34.14 51.79 49.75
N SER P 173 34.59 51.67 51.00
CA SER P 173 34.03 50.66 51.89
C SER P 173 32.60 51.04 52.30
N ASP P 174 31.87 50.04 52.81
CA ASP P 174 30.49 50.24 53.20
C ASP P 174 30.34 51.06 54.47
N GLU P 175 31.43 51.31 55.21
CA GLU P 175 31.35 52.09 56.44
C GLU P 175 31.55 53.58 56.19
N GLU P 176 32.47 53.94 55.29
CA GLU P 176 32.66 55.34 54.94
C GLU P 176 31.41 55.92 54.30
N ILE P 177 30.76 55.13 53.43
CA ILE P 177 29.53 55.59 52.79
C ILE P 177 28.45 55.84 53.82
N GLN P 178 28.30 54.92 54.78
CA GLN P 178 27.29 55.10 55.82
C GLN P 178 27.59 56.31 56.69
N ALA P 179 28.86 56.54 57.02
CA ALA P 179 29.22 57.72 57.79
C ALA P 179 28.90 59.00 57.04
N LYS P 180 29.21 59.04 55.74
CA LYS P 180 28.90 60.21 54.93
C LYS P 180 27.39 60.43 54.85
N LEU P 181 26.62 59.34 54.72
CA LEU P 181 25.16 59.47 54.71
C LEU P 181 24.65 59.99 56.04
N ASP P 182 25.24 59.54 57.15
CA ASP P 182 24.82 60.03 58.46
C ASP P 182 25.09 61.52 58.59
N ALA P 183 26.25 61.98 58.13
CA ALA P 183 26.55 63.42 58.19
C ALA P 183 25.58 64.21 57.30
N PHE P 184 25.30 63.69 56.11
CA PHE P 184 24.37 64.38 55.21
C PHE P 184 22.99 64.47 55.81
N LEU P 185 22.52 63.40 56.46
CA LEU P 185 21.21 63.44 57.10
C LEU P 185 21.20 64.34 58.32
N ALA P 186 22.32 64.42 59.04
CA ALA P 186 22.41 65.37 60.14
C ALA P 186 22.24 66.80 59.66
N GLY P 187 22.87 67.13 58.53
CA GLY P 187 22.65 68.45 57.94
C GLY P 187 21.23 68.63 57.42
N PHE P 188 20.67 67.58 56.82
CA PHE P 188 19.32 67.66 56.27
C PHE P 188 18.28 67.86 57.36
N ASP P 189 18.53 67.38 58.57
CA ASP P 189 17.60 67.63 59.67
C ASP P 189 17.47 69.12 59.94
N VAL P 190 18.59 69.83 60.00
CA VAL P 190 18.57 71.27 60.21
C VAL P 190 17.90 71.97 59.03
N ALA P 191 18.23 71.52 57.80
CA ALA P 191 17.61 72.13 56.62
C ALA P 191 16.09 71.96 56.65
N PHE P 192 15.61 70.77 56.99
CA PHE P 192 14.18 70.49 57.05
C PHE P 192 13.51 71.32 58.13
N GLU P 193 14.15 71.45 59.30
CA GLU P 193 13.57 72.26 60.37
C GLU P 193 13.45 73.71 59.95
N PHE P 194 14.49 74.27 59.33
CA PHE P 194 14.44 75.65 58.86
C PHE P 194 13.32 75.84 57.82
N THR P 195 13.25 74.94 56.85
CA THR P 195 12.25 75.05 55.80
C THR P 195 10.85 74.95 56.36
N LEU P 196 10.62 74.01 57.28
CA LEU P 196 9.31 73.87 57.90
C LEU P 196 8.93 75.11 58.70
N ASP P 197 9.88 75.63 59.47
CA ASP P 197 9.59 76.80 60.31
C ASP P 197 9.19 78.00 59.46
N ILE P 198 9.89 78.23 58.34
CA ILE P 198 9.50 79.34 57.49
C ILE P 198 8.19 79.04 56.77
N ASP P 199 8.01 77.80 56.30
CA ASP P 199 6.88 77.45 55.46
C ASP P 199 5.56 77.49 56.21
N VAL P 200 5.56 77.16 57.51
CA VAL P 200 4.32 77.19 58.26
C VAL P 200 3.74 78.61 58.28
N ILE P 201 4.57 79.60 58.63
CA ILE P 201 4.09 80.97 58.65
C ILE P 201 3.85 81.49 57.23
N GLY P 202 4.61 81.00 56.25
CA GLY P 202 4.35 81.40 54.87
C GLY P 202 2.98 80.96 54.38
N ARG P 203 2.58 79.75 54.76
CA ARG P 203 1.26 79.26 54.37
C ARG P 203 0.15 79.93 55.18
N GLU P 204 0.40 80.15 56.49
CA GLU P 204 -0.64 80.73 57.32
C GLU P 204 -0.89 82.19 56.97
N LEU P 205 0.15 82.95 56.66
CA LEU P 205 0.00 84.36 56.31
C LEU P 205 -0.44 84.58 54.87
N ASP P 206 -0.49 83.52 54.06
CA ASP P 206 -0.93 83.59 52.67
C ASP P 206 -0.03 84.53 51.87
N ILE P 207 1.24 84.15 51.80
CA ILE P 207 2.23 84.86 50.98
C ILE P 207 3.07 83.81 50.25
N PRO P 208 2.82 83.57 48.96
CA PRO P 208 3.58 82.52 48.25
C PRO P 208 5.08 82.79 48.19
N GLU P 209 5.49 84.06 48.19
CA GLU P 209 6.92 84.38 48.13
C GLU P 209 7.66 83.79 49.31
N LEU P 210 7.03 83.74 50.48
CA LEU P 210 7.64 83.10 51.64
C LEU P 210 7.88 81.61 51.39
N VAL P 211 6.91 80.95 50.75
CA VAL P 211 7.07 79.52 50.45
C VAL P 211 8.19 79.30 49.44
N GLU P 212 8.27 80.15 48.41
CA GLU P 212 9.36 80.03 47.45
C GLU P 212 10.70 80.25 48.13
N PHE P 213 10.78 81.23 49.01
CA PHE P 213 12.01 81.46 49.77
C PHE P 213 12.36 80.25 50.61
N ALA P 214 11.36 79.65 51.27
CA ALA P 214 11.60 78.46 52.08
C ALA P 214 12.19 77.34 51.24
N LEU P 215 11.58 77.07 50.08
CA LEU P 215 12.05 75.98 49.24
C LEU P 215 13.48 76.25 48.73
N GLU P 216 13.73 77.48 48.26
CA GLU P 216 15.04 77.80 47.71
C GLU P 216 16.13 77.71 48.78
N LYS P 217 15.88 78.26 49.96
CA LYS P 217 16.90 78.26 51.01
C LYS P 217 17.05 76.87 51.62
N GLY P 218 15.99 76.07 51.67
CA GLY P 218 16.15 74.69 52.08
C GLY P 218 16.99 73.90 51.11
N LYS P 219 16.81 74.13 49.81
CA LYS P 219 17.66 73.47 48.82
C LYS P 219 19.11 73.92 48.97
N GLU P 220 19.32 75.21 49.24
CA GLU P 220 20.68 75.70 49.47
C GLU P 220 21.31 75.04 50.70
N LEU P 221 20.53 74.90 51.77
CA LEU P 221 21.04 74.25 52.98
C LEU P 221 21.36 72.78 52.73
N VAL P 222 20.52 72.11 51.92
CA VAL P 222 20.79 70.72 51.58
C VAL P 222 22.06 70.61 50.75
N LYS P 223 22.27 71.55 49.83
CA LYS P 223 23.54 71.60 49.10
C LYS P 223 24.71 71.75 50.05
N LEU P 224 24.62 72.66 51.00
CA LEU P 224 25.71 72.87 51.95
C LEU P 224 25.99 71.60 52.75
N ALA P 225 24.93 70.93 53.22
CA ALA P 225 25.10 69.69 53.97
C ALA P 225 25.75 68.62 53.11
N LEU P 226 25.35 68.52 51.84
CA LEU P 226 25.93 67.50 50.96
C LEU P 226 27.41 67.76 50.72
N GLU P 227 27.78 69.02 50.45
CA GLU P 227 29.20 69.31 50.27
C GLU P 227 30.00 69.06 51.54
N LEU P 228 29.43 69.41 52.70
CA LEU P 228 30.13 69.14 53.96
C LEU P 228 30.32 67.64 54.17
N ALA P 229 29.30 66.83 53.88
CA ALA P 229 29.41 65.39 54.04
C ALA P 229 30.42 64.80 53.06
N ARG P 230 30.43 65.28 51.82
CA ARG P 230 31.37 64.75 50.83
C ARG P 230 32.82 65.07 51.20
N ALA P 231 33.04 66.15 51.96
CA ALA P 231 34.40 66.49 52.39
C ALA P 231 34.91 65.59 53.50
N GLY P 232 34.04 64.78 54.11
CA GLY P 232 34.47 63.87 55.17
C GLY P 232 34.30 64.40 56.57
N LYS P 233 33.57 65.51 56.76
CA LYS P 233 33.38 66.06 58.08
C LYS P 233 32.45 65.20 58.93
N SER P 234 32.63 65.27 60.23
CA SER P 234 31.77 64.56 61.16
C SER P 234 30.37 65.18 61.15
N PRO P 235 29.36 64.41 61.57
CA PRO P 235 27.99 64.96 61.57
C PRO P 235 27.83 66.21 62.42
N GLU P 236 28.60 66.34 63.51
CA GLU P 236 28.49 67.52 64.35
C GLU P 236 28.94 68.78 63.62
N GLU P 237 30.05 68.70 62.88
CA GLU P 237 30.52 69.84 62.12
C GLU P 237 29.52 70.24 61.05
N VAL P 238 28.93 69.26 60.37
CA VAL P 238 27.92 69.55 59.36
C VAL P 238 26.71 70.22 60.02
N LYS P 239 26.28 69.70 61.17
CA LYS P 239 25.15 70.30 61.87
C LYS P 239 25.44 71.75 62.22
N ALA P 240 26.64 72.03 62.73
CA ALA P 240 26.99 73.41 63.08
C ALA P 240 27.00 74.32 61.86
N ALA P 241 27.58 73.85 60.75
CA ALA P 241 27.66 74.68 59.55
C ALA P 241 26.28 74.99 59.00
N VAL P 242 25.42 73.96 58.88
CA VAL P 242 24.06 74.21 58.41
C VAL P 242 23.28 75.08 59.37
N LYS P 243 23.52 74.95 60.68
CA LYS P 243 22.83 75.82 61.63
C LYS P 243 23.23 77.28 61.46
N ALA P 244 24.53 77.54 61.27
CA ALA P 244 24.97 78.92 61.05
C ALA P 244 24.39 79.48 59.75
N ARG P 245 24.44 78.69 58.67
CA ARG P 245 23.89 79.15 57.41
C ARG P 245 22.38 79.38 57.52
N GLY P 246 21.69 78.53 58.28
CA GLY P 246 20.28 78.73 58.52
C GLY P 246 19.98 79.97 59.33
N GLU P 247 20.85 80.31 60.28
CA GLU P 247 20.67 81.56 61.01
C GLU P 247 20.78 82.76 60.09
N GLU P 248 21.78 82.76 59.21
CA GLU P 248 21.91 83.85 58.24
C GLU P 248 20.70 83.92 57.32
N LEU P 249 20.27 82.75 56.81
CA LEU P 249 19.11 82.73 55.92
C LEU P 249 17.84 83.11 56.66
N HIS P 250 17.78 82.88 57.97
CA HIS P 250 16.62 83.29 58.76
C HIS P 250 16.60 84.79 58.96
N LYS P 251 17.76 85.43 59.11
CA LYS P 251 17.80 86.88 59.12
C LYS P 251 17.31 87.45 57.79
N GLU P 252 17.77 86.85 56.68
CA GLU P 252 17.31 87.28 55.36
C GLU P 252 15.80 87.07 55.24
N PHE P 253 15.32 85.93 55.73
CA PHE P 253 13.88 85.64 55.72
C PHE P 253 13.09 86.66 56.51
N GLU P 254 13.60 87.07 57.67
CA GLU P 254 12.87 88.06 58.47
C GLU P 254 12.81 89.40 57.74
N LYS P 255 13.89 89.76 57.05
CA LYS P 255 13.84 90.96 56.21
C LYS P 255 12.76 90.86 55.15
N LEU P 256 12.75 89.74 54.41
CA LEU P 256 11.79 89.56 53.33
C LEU P 256 10.36 89.52 53.86
N ALA P 257 10.15 88.85 54.99
CA ALA P 257 8.83 88.76 55.59
C ALA P 257 8.32 90.12 56.04
N LEU P 258 9.20 90.94 56.64
CA LEU P 258 8.81 92.29 57.00
C LEU P 258 8.41 93.09 55.77
N LYS P 259 9.20 93.00 54.71
CA LYS P 259 8.89 93.73 53.48
C LYS P 259 7.54 93.30 52.91
N GLU P 260 7.31 91.99 52.83
CA GLU P 260 6.07 91.50 52.24
C GLU P 260 4.86 91.84 53.09
N TYR P 261 4.99 91.71 54.42
CA TYR P 261 3.87 92.05 55.30
C TYR P 261 3.54 93.54 55.21
N PHE P 262 4.57 94.39 55.14
CA PHE P 262 4.31 95.82 55.02
C PHE P 262 3.71 96.16 53.66
N LYS P 263 4.10 95.45 52.60
CA LYS P 263 3.48 95.65 51.30
C LYS P 263 2.01 95.26 51.33
N ARG P 264 1.69 94.11 51.93
CA ARG P 264 0.30 93.67 51.99
C ARG P 264 -0.55 94.59 52.87
N ARG P 265 0.01 95.06 53.98
CA ARG P 265 -0.76 95.90 54.90
C ARG P 265 -1.17 97.22 54.24
N LEU P 266 -0.28 97.78 53.43
CA LEU P 266 -0.56 99.05 52.75
C LEU P 266 -1.38 98.87 51.47
N GLY P 267 -1.71 97.65 51.09
CA GLY P 267 -2.47 97.41 49.89
C GLY P 267 -1.67 97.38 48.61
N LEU P 268 -0.34 97.30 48.71
CA LEU P 268 0.52 97.30 47.53
C LEU P 268 0.43 95.95 46.80
ZN ZN Q . -33.06 14.24 5.80
ZN ZN R . -21.92 -23.49 -14.64
ZN ZN S . -11.35 -38.15 11.25
ZN ZN T . -10.47 -23.37 12.35
ZN ZN U . -15.76 14.29 37.21
ZN ZN V . -5.58 -20.59 -38.95
ZN ZN W . -25.56 -36.88 -20.65
ZN ZN X . 15.77 -11.77 18.30
ZN ZN Y . 15.89 27.45 39.65
ZN ZN Z . 36.07 -3.66 -3.79
ZN ZN AA . 23.55 -27.03 -39.63
ZN ZN BA . -6.85 -31.32 -48.66
ZN ZN CA . 28.62 8.41 1.45
ZN ZN DA . 17.71 15.46 -27.36
ZN ZN EA . 36.14 -45.30 -19.72
ZN ZN FA . -16.02 20.24 -23.84
ZN ZN GA . 13.46 25.59 -17.24
ZN ZN HA . 20.78 -26.37 17.86
ZN ZN IA . 20.82 -65.32 -4.18
ZN ZN JA . -15.52 30.77 -14.12
ZN ZN KA . -5.39 -75.96 -12.64
ZN ZN LA . -29.50 27.96 11.65
ZN ZN MA . -14.30 -75.17 -41.13
ZN ZN NA . -15.58 28.84 37.73
ZN ZN OA . 28.46 50.55 16.65
ZN ZN PA . 10.85 41.67 41.09
#